data_7JZN
#
_entry.id   7JZN
#
loop_
_entity.id
_entity.type
_entity.pdbx_description
1 polymer 'Spike glycoprotein'
2 polymer LCB3
3 branched 2-acetamido-2-deoxy-beta-D-glucopyranose-(1-4)-2-acetamido-2-deoxy-beta-D-glucopyranose
4 non-polymer 2-acetamido-2-deoxy-beta-D-glucopyranose
#
loop_
_entity_poly.entity_id
_entity_poly.type
_entity_poly.pdbx_seq_one_letter_code
_entity_poly.pdbx_strand_id
1 'polypeptide(L)'
;MFVFLVLLPLVSSQCVNLTTRTQLPPAYTNSFTRGVYYPDKVFRSSVLHSTQDLFLPFFSNVTWFHAIHVSGTNGTKRFD
NPVLPFNDGVYFASTEKSNIIRGWIFGTTLDSKTQSLLIVNNATNVVIKVCEFQFCNDPFLGVYYHKNNKSWMESEFRVY
SSANNCTFEYVSQPFLMDLEGKQGNFKNLREFVFKNIDGYFKIYSKHTPINLVRDLPQGFSALEPLVDLPIGINITRFQT
LLALHRSYLTPGDSSSGWTAGAAAYYVGYLQPRTFLLKYNENGTITDAVDCALDPLSETKCTLKSFTVEKGIYQTSNFRV
QPTESIVRFPNITNLCPFGEVFNATRFASVYAWNRKRISNCVADYSVLYNSASFSTFKCYGVSPTKLNDLCFTNVYADSF
VIRGDEVRQIAPGQTGKIADYNYKLPDDFTGCVIAWNSNNLDSKVGGNYNYLYRLFRKSNLKPFERDISTEIYQAGSTPC
NGVEGFNCYFPLQSYGFQPTNGVGYQPYRVVVLSFELLHAPATVCGPKKSTNLVKNKCVNFNFNGLTGTGVLTESNKKFL
PFQQFGRDIADTTDAVRDPQTLEILDITPCSFGGVSVITPGTNTSNQVAVLYQDVNCTEVPVAIHADQLTPTWRVYSTGS
NVFQTRAGCLIGAEHVNNSYECDIPIGAGICASYQTQTNSPGSASSVASQSIIAYTMSLGAENSVAYSNNSIAIPTNFTI
SVTTEILPVSMTKTSVDCTMYICGDSTECSNLLLQYGSFCTQLNRALTGIAVEQDKNTQEVFAQVKQIYKTPPIKDFGGF
NFSQILPDPSKPSKRSPIEDLLFNKVTLADAGFIKQYGDCLGDIAARDLICAQKFNGLTVLPPLLTDEMIAQYTSALLAG
TITSGWTFGAGPALQIPFPMQMAYRFNGIGVTQNVLYENQKLIANQFNSAIGKIQDSLSSTPSALGKLQDVVNQNAQALN
TLVKQLSSNFGAISSVLNDILSRLDPPEAEVQIDRLITGRLQSLQTYVTQQLIRAAEIRASANLAATKMSECVLGQSKRV
DFCGKGYHLMSFPQSAPHGVVFLHVTYVPAQEKNFTTAPAICHDGKAHFPREGVFVSNGTHWFVTQRNFYEPQIITTDNT
FVSGNCDVVIGIVNNTVYDPLQPELDSFKEELDKYFKNHTSPDVDLGDISGINASVVNIQKEIDRLNEVAKNLNESLIDL
QELGKYEQGSGYIPEAPRDGQAYVRKDGEWVLLSTFLGRSLEVLFQGPGHHHHHHHHSAWSHPQFEKGGGSGGGGSGGSA
WSHPQFEK
;
A,B,C
2 'polypeptide(L)'
;MSHHHHHHHHSENLYFQSGSASHMGGSGGLNDDELHMLMTDLVYEALHFAKDEEIKKRVFQLFELADKAYKNNDRQKLEK
VVEELKELLERLLSGSGGSGLEGGGS
;
E,F,G
#
# COMPACT_ATOMS: atom_id res chain seq x y z
N ALA A 27 -19.04 -51.68 -25.12
CA ALA A 27 -18.05 -52.14 -24.17
C ALA A 27 -17.29 -50.95 -23.58
N TYR A 28 -17.03 -51.01 -22.26
CA TYR A 28 -16.33 -49.96 -21.50
C TYR A 28 -15.27 -50.55 -20.61
N THR A 29 -14.27 -49.75 -20.30
CA THR A 29 -13.22 -50.17 -19.39
C THR A 29 -12.80 -49.08 -18.40
N ASN A 30 -12.06 -49.51 -17.39
CA ASN A 30 -11.52 -48.67 -16.34
C ASN A 30 -10.18 -48.09 -16.78
N SER A 31 -10.11 -46.77 -16.90
CA SER A 31 -8.88 -46.13 -17.38
C SER A 31 -7.78 -46.13 -16.32
N PHE A 32 -8.11 -46.45 -15.08
CA PHE A 32 -7.17 -46.45 -13.98
C PHE A 32 -6.41 -45.14 -13.87
N THR A 33 -5.09 -45.20 -13.99
CA THR A 33 -4.28 -43.99 -13.84
C THR A 33 -3.44 -43.77 -15.06
N ARG A 34 -4.09 -43.51 -16.18
CA ARG A 34 -3.42 -43.42 -17.47
C ARG A 34 -3.79 -42.10 -18.14
N GLY A 35 -3.02 -41.70 -19.13
CA GLY A 35 -3.37 -40.49 -19.88
C GLY A 35 -2.71 -39.24 -19.33
N VAL A 36 -1.77 -39.42 -18.42
CA VAL A 36 -1.01 -38.31 -17.88
C VAL A 36 0.17 -38.05 -18.78
N TYR A 37 0.35 -36.81 -19.14
CA TYR A 37 1.41 -36.40 -20.03
C TYR A 37 2.17 -35.23 -19.43
N TYR A 38 3.38 -35.02 -19.89
CA TYR A 38 4.17 -33.89 -19.43
C TYR A 38 3.55 -32.62 -20.01
N PRO A 39 3.00 -31.73 -19.18
CA PRO A 39 2.24 -30.57 -19.61
C PRO A 39 3.07 -29.54 -20.36
N ASP A 40 4.38 -29.54 -20.15
CA ASP A 40 5.24 -28.60 -20.83
C ASP A 40 6.65 -29.15 -21.02
N LYS A 41 7.50 -28.36 -21.67
CA LYS A 41 8.87 -28.80 -21.95
C LYS A 41 9.82 -28.28 -20.88
N VAL A 42 9.50 -28.57 -19.64
CA VAL A 42 10.25 -28.07 -18.52
C VAL A 42 10.77 -29.17 -17.63
N PHE A 43 12.06 -29.08 -17.31
CA PHE A 43 12.70 -30.01 -16.41
C PHE A 43 12.50 -29.59 -14.99
N ARG A 44 12.01 -30.51 -14.19
CA ARG A 44 11.79 -30.29 -12.79
C ARG A 44 12.30 -31.52 -12.10
N SER A 45 12.79 -31.40 -10.88
CA SER A 45 13.24 -32.62 -10.22
C SER A 45 12.99 -32.59 -8.74
N SER A 46 12.77 -33.76 -8.19
CA SER A 46 12.53 -33.95 -6.76
C SER A 46 11.51 -32.96 -6.24
N VAL A 47 10.40 -32.83 -6.96
CA VAL A 47 9.42 -31.81 -6.63
C VAL A 47 8.00 -32.24 -6.97
N LEU A 48 7.04 -31.76 -6.19
CA LEU A 48 5.64 -32.00 -6.47
C LEU A 48 5.04 -30.73 -7.06
N HIS A 49 4.62 -30.81 -8.31
CA HIS A 49 4.13 -29.65 -9.04
C HIS A 49 2.65 -29.74 -9.39
N SER A 50 1.89 -28.71 -9.02
CA SER A 50 0.46 -28.68 -9.29
C SER A 50 0.14 -28.10 -10.66
N THR A 51 -0.47 -28.92 -11.51
CA THR A 51 -0.76 -28.53 -12.89
C THR A 51 -2.25 -28.51 -13.22
N GLN A 52 -2.68 -27.42 -13.82
CA GLN A 52 -4.06 -27.31 -14.29
C GLN A 52 -4.07 -27.33 -15.82
N ASP A 53 -4.64 -28.39 -16.38
CA ASP A 53 -4.63 -28.60 -17.83
C ASP A 53 -5.70 -29.61 -18.20
N LEU A 54 -5.82 -29.95 -19.48
CA LEU A 54 -6.79 -30.96 -19.88
C LEU A 54 -6.21 -32.36 -19.69
N PHE A 55 -6.84 -33.13 -18.84
CA PHE A 55 -6.35 -34.46 -18.51
C PHE A 55 -7.45 -35.49 -18.52
N LEU A 56 -7.07 -36.75 -18.68
CA LEU A 56 -8.01 -37.84 -18.50
C LEU A 56 -8.14 -38.04 -16.99
N PRO A 57 -9.33 -37.93 -16.38
CA PRO A 57 -9.54 -38.10 -14.95
C PRO A 57 -9.18 -39.50 -14.53
N PHE A 58 -8.70 -39.65 -13.29
CA PHE A 58 -8.37 -40.98 -12.82
C PHE A 58 -9.61 -41.81 -12.61
N PHE A 59 -9.49 -43.07 -12.97
CA PHE A 59 -10.53 -44.07 -12.87
C PHE A 59 -11.76 -43.69 -13.67
N SER A 60 -11.57 -42.87 -14.70
CA SER A 60 -12.66 -42.49 -15.57
C SER A 60 -13.12 -43.66 -16.44
N ASN A 61 -14.33 -43.50 -16.98
CA ASN A 61 -15.02 -44.44 -17.86
C ASN A 61 -14.71 -44.14 -19.33
N VAL A 62 -13.98 -45.05 -20.00
CA VAL A 62 -13.55 -44.87 -21.39
C VAL A 62 -14.14 -45.99 -22.25
N THR A 63 -14.41 -45.70 -23.51
CA THR A 63 -15.08 -46.64 -24.39
C THR A 63 -14.10 -47.58 -25.07
N TRP A 64 -14.44 -48.87 -25.08
CA TRP A 64 -13.61 -49.91 -25.66
C TRP A 64 -14.13 -50.32 -27.04
N PHE A 65 -13.35 -49.99 -28.07
CA PHE A 65 -13.75 -50.25 -29.45
C PHE A 65 -13.02 -51.44 -30.04
N HIS A 66 -13.71 -52.14 -30.93
CA HIS A 66 -13.13 -53.30 -31.60
C HIS A 66 -13.23 -53.13 -33.11
N ALA A 67 -12.30 -53.75 -33.85
CA ALA A 67 -12.24 -53.74 -35.32
C ALA A 67 -13.37 -54.57 -35.90
N PRO A 82 -15.61 -45.75 -37.21
CA PRO A 82 -16.47 -45.14 -36.22
C PRO A 82 -16.02 -43.70 -35.94
N VAL A 83 -16.93 -42.73 -36.19
CA VAL A 83 -16.66 -41.31 -35.95
C VAL A 83 -17.07 -40.93 -34.55
N LEU A 84 -16.12 -40.36 -33.82
CA LEU A 84 -16.30 -40.01 -32.43
C LEU A 84 -16.13 -38.50 -32.25
N PRO A 85 -16.73 -37.88 -31.23
CA PRO A 85 -16.52 -36.50 -30.82
C PRO A 85 -15.07 -36.27 -30.44
N PHE A 86 -14.59 -35.04 -30.61
CA PHE A 86 -13.26 -34.67 -30.16
C PHE A 86 -13.34 -33.93 -28.82
N ASN A 87 -14.40 -33.13 -28.67
CA ASN A 87 -14.63 -32.29 -27.49
C ASN A 87 -13.45 -31.34 -27.20
N ASP A 88 -12.88 -31.44 -26.00
CA ASP A 88 -11.77 -30.57 -25.59
C ASP A 88 -10.44 -31.16 -26.01
N GLY A 89 -10.42 -32.48 -26.08
CA GLY A 89 -9.25 -33.22 -26.45
C GLY A 89 -9.54 -34.70 -26.25
N VAL A 90 -8.72 -35.53 -26.86
CA VAL A 90 -8.96 -36.95 -26.83
C VAL A 90 -7.83 -37.80 -26.31
N TYR A 91 -8.17 -38.72 -25.43
CA TYR A 91 -7.22 -39.73 -25.01
C TYR A 91 -7.45 -40.94 -25.87
N PHE A 92 -6.44 -41.37 -26.58
CA PHE A 92 -6.58 -42.52 -27.45
C PHE A 92 -5.53 -43.54 -27.10
N ALA A 93 -5.92 -44.79 -27.02
CA ALA A 93 -4.93 -45.79 -26.75
C ALA A 93 -5.23 -47.03 -27.54
N SER A 94 -4.22 -47.77 -27.89
CA SER A 94 -4.47 -49.00 -28.61
C SER A 94 -3.54 -50.10 -28.19
N THR A 95 -4.00 -51.31 -28.42
CA THR A 95 -3.19 -52.49 -28.17
C THR A 95 -2.98 -53.21 -29.49
N GLU A 96 -1.75 -53.61 -29.74
CA GLU A 96 -1.39 -54.20 -31.01
C GLU A 96 -0.70 -55.54 -30.95
N LYS A 97 -0.86 -56.26 -32.06
CA LYS A 97 -0.16 -57.50 -32.35
C LYS A 97 0.59 -57.35 -33.68
N SER A 98 0.03 -56.55 -34.60
CA SER A 98 0.57 -56.45 -35.96
C SER A 98 0.49 -55.05 -36.58
N ASN A 99 0.47 -53.99 -35.78
CA ASN A 99 0.39 -52.63 -36.31
C ASN A 99 -0.77 -52.41 -37.27
N ILE A 100 -1.97 -52.87 -36.90
CA ILE A 100 -3.13 -52.70 -37.76
C ILE A 100 -3.67 -51.25 -37.75
N ILE A 101 -3.60 -50.56 -36.62
CA ILE A 101 -4.05 -49.17 -36.58
C ILE A 101 -2.94 -48.27 -37.11
N ARG A 102 -3.24 -47.46 -38.11
CA ARG A 102 -2.22 -46.64 -38.75
C ARG A 102 -2.41 -45.14 -38.56
N GLY A 103 -3.63 -44.68 -38.38
CA GLY A 103 -3.78 -43.23 -38.35
C GLY A 103 -5.15 -42.73 -37.96
N TRP A 104 -5.32 -41.41 -38.06
CA TRP A 104 -6.54 -40.74 -37.66
C TRP A 104 -6.95 -39.63 -38.60
N ILE A 105 -8.24 -39.35 -38.62
CA ILE A 105 -8.76 -38.20 -39.33
C ILE A 105 -9.36 -37.24 -38.32
N PHE A 106 -8.92 -36.01 -38.30
CA PHE A 106 -9.48 -35.02 -37.39
C PHE A 106 -10.11 -33.89 -38.20
N GLY A 107 -11.26 -33.38 -37.78
CA GLY A 107 -11.86 -32.28 -38.52
C GLY A 107 -13.27 -31.96 -38.05
N THR A 108 -14.04 -31.33 -38.93
CA THR A 108 -15.41 -30.94 -38.63
C THR A 108 -16.37 -31.78 -39.45
N THR A 109 -16.53 -31.42 -40.72
CA THR A 109 -17.40 -32.18 -41.62
C THR A 109 -16.82 -33.55 -42.03
N LEU A 110 -15.48 -33.73 -41.94
CA LEU A 110 -14.74 -34.96 -42.22
C LEU A 110 -15.01 -35.47 -43.64
N SER A 116 -9.67 -30.57 -41.78
CA SER A 116 -9.44 -31.85 -42.43
C SER A 116 -7.95 -32.25 -42.30
N LEU A 117 -7.59 -32.72 -41.09
CA LEU A 117 -6.26 -33.16 -40.70
C LEU A 117 -6.11 -34.67 -40.79
N LEU A 118 -5.22 -35.11 -41.67
CA LEU A 118 -4.99 -36.53 -41.88
C LEU A 118 -3.61 -36.95 -41.40
N ILE A 119 -3.58 -37.83 -40.40
CA ILE A 119 -2.31 -38.29 -39.83
C ILE A 119 -2.13 -39.79 -40.04
N VAL A 120 -1.22 -40.17 -40.94
CA VAL A 120 -1.06 -41.59 -41.24
C VAL A 120 0.36 -42.13 -41.10
N ASN A 121 0.50 -43.20 -40.33
CA ASN A 121 1.77 -43.90 -40.14
C ASN A 121 1.95 -45.03 -41.15
N ASN A 122 2.29 -44.69 -42.43
CA ASN A 122 2.44 -45.68 -43.49
C ASN A 122 3.89 -46.19 -43.57
N ALA A 123 4.07 -47.50 -43.24
CA ALA A 123 5.38 -48.17 -43.15
C ALA A 123 6.25 -47.53 -42.06
N THR A 124 7.27 -46.75 -42.48
CA THR A 124 8.19 -46.17 -41.51
C THR A 124 8.15 -44.64 -41.43
N ASN A 125 7.23 -44.00 -42.16
CA ASN A 125 7.20 -42.55 -42.18
C ASN A 125 5.81 -41.98 -41.92
N VAL A 126 5.68 -41.21 -40.85
CA VAL A 126 4.39 -40.60 -40.54
C VAL A 126 4.18 -39.37 -41.41
N VAL A 127 3.04 -39.34 -42.11
CA VAL A 127 2.72 -38.25 -43.01
C VAL A 127 1.49 -37.48 -42.57
N ILE A 128 1.65 -36.16 -42.41
CA ILE A 128 0.56 -35.31 -41.96
C ILE A 128 0.19 -34.25 -42.99
N LYS A 129 -1.10 -34.21 -43.37
CA LYS A 129 -1.60 -33.23 -44.34
C LYS A 129 -2.88 -32.53 -43.86
N VAL A 130 -3.06 -31.26 -44.22
CA VAL A 130 -4.34 -30.58 -43.89
C VAL A 130 -5.10 -29.93 -45.08
N CYS A 131 -6.10 -30.64 -45.61
CA CYS A 131 -6.96 -30.23 -46.72
C CYS A 131 -8.04 -31.26 -46.99
N GLU A 132 -8.89 -30.99 -47.99
CA GLU A 132 -9.94 -31.95 -48.30
C GLU A 132 -9.36 -33.19 -48.94
N PHE A 133 -9.87 -34.36 -48.54
CA PHE A 133 -9.40 -35.62 -49.09
C PHE A 133 -10.58 -36.45 -49.57
N GLN A 134 -10.34 -37.29 -50.56
CA GLN A 134 -11.43 -38.11 -51.09
C GLN A 134 -11.66 -39.35 -50.24
N PHE A 135 -12.26 -39.14 -49.07
CA PHE A 135 -12.55 -40.18 -48.07
C PHE A 135 -13.76 -41.01 -48.50
N PRO A 139 -13.59 -45.08 -44.56
CA PRO A 139 -12.21 -44.99 -45.00
C PRO A 139 -11.35 -46.10 -44.39
N PHE A 140 -10.39 -46.60 -45.15
CA PHE A 140 -9.47 -47.61 -44.68
C PHE A 140 -8.17 -47.51 -45.47
N LEU A 141 -7.10 -48.16 -44.97
CA LEU A 141 -5.77 -48.14 -45.59
C LEU A 141 -5.34 -49.56 -45.96
N CYS A 166 -4.24 -27.10 -49.09
CA CYS A 166 -3.17 -27.88 -48.46
C CYS A 166 -2.06 -26.90 -48.06
N THR A 167 -2.26 -26.19 -46.94
CA THR A 167 -1.32 -25.15 -46.48
C THR A 167 -0.23 -25.69 -45.58
N PHE A 168 -0.30 -26.98 -45.28
CA PHE A 168 0.67 -27.62 -44.41
C PHE A 168 0.85 -29.08 -44.74
N GLU A 169 2.10 -29.51 -44.74
CA GLU A 169 2.47 -30.89 -44.91
C GLU A 169 3.75 -31.19 -44.12
N TYR A 170 3.74 -32.30 -43.41
CA TYR A 170 4.89 -32.73 -42.63
C TYR A 170 5.15 -34.22 -42.70
N VAL A 171 6.42 -34.60 -42.80
CA VAL A 171 6.77 -36.01 -42.78
C VAL A 171 7.85 -36.30 -41.75
N SER A 172 7.64 -37.33 -40.91
CA SER A 172 8.62 -37.77 -39.91
C SER A 172 9.66 -38.65 -40.59
N LYS A 187 0.76 -57.47 -27.24
CA LYS A 187 2.19 -57.26 -26.90
C LYS A 187 2.60 -55.80 -26.83
N ASN A 188 1.92 -54.93 -27.57
CA ASN A 188 2.37 -53.55 -27.62
C ASN A 188 1.28 -52.54 -27.32
N LEU A 189 1.51 -51.72 -26.29
CA LEU A 189 0.57 -50.68 -25.89
C LEU A 189 1.03 -49.31 -26.35
N ARG A 190 0.17 -48.61 -27.08
CA ARG A 190 0.51 -47.29 -27.59
C ARG A 190 -0.52 -46.27 -27.15
N GLU A 191 -0.11 -45.35 -26.29
CA GLU A 191 -1.04 -44.34 -25.79
C GLU A 191 -0.74 -42.99 -26.43
N PHE A 192 -1.81 -42.26 -26.74
CA PHE A 192 -1.70 -40.95 -27.36
C PHE A 192 -2.64 -39.93 -26.73
N VAL A 193 -2.21 -38.68 -26.71
CA VAL A 193 -3.09 -37.59 -26.33
C VAL A 193 -3.15 -36.54 -27.41
N PHE A 194 -4.36 -36.25 -27.86
CA PHE A 194 -4.57 -35.28 -28.91
C PHE A 194 -5.34 -34.06 -28.40
N LYS A 195 -4.72 -32.90 -28.36
CA LYS A 195 -5.45 -31.72 -27.92
C LYS A 195 -5.15 -30.55 -28.84
N ASN A 196 -6.06 -29.58 -28.90
CA ASN A 196 -5.89 -28.45 -29.81
C ASN A 196 -6.04 -27.11 -29.09
N ILE A 197 -4.91 -26.44 -28.86
CA ILE A 197 -4.94 -25.18 -28.12
C ILE A 197 -4.44 -24.02 -28.95
N ASP A 198 -5.29 -23.02 -29.12
CA ASP A 198 -4.96 -21.82 -29.86
C ASP A 198 -4.41 -22.13 -31.25
N GLY A 199 -4.98 -23.13 -31.89
CA GLY A 199 -4.59 -23.50 -33.24
C GLY A 199 -3.46 -24.53 -33.31
N TYR A 200 -2.86 -24.86 -32.16
CA TYR A 200 -1.76 -25.81 -32.15
C TYR A 200 -2.24 -27.21 -31.83
N PHE A 201 -2.05 -28.13 -32.76
CA PHE A 201 -2.48 -29.49 -32.55
C PHE A 201 -1.33 -30.26 -31.92
N LYS A 202 -1.51 -30.63 -30.66
CA LYS A 202 -0.44 -31.21 -29.86
C LYS A 202 -0.64 -32.71 -29.66
N ILE A 203 0.41 -33.47 -29.94
CA ILE A 203 0.36 -34.91 -29.79
C ILE A 203 1.40 -35.42 -28.81
N TYR A 204 0.94 -36.15 -27.81
CA TYR A 204 1.80 -36.76 -26.81
C TYR A 204 1.66 -38.25 -26.94
N SER A 205 2.71 -39.01 -26.63
CA SER A 205 2.56 -40.45 -26.66
C SER A 205 3.57 -41.22 -25.83
N LYS A 206 3.25 -42.49 -25.60
CA LYS A 206 4.14 -43.41 -24.91
C LYS A 206 3.95 -44.83 -25.41
N HIS A 207 5.06 -45.48 -25.73
CA HIS A 207 5.03 -46.86 -26.22
C HIS A 207 5.68 -47.80 -25.21
N THR A 208 4.90 -48.74 -24.70
CA THR A 208 5.42 -49.71 -23.72
C THR A 208 5.00 -51.12 -24.11
N PRO A 209 5.79 -52.14 -23.77
CA PRO A 209 5.46 -53.54 -23.92
C PRO A 209 4.43 -53.96 -22.90
N ILE A 210 3.53 -54.84 -23.30
CA ILE A 210 2.54 -55.42 -22.42
C ILE A 210 2.43 -56.92 -22.63
N ASN A 211 1.83 -57.60 -21.66
CA ASN A 211 1.49 -59.01 -21.78
C ASN A 211 0.09 -59.23 -21.21
N LEU A 212 -0.94 -58.89 -22.01
CA LEU A 212 -2.33 -58.87 -21.52
C LEU A 212 -3.32 -58.90 -22.68
N ARG A 214 -6.68 -58.45 -22.46
CA ARG A 214 -7.91 -57.90 -21.91
C ARG A 214 -8.01 -56.39 -22.29
N ASP A 215 -8.10 -55.49 -21.28
CA ASP A 215 -8.23 -54.04 -21.43
C ASP A 215 -6.99 -53.29 -20.95
N LEU A 216 -7.12 -51.99 -20.67
CA LEU A 216 -5.97 -51.19 -20.29
C LEU A 216 -5.37 -51.68 -18.97
N PRO A 217 -4.06 -51.86 -18.88
CA PRO A 217 -3.36 -52.33 -17.70
C PRO A 217 -3.32 -51.25 -16.64
N GLN A 218 -3.24 -51.67 -15.39
CA GLN A 218 -3.09 -50.75 -14.28
C GLN A 218 -1.61 -50.51 -13.99
N GLY A 219 -1.25 -49.26 -13.80
CA GLY A 219 0.13 -48.87 -13.52
C GLY A 219 0.33 -47.45 -14.00
N PHE A 220 1.50 -46.86 -13.78
CA PHE A 220 1.65 -45.46 -14.16
C PHE A 220 2.88 -45.16 -15.00
N SER A 221 2.66 -44.36 -16.03
CA SER A 221 3.70 -43.81 -16.89
C SER A 221 3.21 -42.50 -17.45
N ALA A 222 4.12 -41.63 -17.87
CA ALA A 222 3.72 -40.36 -18.46
C ALA A 222 4.08 -40.31 -19.93
N LEU A 223 3.26 -39.58 -20.69
CA LEU A 223 3.41 -39.42 -22.14
C LEU A 223 4.18 -38.17 -22.53
N GLU A 224 5.12 -38.33 -23.46
CA GLU A 224 5.98 -37.23 -23.89
C GLU A 224 5.46 -36.62 -25.17
N PRO A 225 5.58 -35.29 -25.35
CA PRO A 225 5.21 -34.58 -26.55
C PRO A 225 6.11 -34.99 -27.70
N LEU A 226 5.52 -35.23 -28.86
CA LEU A 226 6.31 -35.56 -30.03
C LEU A 226 6.08 -34.56 -31.15
N VAL A 227 4.83 -34.17 -31.34
CA VAL A 227 4.46 -33.34 -32.47
C VAL A 227 3.63 -32.13 -32.02
N ASP A 228 3.90 -30.97 -32.61
CA ASP A 228 3.13 -29.76 -32.31
C ASP A 228 2.94 -28.98 -33.61
N LEU A 229 1.72 -29.02 -34.15
CA LEU A 229 1.43 -28.50 -35.47
C LEU A 229 0.70 -27.14 -35.46
N PRO A 230 1.31 -26.06 -35.96
CA PRO A 230 0.77 -24.70 -36.01
C PRO A 230 -0.20 -24.56 -37.17
N ILE A 231 -1.33 -25.23 -37.07
CA ILE A 231 -2.25 -25.34 -38.20
C ILE A 231 -3.38 -24.31 -38.19
N GLY A 232 -4.04 -24.12 -37.04
CA GLY A 232 -5.20 -23.25 -36.99
C GLY A 232 -6.46 -23.94 -37.51
N ILE A 233 -6.50 -25.26 -37.38
CA ILE A 233 -7.63 -26.06 -37.87
C ILE A 233 -8.64 -26.34 -36.75
N ASN A 234 -9.93 -26.13 -37.05
CA ASN A 234 -11.05 -26.42 -36.15
C ASN A 234 -11.37 -27.91 -36.14
N ILE A 235 -11.19 -28.58 -34.98
CA ILE A 235 -11.42 -30.02 -34.82
C ILE A 235 -12.58 -30.25 -33.86
N THR A 236 -13.62 -30.92 -34.31
CA THR A 236 -14.76 -31.21 -33.46
C THR A 236 -15.07 -32.70 -33.38
N ARG A 237 -14.61 -33.46 -34.38
CA ARG A 237 -14.83 -34.89 -34.50
C ARG A 237 -13.58 -35.58 -35.06
N PHE A 238 -13.46 -36.89 -34.84
CA PHE A 238 -12.36 -37.62 -35.44
C PHE A 238 -12.71 -39.08 -35.73
N GLN A 239 -11.90 -39.72 -36.57
CA GLN A 239 -12.09 -41.14 -36.89
C GLN A 239 -10.77 -41.92 -36.89
N THR A 240 -10.82 -43.17 -36.45
CA THR A 240 -9.64 -44.04 -36.40
C THR A 240 -9.50 -44.88 -37.67
N LEU A 241 -8.30 -44.90 -38.24
CA LEU A 241 -8.04 -45.64 -39.47
C LEU A 241 -7.14 -46.86 -39.28
N LEU A 242 -7.59 -48.01 -39.84
CA LEU A 242 -6.87 -49.29 -39.85
C LEU A 242 -6.47 -49.59 -41.30
N ALA A 264 -7.72 -53.66 -31.22
CA ALA A 264 -8.71 -52.93 -30.42
C ALA A 264 -8.08 -51.63 -29.90
N TYR A 265 -8.94 -50.67 -29.53
CA TYR A 265 -8.52 -49.35 -29.02
C TYR A 265 -9.52 -48.77 -28.05
N TYR A 266 -9.08 -47.77 -27.28
CA TYR A 266 -9.89 -47.17 -26.27
C TYR A 266 -9.95 -45.67 -26.48
N VAL A 267 -11.10 -45.07 -26.23
CA VAL A 267 -11.19 -43.63 -26.34
C VAL A 267 -11.79 -43.00 -25.10
N GLY A 268 -11.06 -42.04 -24.55
CA GLY A 268 -11.52 -41.29 -23.40
C GLY A 268 -11.51 -39.83 -23.75
N TYR A 269 -11.95 -38.99 -22.85
CA TYR A 269 -11.95 -37.57 -23.13
C TYR A 269 -11.24 -36.79 -22.07
N LEU A 270 -10.58 -35.72 -22.50
CA LEU A 270 -9.88 -34.87 -21.57
C LEU A 270 -10.83 -33.80 -21.08
N GLN A 271 -10.58 -33.31 -19.88
CA GLN A 271 -11.37 -32.22 -19.35
C GLN A 271 -10.49 -31.42 -18.42
N PRO A 272 -10.80 -30.16 -18.14
CA PRO A 272 -10.06 -29.35 -17.20
C PRO A 272 -9.99 -30.12 -15.91
N ARG A 273 -8.79 -30.30 -15.41
CA ARG A 273 -8.59 -31.10 -14.21
C ARG A 273 -7.29 -30.66 -13.57
N THR A 274 -7.17 -30.83 -12.27
CA THR A 274 -5.92 -30.49 -11.62
C THR A 274 -5.23 -31.72 -11.11
N PHE A 275 -3.95 -31.84 -11.42
CA PHE A 275 -3.13 -32.93 -10.95
C PHE A 275 -1.89 -32.48 -10.21
N LEU A 276 -1.54 -33.23 -9.17
CA LEU A 276 -0.27 -33.02 -8.52
C LEU A 276 0.70 -34.01 -9.13
N LEU A 277 1.71 -33.52 -9.82
CA LEU A 277 2.64 -34.39 -10.54
C LEU A 277 3.93 -34.53 -9.78
N LYS A 278 4.37 -35.77 -9.58
CA LYS A 278 5.60 -36.03 -8.85
C LYS A 278 6.76 -36.27 -9.78
N TYR A 279 7.72 -35.34 -9.74
CA TYR A 279 8.92 -35.43 -10.55
C TYR A 279 10.06 -36.04 -9.75
N ASN A 280 10.75 -37.00 -10.35
CA ASN A 280 11.89 -37.63 -9.70
C ASN A 280 13.17 -36.87 -9.99
N GLU A 281 14.27 -37.40 -9.53
CA GLU A 281 15.60 -36.78 -9.70
C GLU A 281 16.00 -36.56 -11.18
N ASN A 282 15.53 -37.42 -12.11
CA ASN A 282 15.91 -37.40 -13.53
C ASN A 282 14.89 -36.68 -14.43
N GLY A 283 13.93 -35.95 -13.87
CA GLY A 283 12.97 -35.14 -14.64
C GLY A 283 11.73 -35.87 -15.13
N THR A 284 11.50 -37.10 -14.71
CA THR A 284 10.32 -37.80 -15.18
C THR A 284 9.20 -37.70 -14.18
N ILE A 285 7.98 -37.94 -14.64
CA ILE A 285 6.85 -38.00 -13.75
C ILE A 285 6.67 -39.45 -13.37
N THR A 286 6.75 -39.74 -12.09
CA THR A 286 6.66 -41.11 -11.65
C THR A 286 5.31 -41.40 -11.04
N ASP A 287 4.67 -40.35 -10.56
CA ASP A 287 3.35 -40.52 -9.97
C ASP A 287 2.47 -39.31 -10.21
N ALA A 288 1.23 -39.38 -9.75
CA ALA A 288 0.32 -38.25 -9.87
C ALA A 288 -0.88 -38.41 -8.95
N VAL A 289 -1.47 -37.29 -8.55
CA VAL A 289 -2.71 -37.29 -7.80
C VAL A 289 -3.81 -36.53 -8.53
N ASP A 290 -4.95 -37.17 -8.72
CA ASP A 290 -6.09 -36.48 -9.32
C ASP A 290 -6.83 -35.75 -8.20
N CYS A 291 -6.70 -34.42 -8.18
CA CYS A 291 -7.12 -33.56 -7.07
C CYS A 291 -8.65 -33.53 -6.94
N ALA A 292 -9.36 -34.05 -7.91
CA ALA A 292 -10.82 -34.04 -7.87
C ALA A 292 -11.39 -35.44 -7.86
N LEU A 293 -10.57 -36.44 -7.53
CA LEU A 293 -11.04 -37.82 -7.48
C LEU A 293 -11.81 -38.14 -6.20
N ASP A 294 -11.24 -37.79 -5.05
CA ASP A 294 -11.86 -38.09 -3.77
C ASP A 294 -11.28 -37.13 -2.71
N PRO A 295 -11.81 -37.09 -1.47
CA PRO A 295 -11.37 -36.23 -0.38
C PRO A 295 -9.94 -36.46 0.09
N LEU A 296 -9.36 -37.63 -0.16
CA LEU A 296 -8.00 -37.81 0.29
C LEU A 296 -7.07 -37.20 -0.72
N SER A 297 -7.42 -37.35 -2.00
CA SER A 297 -6.64 -36.76 -3.06
C SER A 297 -6.72 -35.25 -2.95
N GLU A 298 -7.87 -34.72 -2.55
CA GLU A 298 -8.01 -33.29 -2.37
C GLU A 298 -7.05 -32.82 -1.29
N THR A 299 -6.94 -33.60 -0.21
CA THR A 299 -6.03 -33.25 0.87
C THR A 299 -4.59 -33.29 0.39
N LYS A 300 -4.23 -34.32 -0.36
CA LYS A 300 -2.87 -34.44 -0.89
C LYS A 300 -2.47 -33.24 -1.76
N CYS A 301 -3.38 -32.80 -2.65
CA CYS A 301 -3.15 -31.66 -3.52
C CYS A 301 -3.09 -30.35 -2.73
N THR A 302 -3.97 -30.20 -1.75
CA THR A 302 -4.01 -29.00 -0.94
C THR A 302 -2.70 -28.78 -0.21
N LEU A 303 -2.15 -29.86 0.33
CA LEU A 303 -0.92 -29.80 1.09
C LEU A 303 0.31 -29.98 0.20
N LYS A 304 0.08 -30.20 -1.09
CA LYS A 304 1.15 -30.50 -2.03
C LYS A 304 2.07 -31.59 -1.53
N SER A 305 1.48 -32.70 -1.11
CA SER A 305 2.24 -33.82 -0.62
C SER A 305 1.57 -35.14 -0.95
N PHE A 306 2.37 -36.14 -1.24
CA PHE A 306 1.81 -37.48 -1.42
C PHE A 306 1.54 -38.13 -0.08
N THR A 307 2.38 -37.80 0.91
CA THR A 307 2.19 -38.36 2.23
C THR A 307 1.52 -37.32 3.12
N VAL A 308 0.34 -37.65 3.59
CA VAL A 308 -0.45 -36.79 4.44
C VAL A 308 -0.38 -37.25 5.88
N GLU A 309 -0.08 -36.31 6.76
CA GLU A 309 0.05 -36.56 8.19
C GLU A 309 -1.31 -36.59 8.85
N LYS A 310 -1.40 -37.26 10.00
CA LYS A 310 -2.66 -37.34 10.73
C LYS A 310 -3.15 -35.97 11.15
N GLY A 311 -4.44 -35.72 10.95
CA GLY A 311 -5.02 -34.46 11.35
C GLY A 311 -6.24 -34.09 10.53
N ILE A 312 -6.73 -32.86 10.73
CA ILE A 312 -7.89 -32.35 10.02
C ILE A 312 -7.45 -31.21 9.13
N TYR A 313 -7.79 -31.26 7.85
CA TYR A 313 -7.35 -30.23 6.92
C TYR A 313 -8.51 -29.64 6.14
N GLN A 314 -8.52 -28.33 5.95
CA GLN A 314 -9.56 -27.75 5.12
C GLN A 314 -9.11 -27.78 3.68
N THR A 315 -9.89 -28.43 2.83
CA THR A 315 -9.48 -28.60 1.45
C THR A 315 -10.39 -27.90 0.45
N SER A 316 -11.63 -27.66 0.83
CA SER A 316 -12.56 -27.08 -0.14
C SER A 316 -13.70 -26.32 0.52
N ASN A 317 -14.72 -26.05 -0.30
CA ASN A 317 -15.93 -25.35 0.12
C ASN A 317 -17.16 -26.02 -0.46
N PHE A 318 -18.12 -26.29 0.40
CA PHE A 318 -19.38 -26.87 0.01
C PHE A 318 -20.34 -25.76 -0.31
N ARG A 319 -21.05 -25.90 -1.41
CA ARG A 319 -22.07 -24.93 -1.76
C ARG A 319 -23.32 -25.62 -2.25
N VAL A 320 -24.46 -25.26 -1.68
CA VAL A 320 -25.72 -25.78 -2.17
C VAL A 320 -26.02 -25.10 -3.49
N GLN A 321 -26.34 -25.88 -4.52
CA GLN A 321 -26.58 -25.31 -5.83
C GLN A 321 -28.07 -25.07 -6.07
N PRO A 322 -28.42 -24.04 -6.85
CA PRO A 322 -29.76 -23.74 -7.28
C PRO A 322 -30.23 -24.83 -8.23
N THR A 323 -31.51 -25.18 -8.12
CA THR A 323 -32.09 -26.22 -8.97
C THR A 323 -32.93 -25.68 -10.12
N GLU A 324 -33.35 -24.44 -10.00
CA GLU A 324 -34.21 -23.80 -10.99
C GLU A 324 -34.11 -22.29 -10.84
N SER A 325 -34.76 -21.56 -11.74
CA SER A 325 -34.75 -20.10 -11.69
C SER A 325 -36.16 -19.53 -11.74
N ILE A 326 -36.54 -18.82 -10.68
CA ILE A 326 -37.87 -18.25 -10.62
C ILE A 326 -37.84 -16.80 -11.04
N VAL A 327 -38.78 -16.44 -11.88
CA VAL A 327 -38.86 -15.09 -12.41
C VAL A 327 -40.24 -14.51 -12.18
N ARG A 328 -40.31 -13.33 -11.58
CA ARG A 328 -41.62 -12.76 -11.30
C ARG A 328 -41.74 -11.30 -11.74
N PHE A 329 -42.83 -11.01 -12.45
CA PHE A 329 -43.16 -9.67 -12.89
C PHE A 329 -44.65 -9.42 -12.67
N PRO A 330 -45.08 -8.15 -12.54
CA PRO A 330 -46.46 -7.72 -12.45
C PRO A 330 -47.15 -7.96 -13.78
N ASN A 331 -48.49 -7.96 -13.77
CA ASN A 331 -49.31 -8.25 -14.95
C ASN A 331 -49.38 -7.06 -15.91
N ILE A 332 -48.23 -6.75 -16.53
CA ILE A 332 -48.12 -5.67 -17.53
C ILE A 332 -48.15 -6.30 -18.91
N THR A 333 -49.19 -6.01 -19.65
CA THR A 333 -49.37 -6.55 -20.98
C THR A 333 -49.19 -5.45 -21.99
N ASN A 334 -48.86 -4.26 -21.48
CA ASN A 334 -48.66 -3.09 -22.31
C ASN A 334 -47.35 -3.23 -23.03
N LEU A 335 -47.32 -2.88 -24.30
CA LEU A 335 -46.05 -2.89 -24.98
C LEU A 335 -45.55 -1.46 -25.05
N CYS A 336 -44.24 -1.26 -24.88
CA CYS A 336 -43.61 0.06 -24.93
C CYS A 336 -43.73 0.64 -26.34
N PRO A 337 -44.14 1.90 -26.47
CA PRO A 337 -44.45 2.59 -27.71
C PRO A 337 -43.20 2.97 -28.48
N PHE A 338 -42.41 1.97 -28.86
CA PHE A 338 -41.24 2.22 -29.66
C PHE A 338 -41.67 2.47 -31.08
N GLY A 339 -42.79 1.88 -31.49
CA GLY A 339 -43.30 2.09 -32.84
C GLY A 339 -43.59 3.57 -33.09
N GLU A 340 -44.00 4.27 -32.03
CA GLU A 340 -44.34 5.69 -32.12
C GLU A 340 -43.10 6.58 -32.15
N VAL A 341 -41.94 5.98 -31.98
CA VAL A 341 -40.68 6.69 -31.97
C VAL A 341 -39.90 6.35 -33.24
N PHE A 342 -39.72 5.06 -33.46
CA PHE A 342 -38.93 4.56 -34.58
C PHE A 342 -39.68 4.56 -35.93
N ASN A 343 -41.01 4.34 -35.91
CA ASN A 343 -41.86 4.34 -37.11
C ASN A 343 -42.73 5.60 -37.18
N ALA A 344 -42.31 6.68 -36.49
CA ALA A 344 -42.99 7.97 -36.49
C ALA A 344 -42.89 8.61 -37.86
N THR A 345 -43.93 9.36 -38.24
CA THR A 345 -43.91 10.01 -39.53
C THR A 345 -43.09 11.29 -39.50
N ARG A 346 -42.94 11.88 -38.33
CA ARG A 346 -42.19 13.11 -38.20
C ARG A 346 -41.26 13.10 -37.00
N PHE A 347 -40.05 13.56 -37.24
CA PHE A 347 -39.04 13.75 -36.22
C PHE A 347 -38.79 15.22 -35.98
N ALA A 348 -38.38 15.54 -34.76
CA ALA A 348 -38.05 16.90 -34.39
C ALA A 348 -36.72 17.35 -34.97
N SER A 349 -36.57 18.66 -35.08
CA SER A 349 -35.30 19.25 -35.46
C SER A 349 -34.29 19.03 -34.37
N VAL A 350 -33.02 18.94 -34.72
CA VAL A 350 -32.00 18.67 -33.72
C VAL A 350 -31.86 19.81 -32.74
N TYR A 351 -32.11 21.05 -33.14
CA TYR A 351 -32.00 22.16 -32.21
C TYR A 351 -33.10 22.09 -31.14
N ALA A 352 -34.17 21.35 -31.43
CA ALA A 352 -35.33 21.26 -30.56
C ALA A 352 -35.83 19.83 -30.49
N TRP A 353 -34.99 18.96 -29.96
CA TRP A 353 -35.26 17.52 -29.94
C TRP A 353 -36.43 17.13 -29.06
N ASN A 354 -37.10 16.04 -29.42
CA ASN A 354 -38.29 15.57 -28.71
C ASN A 354 -37.98 14.49 -27.69
N ARG A 355 -38.14 14.80 -26.41
CA ARG A 355 -37.86 13.85 -25.34
C ARG A 355 -39.12 13.16 -24.84
N LYS A 356 -39.31 11.90 -25.22
CA LYS A 356 -40.48 11.17 -24.79
C LYS A 356 -40.14 10.15 -23.71
N ARG A 357 -40.90 10.17 -22.62
CA ARG A 357 -40.66 9.23 -21.54
C ARG A 357 -41.45 7.93 -21.72
N ILE A 358 -40.76 6.81 -21.54
CA ILE A 358 -41.33 5.49 -21.63
C ILE A 358 -41.43 4.86 -20.24
N SER A 359 -42.64 4.41 -19.88
CA SER A 359 -42.88 3.81 -18.56
C SER A 359 -44.05 2.82 -18.54
N ASN A 360 -44.07 1.98 -17.50
CA ASN A 360 -45.16 1.03 -17.23
C ASN A 360 -45.51 0.13 -18.42
N CYS A 361 -44.50 -0.51 -19.02
CA CYS A 361 -44.64 -1.30 -20.24
C CYS A 361 -43.54 -2.35 -20.42
N VAL A 362 -43.78 -3.25 -21.38
CA VAL A 362 -42.82 -4.28 -21.75
C VAL A 362 -41.95 -3.81 -22.91
N ALA A 363 -40.65 -3.75 -22.66
CA ALA A 363 -39.71 -3.23 -23.64
C ALA A 363 -38.94 -4.34 -24.32
N ASP A 364 -39.35 -4.70 -25.52
CA ASP A 364 -38.68 -5.75 -26.26
C ASP A 364 -37.66 -5.12 -27.19
N TYR A 365 -36.38 -5.32 -26.90
CA TYR A 365 -35.34 -4.66 -27.64
C TYR A 365 -34.76 -5.54 -28.73
N SER A 366 -35.29 -6.75 -28.87
CA SER A 366 -34.80 -7.63 -29.93
C SER A 366 -35.41 -7.16 -31.23
N VAL A 367 -36.53 -6.46 -31.10
CA VAL A 367 -37.26 -5.89 -32.20
C VAL A 367 -36.40 -4.87 -32.92
N LEU A 368 -35.68 -4.08 -32.15
CA LEU A 368 -34.82 -3.06 -32.73
C LEU A 368 -33.45 -3.63 -33.05
N TYR A 369 -32.84 -4.30 -32.07
CA TYR A 369 -31.46 -4.75 -32.21
C TYR A 369 -31.24 -5.70 -33.37
N ASN A 370 -32.13 -6.67 -33.55
CA ASN A 370 -31.92 -7.67 -34.58
C ASN A 370 -32.64 -7.34 -35.89
N SER A 371 -33.12 -6.11 -36.03
CA SER A 371 -33.82 -5.73 -37.26
C SER A 371 -32.87 -5.49 -38.41
N ALA A 372 -31.64 -5.08 -38.09
CA ALA A 372 -30.61 -4.74 -39.07
C ALA A 372 -31.08 -3.60 -39.99
N SER A 373 -32.06 -2.82 -39.53
CA SER A 373 -32.55 -1.67 -40.27
C SER A 373 -31.79 -0.42 -39.85
N PHE A 374 -30.94 -0.59 -38.85
CA PHE A 374 -30.19 0.52 -38.29
C PHE A 374 -28.75 0.46 -38.72
N SER A 375 -28.15 1.63 -38.96
CA SER A 375 -26.74 1.69 -39.33
C SER A 375 -25.89 1.88 -38.09
N THR A 376 -26.48 2.46 -37.07
CA THR A 376 -25.81 2.69 -35.81
C THR A 376 -26.62 2.14 -34.65
N PHE A 377 -25.95 1.40 -33.77
CA PHE A 377 -26.57 0.91 -32.56
C PHE A 377 -25.47 0.79 -31.51
N LYS A 378 -25.11 1.93 -30.92
CA LYS A 378 -23.98 1.98 -29.99
C LYS A 378 -24.46 2.16 -28.56
N CYS A 379 -24.06 1.25 -27.66
CA CYS A 379 -24.50 1.29 -26.27
C CYS A 379 -23.33 1.59 -25.33
N TYR A 380 -23.65 2.36 -24.30
CA TYR A 380 -22.69 2.79 -23.31
C TYR A 380 -23.20 2.41 -21.93
N GLY A 381 -22.39 1.71 -21.15
CA GLY A 381 -22.79 1.33 -19.80
C GLY A 381 -23.69 0.10 -19.80
N VAL A 382 -23.96 -0.42 -20.99
CA VAL A 382 -24.82 -1.58 -21.15
C VAL A 382 -24.52 -2.25 -22.49
N SER A 383 -24.61 -3.57 -22.50
CA SER A 383 -24.46 -4.35 -23.72
C SER A 383 -25.83 -4.48 -24.38
N PRO A 384 -25.93 -4.26 -25.70
CA PRO A 384 -27.17 -4.24 -26.47
C PRO A 384 -27.91 -5.57 -26.43
N THR A 385 -27.20 -6.64 -26.09
CA THR A 385 -27.78 -7.96 -26.05
C THR A 385 -28.33 -8.32 -24.68
N LYS A 386 -28.14 -7.44 -23.69
CA LYS A 386 -28.62 -7.68 -22.34
C LYS A 386 -29.76 -6.74 -21.97
N LEU A 387 -30.19 -5.92 -22.92
CA LEU A 387 -31.24 -4.95 -22.67
C LEU A 387 -32.54 -5.62 -22.31
N ASN A 388 -32.75 -6.83 -22.81
CA ASN A 388 -33.96 -7.57 -22.51
C ASN A 388 -33.97 -8.16 -21.11
N ASP A 389 -32.80 -8.28 -20.50
CA ASP A 389 -32.72 -8.90 -19.18
C ASP A 389 -32.84 -7.85 -18.10
N LEU A 390 -32.38 -6.65 -18.41
CA LEU A 390 -32.43 -5.52 -17.49
C LEU A 390 -33.81 -4.88 -17.43
N CYS A 391 -34.15 -4.31 -16.26
CA CYS A 391 -35.39 -3.54 -16.07
C CYS A 391 -35.03 -2.19 -15.47
N PHE A 392 -35.71 -1.15 -15.96
CA PHE A 392 -35.33 0.23 -15.70
C PHE A 392 -36.41 1.05 -15.02
N THR A 393 -35.99 2.10 -14.30
CA THR A 393 -36.98 2.95 -13.65
C THR A 393 -37.78 3.63 -14.74
N ASN A 394 -37.06 3.99 -15.79
CA ASN A 394 -37.65 4.54 -17.00
C ASN A 394 -36.65 4.55 -18.14
N VAL A 395 -37.16 4.82 -19.34
CA VAL A 395 -36.32 4.99 -20.52
C VAL A 395 -36.75 6.25 -21.26
N TYR A 396 -35.80 7.06 -21.70
CA TYR A 396 -36.15 8.26 -22.43
C TYR A 396 -35.73 8.16 -23.88
N ALA A 397 -36.66 8.44 -24.77
CA ALA A 397 -36.36 8.40 -26.20
C ALA A 397 -36.24 9.81 -26.75
N ASP A 398 -35.01 10.22 -27.05
CA ASP A 398 -34.75 11.54 -27.59
C ASP A 398 -34.67 11.46 -29.11
N SER A 399 -35.69 12.01 -29.77
CA SER A 399 -35.86 11.92 -31.22
C SER A 399 -35.48 13.19 -32.00
N PHE A 400 -34.60 13.02 -32.99
CA PHE A 400 -34.19 14.13 -33.86
C PHE A 400 -33.57 13.73 -35.20
N VAL A 401 -33.46 14.70 -36.13
CA VAL A 401 -32.80 14.46 -37.42
C VAL A 401 -31.53 15.29 -37.64
N ILE A 402 -30.47 14.58 -38.02
CA ILE A 402 -29.16 15.17 -38.34
C ILE A 402 -28.60 14.59 -39.64
N ARG A 403 -27.44 15.08 -40.10
CA ARG A 403 -26.82 14.50 -41.28
C ARG A 403 -26.03 13.25 -40.94
N GLY A 404 -25.81 12.38 -41.93
CA GLY A 404 -25.04 11.16 -41.70
C GLY A 404 -23.66 11.43 -41.11
N ASP A 405 -23.00 12.49 -41.54
CA ASP A 405 -21.67 12.82 -41.04
C ASP A 405 -21.67 13.26 -39.58
N GLU A 406 -22.84 13.61 -39.06
CA GLU A 406 -22.97 14.12 -37.71
C GLU A 406 -23.33 13.03 -36.72
N VAL A 407 -23.56 11.81 -37.20
CA VAL A 407 -23.99 10.74 -36.31
C VAL A 407 -22.93 10.44 -35.27
N ARG A 408 -21.66 10.58 -35.65
CA ARG A 408 -20.56 10.33 -34.75
C ARG A 408 -20.53 11.28 -33.55
N GLN A 409 -21.26 12.39 -33.63
CA GLN A 409 -21.26 13.35 -32.53
C GLN A 409 -22.25 12.97 -31.46
N ILE A 410 -23.12 12.00 -31.75
CA ILE A 410 -24.10 11.64 -30.75
C ILE A 410 -23.52 10.54 -29.90
N ALA A 411 -22.64 10.95 -28.99
CA ALA A 411 -21.96 10.04 -28.10
C ALA A 411 -21.33 10.84 -26.97
N PRO A 412 -21.15 10.23 -25.79
CA PRO A 412 -20.50 10.81 -24.66
C PRO A 412 -19.06 11.14 -24.99
N GLY A 413 -18.60 12.32 -24.56
CA GLY A 413 -17.23 12.73 -24.77
C GLY A 413 -16.98 13.35 -26.14
N GLN A 414 -18.01 13.46 -26.98
CA GLN A 414 -17.79 14.02 -28.31
C GLN A 414 -18.07 15.52 -28.35
N THR A 415 -17.48 16.17 -29.36
CA THR A 415 -17.64 17.59 -29.60
C THR A 415 -18.03 17.84 -31.06
N GLY A 416 -18.44 19.07 -31.35
CA GLY A 416 -18.85 19.46 -32.71
C GLY A 416 -20.09 20.32 -32.59
N LYS A 417 -20.55 20.93 -33.68
CA LYS A 417 -21.68 21.84 -33.48
C LYS A 417 -22.93 21.14 -32.95
N ILE A 418 -23.08 19.84 -33.21
CA ILE A 418 -24.28 19.19 -32.70
C ILE A 418 -24.05 18.85 -31.25
N ALA A 419 -22.92 18.23 -30.97
CA ALA A 419 -22.61 17.85 -29.60
C ALA A 419 -22.57 19.06 -28.67
N ASP A 420 -22.11 20.20 -29.16
CA ASP A 420 -21.96 21.38 -28.32
C ASP A 420 -23.14 22.35 -28.34
N TYR A 421 -23.83 22.52 -29.46
CA TYR A 421 -24.91 23.52 -29.52
C TYR A 421 -26.32 22.96 -29.66
N ASN A 422 -26.48 21.68 -29.96
CA ASN A 422 -27.83 21.17 -30.20
C ASN A 422 -28.24 20.06 -29.25
N TYR A 423 -27.43 19.02 -29.17
CA TYR A 423 -27.75 17.84 -28.37
C TYR A 423 -26.52 17.28 -27.69
N LYS A 424 -26.37 17.61 -26.41
CA LYS A 424 -25.20 17.20 -25.67
C LYS A 424 -25.46 16.00 -24.78
N LEU A 425 -24.66 14.95 -24.94
CA LEU A 425 -24.73 13.81 -24.05
C LEU A 425 -23.61 13.91 -23.02
N PRO A 426 -23.88 13.57 -21.76
CA PRO A 426 -22.94 13.60 -20.66
C PRO A 426 -21.86 12.56 -20.83
N ASP A 427 -20.70 12.81 -20.26
CA ASP A 427 -19.57 11.88 -20.35
C ASP A 427 -19.90 10.51 -19.76
N ASP A 428 -20.78 10.49 -18.76
CA ASP A 428 -21.18 9.25 -18.11
C ASP A 428 -22.54 8.74 -18.61
N PHE A 429 -22.89 9.13 -19.82
CA PHE A 429 -24.14 8.68 -20.44
C PHE A 429 -24.29 7.18 -20.43
N THR A 430 -25.46 6.73 -20.02
CA THR A 430 -25.80 5.32 -20.03
C THR A 430 -27.01 5.11 -20.91
N GLY A 431 -26.86 4.24 -21.89
CA GLY A 431 -27.95 3.98 -22.83
C GLY A 431 -27.44 3.64 -24.21
N CYS A 432 -28.35 3.69 -25.21
CA CYS A 432 -28.03 3.28 -26.59
C CYS A 432 -28.44 4.34 -27.61
N VAL A 433 -27.55 4.59 -28.56
CA VAL A 433 -27.79 5.51 -29.64
C VAL A 433 -28.10 4.73 -30.90
N ILE A 434 -29.30 4.91 -31.41
CA ILE A 434 -29.75 4.17 -32.56
C ILE A 434 -30.04 5.10 -33.72
N ALA A 435 -29.49 4.82 -34.89
CA ALA A 435 -29.74 5.69 -36.02
C ALA A 435 -29.83 4.95 -37.33
N TRP A 436 -30.61 5.52 -38.25
CA TRP A 436 -30.78 4.93 -39.57
C TRP A 436 -30.97 5.95 -40.66
N ASN A 437 -30.65 5.55 -41.88
CA ASN A 437 -30.79 6.40 -43.04
C ASN A 437 -32.26 6.67 -43.33
N SER A 438 -32.61 7.94 -43.48
CA SER A 438 -33.98 8.34 -43.74
C SER A 438 -34.08 9.14 -45.03
N ASN A 439 -33.19 8.84 -45.97
CA ASN A 439 -33.14 9.56 -47.25
C ASN A 439 -34.45 9.45 -48.01
N ASN A 440 -35.14 8.33 -47.88
CA ASN A 440 -36.40 8.13 -48.59
C ASN A 440 -37.60 8.57 -47.78
N LEU A 441 -37.38 9.23 -46.66
CA LEU A 441 -38.48 9.68 -45.83
C LEU A 441 -38.51 11.19 -45.73
N ASP A 442 -37.39 11.78 -45.35
CA ASP A 442 -37.34 13.22 -45.10
C ASP A 442 -36.89 14.03 -46.30
N SER A 443 -36.07 13.47 -47.17
CA SER A 443 -35.56 14.28 -48.27
C SER A 443 -36.66 14.62 -49.25
N LYS A 444 -36.56 15.81 -49.85
CA LYS A 444 -37.53 16.25 -50.84
C LYS A 444 -36.79 16.70 -52.09
N VAL A 445 -37.44 16.61 -53.24
CA VAL A 445 -36.78 16.94 -54.50
C VAL A 445 -36.30 18.38 -54.53
N GLY A 446 -37.10 19.30 -54.03
CA GLY A 446 -36.73 20.71 -54.03
C GLY A 446 -35.95 21.11 -52.77
N GLY A 447 -35.67 20.13 -51.90
CA GLY A 447 -34.98 20.38 -50.65
C GLY A 447 -35.93 20.46 -49.47
N ASN A 448 -35.69 19.64 -48.45
CA ASN A 448 -36.49 19.69 -47.24
C ASN A 448 -35.78 20.58 -46.24
N TYR A 449 -36.34 21.77 -46.03
CA TYR A 449 -35.71 22.78 -45.20
C TYR A 449 -36.44 22.95 -43.88
N ASN A 450 -37.24 21.94 -43.51
CA ASN A 450 -38.02 22.00 -42.28
C ASN A 450 -37.23 21.55 -41.06
N TYR A 451 -35.99 21.14 -41.28
CA TYR A 451 -35.13 20.70 -40.19
C TYR A 451 -34.05 21.72 -39.89
N LEU A 452 -34.07 22.23 -38.67
CA LEU A 452 -33.12 23.24 -38.25
C LEU A 452 -32.08 22.74 -37.26
N TYR A 453 -30.91 23.36 -37.32
CA TYR A 453 -29.85 23.12 -36.36
C TYR A 453 -29.24 24.43 -35.95
N ARG A 454 -28.69 24.47 -34.76
CA ARG A 454 -28.05 25.67 -34.26
C ARG A 454 -26.60 25.74 -34.70
N LEU A 455 -26.25 26.87 -35.29
CA LEU A 455 -24.89 27.13 -35.73
C LEU A 455 -24.19 28.08 -34.77
N PHE A 456 -24.94 29.01 -34.20
CA PHE A 456 -24.31 29.96 -33.30
C PHE A 456 -24.93 29.93 -31.92
N ARG A 457 -24.08 30.04 -30.91
CA ARG A 457 -24.50 30.11 -29.53
C ARG A 457 -23.43 30.85 -28.73
N LYS A 458 -23.81 31.39 -27.58
CA LYS A 458 -22.88 32.10 -26.72
C LYS A 458 -21.95 31.16 -25.94
N SER A 459 -22.43 29.95 -25.68
CA SER A 459 -21.67 28.96 -24.93
C SER A 459 -22.15 27.55 -25.27
N ASN A 460 -21.43 26.56 -24.78
CA ASN A 460 -21.80 25.17 -25.02
C ASN A 460 -22.94 24.75 -24.12
N LEU A 461 -23.69 23.73 -24.55
CA LEU A 461 -24.79 23.17 -23.78
C LEU A 461 -24.36 22.25 -22.66
N LYS A 462 -25.17 22.22 -21.61
CA LYS A 462 -25.04 21.24 -20.57
C LYS A 462 -25.70 19.95 -21.07
N PRO A 463 -25.39 18.79 -20.51
CA PRO A 463 -26.01 17.54 -20.88
C PRO A 463 -27.52 17.64 -20.82
N PHE A 464 -28.15 17.19 -21.90
CA PHE A 464 -29.60 17.19 -22.06
C PHE A 464 -30.26 18.56 -21.93
N GLU A 465 -29.49 19.62 -22.18
CA GLU A 465 -30.06 20.96 -22.21
C GLU A 465 -30.65 21.23 -23.59
N ARG A 466 -31.88 21.74 -23.60
CA ARG A 466 -32.57 22.03 -24.86
C ARG A 466 -32.77 23.52 -25.03
N ASP A 467 -32.05 24.11 -25.98
CA ASP A 467 -32.10 25.55 -26.22
C ASP A 467 -32.79 25.88 -27.53
N ILE A 468 -33.99 26.43 -27.45
CA ILE A 468 -34.78 26.70 -28.63
C ILE A 468 -34.98 28.20 -28.84
N SER A 469 -34.10 28.99 -28.25
CA SER A 469 -34.11 30.44 -28.41
C SER A 469 -33.77 30.86 -29.84
N THR A 470 -34.45 31.90 -30.31
CA THR A 470 -34.22 32.44 -31.64
C THR A 470 -33.58 33.83 -31.62
N GLU A 471 -33.11 34.23 -30.45
CA GLU A 471 -32.47 35.52 -30.27
C GLU A 471 -31.32 35.68 -31.25
N ILE A 472 -31.27 36.81 -31.93
CA ILE A 472 -30.23 37.02 -32.93
C ILE A 472 -28.86 37.05 -32.28
N TYR A 473 -27.96 36.25 -32.83
CA TYR A 473 -26.61 36.10 -32.32
C TYR A 473 -25.74 37.28 -32.66
N GLN A 474 -25.05 37.80 -31.66
CA GLN A 474 -24.15 38.92 -31.84
C GLN A 474 -22.75 38.43 -32.11
N ALA A 475 -22.29 38.61 -33.34
CA ALA A 475 -20.97 38.17 -33.74
C ALA A 475 -19.97 39.29 -33.53
N GLY A 476 -20.45 40.51 -33.70
CA GLY A 476 -19.60 41.70 -33.62
C GLY A 476 -19.63 42.35 -32.25
N SER A 477 -19.27 43.64 -32.21
CA SER A 477 -19.16 44.37 -30.96
C SER A 477 -20.44 45.10 -30.56
N THR A 478 -21.33 45.37 -31.52
CA THR A 478 -22.52 46.13 -31.21
C THR A 478 -23.71 45.19 -30.99
N PRO A 479 -24.71 45.60 -30.18
CA PRO A 479 -25.96 44.92 -29.97
C PRO A 479 -26.74 44.74 -31.27
N CYS A 480 -27.47 43.63 -31.38
CA CYS A 480 -28.30 43.32 -32.54
C CYS A 480 -29.74 43.74 -32.28
N ASN A 481 -30.15 43.70 -31.03
CA ASN A 481 -31.49 44.06 -30.62
C ASN A 481 -32.56 43.28 -31.38
N GLY A 482 -32.28 42.01 -31.65
CA GLY A 482 -33.24 41.15 -32.34
C GLY A 482 -33.24 41.32 -33.86
N VAL A 483 -32.33 42.12 -34.38
CA VAL A 483 -32.31 42.39 -35.82
C VAL A 483 -31.05 41.88 -36.50
N GLU A 484 -31.22 41.14 -37.59
CA GLU A 484 -30.09 40.62 -38.35
C GLU A 484 -29.45 41.74 -39.15
N GLY A 485 -28.17 41.58 -39.46
CA GLY A 485 -27.45 42.63 -40.15
C GLY A 485 -25.95 42.44 -40.03
N PHE A 486 -25.21 43.55 -40.06
CA PHE A 486 -23.76 43.44 -40.02
C PHE A 486 -23.31 42.81 -38.71
N ASN A 487 -22.68 41.64 -38.83
CA ASN A 487 -22.25 40.84 -37.70
C ASN A 487 -23.37 40.47 -36.69
N CYS A 488 -24.59 40.21 -37.22
CA CYS A 488 -25.76 39.76 -36.46
C CYS A 488 -26.46 38.67 -37.27
N TYR A 489 -26.62 37.49 -36.68
CA TYR A 489 -27.15 36.38 -37.47
C TYR A 489 -28.24 35.59 -36.76
N PHE A 490 -29.21 35.11 -37.53
CA PHE A 490 -30.18 34.19 -36.96
C PHE A 490 -29.39 32.93 -36.62
N PRO A 491 -29.47 32.43 -35.38
CA PRO A 491 -28.66 31.33 -34.86
C PRO A 491 -28.93 29.98 -35.47
N LEU A 492 -30.08 29.81 -36.13
CA LEU A 492 -30.43 28.50 -36.68
C LEU A 492 -30.32 28.46 -38.19
N GLN A 493 -29.80 27.36 -38.69
CA GLN A 493 -29.69 27.11 -40.11
C GLN A 493 -30.51 25.90 -40.51
N SER A 494 -30.95 25.86 -41.75
CA SER A 494 -31.69 24.70 -42.23
C SER A 494 -30.79 23.69 -42.89
N TYR A 495 -31.22 22.44 -42.87
CA TYR A 495 -30.53 21.39 -43.62
C TYR A 495 -31.12 21.24 -45.00
N GLY A 496 -30.30 21.29 -46.03
CA GLY A 496 -30.81 21.11 -47.39
C GLY A 496 -30.91 19.63 -47.76
N PHE A 497 -31.93 18.95 -47.25
CA PHE A 497 -32.02 17.52 -47.50
C PHE A 497 -32.68 17.19 -48.84
N GLN A 498 -31.92 16.53 -49.70
CA GLN A 498 -32.36 16.16 -51.05
C GLN A 498 -32.05 14.69 -51.31
N PRO A 499 -32.87 13.99 -52.09
CA PRO A 499 -32.76 12.58 -52.41
C PRO A 499 -31.50 12.23 -53.18
N THR A 500 -30.88 13.24 -53.78
CA THR A 500 -29.69 13.05 -54.59
C THR A 500 -28.39 13.33 -53.83
N ASN A 501 -28.50 13.65 -52.55
CA ASN A 501 -27.31 13.94 -51.75
C ASN A 501 -26.46 12.69 -51.56
N GLY A 502 -25.15 12.90 -51.39
CA GLY A 502 -24.25 11.80 -51.06
C GLY A 502 -24.53 11.41 -49.62
N VAL A 503 -24.04 10.26 -49.20
CA VAL A 503 -24.43 9.74 -47.89
C VAL A 503 -24.15 10.67 -46.73
N GLY A 504 -23.01 11.34 -46.75
CA GLY A 504 -22.67 12.24 -45.66
C GLY A 504 -23.70 13.34 -45.47
N TYR A 505 -24.41 13.68 -46.55
CA TYR A 505 -25.38 14.76 -46.50
C TYR A 505 -26.82 14.25 -46.53
N GLN A 506 -26.99 12.93 -46.42
CA GLN A 506 -28.34 12.38 -46.35
C GLN A 506 -28.79 12.51 -44.91
N PRO A 507 -30.09 12.66 -44.66
CA PRO A 507 -30.66 12.72 -43.34
C PRO A 507 -30.62 11.38 -42.66
N TYR A 508 -30.39 11.42 -41.37
CA TYR A 508 -30.47 10.25 -40.50
C TYR A 508 -31.38 10.53 -39.33
N ARG A 509 -32.21 9.55 -39.03
CA ARG A 509 -33.09 9.65 -37.90
C ARG A 509 -32.42 9.03 -36.71
N VAL A 510 -32.31 9.81 -35.65
CA VAL A 510 -31.60 9.37 -34.48
C VAL A 510 -32.51 9.30 -33.28
N VAL A 511 -32.47 8.17 -32.61
CA VAL A 511 -33.19 7.99 -31.38
C VAL A 511 -32.22 7.61 -30.29
N VAL A 512 -32.14 8.41 -29.25
CA VAL A 512 -31.26 8.05 -28.18
C VAL A 512 -32.06 7.54 -27.03
N LEU A 513 -31.80 6.31 -26.61
CA LEU A 513 -32.52 5.73 -25.51
C LEU A 513 -31.68 5.81 -24.26
N SER A 514 -32.04 6.72 -23.38
CA SER A 514 -31.32 6.90 -22.13
C SER A 514 -31.95 5.97 -21.12
N PHE A 515 -31.14 5.16 -20.47
CA PHE A 515 -31.66 4.17 -19.53
C PHE A 515 -31.28 4.50 -18.12
N GLU A 516 -32.28 4.62 -17.25
CA GLU A 516 -32.00 4.91 -15.86
C GLU A 516 -32.08 3.71 -14.95
N LEU A 517 -30.92 3.41 -14.32
CA LEU A 517 -30.81 2.30 -13.36
C LEU A 517 -30.52 2.84 -11.99
N LEU A 518 -31.57 3.04 -11.22
CA LEU A 518 -31.48 3.69 -9.92
C LEU A 518 -32.03 2.77 -8.85
N HIS A 519 -31.80 3.14 -7.59
CA HIS A 519 -32.36 2.42 -6.44
C HIS A 519 -33.86 2.76 -6.25
N ALA A 520 -34.64 2.37 -7.26
CA ALA A 520 -36.07 2.64 -7.38
C ALA A 520 -36.70 1.50 -8.20
N PRO A 521 -38.02 1.26 -8.08
CA PRO A 521 -38.72 0.22 -8.81
C PRO A 521 -38.71 0.45 -10.31
N ALA A 522 -38.60 -0.65 -11.07
CA ALA A 522 -38.66 -0.61 -12.51
C ALA A 522 -40.08 -0.43 -12.98
N THR A 523 -40.24 0.26 -14.10
CA THR A 523 -41.55 0.36 -14.72
C THR A 523 -41.45 -0.08 -16.17
N VAL A 524 -40.22 -0.05 -16.68
CA VAL A 524 -39.93 -0.49 -18.04
C VAL A 524 -39.14 -1.76 -17.88
N CYS A 525 -39.63 -2.90 -18.39
CA CYS A 525 -39.01 -4.19 -18.10
C CYS A 525 -39.09 -5.08 -19.34
N GLY A 526 -38.08 -5.91 -19.56
CA GLY A 526 -37.98 -6.69 -20.78
C GLY A 526 -39.06 -7.76 -20.95
N PRO A 527 -39.06 -8.44 -22.10
CA PRO A 527 -40.03 -9.43 -22.56
C PRO A 527 -39.78 -10.78 -21.92
N LYS A 528 -39.89 -10.82 -20.61
CA LYS A 528 -39.64 -12.03 -19.87
C LYS A 528 -40.93 -12.58 -19.30
N LYS A 529 -41.03 -13.88 -19.22
CA LYS A 529 -42.22 -14.52 -18.69
C LYS A 529 -42.09 -14.74 -17.20
N SER A 530 -43.22 -14.75 -16.51
CA SER A 530 -43.21 -15.09 -15.10
C SER A 530 -43.31 -16.60 -14.96
N THR A 531 -42.71 -17.12 -13.92
CA THR A 531 -42.73 -18.53 -13.60
C THR A 531 -43.43 -18.74 -12.29
N ASN A 532 -43.61 -20.00 -11.92
CA ASN A 532 -44.22 -20.32 -10.64
C ASN A 532 -43.27 -19.96 -9.52
N LEU A 533 -43.83 -19.53 -8.40
CA LEU A 533 -43.05 -19.21 -7.22
C LEU A 533 -42.65 -20.48 -6.50
N VAL A 534 -41.37 -20.59 -6.16
CA VAL A 534 -40.88 -21.74 -5.44
C VAL A 534 -40.30 -21.34 -4.10
N LYS A 535 -40.77 -22.01 -3.06
CA LYS A 535 -40.30 -21.74 -1.70
C LYS A 535 -39.61 -22.93 -1.09
N ASN A 536 -38.74 -22.65 -0.12
CA ASN A 536 -38.01 -23.62 0.69
C ASN A 536 -37.02 -24.47 -0.11
N LYS A 537 -36.59 -23.95 -1.27
CA LYS A 537 -35.58 -24.61 -2.09
C LYS A 537 -34.56 -23.58 -2.54
N CYS A 538 -33.33 -24.04 -2.87
CA CYS A 538 -32.30 -23.14 -3.40
C CYS A 538 -32.56 -22.87 -4.87
N VAL A 539 -32.83 -21.60 -5.17
CA VAL A 539 -33.17 -21.20 -6.52
C VAL A 539 -32.41 -19.96 -6.95
N ASN A 540 -32.39 -19.72 -8.25
CA ASN A 540 -31.94 -18.44 -8.75
C ASN A 540 -33.20 -17.60 -8.81
N PHE A 541 -33.07 -16.29 -8.74
CA PHE A 541 -34.28 -15.49 -8.86
C PHE A 541 -34.11 -14.16 -9.53
N ASN A 542 -35.24 -13.66 -10.05
CA ASN A 542 -35.35 -12.34 -10.66
C ASN A 542 -36.69 -11.68 -10.34
N PHE A 543 -36.67 -10.66 -9.49
CA PHE A 543 -37.88 -9.94 -9.12
C PHE A 543 -37.83 -8.52 -9.67
N ASN A 544 -38.51 -8.29 -10.79
CA ASN A 544 -38.44 -6.98 -11.46
C ASN A 544 -37.01 -6.51 -11.70
N GLY A 545 -36.11 -7.40 -12.08
CA GLY A 545 -34.73 -7.02 -12.33
C GLY A 545 -33.82 -7.23 -11.12
N LEU A 546 -34.40 -7.49 -9.95
CA LEU A 546 -33.60 -7.75 -8.76
C LEU A 546 -33.19 -9.19 -8.75
N THR A 547 -31.90 -9.45 -8.86
CA THR A 547 -31.45 -10.81 -9.01
C THR A 547 -30.48 -11.25 -7.95
N GLY A 548 -30.42 -12.57 -7.79
CA GLY A 548 -29.49 -13.20 -6.86
C GLY A 548 -29.78 -14.69 -6.75
N THR A 549 -29.09 -15.34 -5.83
CA THR A 549 -29.27 -16.77 -5.58
C THR A 549 -29.59 -16.96 -4.12
N GLY A 550 -30.57 -17.78 -3.82
CA GLY A 550 -30.92 -18.01 -2.42
C GLY A 550 -32.18 -18.82 -2.23
N VAL A 551 -32.49 -19.07 -0.97
CA VAL A 551 -33.67 -19.80 -0.58
C VAL A 551 -34.72 -18.82 -0.12
N LEU A 552 -35.93 -18.94 -0.63
CA LEU A 552 -36.96 -18.01 -0.24
C LEU A 552 -38.04 -18.67 0.59
N THR A 553 -38.44 -18.00 1.66
CA THR A 553 -39.48 -18.52 2.54
C THR A 553 -40.51 -17.46 2.86
N GLU A 554 -41.71 -17.86 3.24
CA GLU A 554 -42.70 -16.88 3.64
C GLU A 554 -42.29 -16.24 4.96
N SER A 555 -42.35 -14.92 5.04
CA SER A 555 -41.88 -14.22 6.24
C SER A 555 -43.00 -13.65 7.06
N ASN A 556 -42.65 -13.19 8.26
CA ASN A 556 -43.57 -12.45 9.11
C ASN A 556 -43.17 -10.98 9.17
N LYS A 557 -42.40 -10.52 8.18
CA LYS A 557 -42.00 -9.13 8.14
C LYS A 557 -43.14 -8.30 7.59
N LYS A 558 -43.35 -7.12 8.15
CA LYS A 558 -44.43 -6.29 7.67
C LYS A 558 -43.92 -5.05 6.98
N PHE A 559 -43.93 -5.11 5.65
CA PHE A 559 -43.48 -3.99 4.86
C PHE A 559 -44.53 -2.92 4.84
N LEU A 560 -44.11 -1.68 4.75
CA LEU A 560 -45.05 -0.60 4.62
C LEU A 560 -45.59 -0.66 3.19
N PRO A 561 -46.77 -0.10 2.90
CA PRO A 561 -47.45 -0.13 1.61
C PRO A 561 -46.62 0.36 0.43
N PHE A 562 -45.57 1.12 0.69
CA PHE A 562 -44.76 1.65 -0.38
C PHE A 562 -43.42 0.93 -0.56
N GLN A 563 -43.10 0.00 0.32
CA GLN A 563 -41.79 -0.67 0.29
C GLN A 563 -41.80 -1.91 -0.60
N GLN A 564 -40.75 -2.05 -1.42
CA GLN A 564 -40.69 -3.15 -2.39
C GLN A 564 -39.72 -4.28 -2.03
N PHE A 565 -38.71 -3.98 -1.24
CA PHE A 565 -37.72 -4.94 -0.83
C PHE A 565 -37.11 -4.45 0.46
N GLY A 566 -36.41 -5.32 1.17
CA GLY A 566 -35.76 -4.90 2.40
C GLY A 566 -34.29 -5.24 2.43
N ARG A 567 -33.60 -4.64 3.38
CA ARG A 567 -32.18 -4.81 3.60
C ARG A 567 -31.88 -5.05 5.08
N ASP A 568 -30.84 -5.85 5.35
CA ASP A 568 -30.41 -6.09 6.71
C ASP A 568 -29.48 -4.98 7.20
N ILE A 569 -28.88 -5.18 8.37
CA ILE A 569 -28.04 -4.18 9.01
C ILE A 569 -26.74 -3.90 8.26
N ALA A 570 -26.40 -4.72 7.27
CA ALA A 570 -25.18 -4.56 6.50
C ALA A 570 -25.53 -4.30 5.04
N ASP A 571 -26.72 -3.79 4.80
CA ASP A 571 -27.21 -3.46 3.47
C ASP A 571 -27.23 -4.61 2.48
N THR A 572 -27.57 -5.80 2.96
CA THR A 572 -27.73 -6.96 2.09
C THR A 572 -29.21 -7.30 1.99
N THR A 573 -29.69 -7.51 0.77
CA THR A 573 -31.11 -7.79 0.58
C THR A 573 -31.50 -9.04 1.33
N ASP A 574 -32.56 -8.95 2.14
CA ASP A 574 -32.99 -10.11 2.90
C ASP A 574 -34.48 -10.32 2.85
N ALA A 575 -35.18 -9.55 2.03
CA ALA A 575 -36.62 -9.71 1.89
C ALA A 575 -37.10 -9.10 0.60
N VAL A 576 -38.09 -9.70 -0.02
CA VAL A 576 -38.67 -9.14 -1.23
C VAL A 576 -40.18 -9.27 -1.28
N ARG A 577 -40.84 -8.28 -1.88
CA ARG A 577 -42.26 -8.36 -2.12
C ARG A 577 -42.49 -8.98 -3.49
N ASP A 578 -43.13 -10.14 -3.55
CA ASP A 578 -43.29 -10.79 -4.84
C ASP A 578 -44.14 -9.87 -5.76
N PRO A 579 -43.64 -9.44 -6.93
CA PRO A 579 -44.31 -8.57 -7.91
C PRO A 579 -45.46 -9.22 -8.65
N GLN A 580 -46.38 -9.85 -7.93
CA GLN A 580 -47.50 -10.45 -8.58
C GLN A 580 -48.66 -10.68 -7.57
N THR A 581 -48.28 -11.28 -6.43
CA THR A 581 -49.19 -11.61 -5.33
C THR A 581 -48.99 -10.70 -4.12
N LEU A 582 -47.90 -9.93 -4.17
CA LEU A 582 -47.52 -8.91 -3.19
C LEU A 582 -47.34 -9.45 -1.77
N GLU A 583 -46.88 -10.69 -1.69
CA GLU A 583 -46.55 -11.34 -0.41
C GLU A 583 -45.09 -11.05 -0.06
N ILE A 584 -44.78 -11.02 1.24
CA ILE A 584 -43.41 -10.77 1.63
C ILE A 584 -42.64 -12.06 1.96
N LEU A 585 -41.54 -12.26 1.21
CA LEU A 585 -40.68 -13.42 1.42
C LEU A 585 -39.32 -13.04 1.97
N ASP A 586 -38.79 -13.85 2.88
CA ASP A 586 -37.43 -13.67 3.34
C ASP A 586 -36.48 -14.29 2.34
N ILE A 587 -35.29 -13.73 2.22
CA ILE A 587 -34.27 -14.33 1.40
C ILE A 587 -33.08 -14.70 2.28
N THR A 588 -32.75 -15.98 2.30
CA THR A 588 -31.61 -16.44 3.06
C THR A 588 -30.70 -17.13 2.06
N PRO A 589 -29.39 -16.96 2.12
CA PRO A 589 -28.45 -17.51 1.18
C PRO A 589 -28.47 -19.02 1.26
N CYS A 590 -28.15 -19.68 0.14
CA CYS A 590 -28.04 -21.14 0.06
C CYS A 590 -26.84 -21.55 0.91
N SER A 591 -26.99 -22.60 1.69
CA SER A 591 -25.95 -22.95 2.64
C SER A 591 -24.63 -23.25 2.00
N PHE A 592 -23.59 -22.88 2.72
CA PHE A 592 -22.23 -23.10 2.28
C PHE A 592 -21.37 -23.24 3.52
N GLY A 593 -20.17 -23.77 3.33
CA GLY A 593 -19.23 -23.86 4.44
C GLY A 593 -17.97 -24.56 4.03
N GLY A 594 -16.96 -24.50 4.85
CA GLY A 594 -15.70 -25.16 4.52
C GLY A 594 -15.86 -26.66 4.59
N VAL A 595 -15.06 -27.35 3.81
CA VAL A 595 -15.04 -28.80 3.85
C VAL A 595 -13.69 -29.26 4.33
N SER A 596 -13.70 -30.00 5.44
CA SER A 596 -12.46 -30.46 6.01
C SER A 596 -12.37 -31.96 6.00
N VAL A 597 -11.19 -32.46 5.72
CA VAL A 597 -10.96 -33.89 5.67
C VAL A 597 -10.23 -34.34 6.91
N ILE A 598 -10.84 -35.30 7.58
CA ILE A 598 -10.33 -35.87 8.81
C ILE A 598 -9.67 -37.17 8.51
N THR A 599 -8.37 -37.22 8.68
CA THR A 599 -7.66 -38.38 8.22
C THR A 599 -6.64 -38.88 9.22
N PRO A 600 -6.50 -40.20 9.35
CA PRO A 600 -5.41 -40.85 10.02
C PRO A 600 -4.26 -40.65 9.08
N GLY A 601 -3.04 -40.78 9.55
CA GLY A 601 -1.97 -40.55 8.59
C GLY A 601 -2.05 -41.60 7.50
N THR A 602 -1.63 -41.23 6.29
CA THR A 602 -1.63 -42.17 5.14
C THR A 602 -0.63 -43.32 5.31
N ASN A 603 0.21 -43.20 6.35
CA ASN A 603 1.16 -44.21 6.84
C ASN A 603 0.42 -45.41 7.45
N THR A 604 -0.85 -45.19 7.90
CA THR A 604 -1.72 -46.16 8.56
C THR A 604 -2.92 -46.55 7.71
N SER A 605 -3.61 -45.55 7.15
CA SER A 605 -4.83 -45.81 6.41
C SER A 605 -5.20 -44.75 5.39
N ASN A 606 -5.83 -45.16 4.30
CA ASN A 606 -6.31 -44.21 3.30
C ASN A 606 -7.80 -43.93 3.42
N GLN A 607 -8.37 -44.34 4.55
CA GLN A 607 -9.78 -44.08 4.82
C GLN A 607 -9.92 -42.70 5.43
N VAL A 608 -10.87 -41.91 4.96
CA VAL A 608 -11.06 -40.59 5.54
C VAL A 608 -12.51 -40.31 5.87
N ALA A 609 -12.73 -39.33 6.76
CA ALA A 609 -14.06 -38.83 7.06
C ALA A 609 -14.11 -37.36 6.64
N VAL A 610 -15.27 -36.90 6.20
CA VAL A 610 -15.36 -35.52 5.76
C VAL A 610 -16.37 -34.71 6.54
N LEU A 611 -15.91 -33.56 7.02
CA LEU A 611 -16.74 -32.64 7.75
C LEU A 611 -17.21 -31.50 6.88
N TYR A 612 -18.51 -31.29 6.83
CA TYR A 612 -19.07 -30.17 6.13
C TYR A 612 -19.46 -29.14 7.17
N GLN A 613 -18.71 -28.07 7.26
CA GLN A 613 -18.87 -27.11 8.35
C GLN A 613 -20.20 -26.39 8.25
N ASP A 614 -20.83 -26.18 9.40
CA ASP A 614 -22.10 -25.43 9.56
C ASP A 614 -23.34 -26.11 8.98
N VAL A 615 -23.24 -26.50 7.72
CA VAL A 615 -24.33 -27.03 6.93
C VAL A 615 -24.95 -28.31 7.53
N ASN A 616 -26.28 -28.40 7.37
CA ASN A 616 -27.11 -29.53 7.81
C ASN A 616 -26.90 -30.75 6.90
N CYS A 617 -27.06 -31.96 7.48
CA CYS A 617 -26.90 -33.23 6.77
C CYS A 617 -28.03 -33.45 5.79
N THR A 618 -29.08 -32.67 5.92
CA THR A 618 -30.24 -32.76 5.05
C THR A 618 -29.97 -32.04 3.73
N GLU A 619 -28.92 -31.21 3.73
CA GLU A 619 -28.55 -30.43 2.55
C GLU A 619 -27.35 -31.03 1.80
N VAL A 620 -26.43 -31.68 2.53
CA VAL A 620 -25.23 -32.33 1.99
C VAL A 620 -25.65 -33.60 1.23
N ASN A 641 -22.68 -43.73 7.44
CA ASN A 641 -22.25 -43.13 8.71
C ASN A 641 -22.36 -41.60 8.64
N VAL A 642 -23.57 -41.05 8.87
CA VAL A 642 -23.82 -39.61 8.85
C VAL A 642 -24.19 -39.10 10.24
N PHE A 643 -23.33 -38.24 10.77
CA PHE A 643 -23.47 -37.69 12.11
C PHE A 643 -23.58 -36.17 12.12
N GLN A 644 -24.71 -35.66 12.56
CA GLN A 644 -24.88 -34.22 12.63
C GLN A 644 -24.38 -33.71 13.96
N THR A 645 -23.42 -32.80 13.92
CA THR A 645 -22.90 -32.22 15.15
C THR A 645 -22.87 -30.71 15.06
N ARG A 646 -22.51 -30.06 16.16
CA ARG A 646 -22.47 -28.60 16.21
C ARG A 646 -21.49 -28.01 15.21
N ALA A 647 -20.40 -28.70 14.95
CA ALA A 647 -19.37 -28.22 14.03
C ALA A 647 -19.80 -28.32 12.58
N GLY A 648 -20.81 -29.14 12.28
CA GLY A 648 -21.19 -29.40 10.90
C GLY A 648 -21.63 -30.85 10.73
N CYS A 649 -21.77 -31.29 9.47
CA CYS A 649 -22.19 -32.66 9.14
C CYS A 649 -20.96 -33.52 8.91
N LEU A 650 -20.78 -34.52 9.76
CA LEU A 650 -19.62 -35.39 9.66
C LEU A 650 -19.97 -36.71 9.02
N ILE A 651 -19.36 -36.99 7.88
CA ILE A 651 -19.69 -38.19 7.13
C ILE A 651 -18.50 -39.14 7.01
N GLY A 652 -18.72 -40.40 7.39
CA GLY A 652 -17.71 -41.44 7.30
C GLY A 652 -17.19 -41.89 8.66
N ALA A 653 -17.41 -41.08 9.69
CA ALA A 653 -16.99 -41.45 11.03
C ALA A 653 -18.15 -42.05 11.79
N GLU A 654 -17.90 -43.11 12.55
CA GLU A 654 -18.93 -43.73 13.36
C GLU A 654 -19.02 -43.06 14.73
N HIS A 655 -20.22 -42.59 15.08
CA HIS A 655 -20.42 -41.92 16.35
C HIS A 655 -20.62 -42.96 17.45
N VAL A 656 -19.80 -42.90 18.48
CA VAL A 656 -19.84 -43.92 19.53
C VAL A 656 -20.13 -43.31 20.91
N ASN A 657 -20.58 -44.15 21.87
CA ASN A 657 -20.88 -43.76 23.26
C ASN A 657 -19.61 -43.49 24.08
N ASN A 658 -18.54 -44.26 23.84
CA ASN A 658 -17.31 -44.23 24.61
C ASN A 658 -16.50 -42.95 24.39
N SER A 659 -16.19 -42.28 25.49
CA SER A 659 -15.42 -41.05 25.47
C SER A 659 -13.93 -41.33 25.65
N TYR A 660 -13.15 -40.93 24.67
CA TYR A 660 -11.72 -41.19 24.66
C TYR A 660 -10.95 -39.89 24.73
N GLU A 661 -9.66 -39.99 25.01
CA GLU A 661 -8.79 -38.81 24.95
C GLU A 661 -8.79 -38.30 23.51
N CYS A 662 -8.84 -36.97 23.32
CA CYS A 662 -8.91 -36.34 22.00
C CYS A 662 -7.65 -36.61 21.17
N ASP A 663 -7.87 -36.93 19.90
CA ASP A 663 -6.78 -37.15 18.96
C ASP A 663 -6.88 -36.09 17.86
N ILE A 664 -7.77 -36.29 16.88
CA ILE A 664 -7.97 -35.26 15.87
C ILE A 664 -9.19 -34.44 16.26
N PRO A 665 -9.04 -33.16 16.63
CA PRO A 665 -10.12 -32.33 17.08
C PRO A 665 -11.01 -31.96 15.92
N ILE A 666 -12.31 -31.98 16.14
CA ILE A 666 -13.27 -31.54 15.14
C ILE A 666 -13.88 -30.21 15.56
N GLY A 667 -14.32 -30.16 16.82
CA GLY A 667 -14.90 -28.94 17.36
C GLY A 667 -16.13 -29.23 18.19
N ALA A 668 -16.48 -28.31 19.07
CA ALA A 668 -17.65 -28.41 19.92
C ALA A 668 -17.65 -29.68 20.75
N GLY A 669 -16.48 -30.06 21.25
CA GLY A 669 -16.35 -31.21 22.12
C GLY A 669 -16.15 -32.52 21.39
N ILE A 670 -16.24 -32.51 20.06
CA ILE A 670 -16.09 -33.72 19.28
C ILE A 670 -14.68 -33.86 18.70
N CYS A 671 -14.12 -35.07 18.87
CA CYS A 671 -12.82 -35.49 18.34
C CYS A 671 -13.00 -36.81 17.60
N ALA A 672 -12.04 -37.13 16.75
CA ALA A 672 -12.08 -38.39 16.02
C ALA A 672 -10.75 -39.12 16.06
N SER A 673 -10.82 -40.43 15.87
CA SER A 673 -9.65 -41.28 15.85
C SER A 673 -9.88 -42.55 15.04
N TYR A 674 -8.79 -43.25 14.73
CA TYR A 674 -8.86 -44.50 13.97
C TYR A 674 -8.65 -45.68 14.92
N GLN A 675 -9.71 -46.47 15.15
CA GLN A 675 -9.67 -47.55 16.14
C GLN A 675 -10.35 -48.83 15.68
N THR A 676 -9.94 -49.97 16.29
CA THR A 676 -10.51 -51.31 16.05
C THR A 676 -12.00 -51.34 16.42
N GLN A 690 -10.13 -51.77 11.61
CA GLN A 690 -10.12 -50.43 12.18
C GLN A 690 -10.92 -49.48 11.28
N SER A 691 -11.51 -48.44 11.89
CA SER A 691 -12.28 -47.40 11.19
C SER A 691 -12.28 -46.09 11.97
N ILE A 692 -12.70 -45.02 11.31
CA ILE A 692 -12.75 -43.73 11.95
C ILE A 692 -13.99 -43.58 12.81
N ILE A 693 -13.80 -43.15 14.04
CA ILE A 693 -14.90 -42.93 14.97
C ILE A 693 -14.91 -41.51 15.44
N ALA A 694 -16.07 -41.06 15.91
CA ALA A 694 -16.25 -39.75 16.47
C ALA A 694 -16.82 -39.90 17.86
N TYR A 695 -16.39 -39.04 18.76
CA TYR A 695 -16.84 -39.11 20.15
C TYR A 695 -16.69 -37.79 20.85
N THR A 696 -17.39 -37.65 21.98
CA THR A 696 -17.15 -36.48 22.81
C THR A 696 -15.91 -36.78 23.62
N MET A 697 -14.96 -35.87 23.56
CA MET A 697 -13.67 -36.09 24.19
C MET A 697 -13.73 -36.09 25.70
N SER A 698 -12.89 -36.92 26.29
CA SER A 698 -12.70 -36.96 27.71
C SER A 698 -11.75 -35.86 28.09
N LEU A 699 -11.96 -35.21 29.22
CA LEU A 699 -11.05 -34.16 29.62
C LEU A 699 -9.89 -34.74 30.39
N GLY A 700 -10.16 -35.84 31.07
CA GLY A 700 -9.18 -36.54 31.88
C GLY A 700 -9.87 -37.61 32.69
N ALA A 701 -9.10 -38.44 33.35
CA ALA A 701 -9.67 -39.50 34.18
C ALA A 701 -10.34 -38.90 35.39
N GLU A 702 -11.41 -39.51 35.86
CA GLU A 702 -12.03 -39.02 37.08
C GLU A 702 -11.25 -39.48 38.28
N ASN A 703 -10.95 -38.54 39.17
CA ASN A 703 -10.17 -38.86 40.36
C ASN A 703 -10.62 -38.06 41.56
N SER A 704 -11.52 -38.61 42.36
CA SER A 704 -11.96 -37.86 43.52
C SER A 704 -10.85 -37.85 44.55
N VAL A 705 -10.89 -36.89 45.46
CA VAL A 705 -9.89 -36.81 46.51
C VAL A 705 -10.52 -37.22 47.83
N ALA A 706 -9.84 -38.08 48.57
CA ALA A 706 -10.37 -38.60 49.82
C ALA A 706 -10.24 -37.58 50.94
N TYR A 707 -10.96 -36.48 50.79
CA TYR A 707 -10.94 -35.38 51.71
C TYR A 707 -11.65 -35.71 53.00
N SER A 708 -11.02 -35.32 54.10
CA SER A 708 -11.59 -35.44 55.43
C SER A 708 -10.90 -34.40 56.30
N ASN A 709 -11.65 -33.82 57.24
CA ASN A 709 -11.20 -32.71 58.09
C ASN A 709 -10.01 -33.06 59.01
N ASN A 710 -9.74 -34.35 59.21
CA ASN A 710 -8.64 -34.84 60.05
C ASN A 710 -7.72 -35.82 59.32
N SER A 711 -7.64 -35.74 57.99
CA SER A 711 -6.79 -36.67 57.25
C SER A 711 -5.88 -36.00 56.26
N ILE A 712 -4.60 -36.37 56.31
CA ILE A 712 -3.61 -35.80 55.41
C ILE A 712 -2.82 -36.90 54.72
N ALA A 713 -2.49 -36.68 53.46
CA ALA A 713 -1.60 -37.62 52.79
C ALA A 713 -0.21 -37.01 52.71
N ILE A 714 0.81 -37.83 52.99
CA ILE A 714 2.20 -37.37 52.92
C ILE A 714 3.00 -38.35 52.07
N PRO A 715 3.80 -37.90 51.09
CA PRO A 715 4.61 -38.74 50.24
C PRO A 715 5.59 -39.52 51.09
N THR A 716 5.81 -40.78 50.75
CA THR A 716 6.80 -41.60 51.47
C THR A 716 8.07 -41.84 50.65
N ASN A 717 7.99 -41.59 49.34
CA ASN A 717 9.06 -41.77 48.37
C ASN A 717 8.92 -40.68 47.31
N PHE A 718 9.88 -40.59 46.39
CA PHE A 718 9.89 -39.60 45.31
C PHE A 718 10.69 -40.09 44.14
N THR A 719 10.51 -39.44 43.01
CA THR A 719 11.31 -39.70 41.84
C THR A 719 11.90 -38.40 41.29
N ILE A 720 12.93 -38.54 40.49
CA ILE A 720 13.50 -37.39 39.81
C ILE A 720 13.06 -37.46 38.37
N SER A 721 12.34 -36.45 37.95
CA SER A 721 11.78 -36.42 36.63
C SER A 721 12.49 -35.38 35.80
N VAL A 722 12.82 -35.74 34.57
CA VAL A 722 13.40 -34.76 33.70
C VAL A 722 12.52 -34.57 32.50
N THR A 723 12.10 -33.35 32.27
CA THR A 723 11.25 -33.06 31.13
C THR A 723 11.96 -32.13 30.18
N THR A 724 11.54 -32.12 28.93
CA THR A 724 12.21 -31.28 27.97
C THR A 724 11.29 -30.21 27.44
N GLU A 725 11.74 -28.96 27.52
CA GLU A 725 10.98 -27.85 27.01
C GLU A 725 11.73 -27.17 25.88
N ILE A 726 11.06 -26.97 24.77
CA ILE A 726 11.69 -26.39 23.61
C ILE A 726 11.13 -25.03 23.28
N LEU A 727 12.02 -24.05 23.13
CA LEU A 727 11.59 -22.71 22.74
C LEU A 727 12.39 -22.20 21.55
N PRO A 728 11.75 -21.59 20.56
CA PRO A 728 12.36 -20.81 19.52
C PRO A 728 13.06 -19.62 20.10
N VAL A 729 14.20 -19.28 19.55
CA VAL A 729 14.91 -18.09 19.94
C VAL A 729 15.06 -17.15 18.78
N SER A 730 15.36 -17.69 17.62
CA SER A 730 15.65 -16.87 16.46
C SER A 730 15.08 -17.49 15.21
N MET A 731 15.15 -16.74 14.12
CA MET A 731 14.73 -17.24 12.84
C MET A 731 15.71 -16.76 11.78
N THR A 732 15.64 -17.35 10.61
CA THR A 732 16.55 -17.00 9.52
C THR A 732 16.51 -15.51 9.19
N LYS A 733 17.70 -14.92 9.07
CA LYS A 733 17.85 -13.50 8.78
C LYS A 733 17.69 -13.23 7.30
N THR A 734 16.49 -13.42 6.80
CA THR A 734 16.19 -13.21 5.40
C THR A 734 16.00 -11.73 5.13
N SER A 735 16.62 -11.25 4.07
CA SER A 735 16.51 -9.85 3.69
C SER A 735 16.41 -9.71 2.18
N VAL A 736 15.36 -9.08 1.70
CA VAL A 736 15.16 -8.96 0.26
C VAL A 736 15.13 -7.52 -0.19
N ASP A 737 15.90 -7.24 -1.24
CA ASP A 737 15.97 -5.90 -1.80
C ASP A 737 14.73 -5.64 -2.66
N CYS A 738 13.92 -4.66 -2.22
CA CYS A 738 12.65 -4.29 -2.87
C CYS A 738 12.86 -3.93 -4.34
N THR A 739 13.93 -3.23 -4.66
CA THR A 739 14.10 -2.81 -6.04
C THR A 739 14.31 -4.01 -6.94
N MET A 740 15.18 -4.93 -6.53
CA MET A 740 15.44 -6.10 -7.34
C MET A 740 14.25 -7.03 -7.39
N TYR A 741 13.56 -7.20 -6.26
CA TYR A 741 12.42 -8.08 -6.25
C TYR A 741 11.37 -7.64 -7.25
N ILE A 742 11.06 -6.36 -7.27
CA ILE A 742 9.99 -5.87 -8.13
C ILE A 742 10.40 -5.70 -9.61
N CYS A 743 11.55 -5.04 -9.87
CA CYS A 743 11.96 -4.64 -11.22
C CYS A 743 13.20 -5.41 -11.71
N GLY A 744 13.82 -6.21 -10.88
CA GLY A 744 15.03 -6.89 -11.32
C GLY A 744 16.08 -5.88 -11.76
N ASP A 745 16.61 -6.07 -12.97
CA ASP A 745 17.62 -5.18 -13.54
C ASP A 745 17.00 -4.31 -14.66
N SER A 746 15.68 -4.19 -14.67
CA SER A 746 14.98 -3.40 -15.66
C SER A 746 14.98 -1.91 -15.33
N THR A 747 15.56 -1.11 -16.21
CA THR A 747 15.66 0.34 -16.00
C THR A 747 14.30 1.00 -16.14
N GLU A 748 13.54 0.59 -17.15
CA GLU A 748 12.23 1.19 -17.42
C GLU A 748 11.28 1.03 -16.23
N CYS A 749 11.32 -0.15 -15.57
CA CYS A 749 10.54 -0.45 -14.39
C CYS A 749 11.07 0.33 -13.19
N SER A 750 12.39 0.35 -13.00
CA SER A 750 12.97 1.02 -11.85
C SER A 750 12.57 2.48 -11.83
N ASN A 751 12.48 3.09 -13.00
CA ASN A 751 12.09 4.49 -13.10
C ASN A 751 10.66 4.74 -12.65
N LEU A 752 9.78 3.74 -12.80
CA LEU A 752 8.41 3.90 -12.36
C LEU A 752 8.30 3.56 -10.88
N LEU A 753 9.16 2.67 -10.42
CA LEU A 753 9.16 2.29 -9.01
C LEU A 753 9.47 3.50 -8.16
N LEU A 754 10.32 4.39 -8.66
CA LEU A 754 10.71 5.60 -7.94
C LEU A 754 9.53 6.54 -7.69
N GLN A 755 8.44 6.36 -8.44
CA GLN A 755 7.29 7.23 -8.30
C GLN A 755 6.52 6.91 -7.03
N TYR A 756 6.93 5.84 -6.36
CA TYR A 756 6.32 5.39 -5.13
C TYR A 756 7.12 5.87 -3.93
N GLY A 757 8.08 6.74 -4.18
CA GLY A 757 8.83 7.36 -3.11
C GLY A 757 9.62 6.39 -2.25
N SER A 758 9.35 6.45 -0.95
CA SER A 758 10.04 5.65 0.06
C SER A 758 9.47 4.27 0.29
N PHE A 759 8.46 3.85 -0.47
CA PHE A 759 7.90 2.53 -0.17
C PHE A 759 8.95 1.43 -0.07
N CYS A 760 9.91 1.35 -1.01
CA CYS A 760 10.98 0.36 -0.96
C CYS A 760 11.95 0.59 0.18
N THR A 761 12.15 1.84 0.57
CA THR A 761 13.03 2.15 1.67
C THR A 761 12.42 1.60 2.95
N GLN A 762 11.13 1.79 3.11
CA GLN A 762 10.42 1.34 4.30
C GLN A 762 10.48 -0.17 4.43
N LEU A 763 10.31 -0.86 3.31
CA LEU A 763 10.32 -2.31 3.33
C LEU A 763 11.71 -2.84 3.61
N ASN A 764 12.73 -2.21 3.03
CA ASN A 764 14.08 -2.67 3.26
C ASN A 764 14.48 -2.45 4.72
N ARG A 765 14.03 -1.33 5.30
CA ARG A 765 14.36 -1.03 6.68
C ARG A 765 13.65 -1.97 7.64
N ALA A 766 12.40 -2.32 7.34
CA ALA A 766 11.66 -3.21 8.21
C ALA A 766 12.34 -4.56 8.28
N LEU A 767 12.77 -5.07 7.13
CA LEU A 767 13.44 -6.36 7.11
C LEU A 767 14.79 -6.30 7.77
N THR A 768 15.49 -5.19 7.62
CA THR A 768 16.78 -5.05 8.27
C THR A 768 16.59 -5.13 9.77
N GLY A 769 15.58 -4.43 10.29
CA GLY A 769 15.32 -4.43 11.72
C GLY A 769 14.99 -5.84 12.22
N ILE A 770 14.23 -6.59 11.44
CA ILE A 770 13.89 -7.96 11.82
C ILE A 770 15.14 -8.81 11.89
N ALA A 771 16.02 -8.68 10.90
CA ALA A 771 17.25 -9.45 10.89
C ALA A 771 18.14 -9.10 12.09
N VAL A 772 18.23 -7.82 12.43
CA VAL A 772 19.10 -7.40 13.52
C VAL A 772 18.68 -7.96 14.86
N GLU A 773 17.38 -7.91 15.15
CA GLU A 773 16.91 -8.39 16.44
C GLU A 773 17.07 -9.90 16.59
N GLN A 774 17.47 -10.60 15.52
CA GLN A 774 17.66 -12.03 15.65
C GLN A 774 18.95 -12.30 16.39
N ASP A 775 19.90 -11.37 16.29
CA ASP A 775 21.15 -11.55 16.99
C ASP A 775 20.93 -11.11 18.41
N LYS A 776 20.07 -10.10 18.58
CA LYS A 776 19.76 -9.65 19.91
C LYS A 776 19.05 -10.76 20.67
N ASN A 777 18.16 -11.48 20.00
CA ASN A 777 17.43 -12.56 20.65
C ASN A 777 18.37 -13.67 21.06
N THR A 778 19.30 -14.01 20.18
CA THR A 778 20.24 -15.07 20.48
C THR A 778 21.16 -14.70 21.63
N GLN A 779 21.66 -13.47 21.60
CA GLN A 779 22.57 -13.02 22.65
C GLN A 779 21.85 -12.92 23.99
N GLU A 780 20.63 -12.43 23.98
CA GLU A 780 19.88 -12.25 25.22
C GLU A 780 19.64 -13.58 25.90
N VAL A 781 19.41 -14.63 25.11
CA VAL A 781 19.18 -15.94 25.68
C VAL A 781 20.45 -16.65 26.09
N PHE A 782 21.46 -16.71 25.23
CA PHE A 782 22.62 -17.55 25.55
C PHE A 782 23.78 -16.83 26.22
N ALA A 783 24.02 -15.57 25.89
CA ALA A 783 25.18 -14.88 26.42
C ALA A 783 24.86 -14.25 27.76
N GLN A 784 24.52 -15.09 28.73
CA GLN A 784 24.16 -14.63 30.06
C GLN A 784 25.29 -14.85 31.03
N VAL A 785 26.39 -15.35 30.53
CA VAL A 785 27.53 -15.66 31.36
C VAL A 785 28.72 -14.84 30.89
N LYS A 786 29.41 -14.19 31.83
CA LYS A 786 30.54 -13.33 31.51
C LYS A 786 31.81 -14.11 31.15
N GLN A 787 31.99 -15.26 31.80
CA GLN A 787 33.18 -16.09 31.62
C GLN A 787 32.83 -17.41 31.01
N ILE A 788 33.80 -18.06 30.40
CA ILE A 788 33.59 -19.38 29.88
C ILE A 788 34.09 -20.39 30.87
N TYR A 789 33.16 -21.15 31.43
CA TYR A 789 33.49 -22.11 32.47
C TYR A 789 33.68 -23.46 31.84
N LYS A 790 34.51 -24.28 32.45
CA LYS A 790 34.73 -25.63 32.00
C LYS A 790 34.72 -26.59 33.17
N THR A 791 34.32 -27.82 32.91
CA THR A 791 34.34 -28.84 33.93
C THR A 791 35.75 -29.36 34.10
N PRO A 792 36.08 -30.00 35.22
CA PRO A 792 37.35 -30.61 35.49
C PRO A 792 37.55 -31.86 34.62
N PRO A 793 38.80 -32.29 34.43
CA PRO A 793 39.21 -33.55 33.82
C PRO A 793 38.54 -34.76 34.44
N ILE A 794 38.29 -34.72 35.75
CA ILE A 794 37.66 -35.84 36.42
C ILE A 794 36.21 -35.53 36.76
N LYS A 795 35.31 -36.21 36.06
CA LYS A 795 33.89 -35.93 36.22
C LYS A 795 33.31 -36.69 37.39
N ASP A 796 33.74 -36.33 38.59
CA ASP A 796 33.22 -36.97 39.79
C ASP A 796 32.26 -36.06 40.49
N PHE A 797 30.97 -36.30 40.28
CA PHE A 797 29.95 -35.44 40.81
C PHE A 797 29.08 -36.17 41.81
N GLY A 798 29.65 -37.20 42.43
CA GLY A 798 28.93 -37.93 43.46
C GLY A 798 27.95 -38.97 42.90
N GLY A 799 28.21 -39.47 41.70
CA GLY A 799 27.34 -40.46 41.09
C GLY A 799 26.43 -39.87 40.02
N PHE A 800 26.39 -38.55 39.94
CA PHE A 800 25.57 -37.89 38.94
C PHE A 800 26.32 -37.83 37.60
N ASN A 801 25.74 -38.48 36.59
CA ASN A 801 26.32 -38.64 35.26
C ASN A 801 25.74 -37.60 34.28
N PHE A 802 26.60 -36.68 33.81
CA PHE A 802 26.22 -35.59 32.91
C PHE A 802 26.78 -35.82 31.51
N SER A 803 27.15 -37.05 31.19
CA SER A 803 27.82 -37.30 29.91
C SER A 803 26.97 -36.98 28.69
N GLN A 804 25.64 -37.02 28.83
CA GLN A 804 24.80 -36.70 27.68
C GLN A 804 24.41 -35.24 27.65
N ILE A 805 24.82 -34.51 28.67
CA ILE A 805 24.54 -33.10 28.83
C ILE A 805 25.75 -32.27 28.40
N LEU A 806 26.93 -32.70 28.85
CA LEU A 806 28.19 -32.01 28.55
C LEU A 806 28.68 -32.33 27.15
N PRO A 807 29.44 -31.43 26.51
CA PRO A 807 30.03 -31.59 25.18
C PRO A 807 30.90 -32.82 25.03
N ASP A 808 30.81 -33.45 23.87
CA ASP A 808 31.64 -34.58 23.52
C ASP A 808 32.94 -34.10 22.85
N PRO A 809 34.09 -34.19 23.53
CA PRO A 809 35.38 -33.63 23.13
C PRO A 809 35.99 -34.35 21.93
N SER A 810 35.45 -35.51 21.58
CA SER A 810 36.01 -36.31 20.50
C SER A 810 35.49 -35.89 19.13
N LYS A 811 34.49 -35.01 19.11
CA LYS A 811 33.86 -34.63 17.86
C LYS A 811 34.41 -33.30 17.34
N PRO A 812 34.35 -33.05 16.00
CA PRO A 812 34.75 -31.82 15.32
C PRO A 812 33.87 -30.64 15.72
N SER A 813 32.68 -30.94 16.22
CA SER A 813 31.78 -29.93 16.75
C SER A 813 31.46 -30.38 18.16
N LYS A 814 31.93 -29.64 19.14
CA LYS A 814 31.84 -30.06 20.52
C LYS A 814 30.47 -29.85 21.12
N ARG A 815 29.58 -30.76 20.79
CA ARG A 815 28.21 -30.76 21.27
C ARG A 815 27.97 -32.01 22.07
N SER A 816 27.03 -31.95 22.99
CA SER A 816 26.70 -33.10 23.81
C SER A 816 25.96 -34.11 22.96
N PRO A 817 25.89 -35.38 23.37
CA PRO A 817 25.06 -36.40 22.75
C PRO A 817 23.61 -35.96 22.55
N ILE A 818 23.05 -35.20 23.50
CA ILE A 818 21.69 -34.69 23.31
C ILE A 818 21.67 -33.56 22.30
N GLU A 819 22.62 -32.64 22.36
CA GLU A 819 22.67 -31.55 21.39
C GLU A 819 22.89 -32.09 19.99
N ASP A 820 23.68 -33.15 19.86
CA ASP A 820 23.93 -33.74 18.56
C ASP A 820 22.63 -34.28 18.00
N LEU A 821 21.84 -34.93 18.84
CA LEU A 821 20.55 -35.43 18.44
C LEU A 821 19.60 -34.31 18.04
N LEU A 822 19.55 -33.24 18.86
CA LEU A 822 18.65 -32.14 18.56
C LEU A 822 19.00 -31.53 17.22
N PHE A 823 20.30 -31.41 16.97
CA PHE A 823 20.79 -30.84 15.73
C PHE A 823 20.30 -31.64 14.53
N ASN A 824 20.41 -32.95 14.61
CA ASN A 824 20.00 -33.83 13.52
C ASN A 824 18.49 -33.94 13.34
N LYS A 825 17.70 -33.80 14.42
CA LYS A 825 16.25 -33.97 14.31
C LYS A 825 15.53 -32.82 13.60
N VAL A 826 15.99 -31.58 13.78
CA VAL A 826 15.29 -30.45 13.13
C VAL A 826 16.08 -29.96 11.92
N THR A 827 15.38 -29.77 10.78
CA THR A 827 16.00 -29.36 9.51
C THR A 827 15.81 -27.86 9.28
N PHE A 855 18.84 -14.31 -5.70
CA PHE A 855 18.20 -15.08 -6.76
C PHE A 855 17.11 -14.24 -7.43
N ASN A 856 16.18 -13.75 -6.61
CA ASN A 856 15.10 -12.83 -6.99
C ASN A 856 15.28 -11.52 -6.23
N GLY A 857 16.53 -11.24 -5.89
CA GLY A 857 16.89 -10.03 -5.15
C GLY A 857 17.03 -10.29 -3.66
N LEU A 858 16.71 -11.51 -3.25
CA LEU A 858 16.79 -11.88 -1.84
C LEU A 858 18.10 -12.55 -1.48
N THR A 859 18.49 -12.37 -0.23
CA THR A 859 19.64 -13.08 0.30
C THR A 859 19.38 -13.51 1.74
N VAL A 860 20.26 -14.36 2.25
CA VAL A 860 20.18 -14.78 3.64
C VAL A 860 21.47 -14.46 4.36
N LEU A 861 21.35 -13.68 5.43
CA LEU A 861 22.53 -13.27 6.18
C LEU A 861 22.83 -14.29 7.26
N PRO A 862 24.11 -14.53 7.58
CA PRO A 862 24.53 -15.38 8.67
C PRO A 862 24.28 -14.68 9.99
N PRO A 863 24.12 -15.43 11.08
CA PRO A 863 24.04 -14.99 12.45
C PRO A 863 25.40 -14.56 12.92
N LEU A 864 25.47 -13.70 13.93
CA LEU A 864 26.75 -13.38 14.53
C LEU A 864 27.34 -14.57 15.25
N LEU A 865 26.52 -15.27 16.01
CA LEU A 865 26.99 -16.40 16.77
C LEU A 865 26.70 -17.70 16.06
N THR A 866 27.76 -18.39 15.69
CA THR A 866 27.66 -19.64 14.96
C THR A 866 27.33 -20.78 15.91
N ASP A 867 26.97 -21.93 15.36
CA ASP A 867 26.61 -23.08 16.19
C ASP A 867 27.71 -23.39 17.19
N GLU A 868 28.95 -23.21 16.78
CA GLU A 868 30.09 -23.45 17.64
C GLU A 868 30.09 -22.51 18.84
N MET A 869 29.67 -21.26 18.64
CA MET A 869 29.71 -20.29 19.72
C MET A 869 28.55 -20.46 20.66
N ILE A 870 27.44 -20.91 20.12
CA ILE A 870 26.29 -21.16 20.95
C ILE A 870 26.61 -22.35 21.82
N ALA A 871 27.25 -23.35 21.23
CA ALA A 871 27.64 -24.53 21.97
C ALA A 871 28.59 -24.17 23.11
N GLN A 872 29.53 -23.25 22.85
CA GLN A 872 30.44 -22.83 23.92
C GLN A 872 29.72 -22.09 25.03
N TYR A 873 28.74 -21.23 24.68
CA TYR A 873 28.00 -20.56 25.73
C TYR A 873 27.24 -21.56 26.56
N THR A 874 26.64 -22.55 25.91
CA THR A 874 25.88 -23.56 26.60
C THR A 874 26.79 -24.35 27.53
N SER A 875 27.98 -24.70 27.05
CA SER A 875 28.93 -25.45 27.85
C SER A 875 29.31 -24.66 29.08
N ALA A 876 29.54 -23.35 28.92
CA ALA A 876 29.88 -22.50 30.06
C ALA A 876 28.77 -22.49 31.10
N LEU A 877 27.53 -22.42 30.63
CA LEU A 877 26.40 -22.41 31.55
C LEU A 877 26.28 -23.72 32.28
N LEU A 878 26.51 -24.82 31.57
CA LEU A 878 26.44 -26.14 32.19
C LEU A 878 27.54 -26.36 33.17
N ALA A 879 28.76 -25.95 32.81
CA ALA A 879 29.88 -26.13 33.69
C ALA A 879 29.68 -25.31 34.94
N GLY A 880 29.15 -24.12 34.78
CA GLY A 880 28.87 -23.26 35.92
C GLY A 880 27.85 -23.93 36.82
N THR A 881 26.75 -24.38 36.23
CA THR A 881 25.67 -24.99 36.99
C THR A 881 26.16 -26.19 37.78
N ILE A 882 26.96 -27.03 37.13
CA ILE A 882 27.43 -28.26 37.74
C ILE A 882 28.50 -28.05 38.81
N THR A 883 29.48 -27.18 38.57
CA THR A 883 30.54 -27.04 39.55
C THR A 883 30.37 -25.88 40.53
N SER A 884 29.54 -24.88 40.20
CA SER A 884 29.37 -23.73 41.09
C SER A 884 27.95 -23.62 41.64
N GLY A 885 26.97 -24.01 40.84
CA GLY A 885 25.58 -23.83 41.24
C GLY A 885 25.10 -22.49 40.75
N TRP A 886 24.22 -21.84 41.50
CA TRP A 886 23.64 -20.60 41.00
C TRP A 886 24.51 -19.37 41.29
N THR A 887 25.59 -19.55 42.00
CA THR A 887 26.39 -18.43 42.44
C THR A 887 27.04 -17.68 41.29
N PHE A 888 27.38 -18.38 40.21
CA PHE A 888 28.06 -17.73 39.10
C PHE A 888 27.14 -16.80 38.34
N GLY A 889 25.84 -16.94 38.55
CA GLY A 889 24.89 -16.10 37.86
C GLY A 889 24.56 -14.85 38.68
N ALA A 890 25.17 -14.72 39.85
CA ALA A 890 24.91 -13.62 40.75
C ALA A 890 26.17 -13.23 41.50
N GLY A 891 27.25 -12.97 40.77
CA GLY A 891 28.52 -12.68 41.40
C GLY A 891 29.57 -13.61 40.80
N PRO A 892 30.68 -13.87 41.50
CA PRO A 892 31.78 -14.70 41.07
C PRO A 892 31.36 -16.16 41.16
N ALA A 893 31.98 -17.02 40.36
CA ALA A 893 31.71 -18.43 40.52
C ALA A 893 32.37 -18.94 41.78
N LEU A 894 31.65 -19.75 42.53
CA LEU A 894 32.15 -20.33 43.76
C LEU A 894 31.95 -21.83 43.71
N GLN A 895 33.02 -22.60 43.77
CA GLN A 895 32.85 -24.04 43.67
C GLN A 895 32.10 -24.60 44.86
N ILE A 896 31.32 -25.63 44.60
CA ILE A 896 30.62 -26.38 45.61
C ILE A 896 30.54 -27.83 45.15
N PRO A 897 30.70 -28.85 46.00
CA PRO A 897 30.54 -30.23 45.63
C PRO A 897 29.19 -30.42 45.01
N PHE A 898 29.11 -31.14 43.91
CA PHE A 898 27.82 -31.27 43.27
C PHE A 898 26.70 -31.81 44.17
N PRO A 899 26.86 -32.93 44.90
CA PRO A 899 25.82 -33.47 45.75
C PRO A 899 25.44 -32.51 46.87
N MET A 900 26.33 -31.57 47.19
CA MET A 900 26.04 -30.61 48.23
C MET A 900 25.18 -29.53 47.64
N GLN A 901 25.41 -29.25 46.36
CA GLN A 901 24.58 -28.29 45.66
C GLN A 901 23.18 -28.84 45.61
N MET A 902 23.06 -30.13 45.33
CA MET A 902 21.76 -30.76 45.26
C MET A 902 21.07 -30.72 46.59
N ALA A 903 21.81 -30.93 47.66
CA ALA A 903 21.22 -30.87 48.98
C ALA A 903 20.60 -29.50 49.22
N TYR A 904 21.25 -28.44 48.73
CA TYR A 904 20.68 -27.10 48.88
C TYR A 904 19.42 -26.98 48.05
N ARG A 905 19.42 -27.57 46.86
CA ARG A 905 18.28 -27.53 45.97
C ARG A 905 17.10 -28.29 46.56
N PHE A 906 17.36 -29.37 47.29
CA PHE A 906 16.29 -30.08 47.97
C PHE A 906 15.73 -29.23 49.10
N ASN A 907 16.63 -28.59 49.85
CA ASN A 907 16.21 -27.75 50.95
C ASN A 907 15.34 -26.62 50.43
N GLY A 908 15.67 -26.15 49.22
CA GLY A 908 14.97 -25.07 48.55
C GLY A 908 13.54 -25.40 48.13
N ILE A 909 13.15 -26.67 48.17
CA ILE A 909 11.79 -27.04 47.81
C ILE A 909 11.05 -27.58 49.02
N GLY A 910 11.61 -27.38 50.20
CA GLY A 910 10.95 -27.82 51.42
C GLY A 910 11.29 -29.25 51.82
N VAL A 911 12.32 -29.84 51.23
CA VAL A 911 12.71 -31.19 51.58
C VAL A 911 14.03 -31.12 52.31
N THR A 912 14.03 -31.57 53.55
CA THR A 912 15.20 -31.44 54.40
C THR A 912 16.39 -32.07 53.71
N GLN A 913 17.54 -31.39 53.78
CA GLN A 913 18.77 -31.81 53.09
C GLN A 913 19.26 -33.20 53.44
N ASN A 914 18.83 -33.73 54.58
CA ASN A 914 19.26 -35.04 55.01
C ASN A 914 18.65 -36.10 54.11
N VAL A 915 17.57 -35.75 53.43
CA VAL A 915 16.87 -36.69 52.57
C VAL A 915 17.76 -37.04 51.42
N LEU A 916 18.43 -36.04 50.86
CA LEU A 916 19.28 -36.31 49.73
C LEU A 916 20.46 -37.16 50.11
N TYR A 917 21.08 -36.85 51.24
CA TYR A 917 22.26 -37.62 51.57
C TYR A 917 21.90 -39.05 51.88
N GLU A 918 20.80 -39.27 52.58
CA GLU A 918 20.39 -40.63 52.91
C GLU A 918 20.08 -41.41 51.64
N ASN A 919 19.52 -40.72 50.66
CA ASN A 919 19.15 -41.33 49.39
C ASN A 919 20.05 -40.90 48.24
N GLN A 920 21.28 -40.47 48.51
CA GLN A 920 22.11 -39.97 47.41
C GLN A 920 22.29 -40.99 46.29
N LYS A 921 22.47 -42.26 46.64
CA LYS A 921 22.69 -43.26 45.60
C LYS A 921 21.45 -43.39 44.73
N LEU A 922 20.28 -43.39 45.37
CA LEU A 922 19.03 -43.51 44.65
C LEU A 922 18.79 -42.31 43.75
N ILE A 923 19.04 -41.13 44.27
CA ILE A 923 18.79 -39.91 43.54
C ILE A 923 19.67 -39.84 42.32
N ALA A 924 20.95 -40.16 42.49
CA ALA A 924 21.85 -40.14 41.35
C ALA A 924 21.41 -41.14 40.30
N ASN A 925 20.93 -42.31 40.72
CA ASN A 925 20.48 -43.30 39.75
C ASN A 925 19.20 -42.87 39.05
N GLN A 926 18.26 -42.27 39.78
CA GLN A 926 17.03 -41.81 39.16
C GLN A 926 17.34 -40.71 38.17
N PHE A 927 18.28 -39.83 38.53
CA PHE A 927 18.69 -38.76 37.65
C PHE A 927 19.30 -39.31 36.38
N ASN A 928 20.24 -40.23 36.53
CA ASN A 928 20.96 -40.77 35.38
C ASN A 928 20.01 -41.46 34.41
N SER A 929 19.03 -42.18 34.94
CA SER A 929 18.06 -42.84 34.08
C SER A 929 17.16 -41.83 33.42
N ALA A 930 16.76 -40.80 34.16
CA ALA A 930 15.88 -39.78 33.64
C ALA A 930 16.51 -39.07 32.46
N ILE A 931 17.82 -38.88 32.48
CA ILE A 931 18.51 -38.22 31.37
C ILE A 931 18.62 -39.15 30.17
N GLY A 932 18.96 -40.42 30.40
CA GLY A 932 19.06 -41.34 29.29
C GLY A 932 17.76 -41.41 28.50
N LYS A 933 16.64 -41.31 29.22
CA LYS A 933 15.33 -41.35 28.60
C LYS A 933 15.05 -40.13 27.72
N ILE A 934 15.78 -39.04 27.93
CA ILE A 934 15.57 -37.84 27.15
C ILE A 934 16.10 -38.06 25.77
N GLN A 935 17.31 -38.61 25.69
CA GLN A 935 17.88 -38.81 24.38
C GLN A 935 17.01 -39.79 23.60
N ASP A 936 16.45 -40.79 24.28
CA ASP A 936 15.62 -41.77 23.58
C ASP A 936 14.28 -41.20 23.12
N SER A 937 13.62 -40.40 23.95
CA SER A 937 12.32 -39.87 23.56
C SER A 937 12.44 -38.81 22.47
N LEU A 938 13.55 -38.07 22.46
CA LEU A 938 13.75 -37.09 21.41
C LEU A 938 14.00 -37.78 20.08
N SER A 939 14.76 -38.87 20.11
CA SER A 939 15.05 -39.62 18.89
C SER A 939 13.81 -40.29 18.34
N SER A 940 13.05 -40.93 19.23
CA SER A 940 11.86 -41.70 18.87
C SER A 940 10.71 -40.89 18.31
N THR A 941 10.38 -39.75 18.94
CA THR A 941 9.21 -39.00 18.51
C THR A 941 9.58 -37.93 17.44
N SER A 943 7.93 -35.56 16.18
CA SER A 943 7.34 -34.26 16.45
C SER A 943 7.95 -33.63 17.69
N ALA A 944 8.96 -34.28 18.25
CA ALA A 944 9.58 -33.83 19.50
C ALA A 944 10.10 -32.41 19.40
N LEU A 945 10.60 -32.01 18.23
CA LEU A 945 11.15 -30.68 18.05
C LEU A 945 10.26 -29.84 17.16
N GLY A 946 8.96 -30.16 17.12
CA GLY A 946 8.01 -29.47 16.26
C GLY A 946 8.00 -27.96 16.47
N LYS A 947 8.24 -27.50 17.69
CA LYS A 947 8.23 -26.06 17.92
C LYS A 947 9.29 -25.33 17.12
N LEU A 948 10.43 -25.97 16.84
CA LEU A 948 11.46 -25.30 16.08
C LEU A 948 11.26 -25.56 14.60
N GLN A 949 10.76 -26.74 14.28
CA GLN A 949 10.56 -27.11 12.88
C GLN A 949 9.48 -26.24 12.26
N ASP A 950 8.47 -25.88 13.04
CA ASP A 950 7.38 -25.03 12.55
C ASP A 950 7.89 -23.66 12.18
N VAL A 951 8.87 -23.15 12.91
CA VAL A 951 9.42 -21.84 12.63
C VAL A 951 10.18 -21.89 11.33
N VAL A 952 10.95 -22.94 11.15
CA VAL A 952 11.70 -23.11 9.93
C VAL A 952 10.76 -23.24 8.74
N ASN A 953 9.70 -24.01 8.91
CA ASN A 953 8.76 -24.26 7.84
C ASN A 953 7.98 -23.01 7.46
N GLN A 954 7.56 -22.22 8.43
CA GLN A 954 6.80 -21.02 8.12
C GLN A 954 7.64 -19.97 7.41
N ASN A 955 8.91 -19.86 7.78
CA ASN A 955 9.75 -18.88 7.13
C ASN A 955 10.12 -19.33 5.73
N ALA A 956 10.37 -20.62 5.55
CA ALA A 956 10.68 -21.14 4.24
C ALA A 956 9.48 -21.02 3.32
N GLN A 957 8.30 -21.26 3.88
CA GLN A 957 7.07 -21.23 3.13
C GLN A 957 6.70 -19.83 2.71
N ALA A 958 6.80 -18.88 3.64
CA ALA A 958 6.45 -17.51 3.31
C ALA A 958 7.38 -16.96 2.24
N LEU A 959 8.65 -17.36 2.31
CA LEU A 959 9.59 -16.87 1.34
C LEU A 959 9.35 -17.49 -0.01
N ASN A 960 9.03 -18.80 -0.05
CA ASN A 960 8.75 -19.45 -1.30
C ASN A 960 7.49 -18.86 -1.92
N THR A 961 6.52 -18.52 -1.08
CA THR A 961 5.28 -17.92 -1.56
C THR A 961 5.56 -16.57 -2.18
N LEU A 962 6.41 -15.78 -1.54
CA LEU A 962 6.75 -14.47 -2.06
C LEU A 962 7.33 -14.55 -3.46
N VAL A 963 8.31 -15.40 -3.66
CA VAL A 963 8.94 -15.47 -4.98
C VAL A 963 8.03 -16.04 -6.05
N LYS A 964 7.11 -16.89 -5.68
CA LYS A 964 6.15 -17.42 -6.64
C LYS A 964 5.19 -16.34 -7.14
N GLN A 965 5.09 -15.23 -6.43
CA GLN A 965 4.19 -14.15 -6.83
C GLN A 965 4.75 -13.43 -8.04
N LEU A 966 6.02 -13.65 -8.34
CA LEU A 966 6.64 -12.99 -9.46
C LEU A 966 6.14 -13.59 -10.76
N SER A 967 5.49 -14.75 -10.68
CA SER A 967 4.95 -15.41 -11.84
C SER A 967 3.53 -14.97 -12.13
N SER A 968 2.96 -14.15 -11.24
CA SER A 968 1.60 -13.67 -11.42
C SER A 968 1.62 -12.40 -12.23
N ASN A 969 0.55 -12.14 -12.96
CA ASN A 969 0.51 -10.94 -13.77
C ASN A 969 -0.38 -9.84 -13.18
N PHE A 970 -1.20 -10.19 -12.20
CA PHE A 970 -2.03 -9.20 -11.53
C PHE A 970 -2.94 -8.43 -12.48
N GLY A 971 -3.26 -9.05 -13.62
CA GLY A 971 -4.13 -8.46 -14.62
C GLY A 971 -3.37 -7.94 -15.83
N ALA A 972 -2.05 -7.91 -15.72
CA ALA A 972 -1.20 -7.46 -16.81
C ALA A 972 -1.18 -8.51 -17.92
N ILE A 973 -0.81 -8.08 -19.12
CA ILE A 973 -0.72 -8.99 -20.26
C ILE A 973 0.34 -10.06 -20.08
N SER A 974 1.29 -9.80 -19.20
CA SER A 974 2.37 -10.73 -18.93
C SER A 974 2.95 -10.52 -17.55
N SER A 975 3.49 -11.60 -16.98
CA SER A 975 4.17 -11.52 -15.69
C SER A 975 5.62 -11.10 -15.87
N VAL A 976 6.05 -11.05 -17.12
CA VAL A 976 7.44 -10.76 -17.45
C VAL A 976 7.61 -9.33 -17.96
N LEU A 977 8.49 -8.58 -17.29
CA LEU A 977 8.72 -7.18 -17.61
C LEU A 977 9.29 -7.02 -19.00
N ASN A 978 10.15 -7.95 -19.39
CA ASN A 978 10.78 -7.89 -20.69
C ASN A 978 9.80 -8.13 -21.83
N ASP A 979 8.78 -8.94 -21.59
CA ASP A 979 7.80 -9.22 -22.63
C ASP A 979 6.91 -8.01 -22.81
N ILE A 980 6.60 -7.34 -21.72
CA ILE A 980 5.79 -6.13 -21.82
C ILE A 980 6.54 -5.04 -22.56
N LEU A 981 7.81 -4.85 -22.21
CA LEU A 981 8.61 -3.82 -22.84
C LEU A 981 8.87 -4.13 -24.31
N SER A 982 9.02 -5.40 -24.65
CA SER A 982 9.23 -5.82 -26.03
C SER A 982 7.96 -5.67 -26.88
N ARG A 983 6.83 -6.10 -26.33
CA ARG A 983 5.56 -6.10 -27.06
C ARG A 983 4.89 -4.74 -27.18
N LEU A 984 4.99 -3.90 -26.15
CA LEU A 984 4.28 -2.64 -26.18
C LEU A 984 5.18 -1.41 -26.26
N ASP A 985 4.73 -0.43 -27.02
CA ASP A 985 5.39 0.86 -27.04
C ASP A 985 5.27 1.48 -25.66
N PRO A 986 6.25 2.30 -25.20
CA PRO A 986 6.28 2.98 -23.92
C PRO A 986 4.93 3.52 -23.38
N PRO A 987 4.11 4.28 -24.13
CA PRO A 987 2.85 4.81 -23.62
C PRO A 987 1.86 3.74 -23.17
N GLU A 988 2.04 2.51 -23.64
CA GLU A 988 1.17 1.40 -23.25
C GLU A 988 1.90 0.47 -22.30
N ALA A 989 3.21 0.33 -22.51
CA ALA A 989 4.03 -0.55 -21.69
C ALA A 989 4.04 -0.04 -20.27
N GLU A 990 4.09 1.28 -20.10
CA GLU A 990 4.15 1.86 -18.77
C GLU A 990 2.96 1.46 -17.93
N VAL A 991 1.79 1.34 -18.55
CA VAL A 991 0.60 0.95 -17.82
C VAL A 991 0.71 -0.48 -17.35
N GLN A 992 1.17 -1.37 -18.22
CA GLN A 992 1.29 -2.77 -17.87
C GLN A 992 2.39 -2.99 -16.82
N ILE A 993 3.47 -2.22 -16.92
CA ILE A 993 4.56 -2.32 -15.97
C ILE A 993 4.09 -1.79 -14.62
N ASP A 994 3.35 -0.69 -14.64
CA ASP A 994 2.81 -0.09 -13.43
C ASP A 994 1.92 -1.07 -12.69
N ARG A 995 1.13 -1.82 -13.44
CA ARG A 995 0.28 -2.83 -12.83
C ARG A 995 1.09 -3.92 -12.14
N LEU A 996 2.17 -4.39 -12.78
CA LEU A 996 3.02 -5.38 -12.12
C LEU A 996 3.71 -4.80 -10.91
N ILE A 997 4.10 -3.53 -10.96
CA ILE A 997 4.74 -2.92 -9.80
C ILE A 997 3.78 -2.89 -8.63
N THR A 998 2.54 -2.50 -8.86
CA THR A 998 1.59 -2.46 -7.77
C THR A 998 1.40 -3.85 -7.17
N GLY A 999 1.25 -4.86 -8.02
CA GLY A 999 1.05 -6.23 -7.55
C GLY A 999 2.24 -6.78 -6.78
N ARG A 1000 3.44 -6.54 -7.28
CA ARG A 1000 4.65 -7.03 -6.64
C ARG A 1000 4.99 -6.26 -5.39
N LEU A 1001 4.72 -4.96 -5.40
CA LEU A 1001 5.00 -4.15 -4.23
C LEU A 1001 4.04 -4.59 -3.13
N GLN A 1002 2.79 -4.84 -3.50
CA GLN A 1002 1.78 -5.29 -2.55
C GLN A 1002 2.11 -6.67 -1.97
N SER A 1003 2.60 -7.59 -2.81
CA SER A 1003 2.92 -8.91 -2.28
C SER A 1003 4.15 -8.85 -1.39
N LEU A 1004 5.04 -7.90 -1.66
CA LEU A 1004 6.21 -7.73 -0.82
C LEU A 1004 5.80 -7.12 0.50
N GLN A 1005 4.86 -6.18 0.48
CA GLN A 1005 4.36 -5.58 1.71
C GLN A 1005 3.70 -6.64 2.57
N THR A 1006 2.98 -7.56 1.95
CA THR A 1006 2.32 -8.64 2.67
C THR A 1006 3.36 -9.50 3.35
N TYR A 1007 4.41 -9.87 2.62
CA TYR A 1007 5.49 -10.66 3.17
C TYR A 1007 6.12 -9.97 4.36
N VAL A 1008 6.48 -8.70 4.19
CA VAL A 1008 7.17 -7.99 5.24
C VAL A 1008 6.29 -7.83 6.47
N THR A 1009 5.01 -7.52 6.27
CA THR A 1009 4.13 -7.35 7.40
C THR A 1009 3.96 -8.64 8.18
N GLN A 1010 3.75 -9.75 7.48
CA GLN A 1010 3.57 -11.02 8.15
C GLN A 1010 4.87 -11.45 8.82
N GLN A 1011 5.99 -11.15 8.18
CA GLN A 1011 7.30 -11.50 8.71
C GLN A 1011 7.59 -10.70 9.97
N LEU A 1012 7.12 -9.46 9.99
CA LEU A 1012 7.29 -8.55 11.11
C LEU A 1012 6.43 -8.98 12.29
N ILE A 1013 5.20 -9.40 12.02
CA ILE A 1013 4.33 -9.88 13.08
C ILE A 1013 4.90 -11.15 13.68
N ARG A 1014 5.36 -12.06 12.82
CA ARG A 1014 5.97 -13.29 13.31
C ARG A 1014 7.26 -13.00 14.06
N ALA A 1015 8.00 -11.98 13.64
CA ALA A 1015 9.22 -11.61 14.33
C ALA A 1015 8.90 -11.27 15.78
N ALA A 1016 7.78 -10.61 16.01
CA ALA A 1016 7.37 -10.25 17.36
C ALA A 1016 7.08 -11.50 18.18
N GLU A 1017 6.53 -12.53 17.54
CA GLU A 1017 6.24 -13.78 18.22
C GLU A 1017 7.53 -14.49 18.63
N ILE A 1018 8.50 -14.52 17.73
CA ILE A 1018 9.78 -15.13 18.01
C ILE A 1018 10.49 -14.37 19.11
N ARG A 1019 10.41 -13.04 19.05
CA ARG A 1019 11.01 -12.22 20.07
C ARG A 1019 10.42 -12.51 21.43
N ALA A 1020 9.10 -12.66 21.50
CA ALA A 1020 8.45 -12.98 22.76
C ALA A 1020 8.93 -14.33 23.28
N SER A 1021 9.10 -15.29 22.38
CA SER A 1021 9.60 -16.60 22.77
C SER A 1021 11.03 -16.51 23.27
N ALA A 1022 11.85 -15.72 22.58
CA ALA A 1022 13.24 -15.52 22.98
C ALA A 1022 13.30 -14.86 24.34
N ASN A 1023 12.40 -13.93 24.61
CA ASN A 1023 12.38 -13.26 25.90
C ASN A 1023 12.01 -14.23 26.98
N LEU A 1024 11.08 -15.13 26.68
CA LEU A 1024 10.70 -16.15 27.63
C LEU A 1024 11.85 -17.10 27.87
N ALA A 1025 12.54 -17.47 26.81
CA ALA A 1025 13.67 -18.37 26.92
C ALA A 1025 14.76 -17.74 27.75
N ALA A 1026 14.97 -16.44 27.59
CA ALA A 1026 15.98 -15.73 28.37
C ALA A 1026 15.60 -15.71 29.83
N THR A 1027 14.32 -15.53 30.13
CA THR A 1027 13.85 -15.55 31.51
C THR A 1027 14.02 -16.93 32.11
N LYS A 1028 13.65 -17.96 31.35
CA LYS A 1028 13.77 -19.32 31.85
C LYS A 1028 15.20 -19.65 32.15
N MET A 1029 16.11 -19.23 31.30
CA MET A 1029 17.50 -19.54 31.57
C MET A 1029 17.98 -18.82 32.80
N SER A 1030 17.71 -17.53 32.88
CA SER A 1030 18.24 -16.80 34.01
C SER A 1030 17.60 -17.19 35.34
N GLU A 1031 16.36 -17.67 35.31
CA GLU A 1031 15.72 -18.05 36.56
C GLU A 1031 15.81 -19.52 36.95
N CYS A 1032 15.91 -20.44 35.97
CA CYS A 1032 15.89 -21.89 36.21
C CYS A 1032 17.25 -22.54 36.00
N VAL A 1033 18.14 -21.89 35.23
CA VAL A 1033 19.47 -22.43 35.01
C VAL A 1033 20.44 -21.74 35.94
N LEU A 1034 20.30 -20.43 36.04
CA LEU A 1034 21.17 -19.61 36.88
C LEU A 1034 20.57 -19.40 38.26
N GLY A 1035 19.55 -20.16 38.59
CA GLY A 1035 18.89 -20.06 39.87
C GLY A 1035 17.89 -21.18 40.04
N GLN A 1036 17.17 -21.16 41.15
CA GLN A 1036 16.16 -22.18 41.39
C GLN A 1036 14.79 -21.53 41.47
N SER A 1037 13.97 -21.78 40.46
CA SER A 1037 12.65 -21.17 40.37
C SER A 1037 11.70 -21.66 41.43
N LYS A 1038 10.89 -20.74 41.96
CA LYS A 1038 9.86 -21.08 42.93
C LYS A 1038 8.49 -21.00 42.25
N ARG A 1039 8.50 -20.63 40.98
CA ARG A 1039 7.28 -20.46 40.22
C ARG A 1039 6.77 -21.82 39.73
N VAL A 1040 5.52 -22.11 40.04
CA VAL A 1040 4.93 -23.39 39.69
C VAL A 1040 4.73 -23.53 38.19
N ASP A 1041 5.19 -24.66 37.68
CA ASP A 1041 5.12 -25.01 36.27
C ASP A 1041 5.84 -24.03 35.37
N PHE A 1042 6.68 -23.17 35.95
CA PHE A 1042 7.46 -22.30 35.10
C PHE A 1042 8.52 -23.10 34.35
N CYS A 1043 9.14 -24.09 35.03
CA CYS A 1043 10.19 -24.94 34.49
C CYS A 1043 9.92 -26.41 34.81
N GLY A 1044 8.83 -26.92 34.26
CA GLY A 1044 8.48 -28.33 34.40
C GLY A 1044 7.51 -28.59 35.54
N LYS A 1045 6.83 -29.73 35.45
CA LYS A 1045 5.91 -30.19 36.47
C LYS A 1045 6.70 -30.75 37.64
N GLY A 1046 6.30 -30.41 38.85
CA GLY A 1046 7.01 -30.89 40.03
C GLY A 1046 7.75 -29.75 40.69
N TYR A 1047 8.52 -30.06 41.70
CA TYR A 1047 9.22 -29.01 42.41
C TYR A 1047 10.58 -28.81 41.78
N HIS A 1048 10.81 -27.64 41.23
CA HIS A 1048 12.02 -27.41 40.48
C HIS A 1048 13.28 -27.59 41.31
N LEU A 1049 14.23 -28.35 40.78
CA LEU A 1049 15.53 -28.48 41.43
C LEU A 1049 16.56 -27.72 40.63
N MET A 1050 16.65 -27.99 39.34
CA MET A 1050 17.64 -27.39 38.46
C MET A 1050 17.30 -27.61 37.01
N SER A 1051 18.01 -26.95 36.12
CA SER A 1051 17.83 -27.22 34.70
C SER A 1051 19.11 -27.09 33.92
N PHE A 1052 19.14 -27.73 32.77
CA PHE A 1052 20.31 -27.69 31.92
C PHE A 1052 19.93 -27.31 30.49
N PRO A 1053 20.45 -26.21 29.95
CA PRO A 1053 20.19 -25.77 28.61
C PRO A 1053 20.94 -26.67 27.66
N GLN A 1054 20.40 -26.83 26.46
CA GLN A 1054 21.04 -27.51 25.36
C GLN A 1054 20.80 -26.67 24.11
N SER A 1055 21.81 -26.53 23.27
CA SER A 1055 21.67 -25.77 22.05
C SER A 1055 20.87 -26.52 21.00
N ALA A 1056 20.03 -25.81 20.25
CA ALA A 1056 19.32 -26.40 19.13
C ALA A 1056 19.29 -25.38 18.01
N PRO A 1057 19.19 -25.79 16.75
CA PRO A 1057 19.06 -24.89 15.64
C PRO A 1057 17.90 -23.93 15.86
N HIS A 1058 18.21 -22.65 15.79
CA HIS A 1058 17.24 -21.57 15.96
C HIS A 1058 16.50 -21.58 17.30
N GLY A 1059 17.08 -22.19 18.32
CA GLY A 1059 16.39 -22.20 19.60
C GLY A 1059 17.16 -22.85 20.71
N VAL A 1060 16.51 -22.98 21.85
CA VAL A 1060 17.12 -23.53 23.04
C VAL A 1060 16.24 -24.62 23.61
N VAL A 1061 16.86 -25.66 24.10
CA VAL A 1061 16.13 -26.74 24.73
C VAL A 1061 16.53 -26.86 26.18
N PHE A 1062 15.55 -26.86 27.06
CA PHE A 1062 15.86 -26.96 28.47
C PHE A 1062 15.49 -28.30 29.04
N LEU A 1063 16.40 -28.89 29.78
CA LEU A 1063 16.11 -30.12 30.49
C LEU A 1063 15.82 -29.74 31.92
N HIS A 1064 14.56 -29.88 32.31
CA HIS A 1064 14.16 -29.44 33.62
C HIS A 1064 14.11 -30.59 34.57
N VAL A 1065 14.89 -30.49 35.64
CA VAL A 1065 14.97 -31.55 36.62
C VAL A 1065 14.10 -31.20 37.80
N THR A 1066 13.08 -32.01 38.05
CA THR A 1066 12.14 -31.71 39.11
C THR A 1066 11.99 -32.84 40.09
N TYR A 1067 11.65 -32.48 41.31
CA TYR A 1067 11.35 -33.44 42.36
C TYR A 1067 9.86 -33.73 42.35
N VAL A 1068 9.52 -34.98 42.15
CA VAL A 1068 8.12 -35.35 42.07
C VAL A 1068 7.79 -36.37 43.16
N PRO A 1069 6.87 -36.08 44.07
CA PRO A 1069 6.41 -36.96 45.11
C PRO A 1069 5.91 -38.25 44.49
N ALA A 1070 6.23 -39.39 45.09
CA ALA A 1070 5.78 -40.67 44.59
C ALA A 1070 4.69 -41.64 45.00
N GLN A 1071 4.72 -42.12 46.23
CA GLN A 1071 3.78 -43.18 46.61
C GLN A 1071 3.62 -42.51 47.96
N GLU A 1072 2.38 -42.25 48.36
CA GLU A 1072 2.09 -41.63 49.61
C GLU A 1072 1.29 -42.51 50.54
N LYS A 1073 1.01 -42.01 51.73
CA LYS A 1073 0.20 -42.72 52.71
C LYS A 1073 -0.79 -41.82 53.42
N ASN A 1074 -1.91 -42.43 53.87
CA ASN A 1074 -2.97 -41.76 54.65
C ASN A 1074 -2.60 -41.76 56.15
N PHE A 1075 -2.49 -40.54 56.73
CA PHE A 1075 -2.21 -40.36 58.15
C PHE A 1075 -3.29 -39.48 58.73
N THR A 1076 -3.60 -39.61 60.01
CA THR A 1076 -4.53 -38.65 60.54
C THR A 1076 -3.73 -37.44 60.94
N THR A 1077 -4.38 -36.31 61.09
CA THR A 1077 -3.64 -35.10 61.45
C THR A 1077 -4.33 -34.23 62.46
N ALA A 1078 -3.57 -33.33 63.05
CA ALA A 1078 -4.12 -32.35 63.96
C ALA A 1078 -3.37 -31.04 63.78
N PRO A 1079 -4.05 -29.90 63.87
CA PRO A 1079 -3.50 -28.57 63.76
C PRO A 1079 -2.63 -28.18 64.94
N ALA A 1080 -2.84 -28.83 66.06
CA ALA A 1080 -2.10 -28.54 67.26
C ALA A 1080 -2.19 -29.70 68.23
N ILE A 1081 -1.24 -29.74 69.13
CA ILE A 1081 -1.26 -30.71 70.22
C ILE A 1081 -1.30 -30.04 71.58
N CYS A 1082 -2.19 -30.51 72.45
CA CYS A 1082 -2.35 -30.08 73.82
C CYS A 1082 -1.45 -30.90 74.73
N HIS A 1083 -0.59 -30.25 75.46
CA HIS A 1083 0.31 -30.95 76.37
C HIS A 1083 -0.17 -30.77 77.81
N ASP A 1084 0.08 -29.60 78.37
CA ASP A 1084 -0.37 -29.29 79.71
C ASP A 1084 -1.03 -27.92 79.79
N GLY A 1085 -2.20 -27.81 79.17
CA GLY A 1085 -2.95 -26.57 79.15
C GLY A 1085 -2.44 -25.58 78.11
N LYS A 1086 -1.50 -26.04 77.31
CA LYS A 1086 -0.88 -25.20 76.29
C LYS A 1086 -0.93 -25.86 74.92
N ALA A 1087 -1.16 -25.04 73.90
CA ALA A 1087 -1.23 -25.53 72.52
C ALA A 1087 0.10 -25.45 71.80
N HIS A 1088 0.58 -26.61 71.37
CA HIS A 1088 1.84 -26.74 70.66
C HIS A 1088 1.62 -26.89 69.16
N PHE A 1089 2.32 -26.07 68.39
CA PHE A 1089 2.24 -26.09 66.94
C PHE A 1089 3.61 -26.51 66.43
N PRO A 1090 3.74 -27.16 65.29
CA PRO A 1090 5.00 -27.56 64.74
C PRO A 1090 5.74 -26.33 64.27
N ARG A 1091 7.06 -26.31 64.41
CA ARG A 1091 7.82 -25.19 63.88
C ARG A 1091 7.90 -25.34 62.37
N GLU A 1092 8.05 -26.57 61.95
CA GLU A 1092 8.10 -26.98 60.56
C GLU A 1092 7.36 -28.29 60.46
N GLY A 1093 6.70 -28.53 59.35
CA GLY A 1093 6.04 -29.81 59.18
C GLY A 1093 4.62 -29.83 59.73
N VAL A 1094 4.12 -31.04 59.89
CA VAL A 1094 2.76 -31.33 60.29
C VAL A 1094 2.70 -32.43 61.33
N PHE A 1095 1.74 -32.34 62.26
CA PHE A 1095 1.54 -33.41 63.22
C PHE A 1095 0.67 -34.49 62.62
N VAL A 1096 1.18 -35.71 62.59
CA VAL A 1096 0.41 -36.82 62.05
C VAL A 1096 0.43 -38.05 62.93
N SER A 1097 -0.54 -38.91 62.74
CA SER A 1097 -0.59 -40.15 63.48
C SER A 1097 -0.74 -41.36 62.60
N ASN A 1098 -0.06 -42.45 62.99
CA ASN A 1098 -0.11 -43.75 62.31
C ASN A 1098 -1.21 -44.68 62.88
N GLY A 1099 -2.06 -44.13 63.77
CA GLY A 1099 -3.16 -44.83 64.41
C GLY A 1099 -2.93 -45.03 65.90
N THR A 1100 -1.67 -45.02 66.35
CA THR A 1100 -1.43 -45.16 67.77
C THR A 1100 -0.52 -44.07 68.34
N HIS A 1101 0.39 -43.56 67.51
CA HIS A 1101 1.34 -42.54 67.98
C HIS A 1101 1.39 -41.33 67.08
N TRP A 1102 1.58 -40.17 67.71
CA TRP A 1102 1.74 -38.91 67.00
C TRP A 1102 3.18 -38.54 66.80
N PHE A 1103 3.48 -38.08 65.59
CA PHE A 1103 4.81 -37.67 65.16
C PHE A 1103 4.73 -36.35 64.44
N VAL A 1104 5.84 -35.65 64.37
CA VAL A 1104 5.88 -34.44 63.56
C VAL A 1104 6.81 -34.67 62.41
N THR A 1105 6.35 -34.35 61.21
CA THR A 1105 7.19 -34.60 60.05
C THR A 1105 7.08 -33.52 59.01
N GLN A 1106 8.06 -33.47 58.12
CA GLN A 1106 8.05 -32.53 57.02
C GLN A 1106 6.95 -32.86 56.03
N ARG A 1107 6.49 -31.87 55.30
CA ARG A 1107 5.32 -32.01 54.45
C ARG A 1107 5.51 -32.78 53.14
N ASN A 1108 6.69 -32.69 52.55
CA ASN A 1108 6.91 -33.28 51.23
C ASN A 1108 7.65 -34.60 51.25
N PHE A 1109 7.82 -35.16 52.43
CA PHE A 1109 8.51 -36.43 52.57
C PHE A 1109 8.24 -37.01 53.95
N TYR A 1110 7.72 -38.22 54.01
CA TYR A 1110 7.36 -38.79 55.28
C TYR A 1110 8.56 -39.30 56.04
N GLU A 1111 8.84 -38.63 57.15
CA GLU A 1111 9.97 -38.95 57.99
C GLU A 1111 9.66 -38.52 59.42
N PRO A 1112 8.97 -39.35 60.19
CA PRO A 1112 8.46 -39.08 61.52
C PRO A 1112 9.53 -38.73 62.52
N GLN A 1113 9.28 -37.69 63.31
CA GLN A 1113 10.15 -37.31 64.39
C GLN A 1113 9.36 -37.36 65.67
N ILE A 1114 10.04 -37.56 66.78
CA ILE A 1114 9.37 -37.50 68.05
C ILE A 1114 8.97 -36.06 68.30
N ILE A 1115 7.77 -35.86 68.79
CA ILE A 1115 7.34 -34.51 69.06
C ILE A 1115 7.97 -34.06 70.35
N THR A 1116 8.78 -33.03 70.26
CA THR A 1116 9.54 -32.52 71.38
C THR A 1116 9.34 -31.03 71.45
N THR A 1117 9.84 -30.43 72.51
CA THR A 1117 9.76 -28.99 72.68
C THR A 1117 10.67 -28.25 71.69
N ASP A 1118 11.58 -28.98 71.05
CA ASP A 1118 12.48 -28.38 70.08
C ASP A 1118 11.91 -28.44 68.66
N ASN A 1119 10.77 -29.10 68.49
CA ASN A 1119 10.15 -29.24 67.17
C ASN A 1119 8.89 -28.42 67.07
N THR A 1120 8.50 -27.83 68.19
CA THR A 1120 7.23 -27.13 68.31
C THR A 1120 7.38 -25.78 68.98
N PHE A 1121 6.31 -25.01 68.97
CA PHE A 1121 6.27 -23.76 69.70
C PHE A 1121 4.90 -23.61 70.34
N VAL A 1122 4.82 -22.82 71.39
CA VAL A 1122 3.56 -22.68 72.09
C VAL A 1122 2.88 -21.36 71.85
N SER A 1123 1.59 -21.43 71.56
CA SER A 1123 0.81 -20.22 71.38
C SER A 1123 -0.64 -20.42 71.79
N GLY A 1124 -1.04 -19.79 72.88
CA GLY A 1124 -2.41 -19.92 73.35
C GLY A 1124 -2.61 -21.19 74.18
N ASN A 1125 -3.80 -21.33 74.74
CA ASN A 1125 -4.12 -22.50 75.55
C ASN A 1125 -4.85 -23.55 74.71
N CYS A 1126 -5.24 -24.67 75.33
CA CYS A 1126 -5.84 -25.83 74.66
C CYS A 1126 -7.33 -25.66 74.34
N ASP A 1127 -7.93 -24.54 74.73
CA ASP A 1127 -9.38 -24.38 74.56
C ASP A 1127 -9.78 -23.56 73.34
N VAL A 1128 -8.83 -23.21 72.48
CA VAL A 1128 -9.15 -22.36 71.34
C VAL A 1128 -9.10 -23.08 69.98
N VAL A 1129 -8.06 -23.88 69.77
CA VAL A 1129 -7.85 -24.47 68.45
C VAL A 1129 -8.83 -25.59 68.15
N ILE A 1130 -9.48 -25.51 67.00
CA ILE A 1130 -10.43 -26.51 66.58
C ILE A 1130 -9.69 -27.72 66.06
N GLY A 1131 -9.95 -28.88 66.64
CA GLY A 1131 -9.28 -30.08 66.20
C GLY A 1131 -8.02 -30.40 66.98
N ILE A 1132 -7.74 -29.64 68.04
CA ILE A 1132 -6.56 -29.91 68.85
C ILE A 1132 -6.68 -31.27 69.51
N VAL A 1133 -5.57 -32.02 69.56
CA VAL A 1133 -5.60 -33.35 70.17
C VAL A 1133 -4.65 -33.41 71.37
N ASN A 1134 -4.88 -34.39 72.25
CA ASN A 1134 -4.09 -34.63 73.47
C ASN A 1134 -2.96 -35.61 73.21
N ASN A 1135 -1.70 -35.18 73.45
CA ASN A 1135 -0.51 -36.01 73.27
C ASN A 1135 0.57 -35.59 74.26
N THR A 1136 1.71 -36.27 74.22
CA THR A 1136 2.81 -35.93 75.10
C THR A 1136 3.95 -35.32 74.32
N VAL A 1137 4.35 -34.11 74.73
CA VAL A 1137 5.46 -33.43 74.10
C VAL A 1137 6.70 -33.66 74.96
N TYR A 1138 7.76 -34.18 74.35
CA TYR A 1138 8.95 -34.53 75.11
C TYR A 1138 9.91 -33.38 75.34
N ASP A 1139 10.26 -33.18 76.61
CA ASP A 1139 11.20 -32.15 77.01
C ASP A 1139 12.61 -32.77 77.17
N PRO A 1140 13.57 -32.43 76.29
CA PRO A 1140 14.88 -33.02 76.20
C PRO A 1140 15.76 -32.75 77.41
N LEU A 1141 15.34 -31.80 78.25
CA LEU A 1141 16.10 -31.49 79.46
C LEU A 1141 15.82 -32.47 80.57
N GLN A 1142 14.61 -33.03 80.61
CA GLN A 1142 14.23 -33.85 81.74
C GLN A 1142 15.28 -34.90 82.14
N PRO A 1143 15.76 -35.80 81.25
CA PRO A 1143 16.72 -36.85 81.57
C PRO A 1143 18.11 -36.32 81.88
N GLU A 1144 18.40 -35.08 81.49
CA GLU A 1144 19.72 -34.52 81.73
C GLU A 1144 19.74 -33.97 83.14
N LEU A 1145 18.63 -33.34 83.50
CA LEU A 1145 18.43 -32.76 84.82
C LEU A 1145 18.39 -33.86 85.90
N ASP A 1146 17.63 -34.95 85.64
CA ASP A 1146 17.50 -36.09 86.55
C ASP A 1146 18.79 -36.92 86.54
N ASN B 31 -23.18 20.10 -55.73
CA ASN B 31 -24.50 20.41 -55.23
C ASN B 31 -24.43 21.60 -54.24
N ASP B 32 -25.36 22.56 -54.39
CA ASP B 32 -25.40 23.81 -53.62
C ASP B 32 -25.80 23.61 -52.16
N ASP B 33 -26.62 22.60 -51.88
CA ASP B 33 -27.04 22.37 -50.52
C ASP B 33 -25.96 21.60 -49.79
N GLU B 34 -25.28 20.71 -50.50
CA GLU B 34 -24.19 19.98 -49.87
C GLU B 34 -23.07 20.96 -49.58
N LEU B 35 -22.87 21.90 -50.51
CA LEU B 35 -21.84 22.89 -50.36
C LEU B 35 -22.15 23.82 -49.19
N HIS B 36 -23.42 24.21 -49.05
CA HIS B 36 -23.82 25.05 -47.93
C HIS B 36 -23.55 24.35 -46.60
N MET B 37 -23.83 23.04 -46.54
CA MET B 37 -23.54 22.28 -45.34
C MET B 37 -22.04 22.23 -45.07
N LEU B 38 -21.24 22.09 -46.13
CA LEU B 38 -19.79 22.12 -45.95
C LEU B 38 -19.36 23.47 -45.41
N MET B 39 -19.97 24.53 -45.94
CA MET B 39 -19.64 25.87 -45.52
C MET B 39 -19.86 26.05 -44.04
N THR B 40 -21.01 25.61 -43.53
CA THR B 40 -21.29 25.81 -42.10
C THR B 40 -20.41 24.93 -41.24
N ASP B 41 -19.98 23.77 -41.75
CA ASP B 41 -19.06 22.94 -40.97
C ASP B 41 -17.73 23.66 -40.82
N LEU B 42 -17.29 24.29 -41.91
CA LEU B 42 -16.04 25.03 -41.89
C LEU B 42 -16.15 26.26 -41.01
N VAL B 43 -17.31 26.92 -41.00
CA VAL B 43 -17.50 28.08 -40.14
C VAL B 43 -17.39 27.68 -38.69
N TYR B 44 -18.05 26.59 -38.32
CA TYR B 44 -17.97 26.16 -36.94
C TYR B 44 -16.54 25.87 -36.53
N GLU B 45 -15.84 25.08 -37.32
CA GLU B 45 -14.50 24.69 -36.97
C GLU B 45 -13.54 25.87 -37.00
N ALA B 46 -13.73 26.76 -37.96
CA ALA B 46 -12.87 27.91 -38.07
C ALA B 46 -13.01 28.81 -36.87
N LEU B 47 -14.23 28.96 -36.35
CA LEU B 47 -14.42 29.75 -35.15
C LEU B 47 -13.90 29.00 -33.94
N HIS B 48 -14.06 27.69 -33.93
CA HIS B 48 -13.62 26.86 -32.82
C HIS B 48 -12.13 27.03 -32.56
N PHE B 49 -11.35 27.10 -33.64
CA PHE B 49 -9.91 27.23 -33.55
C PHE B 49 -9.44 28.67 -33.71
N ALA B 50 -10.38 29.61 -33.71
CA ALA B 50 -10.04 31.01 -33.90
C ALA B 50 -9.54 31.60 -32.60
N LYS B 51 -8.27 31.35 -32.30
CA LYS B 51 -7.73 31.81 -31.03
C LYS B 51 -7.81 33.32 -30.87
N ASP B 52 -7.60 34.06 -31.97
CA ASP B 52 -7.66 35.51 -31.85
C ASP B 52 -8.99 36.06 -32.37
N GLU B 53 -9.16 37.37 -32.26
CA GLU B 53 -10.41 38.02 -32.64
C GLU B 53 -10.48 38.34 -34.11
N GLU B 54 -9.33 38.59 -34.73
CA GLU B 54 -9.33 38.95 -36.13
C GLU B 54 -9.76 37.75 -36.95
N ILE B 55 -9.36 36.57 -36.50
CA ILE B 55 -9.75 35.36 -37.19
C ILE B 55 -11.24 35.20 -37.10
N LYS B 56 -11.81 35.39 -35.91
CA LYS B 56 -13.25 35.25 -35.80
C LYS B 56 -13.96 36.23 -36.72
N LYS B 57 -13.47 37.46 -36.77
CA LYS B 57 -14.11 38.47 -37.60
C LYS B 57 -14.10 38.08 -39.07
N ARG B 58 -12.98 37.55 -39.55
CA ARG B 58 -12.92 37.15 -40.94
C ARG B 58 -13.85 35.98 -41.22
N VAL B 59 -13.91 35.03 -40.29
CA VAL B 59 -14.77 33.87 -40.50
C VAL B 59 -16.23 34.28 -40.53
N PHE B 60 -16.63 35.19 -39.66
CA PHE B 60 -18.01 35.66 -39.65
C PHE B 60 -18.34 36.37 -40.96
N GLN B 61 -17.41 37.16 -41.48
CA GLN B 61 -17.64 37.85 -42.73
C GLN B 61 -17.81 36.85 -43.86
N LEU B 62 -17.00 35.81 -43.84
CA LEU B 62 -17.09 34.77 -44.86
C LEU B 62 -18.42 34.05 -44.77
N PHE B 63 -18.87 33.78 -43.56
CA PHE B 63 -20.18 33.17 -43.37
C PHE B 63 -21.28 34.02 -43.97
N GLU B 64 -21.27 35.32 -43.65
CA GLU B 64 -22.31 36.21 -44.13
C GLU B 64 -22.36 36.24 -45.64
N LEU B 65 -21.19 36.28 -46.29
CA LEU B 65 -21.16 36.31 -47.74
C LEU B 65 -21.74 35.03 -48.32
N ALA B 66 -21.38 33.90 -47.72
CA ALA B 66 -21.89 32.61 -48.15
C ALA B 66 -23.38 32.49 -47.94
N ASP B 67 -23.87 33.08 -46.85
CA ASP B 67 -25.28 33.00 -46.53
C ASP B 67 -26.07 33.75 -47.58
N LYS B 68 -25.59 34.92 -47.96
CA LYS B 68 -26.25 35.70 -48.99
C LYS B 68 -26.17 35.01 -50.34
N ALA B 69 -25.00 34.44 -50.67
CA ALA B 69 -24.83 33.76 -51.94
C ALA B 69 -25.76 32.57 -52.02
N TYR B 70 -25.92 31.85 -50.92
CA TYR B 70 -26.80 30.70 -50.90
C TYR B 70 -28.23 31.11 -51.18
N LYS B 71 -28.70 32.12 -50.46
CA LYS B 71 -30.08 32.59 -50.61
C LYS B 71 -30.37 33.06 -52.02
N ASN B 72 -29.37 33.67 -52.67
CA ASN B 72 -29.53 34.19 -54.02
C ASN B 72 -29.10 33.20 -55.10
N ASN B 73 -28.81 31.97 -54.71
CA ASN B 73 -28.41 30.91 -55.63
C ASN B 73 -27.17 31.27 -56.47
N ASP B 74 -26.20 31.94 -55.85
CA ASP B 74 -24.96 32.28 -56.52
C ASP B 74 -23.90 31.23 -56.21
N ARG B 75 -23.73 30.27 -57.11
CA ARG B 75 -22.87 29.13 -56.87
C ARG B 75 -21.41 29.51 -56.73
N GLN B 76 -20.99 30.50 -57.52
CA GLN B 76 -19.58 30.85 -57.55
C GLN B 76 -19.16 31.56 -56.28
N LYS B 77 -20.02 32.43 -55.75
CA LYS B 77 -19.70 33.10 -54.50
C LYS B 77 -19.68 32.11 -53.36
N LEU B 78 -20.59 31.13 -53.40
CA LEU B 78 -20.65 30.16 -52.33
C LEU B 78 -19.41 29.27 -52.36
N GLU B 79 -18.98 28.85 -53.56
CA GLU B 79 -17.77 28.05 -53.68
C GLU B 79 -16.54 28.82 -53.24
N LYS B 80 -16.49 30.10 -53.59
CA LYS B 80 -15.35 30.93 -53.23
C LYS B 80 -15.18 31.00 -51.72
N VAL B 81 -16.28 31.22 -51.01
CA VAL B 81 -16.17 31.31 -49.56
C VAL B 81 -15.70 29.99 -48.97
N VAL B 82 -16.24 28.90 -49.48
CA VAL B 82 -15.84 27.60 -48.96
C VAL B 82 -14.36 27.33 -49.15
N GLU B 83 -13.82 27.66 -50.32
CA GLU B 83 -12.40 27.44 -50.52
C GLU B 83 -11.57 28.33 -49.59
N GLU B 84 -12.02 29.57 -49.38
CA GLU B 84 -11.30 30.47 -48.49
C GLU B 84 -11.35 29.98 -47.05
N LEU B 85 -12.49 29.45 -46.62
CA LEU B 85 -12.61 28.91 -45.28
C LEU B 85 -11.70 27.70 -45.10
N LYS B 86 -11.59 26.85 -46.13
CA LYS B 86 -10.71 25.70 -46.01
C LYS B 86 -9.27 26.13 -45.79
N GLU B 87 -8.80 27.14 -46.52
CA GLU B 87 -7.43 27.60 -46.35
C GLU B 87 -7.24 28.22 -44.97
N LEU B 88 -8.24 28.97 -44.52
CA LEU B 88 -8.17 29.61 -43.22
C LEU B 88 -8.03 28.56 -42.13
N LEU B 89 -8.85 27.53 -42.20
CA LEU B 89 -8.81 26.48 -41.19
C LEU B 89 -7.49 25.74 -41.22
N GLU B 90 -6.97 25.46 -42.42
CA GLU B 90 -5.69 24.78 -42.52
C GLU B 90 -4.61 25.59 -41.83
N ARG B 91 -4.65 26.92 -41.99
CA ARG B 91 -3.69 27.77 -41.33
C ARG B 91 -3.81 27.70 -39.80
N LEU B 92 -5.05 27.59 -39.31
CA LEU B 92 -5.28 27.52 -37.87
C LEU B 92 -4.83 26.18 -37.30
N LEU B 93 -5.03 25.10 -38.05
CA LEU B 93 -4.70 23.76 -37.58
C LEU B 93 -3.21 23.39 -37.73
N SER B 94 -2.57 23.81 -38.85
CA SER B 94 -1.19 23.51 -39.17
C SER B 94 -0.30 24.70 -38.84
N ALA C 27 -44.52 36.07 11.59
CA ALA C 27 -44.85 35.06 12.59
C ALA C 27 -44.12 33.76 12.25
N TYR C 28 -43.40 33.19 13.24
CA TYR C 28 -42.64 31.94 13.10
C TYR C 28 -42.92 31.02 14.26
N THR C 29 -42.81 29.72 14.00
CA THR C 29 -42.92 28.72 15.05
C THR C 29 -41.76 27.75 15.01
N ASN C 30 -41.63 26.97 16.08
CA ASN C 30 -40.58 25.97 16.25
C ASN C 30 -40.94 24.68 15.54
N SER C 31 -40.11 24.26 14.58
CA SER C 31 -40.36 23.05 13.82
C SER C 31 -40.13 21.78 14.63
N PHE C 32 -39.47 21.93 15.76
CA PHE C 32 -39.11 20.82 16.63
C PHE C 32 -38.42 19.71 15.86
N THR C 33 -39.03 18.54 15.83
CA THR C 33 -38.42 17.39 15.20
C THR C 33 -39.19 16.88 13.99
N ARG C 34 -40.05 17.73 13.45
CA ARG C 34 -40.87 17.36 12.29
C ARG C 34 -40.13 17.57 10.97
N GLY C 35 -40.60 16.94 9.90
CA GLY C 35 -40.02 17.13 8.58
C GLY C 35 -39.14 15.96 8.15
N VAL C 36 -39.22 14.88 8.90
CA VAL C 36 -38.52 13.63 8.62
C VAL C 36 -39.44 12.72 7.82
N TYR C 37 -38.88 12.03 6.85
CA TYR C 37 -39.61 11.14 5.98
C TYR C 37 -38.75 9.97 5.57
N TYR C 38 -39.39 8.93 5.06
CA TYR C 38 -38.66 7.76 4.59
C TYR C 38 -37.94 8.13 3.30
N PRO C 39 -36.60 8.15 3.27
CA PRO C 39 -35.78 8.61 2.16
C PRO C 39 -35.90 7.72 0.93
N ASP C 40 -36.33 6.48 1.13
CA ASP C 40 -36.47 5.53 0.05
C ASP C 40 -37.58 4.54 0.33
N LYS C 41 -37.65 3.49 -0.48
CA LYS C 41 -38.71 2.51 -0.38
C LYS C 41 -38.17 1.17 0.09
N VAL C 42 -37.11 1.22 0.89
CA VAL C 42 -36.48 0.01 1.38
C VAL C 42 -36.88 -0.30 2.81
N PHE C 43 -37.31 -1.53 3.03
CA PHE C 43 -37.68 -1.96 4.36
C PHE C 43 -36.44 -2.22 5.20
N ARG C 44 -36.43 -1.64 6.38
CA ARG C 44 -35.36 -1.82 7.33
C ARG C 44 -36.02 -2.04 8.66
N SER C 45 -35.37 -2.72 9.58
CA SER C 45 -35.92 -2.86 10.91
C SER C 45 -34.84 -3.01 11.96
N SER C 46 -35.15 -2.57 13.17
CA SER C 46 -34.23 -2.68 14.31
C SER C 46 -32.82 -2.21 13.95
N VAL C 47 -32.74 -1.04 13.33
CA VAL C 47 -31.45 -0.55 12.85
C VAL C 47 -31.36 0.97 12.80
N LEU C 48 -30.17 1.49 13.03
CA LEU C 48 -29.92 2.92 12.85
C LEU C 48 -29.26 3.14 11.51
N HIS C 49 -29.93 3.87 10.64
CA HIS C 49 -29.44 4.10 9.28
C HIS C 49 -29.06 5.54 9.04
N SER C 50 -27.85 5.75 8.54
CA SER C 50 -27.37 7.10 8.25
C SER C 50 -27.67 7.48 6.82
N THR C 51 -28.39 8.58 6.65
CA THR C 51 -28.79 9.01 5.31
C THR C 51 -28.53 10.49 5.05
N GLN C 52 -28.22 10.80 3.80
CA GLN C 52 -28.00 12.16 3.34
C GLN C 52 -29.10 12.57 2.37
N ASP C 53 -29.93 13.52 2.78
CA ASP C 53 -31.04 13.94 1.92
C ASP C 53 -31.54 15.31 2.31
N LEU C 54 -32.55 15.81 1.61
CA LEU C 54 -33.12 17.09 1.97
C LEU C 54 -34.19 16.91 3.03
N PHE C 55 -33.90 17.41 4.22
CA PHE C 55 -34.78 17.28 5.38
C PHE C 55 -34.99 18.63 6.03
N LEU C 56 -36.07 18.79 6.77
CA LEU C 56 -36.23 20.03 7.52
C LEU C 56 -35.30 19.93 8.74
N PRO C 57 -34.34 20.85 8.94
CA PRO C 57 -33.42 20.83 10.05
C PRO C 57 -34.18 20.90 11.36
N PHE C 58 -33.69 20.18 12.37
CA PHE C 58 -34.37 20.19 13.65
C PHE C 58 -34.28 21.53 14.33
N PHE C 59 -35.39 21.89 14.95
CA PHE C 59 -35.57 23.12 15.70
C PHE C 59 -35.39 24.38 14.87
N SER C 60 -35.50 24.25 13.55
CA SER C 60 -35.47 25.42 12.67
C SER C 60 -36.81 26.17 12.74
N ASN C 61 -36.83 27.41 12.23
CA ASN C 61 -38.02 28.25 12.14
C ASN C 61 -38.83 27.91 10.88
N VAL C 62 -40.17 27.87 11.04
CA VAL C 62 -41.11 27.73 9.93
C VAL C 62 -42.02 28.93 9.93
N THR C 63 -42.31 29.46 8.76
CA THR C 63 -43.12 30.65 8.67
C THR C 63 -44.58 30.28 8.85
N TRP C 64 -45.25 31.01 9.73
CA TRP C 64 -46.63 30.72 10.10
C TRP C 64 -47.60 31.64 9.38
N PHE C 65 -48.41 31.07 8.50
CA PHE C 65 -49.33 31.84 7.70
C PHE C 65 -50.79 31.66 8.17
N HIS C 66 -51.53 32.78 8.19
CA HIS C 66 -52.96 32.84 8.53
C HIS C 66 -53.43 34.28 8.34
N ASN C 81 -51.83 31.50 0.08
CA ASN C 81 -52.23 32.82 -0.37
C ASN C 81 -51.07 33.55 -1.14
N PRO C 82 -49.89 33.87 -0.50
CA PRO C 82 -48.71 34.47 -1.14
C PRO C 82 -47.93 33.47 -1.98
N VAL C 83 -47.12 33.98 -2.90
CA VAL C 83 -46.20 33.11 -3.62
C VAL C 83 -44.88 33.07 -2.86
N LEU C 84 -44.45 31.87 -2.51
CA LEU C 84 -43.26 31.66 -1.71
C LEU C 84 -42.17 30.98 -2.53
N PRO C 85 -40.90 31.15 -2.20
CA PRO C 85 -39.79 30.42 -2.76
C PRO C 85 -39.94 28.94 -2.53
N PHE C 86 -39.45 28.13 -3.45
CA PHE C 86 -39.44 26.68 -3.30
C PHE C 86 -38.09 26.22 -2.74
N ASN C 87 -37.04 26.92 -3.14
CA ASN C 87 -35.65 26.60 -2.80
C ASN C 87 -35.26 25.18 -3.19
N ASP C 88 -34.78 24.38 -2.24
CA ASP C 88 -34.33 23.02 -2.53
C ASP C 88 -35.51 22.06 -2.46
N GLY C 89 -36.45 22.40 -1.61
CA GLY C 89 -37.65 21.64 -1.38
C GLY C 89 -38.42 22.28 -0.25
N VAL C 90 -39.68 21.90 -0.12
CA VAL C 90 -40.55 22.53 0.85
C VAL C 90 -41.22 21.62 1.85
N TYR C 91 -41.16 22.03 3.10
CA TYR C 91 -41.93 21.38 4.15
C TYR C 91 -43.20 22.18 4.35
N PHE C 92 -44.33 21.52 4.27
CA PHE C 92 -45.59 22.21 4.42
C PHE C 92 -46.45 21.49 5.43
N ALA C 93 -47.10 22.23 6.31
CA ALA C 93 -47.98 21.58 7.25
C ALA C 93 -49.18 22.44 7.54
N SER C 94 -50.30 21.81 7.86
CA SER C 94 -51.48 22.58 8.20
C SER C 94 -52.26 21.96 9.34
N THR C 95 -52.97 22.81 10.08
CA THR C 95 -53.81 22.40 11.18
C THR C 95 -55.22 22.91 10.95
N GLU C 96 -56.10 22.03 10.50
CA GLU C 96 -57.43 22.46 10.10
C GLU C 96 -58.56 21.62 10.67
N LYS C 97 -59.71 22.28 10.84
CA LYS C 97 -60.95 21.59 11.18
C LYS C 97 -61.94 21.70 10.01
N SER C 98 -61.85 22.81 9.28
CA SER C 98 -62.73 23.11 8.17
C SER C 98 -62.21 22.58 6.84
N ASN C 99 -60.97 22.11 6.83
CA ASN C 99 -60.32 21.55 5.65
C ASN C 99 -60.33 22.48 4.43
N ILE C 100 -60.04 23.76 4.64
CA ILE C 100 -60.01 24.76 3.58
C ILE C 100 -58.92 24.57 2.53
N ILE C 101 -57.71 24.23 2.94
CA ILE C 101 -56.62 24.12 1.96
C ILE C 101 -56.90 22.99 0.98
N ARG C 102 -56.84 23.31 -0.30
CA ARG C 102 -57.15 22.35 -1.35
C ARG C 102 -55.95 21.94 -2.17
N GLY C 103 -54.98 22.82 -2.34
CA GLY C 103 -53.90 22.44 -3.25
C GLY C 103 -52.78 23.45 -3.36
N TRP C 104 -51.91 23.19 -4.33
CA TRP C 104 -50.72 24.01 -4.54
C TRP C 104 -50.41 24.24 -6.02
N ILE C 105 -49.75 25.35 -6.30
CA ILE C 105 -49.22 25.64 -7.62
C ILE C 105 -47.72 25.71 -7.55
N PHE C 106 -47.02 24.96 -8.39
CA PHE C 106 -45.58 25.01 -8.42
C PHE C 106 -45.09 25.46 -9.80
N GLY C 107 -44.06 26.28 -9.86
CA GLY C 107 -43.52 26.69 -11.15
C GLY C 107 -42.49 27.80 -11.03
N THR C 108 -42.23 28.49 -12.13
CA THR C 108 -41.27 29.60 -12.13
C THR C 108 -41.94 30.95 -12.31
N THR C 109 -43.06 30.95 -13.04
CA THR C 109 -43.75 32.20 -13.31
C THR C 109 -45.15 32.21 -12.76
N LEU C 110 -45.75 31.02 -12.64
CA LEU C 110 -47.13 30.88 -12.13
C LEU C 110 -48.07 31.85 -12.86
N ASP C 111 -47.85 32.04 -14.15
CA ASP C 111 -48.57 33.02 -14.96
C ASP C 111 -48.52 32.64 -16.43
N SER C 112 -49.18 31.54 -16.80
CA SER C 112 -49.06 31.03 -18.17
C SER C 112 -47.59 31.02 -18.57
N LYS C 113 -47.31 31.35 -19.83
CA LYS C 113 -45.95 31.46 -20.37
C LYS C 113 -45.21 30.14 -20.48
N THR C 114 -45.04 29.46 -19.35
CA THR C 114 -44.40 28.16 -19.28
C THR C 114 -45.26 27.21 -18.45
N GLN C 115 -44.78 25.99 -18.27
CA GLN C 115 -45.57 24.98 -17.55
C GLN C 115 -45.54 25.17 -16.05
N SER C 116 -46.71 24.98 -15.44
CA SER C 116 -46.84 24.99 -13.99
C SER C 116 -47.50 23.70 -13.54
N LEU C 117 -47.13 23.25 -12.35
CA LEU C 117 -47.70 22.05 -11.76
C LEU C 117 -48.81 22.39 -10.78
N LEU C 118 -50.01 21.98 -11.12
CA LEU C 118 -51.18 22.26 -10.33
C LEU C 118 -51.70 21.02 -9.65
N ILE C 119 -51.67 21.00 -8.32
CA ILE C 119 -52.12 19.85 -7.55
C ILE C 119 -53.33 20.20 -6.72
N VAL C 120 -54.51 19.70 -7.10
CA VAL C 120 -55.73 20.05 -6.38
C VAL C 120 -56.53 18.87 -5.86
N ASN C 121 -56.83 18.91 -4.57
CA ASN C 121 -57.66 17.93 -3.89
C ASN C 121 -59.12 18.40 -3.91
N ASN C 122 -59.97 17.76 -4.74
CA ASN C 122 -61.36 18.17 -4.94
C ASN C 122 -62.33 16.98 -4.83
N ALA C 123 -63.26 17.07 -3.85
CA ALA C 123 -64.26 16.04 -3.54
C ALA C 123 -63.62 14.71 -3.13
N THR C 124 -63.58 13.76 -4.05
CA THR C 124 -63.08 12.42 -3.71
C THR C 124 -61.70 12.08 -4.25
N ASN C 125 -61.03 12.99 -4.97
CA ASN C 125 -59.71 12.64 -5.48
C ASN C 125 -58.80 13.85 -5.67
N VAL C 126 -57.58 13.57 -6.10
CA VAL C 126 -56.60 14.61 -6.37
C VAL C 126 -56.24 14.64 -7.84
N VAL C 127 -56.38 15.81 -8.43
CA VAL C 127 -56.10 15.99 -9.85
C VAL C 127 -54.81 16.77 -10.07
N ILE C 128 -53.89 16.17 -10.79
CA ILE C 128 -52.60 16.80 -11.03
C ILE C 128 -52.34 17.06 -12.51
N LYS C 129 -52.06 18.32 -12.84
CA LYS C 129 -51.79 18.71 -14.23
C LYS C 129 -50.56 19.60 -14.36
N VAL C 130 -49.89 19.54 -15.51
CA VAL C 130 -48.73 20.41 -15.74
C VAL C 130 -48.87 21.39 -16.92
N CYS C 131 -50.09 21.88 -17.16
CA CYS C 131 -50.42 22.75 -18.29
C CYS C 131 -49.84 24.15 -18.12
N GLU C 132 -49.82 24.92 -19.20
CA GLU C 132 -49.38 26.31 -19.15
C GLU C 132 -50.55 27.17 -18.72
N PHE C 133 -50.94 26.96 -17.47
CA PHE C 133 -52.14 27.54 -16.90
C PHE C 133 -52.04 29.02 -16.67
N GLN C 134 -53.13 29.73 -16.97
CA GLN C 134 -53.21 31.13 -16.62
C GLN C 134 -53.90 31.23 -15.29
N PHE C 135 -53.18 31.70 -14.29
CA PHE C 135 -53.70 31.77 -12.96
C PHE C 135 -54.15 33.17 -12.61
N CYS C 136 -55.07 33.24 -11.66
CA CYS C 136 -55.57 34.49 -11.14
C CYS C 136 -54.56 35.08 -10.15
N ASN C 137 -54.71 36.37 -9.84
CA ASN C 137 -53.86 37.01 -8.84
C ASN C 137 -54.21 36.49 -7.44
N ASP C 138 -55.42 35.95 -7.32
CA ASP C 138 -55.94 35.38 -6.09
C ASP C 138 -56.73 34.12 -6.42
N PRO C 139 -56.04 33.02 -6.76
CA PRO C 139 -56.59 31.75 -7.18
C PRO C 139 -57.13 31.01 -5.96
N PHE C 140 -58.07 30.08 -6.19
CA PHE C 140 -58.66 29.22 -5.13
C PHE C 140 -59.71 28.30 -5.75
N CYS C 166 -50.17 20.77 -22.37
CA CYS C 166 -50.18 19.84 -21.24
C CYS C 166 -49.33 18.61 -21.60
N THR C 167 -48.43 18.21 -20.70
CA THR C 167 -47.55 17.08 -20.98
C THR C 167 -47.76 15.92 -20.01
N PHE C 168 -48.46 16.18 -18.92
CA PHE C 168 -48.70 15.21 -17.87
C PHE C 168 -50.04 15.45 -17.22
N GLU C 169 -50.74 14.37 -16.93
CA GLU C 169 -51.98 14.41 -16.18
C GLU C 169 -52.13 13.14 -15.36
N TYR C 170 -52.52 13.30 -14.11
CA TYR C 170 -52.71 12.17 -13.20
C TYR C 170 -53.86 12.39 -12.24
N VAL C 171 -54.65 11.37 -12.00
CA VAL C 171 -55.69 11.49 -10.99
C VAL C 171 -55.56 10.36 -9.95
N SER C 172 -55.54 10.74 -8.66
CA SER C 172 -55.40 9.81 -7.54
C SER C 172 -56.72 9.07 -7.30
N ASN C 188 -57.11 18.46 12.66
CA ASN C 188 -56.33 17.53 11.85
C ASN C 188 -54.99 18.17 11.45
N LEU C 189 -53.89 17.46 11.73
CA LEU C 189 -52.54 17.90 11.34
C LEU C 189 -52.10 17.14 10.11
N ARG C 190 -51.85 17.88 9.04
CA ARG C 190 -51.45 17.26 7.80
C ARG C 190 -50.10 17.77 7.38
N GLU C 191 -49.11 16.90 7.40
CA GLU C 191 -47.74 17.27 7.04
C GLU C 191 -47.43 16.77 5.64
N PHE C 192 -46.75 17.59 4.87
CA PHE C 192 -46.35 17.25 3.51
C PHE C 192 -44.92 17.66 3.21
N VAL C 193 -44.28 16.91 2.33
CA VAL C 193 -42.99 17.31 1.79
C VAL C 193 -43.04 17.30 0.28
N PHE C 194 -42.64 18.41 -0.31
CA PHE C 194 -42.59 18.55 -1.75
C PHE C 194 -41.16 18.76 -2.19
N LYS C 195 -40.57 17.79 -2.85
CA LYS C 195 -39.18 17.96 -3.23
C LYS C 195 -38.84 17.39 -4.60
N ASN C 196 -37.80 17.94 -5.25
CA ASN C 196 -37.24 17.45 -6.52
C ASN C 196 -35.91 16.75 -6.27
N TYR C 200 -36.97 13.97 -10.18
CA TYR C 200 -38.34 14.43 -10.39
C TYR C 200 -39.01 14.76 -9.05
N PHE C 201 -40.27 15.21 -9.10
CA PHE C 201 -41.05 15.72 -7.97
C PHE C 201 -41.74 14.61 -7.19
N LYS C 202 -41.43 14.53 -5.90
CA LYS C 202 -41.98 13.51 -5.02
C LYS C 202 -42.79 14.13 -3.90
N ILE C 203 -43.88 13.46 -3.53
CA ILE C 203 -44.71 13.94 -2.43
C ILE C 203 -44.81 12.92 -1.31
N TYR C 204 -44.48 13.38 -0.11
CA TYR C 204 -44.56 12.58 1.11
C TYR C 204 -45.60 13.21 2.01
N SER C 205 -46.26 12.43 2.85
CA SER C 205 -47.18 13.04 3.80
C SER C 205 -47.48 12.18 5.01
N LYS C 206 -48.10 12.82 6.01
CA LYS C 206 -48.56 12.16 7.21
C LYS C 206 -49.78 12.87 7.78
N HIS C 207 -50.81 12.11 8.11
CA HIS C 207 -52.03 12.66 8.69
C HIS C 207 -52.30 12.12 10.09
N THR C 208 -52.31 13.00 11.07
CA THR C 208 -52.56 12.59 12.45
C THR C 208 -53.66 13.46 13.08
N PRO C 209 -54.41 12.92 14.04
CA PRO C 209 -55.38 13.62 14.86
C PRO C 209 -54.67 14.47 15.89
N ILE C 210 -55.33 15.54 16.36
CA ILE C 210 -54.83 16.42 17.43
C ILE C 210 -55.93 16.58 18.46
N LEU C 216 -47.84 24.81 15.79
CA LEU C 216 -47.43 23.51 15.25
C LEU C 216 -47.12 22.58 16.45
N PRO C 217 -47.90 21.48 16.71
CA PRO C 217 -47.74 20.54 17.83
C PRO C 217 -46.37 19.89 17.91
N GLN C 218 -45.86 19.72 19.12
CA GLN C 218 -44.56 19.09 19.35
C GLN C 218 -44.70 17.57 19.38
N GLY C 219 -43.76 16.87 18.73
CA GLY C 219 -43.74 15.42 18.71
C GLY C 219 -42.99 14.91 17.49
N PHE C 220 -42.91 13.59 17.32
CA PHE C 220 -42.18 13.03 16.20
C PHE C 220 -42.96 11.96 15.43
N SER C 221 -42.91 12.05 14.11
CA SER C 221 -43.45 11.05 13.22
C SER C 221 -42.72 11.18 11.89
N ALA C 222 -42.76 10.14 11.07
CA ALA C 222 -42.14 10.23 9.76
C ALA C 222 -43.21 10.21 8.68
N LEU C 223 -42.95 10.96 7.63
CA LEU C 223 -43.84 11.05 6.49
C LEU C 223 -43.49 9.98 5.45
N GLU C 224 -44.47 9.51 4.73
CA GLU C 224 -44.23 8.46 3.74
C GLU C 224 -44.73 8.90 2.35
N PRO C 225 -44.04 8.45 1.27
CA PRO C 225 -44.32 8.81 -0.09
C PRO C 225 -45.68 8.29 -0.50
N LEU C 226 -46.50 9.15 -1.12
CA LEU C 226 -47.76 8.65 -1.63
C LEU C 226 -47.86 8.78 -3.14
N VAL C 227 -47.03 9.62 -3.76
CA VAL C 227 -47.05 9.69 -5.24
C VAL C 227 -45.70 10.14 -5.77
N ASP C 228 -45.35 9.61 -6.91
CA ASP C 228 -44.12 9.89 -7.62
C ASP C 228 -44.51 10.54 -8.92
N LEU C 229 -44.14 11.80 -9.12
CA LEU C 229 -44.56 12.42 -10.35
C LEU C 229 -43.38 12.67 -11.27
N PRO C 230 -43.23 11.87 -12.32
CA PRO C 230 -42.11 11.88 -13.24
C PRO C 230 -42.26 13.04 -14.21
N ILE C 231 -42.16 14.24 -13.68
CA ILE C 231 -42.38 15.45 -14.47
C ILE C 231 -41.11 16.26 -14.63
N GLY C 232 -40.77 16.57 -15.89
CA GLY C 232 -39.59 17.38 -16.20
C GLY C 232 -39.89 18.87 -16.03
N ILE C 233 -40.30 19.26 -14.82
CA ILE C 233 -40.70 20.65 -14.55
C ILE C 233 -39.70 21.40 -13.68
N ASN C 234 -39.41 22.65 -14.07
CA ASN C 234 -38.55 23.58 -13.35
C ASN C 234 -39.40 24.37 -12.33
N ILE C 235 -39.19 24.13 -11.03
CA ILE C 235 -39.94 24.78 -9.93
C ILE C 235 -39.01 25.61 -9.06
N THR C 236 -39.32 26.90 -8.97
CA THR C 236 -38.53 27.81 -8.13
C THR C 236 -39.39 28.51 -7.08
N ARG C 237 -40.70 28.57 -7.32
CA ARG C 237 -41.67 29.23 -6.45
C ARG C 237 -42.96 28.41 -6.39
N PHE C 238 -43.75 28.62 -5.34
CA PHE C 238 -45.03 27.94 -5.25
C PHE C 238 -46.08 28.78 -4.53
N GLN C 239 -47.34 28.43 -4.71
CA GLN C 239 -48.44 29.13 -4.06
C GLN C 239 -49.43 28.15 -3.44
N THR C 240 -49.95 28.49 -2.26
CA THR C 240 -50.92 27.61 -1.60
C THR C 240 -52.35 28.07 -1.89
N LEU C 241 -53.18 27.13 -2.34
CA LEU C 241 -54.58 27.39 -2.71
C LEU C 241 -55.58 26.97 -1.62
N LEU C 242 -56.37 27.94 -1.14
CA LEU C 242 -57.36 27.76 -0.06
C LEU C 242 -58.77 27.70 -0.64
N ALA C 264 -54.80 27.63 9.33
CA ALA C 264 -53.42 28.10 9.34
C ALA C 264 -52.48 27.01 8.81
N TYR C 265 -51.35 27.45 8.22
CA TYR C 265 -50.33 26.54 7.69
C TYR C 265 -48.92 27.06 7.92
N TYR C 266 -47.96 26.15 7.83
CA TYR C 266 -46.58 26.48 8.10
C TYR C 266 -45.72 26.10 6.91
N VAL C 267 -44.73 26.93 6.60
CA VAL C 267 -43.80 26.61 5.52
C VAL C 267 -42.35 26.66 5.97
N GLY C 268 -41.65 25.55 5.76
CA GLY C 268 -40.24 25.48 6.09
C GLY C 268 -39.48 25.08 4.85
N TYR C 269 -38.16 25.03 4.95
CA TYR C 269 -37.38 24.63 3.79
C TYR C 269 -36.42 23.52 4.11
N LEU C 270 -36.24 22.64 3.15
CA LEU C 270 -35.37 21.50 3.35
C LEU C 270 -33.94 21.87 3.05
N GLN C 271 -33.02 21.19 3.72
CA GLN C 271 -31.60 21.41 3.53
C GLN C 271 -30.89 20.07 3.37
N PRO C 272 -29.74 20.02 2.68
CA PRO C 272 -28.90 18.85 2.53
C PRO C 272 -28.27 18.55 3.87
N ARG C 273 -29.07 17.92 4.72
CA ARG C 273 -28.76 17.69 6.11
C ARG C 273 -28.53 16.20 6.33
N THR C 274 -27.59 15.87 7.19
CA THR C 274 -27.32 14.47 7.48
C THR C 274 -28.16 14.03 8.67
N PHE C 275 -28.85 12.91 8.53
CA PHE C 275 -29.64 12.33 9.60
C PHE C 275 -29.34 10.89 9.92
N LEU C 276 -29.47 10.55 11.20
CA LEU C 276 -29.42 9.16 11.60
C LEU C 276 -30.86 8.76 11.99
N LEU C 277 -31.42 7.81 11.27
CA LEU C 277 -32.82 7.44 11.49
C LEU C 277 -32.95 6.11 12.20
N LYS C 278 -33.82 6.05 13.21
CA LYS C 278 -34.03 4.84 13.96
C LYS C 278 -35.30 4.09 13.57
N TYR C 279 -35.10 2.87 13.06
CA TYR C 279 -36.18 2.00 12.65
C TYR C 279 -36.49 1.00 13.75
N ASN C 280 -37.76 0.87 14.11
CA ASN C 280 -38.15 -0.07 15.15
C ASN C 280 -38.30 -1.46 14.57
N GLU C 281 -38.80 -2.39 15.37
CA GLU C 281 -38.94 -3.78 14.95
C GLU C 281 -39.85 -3.96 13.72
N ASN C 282 -40.89 -3.11 13.57
CA ASN C 282 -41.85 -3.18 12.47
C ASN C 282 -41.42 -2.32 11.27
N GLY C 283 -40.21 -1.74 11.30
CA GLY C 283 -39.65 -0.93 10.21
C GLY C 283 -40.17 0.50 10.15
N THR C 284 -40.76 0.97 11.22
CA THR C 284 -41.26 2.33 11.27
C THR C 284 -40.19 3.23 11.84
N ILE C 285 -40.03 4.41 11.27
CA ILE C 285 -39.06 5.33 11.85
C ILE C 285 -39.73 5.93 13.07
N THR C 286 -39.13 5.69 14.23
CA THR C 286 -39.71 6.14 15.48
C THR C 286 -38.92 7.23 16.13
N ASP C 287 -37.68 7.40 15.70
CA ASP C 287 -36.84 8.46 16.25
C ASP C 287 -35.80 8.88 15.23
N ALA C 288 -35.19 10.04 15.43
CA ALA C 288 -34.16 10.53 14.52
C ALA C 288 -33.23 11.53 15.17
N VAL C 289 -32.00 11.59 14.67
CA VAL C 289 -31.01 12.57 15.10
C VAL C 289 -30.54 13.44 13.95
N ASP C 290 -30.59 14.75 14.16
CA ASP C 290 -30.08 15.72 13.20
C ASP C 290 -28.61 15.94 13.49
N CYS C 291 -27.73 15.42 12.64
CA CYS C 291 -26.31 15.31 12.87
C CYS C 291 -25.59 16.66 12.90
N ALA C 292 -26.32 17.73 12.53
CA ALA C 292 -25.68 19.03 12.54
C ALA C 292 -26.43 20.02 13.43
N LEU C 293 -27.25 19.49 14.34
CA LEU C 293 -28.00 20.34 15.26
C LEU C 293 -27.13 20.90 16.37
N ASP C 294 -26.35 20.02 17.01
CA ASP C 294 -25.50 20.40 18.14
C ASP C 294 -24.39 19.33 18.30
N PRO C 295 -23.32 19.60 19.08
CA PRO C 295 -22.24 18.67 19.40
C PRO C 295 -22.69 17.32 19.95
N LEU C 296 -23.76 17.28 20.73
CA LEU C 296 -24.18 15.99 21.25
C LEU C 296 -24.74 15.12 20.13
N SER C 297 -25.49 15.74 19.22
CA SER C 297 -26.05 15.01 18.09
C SER C 297 -24.93 14.54 17.18
N GLU C 298 -23.88 15.36 17.03
CA GLU C 298 -22.74 14.95 16.23
C GLU C 298 -22.12 13.69 16.82
N THR C 299 -22.04 13.63 18.15
CA THR C 299 -21.50 12.46 18.82
C THR C 299 -22.36 11.24 18.55
N LYS C 300 -23.69 11.40 18.65
CA LYS C 300 -24.60 10.28 18.39
C LYS C 300 -24.46 9.72 16.97
N CYS C 301 -24.31 10.61 15.97
CA CYS C 301 -24.14 10.24 14.56
C CYS C 301 -22.78 9.61 14.30
N THR C 302 -21.77 10.05 15.04
CA THR C 302 -20.42 9.51 14.93
C THR C 302 -20.37 8.07 15.43
N LEU C 303 -21.03 7.82 16.55
CA LEU C 303 -21.03 6.52 17.19
C LEU C 303 -22.15 5.61 16.71
N LYS C 304 -23.01 6.14 15.85
CA LYS C 304 -24.16 5.41 15.35
C LYS C 304 -24.97 4.84 16.50
N SER C 305 -25.31 5.69 17.46
CA SER C 305 -26.08 5.27 18.61
C SER C 305 -26.88 6.43 19.18
N PHE C 306 -28.09 6.17 19.63
CA PHE C 306 -28.93 7.24 20.19
C PHE C 306 -28.70 7.39 21.68
N THR C 307 -27.85 6.53 22.21
CA THR C 307 -27.45 6.55 23.59
C THR C 307 -25.94 6.64 23.61
N VAL C 308 -25.41 7.58 24.38
CA VAL C 308 -23.96 7.73 24.46
C VAL C 308 -23.48 7.61 25.89
N GLU C 309 -22.49 6.74 26.09
CA GLU C 309 -21.89 6.53 27.39
C GLU C 309 -20.93 7.67 27.71
N LYS C 310 -20.60 7.86 28.97
CA LYS C 310 -19.72 8.97 29.30
C LYS C 310 -18.35 8.78 28.69
N GLY C 311 -17.77 9.88 28.23
CA GLY C 311 -16.43 9.84 27.66
C GLY C 311 -16.17 11.01 26.75
N ILE C 312 -15.00 10.99 26.10
CA ILE C 312 -14.61 12.04 25.17
C ILE C 312 -14.50 11.43 23.79
N TYR C 313 -15.17 12.03 22.81
CA TYR C 313 -15.19 11.47 21.47
C TYR C 313 -14.82 12.50 20.42
N GLN C 314 -13.98 12.11 19.45
CA GLN C 314 -13.68 13.06 18.39
C GLN C 314 -14.71 12.91 17.29
N THR C 315 -15.41 14.00 17.01
CA THR C 315 -16.50 13.95 16.04
C THR C 315 -16.24 14.78 14.80
N SER C 316 -15.35 15.75 14.90
CA SER C 316 -15.13 16.62 13.75
C SER C 316 -13.70 17.15 13.68
N ASN C 317 -13.50 18.16 12.85
CA ASN C 317 -12.20 18.75 12.61
C ASN C 317 -12.36 20.25 12.36
N PHE C 318 -11.77 21.05 13.24
CA PHE C 318 -11.83 22.48 13.18
C PHE C 318 -10.71 22.99 12.33
N ARG C 319 -11.00 23.90 11.41
CA ARG C 319 -9.94 24.47 10.62
C ARG C 319 -10.22 25.89 10.21
N VAL C 320 -9.21 26.72 10.34
CA VAL C 320 -9.30 28.11 9.92
C VAL C 320 -9.07 28.20 8.42
N GLN C 321 -9.99 28.85 7.72
CA GLN C 321 -9.89 29.01 6.28
C GLN C 321 -9.37 30.41 5.95
N PRO C 322 -8.77 30.61 4.76
CA PRO C 322 -8.33 31.87 4.24
C PRO C 322 -9.46 32.88 4.22
N THR C 323 -9.16 34.11 4.61
CA THR C 323 -10.17 35.16 4.61
C THR C 323 -10.01 36.08 3.41
N GLU C 324 -8.82 36.07 2.84
CA GLU C 324 -8.47 36.88 1.69
C GLU C 324 -7.26 36.29 0.99
N SER C 325 -7.02 36.73 -0.24
CA SER C 325 -5.86 36.29 -1.01
C SER C 325 -4.93 37.45 -1.28
N ILE C 326 -3.62 37.23 -1.09
CA ILE C 326 -2.64 38.26 -1.34
C ILE C 326 -1.57 37.79 -2.31
N VAL C 327 -1.14 38.71 -3.16
CA VAL C 327 -0.12 38.41 -4.15
C VAL C 327 0.98 39.45 -4.13
N ARG C 328 2.24 39.02 -4.02
CA ARG C 328 3.33 39.98 -3.97
C ARG C 328 4.44 39.70 -4.97
N PHE C 329 4.78 40.73 -5.75
CA PHE C 329 5.89 40.68 -6.70
C PHE C 329 6.82 41.86 -6.47
N PRO C 330 8.09 41.81 -6.93
CA PRO C 330 9.10 42.84 -6.79
C PRO C 330 8.72 44.13 -7.51
N ASN C 331 9.36 45.25 -7.12
CA ASN C 331 9.22 46.55 -7.75
C ASN C 331 9.66 46.49 -9.22
N ILE C 332 8.84 47.05 -10.13
CA ILE C 332 9.19 47.09 -11.54
C ILE C 332 9.65 48.46 -11.95
N THR C 333 10.91 48.53 -12.35
CA THR C 333 11.51 49.75 -12.81
C THR C 333 12.04 49.51 -14.21
N ASN C 334 12.22 48.23 -14.54
CA ASN C 334 12.77 47.81 -15.82
C ASN C 334 11.70 47.69 -16.87
N LEU C 335 11.18 48.84 -17.31
CA LEU C 335 10.08 48.86 -18.26
C LEU C 335 10.61 48.85 -19.68
N CYS C 336 9.85 48.25 -20.61
CA CYS C 336 10.20 48.26 -22.03
C CYS C 336 10.04 49.65 -22.62
N PRO C 337 11.00 50.10 -23.46
CA PRO C 337 11.06 51.39 -24.12
C PRO C 337 10.13 51.47 -25.31
N PHE C 338 8.83 51.31 -25.05
CA PHE C 338 7.86 51.44 -26.12
C PHE C 338 7.72 52.92 -26.45
N GLY C 339 7.89 53.77 -25.46
CA GLY C 339 7.77 55.21 -25.68
C GLY C 339 8.77 55.67 -26.74
N GLU C 340 9.94 55.04 -26.78
CA GLU C 340 10.97 55.40 -27.74
C GLU C 340 10.58 55.05 -29.18
N VAL C 341 9.58 54.18 -29.33
CA VAL C 341 9.13 53.72 -30.64
C VAL C 341 7.89 54.49 -31.08
N PHE C 342 6.90 54.53 -30.20
CA PHE C 342 5.60 55.12 -30.46
C PHE C 342 5.60 56.66 -30.46
N ASN C 343 6.42 57.28 -29.58
CA ASN C 343 6.48 58.72 -29.40
C ASN C 343 7.77 59.30 -29.98
N ALA C 344 8.34 58.65 -30.98
CA ALA C 344 9.55 59.05 -31.64
C ALA C 344 9.36 60.36 -32.40
N THR C 345 10.42 61.12 -32.54
CA THR C 345 10.33 62.35 -33.30
C THR C 345 10.51 62.08 -34.77
N ARG C 346 11.03 60.90 -35.09
CA ARG C 346 11.24 60.51 -36.45
C ARG C 346 10.87 59.06 -36.70
N PHE C 347 10.10 58.84 -37.75
CA PHE C 347 9.80 57.52 -38.26
C PHE C 347 10.52 57.29 -39.57
N ALA C 348 10.83 56.04 -39.84
CA ALA C 348 11.49 55.63 -41.06
C ALA C 348 10.50 55.39 -42.17
N SER C 349 11.01 55.26 -43.39
CA SER C 349 10.20 54.93 -44.55
C SER C 349 9.74 53.49 -44.47
N VAL C 350 8.73 53.14 -45.26
CA VAL C 350 8.28 51.76 -45.29
C VAL C 350 9.27 50.86 -46.00
N TYR C 351 9.96 51.39 -47.00
CA TYR C 351 10.93 50.61 -47.74
C TYR C 351 12.11 50.21 -46.85
N ALA C 352 12.60 51.17 -46.07
CA ALA C 352 13.73 50.93 -45.20
C ALA C 352 13.38 51.39 -43.80
N TRP C 353 12.66 50.53 -43.07
CA TRP C 353 12.09 50.90 -41.78
C TRP C 353 13.06 50.67 -40.63
N ASN C 354 12.65 51.08 -39.42
CA ASN C 354 13.48 50.88 -38.24
C ASN C 354 13.04 49.67 -37.44
N ARG C 355 14.00 48.83 -37.04
CA ARG C 355 13.68 47.67 -36.22
C ARG C 355 14.35 47.75 -34.87
N LYS C 356 13.56 48.06 -33.84
CA LYS C 356 14.10 48.16 -32.50
C LYS C 356 13.89 46.84 -31.77
N ARG C 357 14.96 46.28 -31.25
CA ARG C 357 14.85 45.03 -30.52
C ARG C 357 14.56 45.29 -29.06
N ILE C 358 13.44 44.76 -28.59
CA ILE C 358 13.06 44.92 -27.20
C ILE C 358 13.00 43.57 -26.49
N SER C 359 13.75 43.45 -25.40
CA SER C 359 13.79 42.21 -24.64
C SER C 359 14.30 42.44 -23.24
N ASN C 360 14.17 41.45 -22.37
CA ASN C 360 14.69 41.53 -21.01
C ASN C 360 14.21 42.79 -20.28
N CYS C 361 12.90 43.06 -20.40
CA CYS C 361 12.19 44.22 -19.83
C CYS C 361 10.71 43.87 -19.62
N VAL C 362 9.99 44.71 -18.88
CA VAL C 362 8.58 44.48 -18.69
C VAL C 362 7.74 45.10 -19.78
N ALA C 363 7.14 44.24 -20.58
CA ALA C 363 6.41 44.64 -21.74
C ALA C 363 4.98 44.95 -21.37
N ASP C 364 4.78 46.13 -20.80
CA ASP C 364 3.46 46.55 -20.38
C ASP C 364 2.67 46.98 -21.61
N TYR C 365 1.65 46.18 -21.97
CA TYR C 365 0.86 46.43 -23.17
C TYR C 365 -0.49 47.03 -22.82
N SER C 366 -0.73 47.28 -21.53
CA SER C 366 -2.03 47.77 -21.12
C SER C 366 -2.20 49.23 -21.50
N VAL C 367 -1.08 49.92 -21.65
CA VAL C 367 -1.10 51.32 -22.02
C VAL C 367 -1.38 51.45 -23.52
N LEU C 368 -0.70 50.66 -24.32
CA LEU C 368 -0.87 50.71 -25.75
C LEU C 368 -2.27 50.27 -26.15
N TYR C 369 -2.77 49.25 -25.47
CA TYR C 369 -4.11 48.74 -25.73
C TYR C 369 -5.19 49.75 -25.36
N ASN C 370 -5.09 50.31 -24.15
CA ASN C 370 -6.11 51.23 -23.68
C ASN C 370 -6.05 52.60 -24.36
N SER C 371 -4.87 53.02 -24.79
CA SER C 371 -4.73 54.32 -25.43
C SER C 371 -5.69 54.53 -26.59
N ALA C 372 -6.36 55.67 -26.58
CA ALA C 372 -7.34 56.03 -27.60
C ALA C 372 -6.70 56.79 -28.75
N SER C 373 -5.39 57.02 -28.66
CA SER C 373 -4.68 57.77 -29.68
C SER C 373 -4.45 56.97 -30.96
N PHE C 374 -4.69 55.67 -30.88
CA PHE C 374 -4.44 54.80 -32.03
C PHE C 374 -5.69 54.65 -32.88
N SER C 375 -5.53 54.66 -34.21
CA SER C 375 -6.66 54.50 -35.10
C SER C 375 -7.03 53.03 -35.19
N THR C 376 -6.04 52.19 -34.98
CA THR C 376 -6.27 50.76 -34.96
C THR C 376 -5.29 50.07 -34.04
N PHE C 377 -5.75 48.97 -33.45
CA PHE C 377 -4.95 48.08 -32.63
C PHE C 377 -5.48 46.69 -32.86
N LYS C 378 -4.78 45.91 -33.67
CA LYS C 378 -5.29 44.59 -33.95
C LYS C 378 -4.19 43.54 -33.91
N CYS C 379 -4.52 42.37 -33.37
CA CYS C 379 -3.59 41.25 -33.22
C CYS C 379 -4.05 40.08 -34.10
N TYR C 380 -3.10 39.30 -34.57
CA TYR C 380 -3.47 38.20 -35.46
C TYR C 380 -3.38 36.80 -34.84
N GLY C 381 -2.43 36.60 -33.93
CA GLY C 381 -2.24 35.28 -33.32
C GLY C 381 -2.57 35.24 -31.83
N VAL C 382 -2.56 36.39 -31.17
CA VAL C 382 -2.77 36.47 -29.74
C VAL C 382 -3.80 37.53 -29.36
N SER C 383 -4.78 37.16 -28.55
CA SER C 383 -5.79 38.12 -28.15
C SER C 383 -5.13 39.38 -27.58
N PRO C 384 -5.58 40.58 -27.94
CA PRO C 384 -5.06 41.87 -27.53
C PRO C 384 -5.19 42.12 -26.04
N THR C 385 -6.05 41.35 -25.36
CA THR C 385 -6.25 41.54 -23.94
C THR C 385 -5.49 40.52 -23.10
N LYS C 386 -4.74 39.63 -23.76
CA LYS C 386 -3.98 38.59 -23.07
C LYS C 386 -2.48 38.84 -23.24
N LEU C 387 -2.15 39.96 -23.86
CA LEU C 387 -0.76 40.25 -24.21
C LEU C 387 0.13 40.36 -23.00
N ASN C 388 -0.43 40.81 -21.88
CA ASN C 388 0.36 40.95 -20.67
C ASN C 388 0.72 39.61 -20.04
N ASP C 389 -0.11 38.59 -20.26
CA ASP C 389 0.10 37.31 -19.64
C ASP C 389 1.03 36.41 -20.43
N LEU C 390 1.01 36.57 -21.74
CA LEU C 390 1.87 35.74 -22.60
C LEU C 390 3.29 36.26 -22.56
N CYS C 391 4.23 35.44 -22.06
CA CYS C 391 5.65 35.89 -21.93
C CYS C 391 6.47 35.31 -23.05
N PHE C 392 6.96 36.21 -23.87
CA PHE C 392 7.67 35.89 -25.11
C PHE C 392 9.16 35.98 -24.90
N THR C 393 9.96 35.50 -25.85
CA THR C 393 11.39 35.64 -25.70
C THR C 393 11.85 36.97 -26.29
N ASN C 394 11.17 37.40 -27.36
CA ASN C 394 11.53 38.63 -28.02
C ASN C 394 10.34 39.36 -28.60
N VAL C 395 10.40 40.69 -28.57
CA VAL C 395 9.44 41.48 -29.30
C VAL C 395 10.18 42.44 -30.23
N TYR C 396 9.80 42.48 -31.49
CA TYR C 396 10.46 43.39 -32.42
C TYR C 396 9.52 44.51 -32.79
N ALA C 397 9.98 45.74 -32.62
CA ALA C 397 9.15 46.88 -32.95
C ALA C 397 9.56 47.49 -34.30
N ASP C 398 8.80 47.18 -35.34
CA ASP C 398 9.10 47.63 -36.69
C ASP C 398 8.31 48.92 -36.99
N SER C 399 9.04 50.03 -37.10
CA SER C 399 8.46 51.38 -37.21
C SER C 399 8.62 52.06 -38.58
N PHE C 400 7.48 52.46 -39.17
CA PHE C 400 7.46 53.12 -40.48
C PHE C 400 6.22 53.98 -40.80
N VAL C 401 6.32 54.82 -41.83
CA VAL C 401 5.19 55.63 -42.32
C VAL C 401 4.69 55.27 -43.72
N ILE C 402 3.37 55.08 -43.81
CA ILE C 402 2.63 54.78 -45.04
C ILE C 402 1.37 55.64 -45.13
N ARG C 403 0.61 55.54 -46.23
CA ARG C 403 -0.64 56.29 -46.33
C ARG C 403 -1.77 55.61 -45.57
N GLY C 404 -2.78 56.38 -45.19
CA GLY C 404 -3.93 55.80 -44.50
C GLY C 404 -4.58 54.65 -45.26
N ASP C 405 -4.66 54.76 -46.58
CA ASP C 405 -5.29 53.70 -47.37
C ASP C 405 -4.42 52.46 -47.51
N GLU C 406 -3.17 52.54 -47.05
CA GLU C 406 -2.23 51.43 -47.14
C GLU C 406 -2.13 50.68 -45.82
N VAL C 407 -2.82 51.16 -44.79
CA VAL C 407 -2.71 50.54 -43.47
C VAL C 407 -3.19 49.11 -43.50
N ARG C 408 -4.21 48.84 -44.31
CA ARG C 408 -4.78 47.50 -44.43
C ARG C 408 -3.79 46.47 -44.99
N GLN C 409 -2.67 46.93 -45.57
CA GLN C 409 -1.70 45.98 -46.11
C GLN C 409 -0.80 45.44 -45.02
N ILE C 410 -0.80 46.04 -43.85
CA ILE C 410 0.09 45.55 -42.80
C ILE C 410 -0.65 44.47 -42.03
N ALA C 411 -0.68 43.31 -42.64
CA ALA C 411 -1.39 42.15 -42.14
C ALA C 411 -0.84 40.91 -42.86
N PRO C 412 -0.96 39.71 -42.29
CA PRO C 412 -0.62 38.45 -42.89
C PRO C 412 -1.54 38.12 -44.06
N GLY C 413 -0.98 37.49 -45.09
CA GLY C 413 -1.75 37.02 -46.24
C GLY C 413 -2.17 38.13 -47.20
N GLN C 414 -1.45 39.25 -47.18
CA GLN C 414 -1.82 40.37 -48.02
C GLN C 414 -0.87 40.57 -49.19
N THR C 415 -1.36 41.22 -50.22
CA THR C 415 -0.55 41.60 -51.37
C THR C 415 -0.70 43.09 -51.62
N GLY C 416 0.22 43.68 -52.38
CA GLY C 416 0.13 45.11 -52.69
C GLY C 416 1.51 45.77 -52.71
N LYS C 417 1.53 47.06 -52.99
CA LYS C 417 2.81 47.77 -53.11
C LYS C 417 3.65 47.60 -51.86
N ILE C 418 3.03 47.66 -50.69
CA ILE C 418 3.81 47.58 -49.48
C ILE C 418 3.96 46.14 -49.06
N ALA C 419 2.87 45.39 -49.09
CA ALA C 419 2.91 44.01 -48.66
C ALA C 419 3.95 43.19 -49.44
N ASP C 420 4.10 43.48 -50.74
CA ASP C 420 5.03 42.70 -51.56
C ASP C 420 6.41 43.33 -51.77
N TYR C 421 6.53 44.66 -51.82
CA TYR C 421 7.83 45.25 -52.15
C TYR C 421 8.49 46.07 -51.06
N ASN C 422 7.80 46.33 -49.95
CA ASN C 422 8.39 47.18 -48.91
C ASN C 422 8.47 46.50 -47.57
N TYR C 423 7.32 46.11 -47.04
CA TYR C 423 7.25 45.53 -45.71
C TYR C 423 6.28 44.36 -45.68
N LYS C 424 6.82 43.16 -45.61
CA LYS C 424 5.99 41.96 -45.65
C LYS C 424 5.94 41.24 -44.32
N LEU C 425 4.74 40.82 -43.94
CA LEU C 425 4.59 39.97 -42.75
C LEU C 425 4.46 38.52 -43.18
N PRO C 426 4.82 37.56 -42.31
CA PRO C 426 4.59 36.14 -42.45
C PRO C 426 3.11 35.82 -42.51
N ASP C 427 2.76 34.68 -43.07
CA ASP C 427 1.37 34.26 -43.14
C ASP C 427 0.95 33.67 -41.80
N ASP C 428 1.93 33.14 -41.06
CA ASP C 428 1.74 32.57 -39.74
C ASP C 428 2.20 33.57 -38.66
N PHE C 429 2.12 34.85 -39.01
CA PHE C 429 2.55 35.94 -38.16
C PHE C 429 1.83 36.01 -36.82
N THR C 430 2.62 36.19 -35.77
CA THR C 430 2.12 36.42 -34.44
C THR C 430 2.65 37.75 -33.96
N GLY C 431 1.76 38.60 -33.53
CA GLY C 431 2.11 39.93 -33.12
C GLY C 431 0.90 40.83 -33.27
N CYS C 432 1.09 42.12 -33.01
CA CYS C 432 0.03 43.13 -33.06
C CYS C 432 0.47 44.32 -33.90
N VAL C 433 -0.45 44.80 -34.72
CA VAL C 433 -0.21 45.95 -35.57
C VAL C 433 -0.94 47.16 -35.04
N ILE C 434 -0.18 48.20 -34.73
CA ILE C 434 -0.73 49.41 -34.15
C ILE C 434 -0.47 50.58 -35.08
N ALA C 435 -1.49 51.37 -35.39
CA ALA C 435 -1.26 52.48 -36.30
C ALA C 435 -2.11 53.68 -35.92
N TRP C 436 -1.63 54.87 -36.29
CA TRP C 436 -2.35 56.09 -36.00
C TRP C 436 -2.09 57.21 -36.98
N ASN C 437 -3.03 58.16 -37.02
CA ASN C 437 -2.93 59.32 -37.88
C ASN C 437 -1.86 60.27 -37.37
N SER C 438 -0.95 60.64 -38.26
CA SER C 438 0.14 61.53 -37.92
C SER C 438 0.19 62.70 -38.90
N ASN C 439 -0.97 63.18 -39.31
CA ASN C 439 -1.08 64.26 -40.28
C ASN C 439 -0.40 65.54 -39.81
N ASN C 440 -0.40 65.78 -38.51
CA ASN C 440 0.19 67.00 -37.97
C ASN C 440 1.65 66.81 -37.59
N LEU C 441 2.22 65.65 -37.92
CA LEU C 441 3.61 65.40 -37.57
C LEU C 441 4.47 65.18 -38.81
N ASP C 442 3.99 64.34 -39.71
CA ASP C 442 4.78 63.90 -40.86
C ASP C 442 4.39 64.58 -42.18
N SER C 443 3.64 65.67 -42.13
CA SER C 443 3.27 66.37 -43.35
C SER C 443 3.88 67.76 -43.35
N LYS C 444 4.08 68.31 -44.53
CA LYS C 444 4.63 69.66 -44.64
C LYS C 444 3.87 70.48 -45.67
N VAL C 445 3.88 71.79 -45.49
CA VAL C 445 3.29 72.64 -46.48
C VAL C 445 4.23 72.67 -47.66
N GLY C 446 3.70 72.37 -48.84
CA GLY C 446 4.51 72.28 -50.04
C GLY C 446 4.82 70.81 -50.38
N GLY C 447 4.57 69.90 -49.44
CA GLY C 447 4.78 68.48 -49.65
C GLY C 447 6.01 67.92 -48.95
N ASN C 448 5.78 66.95 -48.08
CA ASN C 448 6.86 66.27 -47.39
C ASN C 448 7.23 65.04 -48.18
N TYR C 449 8.36 65.08 -48.85
CA TYR C 449 8.77 64.00 -49.74
C TYR C 449 9.87 63.17 -49.12
N ASN C 450 10.03 63.29 -47.81
CA ASN C 450 11.05 62.54 -47.09
C ASN C 450 10.79 61.03 -47.04
N TYR C 451 9.53 60.63 -47.13
CA TYR C 451 9.19 59.22 -47.03
C TYR C 451 9.09 58.55 -48.39
N LEU C 452 9.87 57.48 -48.56
CA LEU C 452 9.89 56.74 -49.82
C LEU C 452 9.26 55.36 -49.71
N TYR C 453 8.75 54.88 -50.84
CA TYR C 453 8.25 53.52 -50.94
C TYR C 453 8.62 52.95 -52.30
N ARG C 454 8.76 51.65 -52.38
CA ARG C 454 9.09 51.04 -53.66
C ARG C 454 7.84 50.73 -54.44
N LEU C 455 7.89 51.07 -55.73
CA LEU C 455 6.79 50.79 -56.65
C LEU C 455 7.16 49.64 -57.58
N PHE C 456 8.41 49.62 -58.03
CA PHE C 456 8.83 48.59 -58.99
C PHE C 456 9.90 47.66 -58.44
N ARG C 457 9.64 46.36 -58.46
CA ARG C 457 10.64 45.39 -58.02
C ARG C 457 10.54 44.15 -58.90
N LYS C 458 11.66 43.51 -59.16
CA LYS C 458 11.70 42.31 -60.00
C LYS C 458 10.97 41.12 -59.39
N SER C 459 10.98 41.02 -58.06
CA SER C 459 10.32 39.92 -57.37
C SER C 459 9.79 40.38 -56.02
N ASN C 460 9.02 39.52 -55.36
CA ASN C 460 8.42 39.85 -54.09
C ASN C 460 9.40 39.60 -52.94
N LEU C 461 9.18 40.29 -51.82
CA LEU C 461 9.96 40.11 -50.60
C LEU C 461 9.56 38.87 -49.83
N LYS C 462 10.50 38.32 -49.06
CA LYS C 462 10.16 37.28 -48.12
C LYS C 462 9.79 38.00 -46.80
N PRO C 463 9.14 37.33 -45.85
CA PRO C 463 8.67 37.96 -44.61
C PRO C 463 9.86 38.60 -43.86
N PHE C 464 9.57 39.84 -43.43
CA PHE C 464 10.51 40.69 -42.68
C PHE C 464 11.79 41.04 -43.39
N GLU C 465 11.83 40.88 -44.72
CA GLU C 465 13.01 41.26 -45.49
C GLU C 465 13.06 42.76 -45.72
N ARG C 466 14.22 43.35 -45.45
CA ARG C 466 14.38 44.79 -45.66
C ARG C 466 15.37 45.05 -46.77
N ASP C 467 14.85 45.37 -47.94
CA ASP C 467 15.63 45.64 -49.12
C ASP C 467 15.93 47.13 -49.15
N ILE C 468 17.21 47.51 -49.11
CA ILE C 468 17.57 48.91 -49.07
C ILE C 468 18.27 49.36 -50.36
N SER C 469 18.23 48.51 -51.38
CA SER C 469 18.85 48.80 -52.67
C SER C 469 18.14 49.91 -53.44
N THR C 470 18.91 50.69 -54.18
CA THR C 470 18.37 51.76 -55.02
C THR C 470 18.66 51.53 -56.50
N GLU C 471 19.02 50.30 -56.84
CA GLU C 471 19.37 49.94 -58.22
C GLU C 471 18.21 50.19 -59.19
N ILE C 472 18.51 50.80 -60.33
CA ILE C 472 17.48 51.15 -61.30
C ILE C 472 16.77 49.92 -61.83
N TYR C 473 15.44 49.99 -61.81
CA TYR C 473 14.58 48.90 -62.22
C TYR C 473 14.45 48.83 -63.73
N GLN C 474 14.66 47.63 -64.27
CA GLN C 474 14.53 47.39 -65.68
C GLN C 474 13.15 46.89 -66.03
N ALA C 475 12.38 47.73 -66.71
CA ALA C 475 11.01 47.40 -67.07
C ALA C 475 10.98 46.71 -68.43
N GLY C 476 11.91 47.12 -69.29
CA GLY C 476 11.96 46.64 -70.67
C GLY C 476 12.93 45.48 -70.85
N SER C 477 13.30 45.24 -72.10
CA SER C 477 14.16 44.11 -72.46
C SER C 477 15.65 44.46 -72.43
N THR C 478 15.99 45.75 -72.54
CA THR C 478 17.38 46.13 -72.57
C THR C 478 17.88 46.45 -71.16
N PRO C 479 19.18 46.31 -70.88
CA PRO C 479 19.86 46.72 -69.67
C PRO C 479 19.73 48.22 -69.47
N CYS C 480 19.65 48.64 -68.19
CA CYS C 480 19.59 50.07 -67.82
C CYS C 480 20.97 50.54 -67.41
N ASN C 481 21.77 49.67 -66.83
CA ASN C 481 23.11 49.98 -66.37
C ASN C 481 23.13 51.18 -65.41
N GLY C 482 22.12 51.29 -64.56
CA GLY C 482 22.05 52.37 -63.58
C GLY C 482 21.49 53.67 -64.14
N VAL C 483 21.03 53.67 -65.38
CA VAL C 483 20.55 54.89 -66.02
C VAL C 483 19.06 54.84 -66.32
N GLU C 484 18.33 55.87 -65.86
CA GLU C 484 16.90 55.98 -66.09
C GLU C 484 16.61 56.42 -67.52
N GLY C 485 15.42 56.09 -68.01
CA GLY C 485 15.06 56.40 -69.39
C GLY C 485 13.89 55.54 -69.84
N PHE C 486 13.77 55.31 -71.13
CA PHE C 486 12.64 54.50 -71.59
C PHE C 486 12.73 53.10 -71.00
N ASN C 487 11.67 52.74 -70.27
CA ASN C 487 11.58 51.47 -69.56
C ASN C 487 12.71 51.19 -68.54
N CYS C 488 13.22 52.26 -67.88
CA CYS C 488 14.22 52.22 -66.80
C CYS C 488 13.82 53.25 -65.75
N TYR C 489 13.61 52.81 -64.51
CA TYR C 489 13.11 53.75 -63.52
C TYR C 489 13.80 53.66 -62.17
N PHE C 490 13.91 54.78 -61.48
CA PHE C 490 14.33 54.71 -60.09
C PHE C 490 13.17 54.00 -59.39
N PRO C 491 13.43 52.92 -58.64
CA PRO C 491 12.42 52.04 -58.07
C PRO C 491 11.54 52.66 -57.00
N LEU C 492 12.01 53.75 -56.39
CA LEU C 492 11.27 54.36 -55.29
C LEU C 492 10.55 55.63 -55.67
N GLN C 493 9.35 55.77 -55.13
CA GLN C 493 8.55 56.97 -55.26
C GLN C 493 8.43 57.66 -53.91
N SER C 494 8.21 58.97 -53.91
CA SER C 494 8.00 59.65 -52.64
C SER C 494 6.53 59.83 -52.36
N TYR C 495 6.19 59.94 -51.08
CA TYR C 495 4.82 60.23 -50.69
C TYR C 495 4.62 61.73 -50.58
N GLY C 496 3.68 62.28 -51.31
CA GLY C 496 3.43 63.71 -51.22
C GLY C 496 2.55 64.03 -50.03
N PHE C 497 3.13 64.00 -48.84
CA PHE C 497 2.35 64.23 -47.64
C PHE C 497 2.15 65.71 -47.35
N GLN C 498 0.89 66.13 -47.31
CA GLN C 498 0.53 67.51 -47.06
C GLN C 498 -0.58 67.55 -46.02
N PRO C 499 -0.63 68.58 -45.17
CA PRO C 499 -1.59 68.76 -44.10
C PRO C 499 -3.02 68.92 -44.61
N THR C 500 -3.16 69.23 -45.90
CA THR C 500 -4.45 69.44 -46.51
C THR C 500 -4.99 68.22 -47.27
N ASN C 501 -4.25 67.11 -47.22
CA ASN C 501 -4.69 65.89 -47.92
C ASN C 501 -5.93 65.29 -47.27
N GLY C 502 -6.71 64.57 -48.05
CA GLY C 502 -7.84 63.82 -47.52
C GLY C 502 -7.28 62.67 -46.70
N VAL C 503 -8.10 62.06 -45.85
CA VAL C 503 -7.60 61.08 -44.91
C VAL C 503 -6.85 59.91 -45.54
N GLY C 504 -7.34 59.41 -46.66
CA GLY C 504 -6.69 58.26 -47.30
C GLY C 504 -5.26 58.59 -47.73
N TYR C 505 -4.96 59.87 -47.89
CA TYR C 505 -3.64 60.30 -48.34
C TYR C 505 -2.85 60.98 -47.22
N GLN C 506 -3.37 60.95 -46.00
CA GLN C 506 -2.63 61.48 -44.87
C GLN C 506 -1.65 60.41 -44.43
N PRO C 507 -0.52 60.76 -43.83
CA PRO C 507 0.44 59.84 -43.29
C PRO C 507 -0.08 59.15 -42.05
N TYR C 508 0.25 57.88 -41.96
CA TYR C 508 -0.03 57.08 -40.78
C TYR C 508 1.23 56.42 -40.29
N ARG C 509 1.40 56.47 -38.99
CA ARG C 509 2.53 55.84 -38.34
C ARG C 509 2.14 54.45 -37.95
N VAL C 510 2.98 53.50 -38.33
CA VAL C 510 2.70 52.12 -38.05
C VAL C 510 3.82 51.47 -37.27
N VAL C 511 3.46 50.80 -36.20
CA VAL C 511 4.42 50.03 -35.43
C VAL C 511 3.94 48.60 -35.33
N VAL C 512 4.76 47.67 -35.79
CA VAL C 512 4.37 46.29 -35.71
C VAL C 512 5.16 45.60 -34.63
N LEU C 513 4.47 45.03 -33.66
CA LEU C 513 5.14 44.34 -32.58
C LEU C 513 5.07 42.85 -32.84
N SER C 514 6.20 42.29 -33.29
CA SER C 514 6.27 40.88 -33.63
C SER C 514 6.61 40.10 -32.38
N PHE C 515 5.80 39.09 -32.04
CA PHE C 515 6.01 38.37 -30.79
C PHE C 515 6.47 36.94 -31.02
N GLU C 516 7.69 36.62 -30.60
CA GLU C 516 8.22 35.28 -30.78
C GLU C 516 8.57 34.62 -29.46
N LEU C 517 8.36 33.33 -29.40
CA LEU C 517 8.70 32.53 -28.23
C LEU C 517 9.58 31.35 -28.59
N LEU C 518 10.83 31.65 -28.91
CA LEU C 518 11.78 30.67 -29.35
C LEU C 518 12.33 29.87 -28.19
N HIS C 519 13.08 28.83 -28.48
CA HIS C 519 13.61 28.01 -27.39
C HIS C 519 14.70 28.77 -26.65
N ALA C 520 14.26 29.57 -25.69
CA ALA C 520 15.09 30.44 -24.89
C ALA C 520 14.27 30.89 -23.68
N PRO C 521 14.89 31.42 -22.63
CA PRO C 521 14.25 32.12 -21.54
C PRO C 521 13.39 33.24 -22.10
N ALA C 522 12.18 33.38 -21.57
CA ALA C 522 11.25 34.40 -22.04
C ALA C 522 10.90 35.37 -20.94
N THR C 523 11.59 36.51 -20.92
CA THR C 523 11.35 37.52 -19.90
C THR C 523 10.58 38.70 -20.49
N VAL C 524 9.94 38.51 -21.64
CA VAL C 524 9.19 39.62 -22.24
C VAL C 524 7.67 39.51 -22.01
N CYS C 525 7.19 40.17 -20.95
CA CYS C 525 5.80 40.14 -20.47
C CYS C 525 5.44 41.34 -19.61
N GLY C 526 4.13 41.50 -19.36
CA GLY C 526 3.62 42.66 -18.66
C GLY C 526 3.92 42.58 -17.19
N PRO C 527 3.53 43.60 -16.42
CA PRO C 527 3.79 43.73 -15.01
C PRO C 527 2.96 42.72 -14.26
N LYS C 528 3.48 42.28 -13.13
CA LYS C 528 2.74 41.36 -12.28
C LYS C 528 2.09 42.14 -11.16
N LYS C 529 0.76 42.14 -11.13
CA LYS C 529 0.04 42.94 -10.16
C LYS C 529 0.23 42.44 -8.75
N SER C 530 0.49 43.37 -7.85
CA SER C 530 0.64 43.04 -6.44
C SER C 530 -0.48 43.66 -5.63
N THR C 531 -0.76 43.04 -4.51
CA THR C 531 -1.76 43.48 -3.55
C THR C 531 -1.08 43.89 -2.26
N ASN C 532 -1.85 44.40 -1.32
CA ASN C 532 -1.30 44.78 -0.03
C ASN C 532 -0.90 43.54 0.76
N LEU C 533 0.15 43.68 1.56
CA LEU C 533 0.62 42.60 2.40
C LEU C 533 -0.25 42.49 3.64
N VAL C 534 -0.70 41.28 3.94
CA VAL C 534 -1.55 41.06 5.09
C VAL C 534 -0.88 40.15 6.09
N LYS C 535 -0.83 40.61 7.33
CA LYS C 535 -0.21 39.87 8.42
C LYS C 535 -1.19 39.55 9.52
N ASN C 536 -0.87 38.51 10.29
CA ASN C 536 -1.62 38.04 11.45
C ASN C 536 -3.02 37.53 11.12
N LYS C 537 -3.23 37.17 9.87
CA LYS C 537 -4.48 36.59 9.41
C LYS C 537 -4.21 35.40 8.50
N CYS C 538 -5.15 34.44 8.43
CA CYS C 538 -5.02 33.31 7.52
C CYS C 538 -5.31 33.75 6.09
N VAL C 539 -4.30 33.63 5.24
CA VAL C 539 -4.45 34.07 3.87
C VAL C 539 -3.98 33.04 2.87
N ASN C 540 -4.48 33.18 1.66
CA ASN C 540 -4.02 32.40 0.53
C ASN C 540 -2.99 33.26 -0.18
N PHE C 541 -1.72 32.91 -0.04
CA PHE C 541 -0.67 33.80 -0.53
C PHE C 541 0.08 33.29 -1.75
N ASN C 542 0.62 34.26 -2.49
CA ASN C 542 1.52 34.00 -3.61
C ASN C 542 2.68 34.99 -3.61
N PHE C 543 3.87 34.51 -3.22
CA PHE C 543 5.07 35.34 -3.19
C PHE C 543 5.98 34.94 -4.34
N ASN C 544 6.06 35.79 -5.34
CA ASN C 544 6.79 35.44 -6.56
C ASN C 544 6.14 34.19 -7.17
N GLY C 545 6.82 33.05 -7.09
CA GLY C 545 6.28 31.81 -7.64
C GLY C 545 5.92 30.79 -6.56
N LEU C 546 5.97 31.22 -5.30
CA LEU C 546 5.70 30.33 -4.16
C LEU C 546 4.32 30.56 -3.60
N THR C 547 3.51 29.52 -3.60
CA THR C 547 2.15 29.64 -3.12
C THR C 547 1.87 28.75 -1.93
N GLY C 548 0.84 29.10 -1.17
CA GLY C 548 0.43 28.28 -0.04
C GLY C 548 -0.58 28.99 0.84
N THR C 549 -0.96 28.33 1.92
CA THR C 549 -1.92 28.88 2.87
C THR C 549 -1.31 28.95 4.25
N GLY C 550 -1.47 30.09 4.90
CA GLY C 550 -0.95 30.24 6.24
C GLY C 550 -1.03 31.67 6.75
N VAL C 551 -0.70 31.83 8.02
CA VAL C 551 -0.70 33.12 8.68
C VAL C 551 0.71 33.68 8.63
N LEU C 552 0.83 34.92 8.18
CA LEU C 552 2.15 35.51 8.05
C LEU C 552 2.44 36.42 9.24
N THR C 553 3.64 36.29 9.79
CA THR C 553 4.06 37.17 10.87
C THR C 553 5.47 37.66 10.62
N GLU C 554 5.89 38.72 11.29
CA GLU C 554 7.27 39.16 11.13
C GLU C 554 8.21 38.10 11.67
N SER C 555 9.27 37.83 10.93
CA SER C 555 10.26 36.84 11.32
C SER C 555 11.45 37.51 11.98
N ASN C 556 12.12 36.78 12.87
CA ASN C 556 13.36 37.27 13.47
C ASN C 556 14.57 36.57 12.86
N LYS C 557 14.36 35.92 11.72
CA LYS C 557 15.42 35.20 11.01
C LYS C 557 16.14 36.10 10.02
N LYS C 558 17.38 35.72 9.69
CA LYS C 558 18.15 36.48 8.74
C LYS C 558 18.51 35.66 7.51
N PHE C 559 17.99 36.08 6.37
CA PHE C 559 18.27 35.42 5.11
C PHE C 559 19.51 36.02 4.50
N LEU C 560 20.23 35.22 3.72
CA LEU C 560 21.36 35.76 3.00
C LEU C 560 20.79 36.66 1.91
N PRO C 561 21.55 37.63 1.40
CA PRO C 561 21.15 38.60 0.39
C PRO C 561 20.53 38.00 -0.88
N PHE C 562 20.81 36.73 -1.17
CA PHE C 562 20.30 36.11 -2.38
C PHE C 562 19.21 35.07 -2.12
N GLN C 563 18.85 34.86 -0.86
CA GLN C 563 17.85 33.85 -0.53
C GLN C 563 16.45 34.46 -0.54
N GLN C 564 15.51 33.75 -1.16
CA GLN C 564 14.15 34.26 -1.31
C GLN C 564 13.17 33.63 -0.35
N PHE C 565 13.44 32.40 0.06
CA PHE C 565 12.54 31.74 1.00
C PHE C 565 13.33 30.71 1.75
N GLY C 566 12.78 30.23 2.86
CA GLY C 566 13.45 29.20 3.63
C GLY C 566 12.57 27.99 3.80
N ARG C 567 13.18 26.90 4.22
CA ARG C 567 12.48 25.65 4.45
C ARG C 567 12.81 25.01 5.79
N ASP C 568 11.90 24.17 6.26
CA ASP C 568 12.11 23.39 7.47
C ASP C 568 12.77 22.05 7.11
N ILE C 569 13.04 21.22 8.11
CA ILE C 569 13.67 19.92 7.89
C ILE C 569 12.71 18.95 7.19
N ALA C 570 11.44 19.32 7.16
CA ALA C 570 10.37 18.55 6.54
C ALA C 570 10.19 18.91 5.06
N ASP C 571 11.07 19.78 4.54
CA ASP C 571 10.98 20.28 3.18
C ASP C 571 9.67 20.99 2.88
N THR C 572 9.23 21.79 3.83
CA THR C 572 8.05 22.63 3.67
C THR C 572 8.50 24.06 3.84
N THR C 573 7.78 25.01 3.26
CA THR C 573 8.21 26.39 3.36
C THR C 573 8.08 26.88 4.79
N ASP C 574 9.15 27.46 5.30
CA ASP C 574 9.22 27.97 6.65
C ASP C 574 8.96 29.46 6.70
N ALA C 575 9.55 30.18 5.77
CA ALA C 575 9.49 31.64 5.74
C ALA C 575 9.73 32.13 4.34
N VAL C 576 9.30 33.35 4.07
CA VAL C 576 9.58 33.97 2.79
C VAL C 576 10.09 35.39 2.94
N ARG C 577 10.80 35.86 1.92
CA ARG C 577 11.19 37.24 1.85
C ARG C 577 10.18 38.00 1.02
N ASP C 578 9.69 39.11 1.54
CA ASP C 578 8.76 39.92 0.77
C ASP C 578 9.53 40.64 -0.32
N PRO C 579 9.19 40.45 -1.59
CA PRO C 579 9.92 40.95 -2.73
C PRO C 579 9.96 42.47 -2.87
N GLN C 580 9.10 43.20 -2.15
CA GLN C 580 9.10 44.65 -2.27
C GLN C 580 9.74 45.33 -1.06
N THR C 581 9.53 44.78 0.12
CA THR C 581 10.06 45.46 1.31
C THR C 581 11.22 44.73 1.95
N LEU C 582 11.51 43.52 1.45
CA LEU C 582 12.63 42.70 1.87
C LEU C 582 12.54 42.27 3.34
N GLU C 583 11.35 42.27 3.88
CA GLU C 583 11.16 41.79 5.25
C GLU C 583 11.04 40.28 5.20
N ILE C 584 11.40 39.63 6.28
CA ILE C 584 11.25 38.20 6.33
C ILE C 584 9.99 37.88 7.11
N LEU C 585 9.16 37.03 6.56
CA LEU C 585 7.91 36.64 7.19
C LEU C 585 7.88 35.15 7.44
N ASP C 586 7.45 34.78 8.64
CA ASP C 586 7.31 33.38 8.99
C ASP C 586 5.95 32.90 8.53
N ILE C 587 5.87 31.67 8.08
CA ILE C 587 4.58 31.13 7.69
C ILE C 587 4.11 30.10 8.69
N THR C 588 3.00 30.40 9.33
CA THR C 588 2.42 29.47 10.29
C THR C 588 1.17 28.86 9.68
N PRO C 589 1.11 27.56 9.45
CA PRO C 589 -0.02 26.90 8.84
C PRO C 589 -1.26 27.31 9.61
N CYS C 590 -2.38 27.52 8.90
CA CYS C 590 -3.63 27.95 9.52
C CYS C 590 -4.11 26.86 10.48
N SER C 591 -4.42 27.28 11.70
CA SER C 591 -4.71 26.34 12.75
C SER C 591 -5.84 25.39 12.43
N PHE C 592 -5.63 24.14 12.82
CA PHE C 592 -6.62 23.11 12.65
C PHE C 592 -6.43 22.09 13.75
N GLY C 593 -7.43 21.27 13.98
CA GLY C 593 -7.29 20.20 14.94
C GLY C 593 -8.60 19.47 15.15
N GLY C 594 -8.53 18.35 15.86
CA GLY C 594 -9.73 17.56 16.09
C GLY C 594 -10.68 18.28 17.02
N VAL C 595 -11.96 18.03 16.84
CA VAL C 595 -12.94 18.57 17.74
C VAL C 595 -13.61 17.44 18.46
N SER C 596 -13.52 17.45 19.78
CA SER C 596 -14.08 16.35 20.54
C SER C 596 -15.12 16.83 21.53
N VAL C 597 -16.08 15.95 21.77
CA VAL C 597 -17.18 16.25 22.66
C VAL C 597 -17.06 15.47 23.94
N ILE C 598 -16.92 16.21 25.02
CA ILE C 598 -16.76 15.64 26.33
C ILE C 598 -18.16 15.52 26.83
N THR C 599 -18.61 14.31 27.15
CA THR C 599 -19.98 14.21 27.56
C THR C 599 -20.29 13.25 28.66
N PRO C 600 -21.02 13.71 29.68
CA PRO C 600 -21.46 12.71 30.66
C PRO C 600 -22.55 11.96 29.90
N GLY C 601 -22.67 10.66 30.10
CA GLY C 601 -23.61 9.88 29.30
C GLY C 601 -25.04 10.34 29.28
N THR C 602 -25.65 10.25 28.09
CA THR C 602 -27.03 10.65 27.86
C THR C 602 -27.99 10.04 28.87
N ASN C 603 -27.44 9.18 29.72
CA ASN C 603 -28.16 8.60 30.85
C ASN C 603 -28.04 9.49 32.10
N THR C 604 -27.28 10.60 32.03
CA THR C 604 -27.04 11.56 33.11
C THR C 604 -27.59 12.93 32.74
N SER C 605 -27.16 13.45 31.59
CA SER C 605 -27.57 14.78 31.16
C SER C 605 -27.38 14.95 29.67
N ASN C 606 -27.92 16.02 29.11
CA ASN C 606 -27.73 16.29 27.69
C ASN C 606 -26.91 17.55 27.45
N GLN C 607 -26.03 17.88 28.38
CA GLN C 607 -25.15 19.02 28.20
C GLN C 607 -23.74 18.50 28.00
N VAL C 608 -23.01 19.11 27.08
CA VAL C 608 -21.65 18.67 26.79
C VAL C 608 -20.68 19.82 26.73
N ALA C 609 -19.39 19.51 26.85
CA ALA C 609 -18.34 20.49 26.64
C ALA C 609 -17.61 20.15 25.35
N VAL C 610 -17.10 21.15 24.65
CA VAL C 610 -16.40 20.87 23.40
C VAL C 610 -14.96 21.32 23.43
N LEU C 611 -14.07 20.40 23.10
CA LEU C 611 -12.65 20.66 23.07
C LEU C 611 -12.11 20.81 21.65
N TYR C 612 -11.41 21.91 21.42
CA TYR C 612 -10.75 22.13 20.15
C TYR C 612 -9.27 21.84 20.34
N GLN C 613 -8.82 20.70 19.80
CA GLN C 613 -7.49 20.18 20.09
C GLN C 613 -6.40 20.94 19.37
N ASP C 614 -5.38 21.35 20.13
CA ASP C 614 -4.27 22.13 19.60
C ASP C 614 -4.77 23.36 18.86
N VAL C 615 -5.75 24.03 19.46
CA VAL C 615 -6.34 25.25 18.92
C VAL C 615 -6.37 26.33 20.02
N ASN C 616 -6.14 27.59 19.61
CA ASN C 616 -6.21 28.77 20.45
C ASN C 616 -7.68 29.25 20.60
N CYS C 617 -8.06 29.67 21.79
CA CYS C 617 -9.44 30.20 22.03
C CYS C 617 -9.74 31.45 21.23
N THR C 618 -8.72 32.11 20.75
CA THR C 618 -8.89 33.34 19.97
C THR C 618 -9.21 33.05 18.53
N GLU C 619 -9.08 31.79 18.15
CA GLU C 619 -9.30 31.36 16.76
C GLU C 619 -10.69 30.75 16.50
N VAL C 620 -11.30 30.16 17.54
CA VAL C 620 -12.59 29.47 17.46
C VAL C 620 -13.68 30.54 17.36
N ASN C 641 -17.67 31.07 29.15
CA ASN C 641 -17.22 29.89 29.88
C ASN C 641 -16.17 29.14 29.04
N VAL C 642 -15.03 29.81 28.81
CA VAL C 642 -13.93 29.31 27.97
C VAL C 642 -12.62 29.15 28.73
N PHE C 643 -12.08 27.94 28.68
CA PHE C 643 -10.84 27.60 29.37
C PHE C 643 -9.74 27.18 28.41
N GLN C 644 -8.65 27.95 28.39
CA GLN C 644 -7.54 27.60 27.52
C GLN C 644 -6.57 26.70 28.24
N THR C 645 -6.30 25.53 27.69
CA THR C 645 -5.33 24.63 28.27
C THR C 645 -4.34 24.14 27.22
N ARG C 646 -3.47 23.22 27.64
CA ARG C 646 -2.41 22.72 26.77
C ARG C 646 -2.95 21.76 25.72
N ALA C 647 -3.98 21.01 26.09
CA ALA C 647 -4.60 20.07 25.17
C ALA C 647 -5.31 20.80 24.04
N GLY C 648 -5.88 21.95 24.34
CA GLY C 648 -6.65 22.72 23.39
C GLY C 648 -7.57 23.72 24.10
N CYS C 649 -8.54 24.28 23.37
CA CYS C 649 -9.49 25.24 23.94
C CYS C 649 -10.75 24.48 24.36
N LEU C 650 -11.06 24.54 25.65
CA LEU C 650 -12.20 23.82 26.19
C LEU C 650 -13.36 24.76 26.46
N ILE C 651 -14.45 24.56 25.73
CA ILE C 651 -15.58 25.46 25.84
C ILE C 651 -16.83 24.79 26.40
N GLY C 652 -17.39 25.39 27.44
CA GLY C 652 -18.60 24.87 28.08
C GLY C 652 -18.34 24.23 29.43
N ALA C 653 -17.09 23.87 29.70
CA ALA C 653 -16.74 23.31 30.99
C ALA C 653 -16.26 24.44 31.89
N GLU C 654 -16.64 24.39 33.15
CA GLU C 654 -16.17 25.41 34.09
C GLU C 654 -14.93 24.96 34.83
N HIS C 655 -13.84 25.67 34.64
CA HIS C 655 -12.62 25.30 35.33
C HIS C 655 -12.72 25.67 36.80
N VAL C 656 -12.27 24.77 37.66
CA VAL C 656 -12.26 25.00 39.10
C VAL C 656 -10.88 24.69 39.69
N ASN C 657 -10.62 25.21 40.91
CA ASN C 657 -9.34 24.99 41.62
C ASN C 657 -9.35 23.73 42.51
N ASN C 658 -10.46 22.98 42.50
CA ASN C 658 -10.63 21.76 43.28
C ASN C 658 -10.28 20.54 42.44
N SER C 659 -9.27 19.80 42.86
CA SER C 659 -8.86 18.61 42.13
C SER C 659 -9.68 17.42 42.58
N TYR C 660 -9.81 16.43 41.71
CA TYR C 660 -10.56 15.22 42.03
C TYR C 660 -9.95 14.03 41.31
N GLU C 661 -10.49 12.85 41.54
CA GLU C 661 -10.03 11.68 40.80
C GLU C 661 -10.50 11.89 39.36
N CYS C 662 -9.64 11.55 38.38
CA CYS C 662 -9.93 11.77 36.96
C CYS C 662 -11.13 10.93 36.50
N ASP C 663 -12.07 11.59 35.84
CA ASP C 663 -13.25 10.94 35.30
C ASP C 663 -13.12 10.82 33.78
N ILE C 664 -13.34 11.92 33.05
CA ILE C 664 -13.15 11.90 31.61
C ILE C 664 -11.90 12.68 31.26
N PRO C 665 -10.80 12.03 30.89
CA PRO C 665 -9.52 12.66 30.67
C PRO C 665 -9.53 13.52 29.44
N ILE C 666 -8.86 14.67 29.52
CA ILE C 666 -8.67 15.53 28.38
C ILE C 666 -7.23 15.48 27.90
N GLY C 667 -6.31 15.62 28.82
CA GLY C 667 -4.89 15.59 28.50
C GLY C 667 -4.14 16.68 29.23
N ALA C 668 -2.84 16.50 29.35
CA ALA C 668 -1.96 17.46 29.99
C ALA C 668 -2.36 17.74 31.43
N GLY C 669 -2.82 16.71 32.13
CA GLY C 669 -3.17 16.80 33.54
C GLY C 669 -4.60 17.24 33.78
N ILE C 670 -5.33 17.59 32.72
CA ILE C 670 -6.69 18.07 32.86
C ILE C 670 -7.70 16.96 32.57
N CYS C 671 -8.70 16.84 33.47
CA CYS C 671 -9.82 15.92 33.36
C CYS C 671 -11.13 16.70 33.54
N ALA C 672 -12.19 16.17 32.95
CA ALA C 672 -13.51 16.76 33.11
C ALA C 672 -14.43 15.84 33.89
N SER C 673 -15.41 16.42 34.55
CA SER C 673 -16.41 15.64 35.27
C SER C 673 -17.71 16.39 35.39
N TYR C 674 -18.75 15.67 35.76
CA TYR C 674 -20.06 16.26 35.96
C TYR C 674 -20.41 16.31 37.44
N GLN C 675 -20.54 17.52 37.97
CA GLN C 675 -20.76 17.71 39.40
C GLN C 675 -21.80 18.81 39.68
N THR C 676 -22.44 18.74 40.86
CA THR C 676 -23.43 19.73 41.32
C THR C 676 -22.71 21.06 41.66
N SER C 689 -28.51 22.17 40.03
CA SER C 689 -27.37 23.02 39.71
C SER C 689 -26.13 22.15 39.38
N GLN C 690 -26.22 21.40 38.26
CA GLN C 690 -25.15 20.51 37.79
C GLN C 690 -24.60 20.95 36.45
N SER C 691 -23.29 20.79 36.29
CA SER C 691 -22.61 21.16 35.07
C SER C 691 -21.29 20.43 34.92
N ILE C 692 -20.68 20.59 33.74
CA ILE C 692 -19.39 20.00 33.47
C ILE C 692 -18.29 20.93 33.94
N ILE C 693 -17.32 20.38 34.65
CA ILE C 693 -16.21 21.16 35.17
C ILE C 693 -14.89 20.61 34.66
N ALA C 694 -13.87 21.46 34.70
CA ALA C 694 -12.52 21.06 34.33
C ALA C 694 -11.58 21.29 35.50
N TYR C 695 -10.68 20.36 35.71
CA TYR C 695 -9.75 20.49 36.82
C TYR C 695 -8.48 19.72 36.57
N THR C 696 -7.44 20.05 37.33
CA THR C 696 -6.23 19.25 37.27
C THR C 696 -6.47 18.05 38.14
N MET C 697 -6.22 16.87 37.61
CA MET C 697 -6.53 15.66 38.33
C MET C 697 -5.62 15.43 39.53
N SER C 698 -6.20 14.84 40.55
CA SER C 698 -5.50 14.41 41.74
C SER C 698 -4.78 13.11 41.46
N LEU C 699 -3.59 12.94 42.00
CA LEU C 699 -2.87 11.70 41.78
C LEU C 699 -3.19 10.69 42.86
N GLY C 700 -3.54 11.19 44.03
CA GLY C 700 -3.87 10.35 45.17
C GLY C 700 -3.99 11.19 46.42
N ALA C 701 -4.44 10.57 47.50
CA ALA C 701 -4.57 11.27 48.78
C ALA C 701 -3.20 11.54 49.35
N GLU C 702 -3.04 12.67 50.02
CA GLU C 702 -1.77 12.97 50.65
C GLU C 702 -1.59 12.15 51.93
N ASN C 703 -0.46 11.46 52.05
CA ASN C 703 -0.21 10.66 53.25
C ASN C 703 1.25 10.72 53.69
N SER C 704 1.54 11.53 54.70
CA SER C 704 2.90 11.62 55.18
C SER C 704 3.15 10.55 56.24
N VAL C 705 4.09 9.67 55.95
CA VAL C 705 4.42 8.55 56.84
C VAL C 705 5.28 9.05 57.98
N ALA C 706 4.94 8.68 59.20
CA ALA C 706 5.65 9.16 60.37
C ALA C 706 6.96 8.40 60.57
N TYR C 707 7.89 8.65 59.66
CA TYR C 707 9.20 8.02 59.71
C TYR C 707 10.00 8.51 60.89
N SER C 708 10.63 7.57 61.58
CA SER C 708 11.52 7.86 62.68
C SER C 708 12.49 6.68 62.76
N ASN C 709 13.74 6.96 63.12
CA ASN C 709 14.82 5.96 63.15
C ASN C 709 14.63 4.88 64.23
N ASN C 710 13.67 5.07 65.16
CA ASN C 710 13.36 4.14 66.22
C ASN C 710 11.87 3.83 66.33
N SER C 711 11.11 3.93 65.24
CA SER C 711 9.68 3.64 65.35
C SER C 711 9.18 2.76 64.23
N ILE C 712 8.52 1.66 64.60
CA ILE C 712 8.02 0.72 63.61
C ILE C 712 6.53 0.49 63.78
N ALA C 713 5.79 0.47 62.69
CA ALA C 713 4.38 0.15 62.79
C ALA C 713 4.15 -1.30 62.45
N ILE C 714 3.44 -1.98 63.32
CA ILE C 714 3.12 -3.39 63.14
C ILE C 714 1.63 -3.57 63.24
N PRO C 715 0.99 -4.22 62.27
CA PRO C 715 -0.43 -4.44 62.25
C PRO C 715 -0.81 -5.32 63.41
N THR C 716 -1.91 -4.98 64.05
CA THR C 716 -2.49 -5.73 65.16
C THR C 716 -3.68 -6.59 64.73
N ASN C 717 -4.21 -6.33 63.53
CA ASN C 717 -5.35 -7.03 62.92
C ASN C 717 -5.10 -7.12 61.42
N PHE C 718 -5.95 -7.90 60.72
CA PHE C 718 -5.88 -8.10 59.28
C PHE C 718 -7.26 -8.34 58.71
N THR C 719 -7.38 -8.14 57.41
CA THR C 719 -8.60 -8.44 56.71
C THR C 719 -8.34 -9.33 55.52
N ILE C 720 -9.15 -10.37 55.38
CA ILE C 720 -9.09 -11.18 54.18
C ILE C 720 -9.87 -10.45 53.12
N SER C 721 -9.24 -10.24 51.99
CA SER C 721 -9.84 -9.50 50.89
C SER C 721 -9.86 -10.33 49.63
N VAL C 722 -10.93 -10.22 48.85
CA VAL C 722 -10.96 -10.92 47.58
C VAL C 722 -11.15 -9.93 46.45
N THR C 723 -10.21 -9.94 45.52
CA THR C 723 -10.24 -9.05 44.38
C THR C 723 -10.43 -9.86 43.11
N THR C 724 -11.10 -9.27 42.12
CA THR C 724 -11.37 -10.01 40.90
C THR C 724 -10.53 -9.51 39.74
N GLU C 725 -9.83 -10.42 39.09
CA GLU C 725 -9.02 -10.07 37.95
C GLU C 725 -9.51 -10.78 36.70
N ILE C 726 -9.80 -10.00 35.68
CA ILE C 726 -10.35 -10.54 34.45
C ILE C 726 -9.37 -10.48 33.29
N LEU C 727 -9.16 -11.60 32.63
CA LEU C 727 -8.31 -11.64 31.45
C LEU C 727 -9.03 -12.34 30.31
N PRO C 728 -8.96 -11.82 29.08
CA PRO C 728 -9.43 -12.49 27.89
C PRO C 728 -8.48 -13.61 27.56
N VAL C 729 -9.01 -14.67 26.99
CA VAL C 729 -8.19 -15.79 26.57
C VAL C 729 -8.27 -16.05 25.08
N SER C 730 -9.45 -15.91 24.49
CA SER C 730 -9.59 -16.28 23.10
C SER C 730 -10.58 -15.42 22.32
N MET C 731 -10.41 -15.45 21.01
CA MET C 731 -11.30 -14.81 20.06
C MET C 731 -12.35 -15.78 19.57
N THR C 732 -13.48 -15.27 19.12
CA THR C 732 -14.38 -16.15 18.39
C THR C 732 -13.65 -16.51 17.10
N LYS C 733 -13.72 -17.77 16.69
CA LYS C 733 -12.95 -18.20 15.54
C LYS C 733 -13.57 -17.85 14.19
N THR C 734 -13.41 -16.60 13.80
CA THR C 734 -13.93 -16.14 12.52
C THR C 734 -13.00 -16.55 11.40
N SER C 735 -13.58 -17.03 10.31
CA SER C 735 -12.84 -17.42 9.12
C SER C 735 -13.55 -16.89 7.88
N VAL C 736 -12.81 -16.17 7.04
CA VAL C 736 -13.43 -15.55 5.87
C VAL C 736 -12.82 -16.08 4.59
N ASP C 737 -13.65 -16.66 3.72
CA ASP C 737 -13.17 -17.17 2.44
C ASP C 737 -13.10 -16.03 1.43
N CYS C 738 -11.89 -15.74 0.89
CA CYS C 738 -11.68 -14.61 -0.01
C CYS C 738 -12.48 -14.72 -1.29
N THR C 739 -12.68 -15.95 -1.78
CA THR C 739 -13.41 -16.08 -3.03
C THR C 739 -14.86 -15.72 -2.79
N MET C 740 -15.44 -16.25 -1.73
CA MET C 740 -16.82 -15.93 -1.40
C MET C 740 -17.00 -14.46 -1.11
N TYR C 741 -16.02 -13.87 -0.44
CA TYR C 741 -16.07 -12.46 -0.09
C TYR C 741 -15.92 -11.55 -1.32
N ILE C 742 -14.94 -11.84 -2.16
CA ILE C 742 -14.63 -10.98 -3.30
C ILE C 742 -15.53 -11.20 -4.50
N CYS C 743 -15.73 -12.46 -4.90
CA CYS C 743 -16.44 -12.82 -6.11
C CYS C 743 -17.80 -13.48 -5.83
N GLY C 744 -17.87 -14.23 -4.72
CA GLY C 744 -19.08 -14.96 -4.44
C GLY C 744 -19.33 -16.02 -5.49
N ASP C 745 -20.49 -15.94 -6.13
CA ASP C 745 -20.91 -16.91 -7.14
C ASP C 745 -20.44 -16.63 -8.57
N SER C 746 -19.73 -15.54 -8.79
CA SER C 746 -19.31 -15.19 -10.15
C SER C 746 -18.06 -15.93 -10.63
N THR C 747 -18.24 -16.71 -11.70
CA THR C 747 -17.15 -17.41 -12.34
C THR C 747 -16.24 -16.43 -13.03
N GLU C 748 -16.84 -15.42 -13.66
CA GLU C 748 -16.09 -14.43 -14.42
C GLU C 748 -15.08 -13.67 -13.53
N CYS C 749 -15.49 -13.35 -12.29
CA CYS C 749 -14.65 -12.70 -11.28
C CYS C 749 -13.57 -13.66 -10.77
N SER C 750 -13.95 -14.89 -10.45
CA SER C 750 -13.00 -15.84 -9.90
C SER C 750 -11.81 -16.00 -10.84
N ASN C 751 -12.07 -16.05 -12.14
CA ASN C 751 -11.01 -16.18 -13.13
C ASN C 751 -10.05 -14.98 -13.13
N LEU C 752 -10.54 -13.81 -12.72
CA LEU C 752 -9.69 -12.63 -12.63
C LEU C 752 -8.97 -12.63 -11.30
N LEU C 753 -9.61 -13.16 -10.28
CA LEU C 753 -9.03 -13.22 -8.96
C LEU C 753 -7.78 -14.11 -9.00
N LEU C 754 -7.80 -15.14 -9.84
CA LEU C 754 -6.68 -16.05 -10.00
C LEU C 754 -5.42 -15.35 -10.51
N GLN C 755 -5.57 -14.18 -11.11
CA GLN C 755 -4.45 -13.46 -11.67
C GLN C 755 -3.59 -12.87 -10.57
N TYR C 756 -4.09 -12.92 -9.34
CA TYR C 756 -3.42 -12.38 -8.17
C TYR C 756 -2.68 -13.45 -7.42
N GLY C 757 -2.57 -14.63 -8.04
CA GLY C 757 -1.74 -15.69 -7.50
C GLY C 757 -2.16 -16.24 -6.15
N SER C 758 -1.23 -16.15 -5.21
CA SER C 758 -1.39 -16.69 -3.86
C SER C 758 -2.04 -15.74 -2.87
N PHE C 759 -2.40 -14.54 -3.29
CA PHE C 759 -2.95 -13.63 -2.27
C PHE C 759 -4.08 -14.27 -1.45
N CYS C 760 -5.05 -14.95 -2.10
CA CYS C 760 -6.12 -15.67 -1.40
C CYS C 760 -5.65 -16.83 -0.55
N THR C 761 -4.61 -17.50 -0.98
CA THR C 761 -4.12 -18.61 -0.21
C THR C 761 -3.57 -18.09 1.09
N GLN C 762 -2.84 -16.99 1.00
CA GLN C 762 -2.22 -16.39 2.16
C GLN C 762 -3.26 -15.90 3.14
N LEU C 763 -4.32 -15.27 2.64
CA LEU C 763 -5.36 -14.73 3.52
C LEU C 763 -6.18 -15.83 4.17
N ASN C 764 -6.50 -16.88 3.43
CA ASN C 764 -7.31 -17.94 3.99
C ASN C 764 -6.52 -18.70 5.04
N ARG C 765 -5.22 -18.87 4.80
CA ARG C 765 -4.39 -19.60 5.74
C ARG C 765 -4.02 -18.75 6.93
N ALA C 766 -3.91 -17.45 6.74
CA ALA C 766 -3.60 -16.57 7.85
C ALA C 766 -4.71 -16.61 8.87
N LEU C 767 -5.95 -16.57 8.41
CA LEU C 767 -7.07 -16.62 9.34
C LEU C 767 -7.23 -18.00 9.93
N THR C 768 -6.92 -19.04 9.16
CA THR C 768 -7.02 -20.39 9.70
C THR C 768 -6.07 -20.54 10.87
N GLY C 769 -4.85 -20.05 10.70
CA GLY C 769 -3.85 -20.13 11.76
C GLY C 769 -4.31 -19.41 13.02
N ILE C 770 -4.94 -18.24 12.84
CA ILE C 770 -5.45 -17.51 13.99
C ILE C 770 -6.52 -18.30 14.68
N ALA C 771 -7.41 -18.90 13.91
CA ALA C 771 -8.47 -19.68 14.51
C ALA C 771 -7.91 -20.85 15.31
N VAL C 772 -6.88 -21.51 14.80
CA VAL C 772 -6.31 -22.65 15.51
C VAL C 772 -5.71 -22.28 16.85
N GLU C 773 -4.96 -21.19 16.90
CA GLU C 773 -4.33 -20.82 18.14
C GLU C 773 -5.32 -20.34 19.20
N GLN C 774 -6.61 -20.21 18.86
CA GLN C 774 -7.57 -19.81 19.87
C GLN C 774 -7.85 -21.01 20.74
N ASP C 775 -7.69 -22.21 20.18
CA ASP C 775 -7.89 -23.41 20.94
C ASP C 775 -6.63 -23.70 21.73
N LYS C 776 -5.48 -23.32 21.18
CA LYS C 776 -4.24 -23.47 21.93
C LYS C 776 -4.27 -22.57 23.15
N ASN C 777 -4.79 -21.35 22.99
CA ASN C 777 -4.86 -20.41 24.09
C ASN C 777 -5.74 -20.94 25.19
N THR C 778 -6.90 -21.48 24.81
CA THR C 778 -7.83 -21.99 25.79
C THR C 778 -7.26 -23.21 26.50
N GLN C 779 -6.61 -24.09 25.73
CA GLN C 779 -6.07 -25.31 26.29
C GLN C 779 -4.95 -25.02 27.27
N GLU C 780 -4.08 -24.08 26.94
CA GLU C 780 -2.96 -23.74 27.80
C GLU C 780 -3.40 -23.10 29.11
N VAL C 781 -4.48 -22.32 29.05
CA VAL C 781 -4.98 -21.68 30.25
C VAL C 781 -5.74 -22.63 31.15
N PHE C 782 -6.68 -23.39 30.60
CA PHE C 782 -7.55 -24.18 31.46
C PHE C 782 -7.12 -25.62 31.71
N ALA C 783 -6.51 -26.27 30.72
CA ALA C 783 -6.18 -27.68 30.88
C ALA C 783 -4.84 -27.85 31.56
N GLN C 784 -4.75 -27.38 32.80
CA GLN C 784 -3.51 -27.45 33.56
C GLN C 784 -3.55 -28.57 34.59
N VAL C 785 -4.66 -29.28 34.61
CA VAL C 785 -4.86 -30.36 35.54
C VAL C 785 -5.03 -31.65 34.77
N LYS C 786 -4.28 -32.68 35.17
CA LYS C 786 -4.33 -33.96 34.47
C LYS C 786 -5.61 -34.73 34.73
N GLN C 787 -6.06 -34.70 35.97
CA GLN C 787 -7.21 -35.47 36.42
C GLN C 787 -8.41 -34.56 36.62
N ILE C 788 -9.60 -35.11 36.57
CA ILE C 788 -10.74 -34.30 36.91
C ILE C 788 -11.14 -34.58 38.35
N TYR C 789 -10.85 -33.62 39.21
CA TYR C 789 -11.06 -33.75 40.63
C TYR C 789 -12.46 -33.32 40.99
N LYS C 790 -12.99 -33.87 42.06
CA LYS C 790 -14.31 -33.50 42.53
C LYS C 790 -14.28 -33.30 44.03
N THR C 791 -15.09 -32.37 44.51
CA THR C 791 -15.22 -32.16 45.94
C THR C 791 -16.05 -33.29 46.52
N PRO C 792 -15.96 -33.55 47.83
CA PRO C 792 -16.72 -34.53 48.55
C PRO C 792 -18.19 -34.11 48.65
N PRO C 793 -19.10 -35.07 48.86
CA PRO C 793 -20.50 -34.87 49.19
C PRO C 793 -20.71 -33.96 50.39
N ILE C 794 -19.80 -34.01 51.36
CA ILE C 794 -19.93 -33.17 52.55
C ILE C 794 -18.92 -32.05 52.53
N LYS C 795 -19.41 -30.84 52.34
CA LYS C 795 -18.54 -29.68 52.20
C LYS C 795 -18.13 -29.11 53.54
N ASP C 796 -17.34 -29.87 54.30
CA ASP C 796 -16.84 -29.39 55.57
C ASP C 796 -15.42 -28.87 55.42
N PHE C 797 -15.30 -27.56 55.29
CA PHE C 797 -14.01 -26.97 55.06
C PHE C 797 -13.63 -26.06 56.20
N GLY C 798 -14.08 -26.40 57.40
CA GLY C 798 -13.67 -25.66 58.59
C GLY C 798 -14.33 -24.29 58.71
N GLY C 799 -15.50 -24.13 58.11
CA GLY C 799 -16.20 -22.85 58.15
C GLY C 799 -16.05 -22.06 56.87
N PHE C 800 -15.15 -22.48 55.99
CA PHE C 800 -14.99 -21.77 54.73
C PHE C 800 -16.05 -22.27 53.74
N ASN C 801 -16.91 -21.33 53.28
CA ASN C 801 -18.04 -21.61 52.41
C ASN C 801 -17.68 -21.27 50.94
N PHE C 802 -17.63 -22.31 50.10
CA PHE C 802 -17.25 -22.18 48.69
C PHE C 802 -18.42 -22.38 47.75
N SER C 803 -19.65 -22.31 48.28
CA SER C 803 -20.82 -22.59 47.45
C SER C 803 -20.97 -21.61 46.30
N GLN C 804 -20.33 -20.46 46.41
CA GLN C 804 -20.36 -19.44 45.37
C GLN C 804 -19.42 -19.73 44.21
N ILE C 805 -18.35 -20.47 44.48
CA ILE C 805 -17.36 -20.73 43.44
C ILE C 805 -17.45 -22.15 42.89
N LEU C 806 -18.01 -23.07 43.67
CA LEU C 806 -18.19 -24.44 43.24
C LEU C 806 -19.43 -24.54 42.36
N PRO C 807 -19.46 -25.47 41.40
CA PRO C 807 -20.54 -25.64 40.46
C PRO C 807 -21.84 -26.05 41.15
N ASP C 808 -22.94 -25.50 40.68
CA ASP C 808 -24.28 -25.81 41.17
C ASP C 808 -24.99 -26.81 40.25
N PRO C 809 -25.20 -28.07 40.66
CA PRO C 809 -25.77 -29.16 39.89
C PRO C 809 -27.15 -28.86 39.30
N SER C 810 -27.89 -27.91 39.89
CA SER C 810 -29.24 -27.60 39.42
C SER C 810 -29.22 -26.71 38.18
N LYS C 811 -28.05 -26.17 37.86
CA LYS C 811 -27.89 -25.26 36.74
C LYS C 811 -27.62 -26.08 35.47
N SER C 813 -24.98 -25.20 32.36
CA SER C 813 -24.26 -26.44 32.20
C SER C 813 -24.19 -27.16 33.53
N LYS C 814 -23.43 -26.55 34.45
CA LYS C 814 -23.19 -26.95 35.82
C LYS C 814 -22.23 -25.87 36.27
N ARG C 815 -22.69 -24.65 36.31
CA ARG C 815 -21.81 -23.53 36.63
C ARG C 815 -22.02 -23.07 38.06
N SER C 816 -21.02 -22.41 38.62
CA SER C 816 -21.16 -21.85 39.96
C SER C 816 -21.99 -20.58 39.86
N PRO C 817 -22.59 -20.09 40.96
CA PRO C 817 -23.30 -18.82 41.05
C PRO C 817 -22.51 -17.64 40.49
N ILE C 818 -21.22 -17.57 40.80
CA ILE C 818 -20.44 -16.47 40.25
C ILE C 818 -20.24 -16.62 38.76
N GLU C 819 -19.93 -17.83 38.30
CA GLU C 819 -19.77 -18.07 36.87
C GLU C 819 -21.04 -17.73 36.13
N ASP C 820 -22.19 -18.05 36.72
CA ASP C 820 -23.45 -17.77 36.06
C ASP C 820 -23.59 -16.26 35.81
N LEU C 821 -23.16 -15.44 36.76
CA LEU C 821 -23.22 -14.00 36.55
C LEU C 821 -22.30 -13.57 35.43
N LEU C 822 -21.13 -14.19 35.35
CA LEU C 822 -20.14 -13.79 34.34
C LEU C 822 -20.69 -14.06 32.95
N PHE C 823 -21.36 -15.20 32.80
CA PHE C 823 -21.94 -15.59 31.52
C PHE C 823 -23.15 -14.74 31.15
N ASN C 824 -23.93 -14.32 32.13
CA ASN C 824 -25.08 -13.49 31.84
C ASN C 824 -24.70 -12.05 31.51
N LYS C 825 -23.61 -11.55 32.08
CA LYS C 825 -23.20 -10.16 31.85
C LYS C 825 -22.47 -9.91 30.54
N VAL C 826 -21.62 -10.83 30.09
CA VAL C 826 -20.88 -10.58 28.85
C VAL C 826 -21.69 -11.09 27.65
N THR C 827 -21.86 -10.23 26.63
CA THR C 827 -22.68 -10.53 25.44
C THR C 827 -21.83 -10.42 24.18
N PHE C 855 -22.82 -15.38 6.10
CA PHE C 855 -23.82 -15.33 5.04
C PHE C 855 -23.18 -15.10 3.65
N ASN C 856 -22.09 -14.32 3.63
CA ASN C 856 -21.35 -13.88 2.45
C ASN C 856 -19.88 -14.28 2.47
N GLY C 857 -19.61 -15.52 2.86
CA GLY C 857 -18.24 -16.03 2.92
C GLY C 857 -17.66 -15.99 4.31
N LEU C 858 -18.47 -15.56 5.26
CA LEU C 858 -18.01 -15.47 6.63
C LEU C 858 -18.63 -16.53 7.51
N THR C 859 -17.78 -17.26 8.20
CA THR C 859 -18.23 -18.32 9.11
C THR C 859 -17.55 -18.18 10.45
N VAL C 860 -18.24 -18.60 11.50
CA VAL C 860 -17.65 -18.64 12.81
C VAL C 860 -17.66 -20.06 13.32
N LEU C 861 -16.49 -20.59 13.57
CA LEU C 861 -16.37 -21.97 13.98
C LEU C 861 -16.45 -22.06 15.50
N PRO C 862 -17.01 -23.14 16.05
CA PRO C 862 -17.10 -23.40 17.46
C PRO C 862 -15.73 -23.76 17.99
N PRO C 863 -15.48 -23.53 19.28
CA PRO C 863 -14.29 -23.89 20.03
C PRO C 863 -14.27 -25.38 20.23
N LEU C 864 -13.09 -25.95 20.42
CA LEU C 864 -13.00 -27.36 20.74
C LEU C 864 -13.59 -27.64 22.10
N LEU C 865 -13.30 -26.78 23.07
CA LEU C 865 -13.82 -26.94 24.42
C LEU C 865 -15.03 -26.06 24.61
N THR C 866 -16.18 -26.69 24.81
CA THR C 866 -17.44 -25.99 24.98
C THR C 866 -17.55 -25.42 26.37
N ASP C 867 -18.51 -24.55 26.60
CA ASP C 867 -18.61 -23.90 27.90
C ASP C 867 -18.69 -24.88 29.06
N GLU C 868 -19.39 -25.99 28.88
CA GLU C 868 -19.50 -26.95 29.97
C GLU C 868 -18.21 -27.75 30.17
N MET C 869 -17.32 -27.76 29.18
CA MET C 869 -16.06 -28.48 29.29
C MET C 869 -15.07 -27.59 30.01
N ILE C 870 -15.20 -26.29 29.78
CA ILE C 870 -14.38 -25.32 30.48
C ILE C 870 -14.80 -25.33 31.93
N ALA C 871 -16.11 -25.42 32.17
CA ALA C 871 -16.63 -25.48 33.52
C ALA C 871 -16.09 -26.71 34.23
N GLN C 872 -15.98 -27.85 33.54
CA GLN C 872 -15.42 -29.04 34.19
C GLN C 872 -13.95 -28.87 34.51
N TYR C 873 -13.18 -28.23 33.63
CA TYR C 873 -11.78 -27.98 33.97
C TYR C 873 -11.69 -27.08 35.18
N THR C 874 -12.54 -26.05 35.21
CA THR C 874 -12.53 -25.11 36.31
C THR C 874 -12.90 -25.82 37.60
N SER C 875 -13.90 -26.69 37.53
CA SER C 875 -14.34 -27.43 38.70
C SER C 875 -13.22 -28.29 39.22
N ALA C 876 -12.49 -28.96 38.32
CA ALA C 876 -11.37 -29.79 38.72
C ALA C 876 -10.31 -28.98 39.43
N LEU C 877 -10.06 -27.78 38.94
CA LEU C 877 -9.06 -26.92 39.56
C LEU C 877 -9.52 -26.45 40.93
N LEU C 878 -10.80 -26.13 41.05
CA LEU C 878 -11.33 -25.70 42.34
C LEU C 878 -11.29 -26.83 43.33
N ALA C 879 -11.69 -28.01 42.90
CA ALA C 879 -11.72 -29.17 43.77
C ALA C 879 -10.32 -29.53 44.17
N GLY C 880 -9.39 -29.43 43.24
CA GLY C 880 -7.99 -29.72 43.53
C GLY C 880 -7.47 -28.78 44.58
N THR C 881 -7.67 -27.49 44.37
CA THR C 881 -7.16 -26.48 45.29
C THR C 881 -7.74 -26.66 46.67
N ILE C 882 -9.04 -26.86 46.75
CA ILE C 882 -9.71 -26.97 48.03
C ILE C 882 -9.34 -28.23 48.80
N THR C 883 -9.27 -29.38 48.13
CA THR C 883 -9.00 -30.60 48.87
C THR C 883 -7.52 -31.01 48.94
N SER C 884 -6.67 -30.51 48.04
CA SER C 884 -5.25 -30.91 48.06
C SER C 884 -4.25 -29.75 47.98
N GLY C 885 -4.72 -28.51 48.01
CA GLY C 885 -3.83 -27.37 47.96
C GLY C 885 -3.09 -27.32 46.64
N TRP C 886 -1.77 -27.14 46.69
CA TRP C 886 -0.98 -27.08 45.48
C TRP C 886 -0.35 -28.40 45.08
N THR C 887 -0.60 -29.46 45.82
CA THR C 887 0.13 -30.67 45.54
C THR C 887 -0.28 -31.24 44.19
N PHE C 888 -1.52 -31.01 43.79
CA PHE C 888 -2.05 -31.55 42.55
C PHE C 888 -1.36 -30.92 41.34
N GLY C 889 -0.72 -29.77 41.54
CA GLY C 889 -0.05 -29.09 40.45
C GLY C 889 1.41 -29.50 40.34
N ALA C 890 1.87 -30.35 41.26
CA ALA C 890 3.25 -30.79 41.30
C ALA C 890 3.33 -32.31 41.15
N GLY C 891 2.28 -32.99 41.54
CA GLY C 891 2.27 -34.43 41.55
C GLY C 891 0.83 -34.89 41.78
N PRO C 892 0.65 -36.02 42.45
CA PRO C 892 -0.63 -36.59 42.81
C PRO C 892 -1.35 -35.63 43.74
N ALA C 893 -2.67 -35.69 43.77
CA ALA C 893 -3.40 -34.84 44.69
C ALA C 893 -3.41 -35.49 46.05
N LEU C 894 -2.80 -34.82 47.03
CA LEU C 894 -2.70 -35.34 48.37
C LEU C 894 -3.62 -34.59 49.29
N GLN C 895 -4.59 -35.27 49.85
CA GLN C 895 -5.61 -34.59 50.64
C GLN C 895 -5.02 -33.90 51.87
N ILE C 896 -5.59 -32.75 52.19
CA ILE C 896 -5.22 -32.00 53.38
C ILE C 896 -6.47 -31.28 53.88
N PRO C 897 -6.73 -31.16 55.19
CA PRO C 897 -7.85 -30.42 55.73
C PRO C 897 -7.80 -29.01 55.20
N PHE C 898 -8.92 -28.46 54.78
CA PHE C 898 -8.85 -27.13 54.22
C PHE C 898 -8.19 -26.09 55.16
N PRO C 899 -8.61 -25.93 56.43
CA PRO C 899 -8.04 -24.96 57.33
C PRO C 899 -6.57 -25.23 57.61
N MET C 900 -6.10 -26.43 57.32
CA MET C 900 -4.71 -26.73 57.57
C MET C 900 -3.86 -26.24 56.43
N GLN C 901 -4.38 -26.31 55.19
CA GLN C 901 -3.55 -25.76 54.15
C GLN C 901 -3.55 -24.26 54.29
N MET C 902 -4.63 -23.70 54.85
CA MET C 902 -4.65 -22.26 55.05
C MET C 902 -3.55 -21.86 56.01
N ALA C 903 -3.37 -22.63 57.07
CA ALA C 903 -2.31 -22.34 58.01
C ALA C 903 -0.97 -22.35 57.29
N TYR C 904 -0.82 -23.24 56.32
CA TYR C 904 0.42 -23.31 55.56
C TYR C 904 0.54 -22.12 54.63
N ARG C 905 -0.58 -21.59 54.18
CA ARG C 905 -0.54 -20.47 53.27
C ARG C 905 -0.29 -19.19 54.06
N PHE C 906 -0.60 -19.20 55.35
CA PHE C 906 -0.25 -18.10 56.24
C PHE C 906 1.27 -18.08 56.45
N ASN C 907 1.88 -19.25 56.64
CA ASN C 907 3.34 -19.28 56.78
C ASN C 907 3.99 -18.71 55.52
N GLY C 908 3.36 -18.99 54.39
CA GLY C 908 3.83 -18.55 53.08
C GLY C 908 3.87 -17.03 52.92
N ILE C 909 3.21 -16.30 53.81
CA ILE C 909 3.21 -14.84 53.73
C ILE C 909 3.91 -14.23 54.93
N GLY C 910 4.61 -15.04 55.70
CA GLY C 910 5.32 -14.52 56.87
C GLY C 910 4.42 -14.33 58.09
N VAL C 911 3.36 -15.11 58.20
CA VAL C 911 2.46 -15.05 59.34
C VAL C 911 2.40 -16.44 59.95
N THR C 912 2.57 -16.56 61.26
CA THR C 912 2.66 -17.90 61.83
C THR C 912 1.32 -18.63 61.84
N GLN C 913 1.38 -19.95 61.98
CA GLN C 913 0.21 -20.82 61.91
C GLN C 913 -0.84 -20.56 62.95
N ASN C 914 -0.39 -20.21 64.14
CA ASN C 914 -1.32 -20.01 65.23
C ASN C 914 -2.18 -18.80 65.00
N VAL C 915 -1.78 -17.91 64.08
CA VAL C 915 -2.60 -16.75 63.85
C VAL C 915 -3.90 -17.21 63.23
N LEU C 916 -3.80 -18.12 62.27
CA LEU C 916 -5.00 -18.62 61.64
C LEU C 916 -5.83 -19.47 62.56
N TYR C 917 -5.19 -20.36 63.31
CA TYR C 917 -5.99 -21.25 64.12
C TYR C 917 -6.72 -20.49 65.21
N GLU C 918 -6.05 -19.51 65.82
CA GLU C 918 -6.68 -18.72 66.87
C GLU C 918 -7.85 -17.91 66.31
N ASN C 919 -7.69 -17.45 65.06
CA ASN C 919 -8.70 -16.64 64.41
C ASN C 919 -9.42 -17.39 63.31
N GLN C 920 -9.44 -18.72 63.35
CA GLN C 920 -10.05 -19.45 62.25
C GLN C 920 -11.48 -19.04 61.97
N LYS C 921 -12.27 -18.80 63.01
CA LYS C 921 -13.66 -18.43 62.77
C LYS C 921 -13.75 -17.08 62.09
N LEU C 922 -12.94 -16.12 62.54
CA LEU C 922 -12.93 -14.80 61.94
C LEU C 922 -12.51 -14.86 60.49
N ILE C 923 -11.47 -15.63 60.20
CA ILE C 923 -10.95 -15.73 58.86
C ILE C 923 -11.98 -16.32 57.94
N ALA C 924 -12.64 -17.39 58.39
CA ALA C 924 -13.66 -18.00 57.57
C ALA C 924 -14.79 -17.02 57.30
N ASN C 925 -15.15 -16.20 58.30
CA ASN C 925 -16.22 -15.24 58.12
C ASN C 925 -15.83 -14.10 57.19
N GLN C 926 -14.60 -13.61 57.30
CA GLN C 926 -14.17 -12.54 56.41
C GLN C 926 -14.10 -13.06 54.99
N PHE C 927 -13.67 -14.30 54.84
CA PHE C 927 -13.59 -14.92 53.53
C PHE C 927 -14.98 -15.06 52.94
N ASN C 928 -15.91 -15.62 53.71
CA ASN C 928 -17.24 -15.88 53.21
C ASN C 928 -17.91 -14.59 52.77
N SER C 929 -17.67 -13.51 53.53
CA SER C 929 -18.24 -12.23 53.17
C SER C 929 -17.58 -11.67 51.92
N ALA C 930 -16.26 -11.81 51.84
CA ALA C 930 -15.50 -11.31 50.70
C ALA C 930 -15.95 -11.95 49.41
N ILE C 931 -16.30 -13.24 49.46
CA ILE C 931 -16.78 -13.94 48.28
C ILE C 931 -18.19 -13.51 47.92
N GLY C 932 -19.08 -13.39 48.91
CA GLY C 932 -20.45 -12.97 48.60
C GLY C 932 -20.48 -11.60 47.93
N LYS C 933 -19.56 -10.72 48.33
CA LYS C 933 -19.45 -9.38 47.77
C LYS C 933 -19.06 -9.39 46.29
N ILE C 934 -18.51 -10.51 45.81
CA ILE C 934 -18.09 -10.60 44.42
C ILE C 934 -19.32 -10.58 43.55
N GLN C 935 -20.34 -11.31 43.97
CA GLN C 935 -21.56 -11.33 43.18
C GLN C 935 -22.19 -9.97 43.14
N ASP C 936 -22.16 -9.28 44.27
CA ASP C 936 -22.80 -7.97 44.32
C ASP C 936 -22.06 -6.97 43.48
N SER C 937 -20.74 -7.01 43.49
CA SER C 937 -19.96 -6.09 42.69
C SER C 937 -20.18 -6.33 41.20
N LEU C 938 -20.10 -7.60 40.79
CA LEU C 938 -20.26 -7.94 39.39
C LEU C 938 -21.67 -7.67 38.89
N SER C 939 -22.66 -7.97 39.72
CA SER C 939 -24.06 -7.79 39.36
C SER C 939 -24.43 -6.32 39.25
N SER C 940 -24.00 -5.53 40.24
CA SER C 940 -24.31 -4.12 40.36
C SER C 940 -23.68 -3.24 39.29
N THR C 941 -22.40 -3.49 38.99
CA THR C 941 -21.69 -2.62 38.05
C THR C 941 -21.26 -3.35 36.76
N PRO C 942 -22.05 -3.24 35.68
CA PRO C 942 -21.87 -3.95 34.41
C PRO C 942 -20.80 -3.28 33.56
N SER C 943 -19.60 -3.20 34.12
CA SER C 943 -18.45 -2.63 33.44
C SER C 943 -17.26 -3.41 33.97
N ALA C 944 -17.53 -4.18 35.02
CA ALA C 944 -16.51 -4.95 35.71
C ALA C 944 -15.84 -5.93 34.76
N LEU C 945 -16.60 -6.42 33.80
CA LEU C 945 -16.11 -7.42 32.86
C LEU C 945 -15.81 -6.80 31.51
N GLY C 946 -15.59 -5.49 31.49
CA GLY C 946 -15.32 -4.77 30.26
C GLY C 946 -14.18 -5.37 29.48
N LYS C 947 -13.16 -5.91 30.16
CA LYS C 947 -12.05 -6.50 29.43
C LYS C 947 -12.47 -7.62 28.49
N LEU C 948 -13.52 -8.36 28.81
CA LEU C 948 -13.95 -9.42 27.92
C LEU C 948 -14.86 -8.85 26.86
N GLN C 949 -15.69 -7.90 27.26
CA GLN C 949 -16.65 -7.29 26.35
C GLN C 949 -15.94 -6.48 25.26
N ASP C 950 -14.82 -5.85 25.62
CA ASP C 950 -14.05 -5.05 24.68
C ASP C 950 -13.54 -5.90 23.54
N VAL C 951 -13.16 -7.13 23.84
CA VAL C 951 -12.64 -8.02 22.82
C VAL C 951 -13.76 -8.38 21.87
N VAL C 952 -14.92 -8.70 22.45
CA VAL C 952 -16.07 -9.05 21.65
C VAL C 952 -16.47 -7.90 20.75
N ASN C 953 -16.46 -6.68 21.29
CA ASN C 953 -16.87 -5.52 20.53
C ASN C 953 -15.88 -5.21 19.41
N GLN C 954 -14.59 -5.35 19.67
CA GLN C 954 -13.59 -5.07 18.66
C GLN C 954 -13.66 -6.04 17.51
N ASN C 955 -13.89 -7.31 17.82
CA ASN C 955 -13.96 -8.31 16.77
C ASN C 955 -15.24 -8.17 15.99
N ALA C 956 -16.35 -7.90 16.67
CA ALA C 956 -17.62 -7.73 15.97
C ALA C 956 -17.55 -6.52 15.08
N GLN C 957 -16.91 -5.47 15.55
CA GLN C 957 -16.78 -4.25 14.80
C GLN C 957 -15.94 -4.48 13.56
N ALA C 958 -14.88 -5.27 13.70
CA ALA C 958 -14.02 -5.59 12.57
C ALA C 958 -14.79 -6.32 11.48
N LEU C 959 -15.72 -7.19 11.88
CA LEU C 959 -16.49 -7.93 10.89
C LEU C 959 -17.50 -7.03 10.23
N ASN C 960 -18.12 -6.14 11.00
CA ASN C 960 -19.10 -5.24 10.41
C ASN C 960 -18.41 -4.30 9.43
N THR C 961 -17.20 -3.88 9.76
CA THR C 961 -16.45 -3.00 8.90
C THR C 961 -16.11 -3.71 7.61
N LEU C 962 -15.67 -4.97 7.70
CA LEU C 962 -15.33 -5.72 6.52
C LEU C 962 -16.53 -5.92 5.61
N VAL C 963 -17.65 -6.32 6.18
CA VAL C 963 -18.82 -6.59 5.36
C VAL C 963 -19.33 -5.35 4.68
N LYS C 964 -19.35 -4.22 5.37
CA LYS C 964 -19.84 -2.99 4.79
C LYS C 964 -18.99 -2.51 3.61
N GLN C 965 -17.76 -3.00 3.47
CA GLN C 965 -16.92 -2.60 2.36
C GLN C 965 -17.43 -3.18 1.06
N LEU C 966 -18.28 -4.18 1.15
CA LEU C 966 -18.81 -4.81 -0.05
C LEU C 966 -19.78 -3.88 -0.76
N SER C 967 -20.28 -2.88 -0.04
CA SER C 967 -21.23 -1.94 -0.60
C SER C 967 -20.53 -0.80 -1.34
N SER C 968 -19.20 -0.76 -1.24
CA SER C 968 -18.44 0.30 -1.88
C SER C 968 -18.24 0.02 -3.36
N ASN C 969 -18.13 1.08 -4.14
CA ASN C 969 -17.93 0.94 -5.57
C ASN C 969 -16.48 0.79 -5.97
N PHE C 970 -15.59 1.46 -5.25
CA PHE C 970 -14.17 1.45 -5.57
C PHE C 970 -13.88 1.95 -6.97
N GLY C 971 -14.79 2.78 -7.50
CA GLY C 971 -14.65 3.36 -8.82
C GLY C 971 -15.47 2.62 -9.87
N ALA C 972 -16.04 1.49 -9.49
CA ALA C 972 -16.86 0.69 -10.39
C ALA C 972 -18.22 1.33 -10.56
N ILE C 973 -18.90 0.97 -11.64
CA ILE C 973 -20.27 1.43 -11.91
C ILE C 973 -21.26 0.92 -10.88
N SER C 974 -20.91 -0.14 -10.18
CA SER C 974 -21.79 -0.70 -9.18
C SER C 974 -21.05 -1.55 -8.17
N SER C 975 -21.48 -1.46 -6.92
CA SER C 975 -20.96 -2.28 -5.84
C SER C 975 -21.40 -3.72 -5.94
N VAL C 976 -22.41 -3.98 -6.78
CA VAL C 976 -22.94 -5.31 -6.91
C VAL C 976 -22.41 -5.99 -8.15
N LEU C 977 -21.69 -7.08 -7.95
CA LEU C 977 -21.04 -7.83 -8.99
C LEU C 977 -22.04 -8.45 -9.93
N ASN C 978 -23.15 -8.91 -9.37
CA ASN C 978 -24.17 -9.55 -10.16
C ASN C 978 -24.81 -8.57 -11.13
N ASP C 979 -24.86 -7.28 -10.73
CA ASP C 979 -25.42 -6.26 -11.59
C ASP C 979 -24.46 -5.91 -12.71
N ILE C 980 -23.17 -5.87 -12.41
CA ILE C 980 -22.20 -5.55 -13.46
C ILE C 980 -22.31 -6.58 -14.58
N LEU C 981 -22.39 -7.84 -14.18
CA LEU C 981 -22.45 -8.94 -15.13
C LEU C 981 -23.79 -9.04 -15.85
N SER C 982 -24.77 -8.27 -15.42
CA SER C 982 -26.08 -8.28 -16.04
C SER C 982 -26.22 -7.11 -16.99
N ARG C 983 -25.21 -6.26 -17.04
CA ARG C 983 -25.24 -5.08 -17.88
C ARG C 983 -24.20 -5.12 -18.95
N LEU C 984 -22.97 -5.38 -18.58
CA LEU C 984 -21.85 -5.28 -19.49
C LEU C 984 -21.46 -6.61 -20.12
N ASP C 985 -20.82 -6.54 -21.28
CA ASP C 985 -20.29 -7.72 -21.93
C ASP C 985 -18.97 -8.08 -21.23
N PRO C 986 -18.34 -9.22 -21.52
CA PRO C 986 -17.10 -9.65 -20.90
C PRO C 986 -16.01 -8.55 -20.84
N PRO C 987 -15.46 -8.01 -21.96
CA PRO C 987 -14.35 -7.10 -21.91
C PRO C 987 -14.63 -5.81 -21.14
N GLU C 988 -15.89 -5.37 -21.09
CA GLU C 988 -16.21 -4.19 -20.31
C GLU C 988 -16.42 -4.54 -18.85
N ALA C 989 -17.01 -5.71 -18.60
CA ALA C 989 -17.27 -6.15 -17.25
C ALA C 989 -15.95 -6.37 -16.53
N GLU C 990 -14.96 -6.88 -17.25
CA GLU C 990 -13.67 -7.17 -16.64
C GLU C 990 -13.05 -5.92 -16.04
N VAL C 991 -13.26 -4.78 -16.67
CA VAL C 991 -12.69 -3.55 -16.14
C VAL C 991 -13.37 -3.19 -14.83
N GLN C 992 -14.69 -3.27 -14.81
CA GLN C 992 -15.45 -2.91 -13.63
C GLN C 992 -15.23 -3.90 -12.49
N ILE C 993 -15.06 -5.16 -12.84
CA ILE C 993 -14.83 -6.21 -11.87
C ILE C 993 -13.47 -6.04 -11.26
N ASP C 994 -12.48 -5.73 -12.08
CA ASP C 994 -11.13 -5.55 -11.56
C ASP C 994 -11.12 -4.46 -10.49
N ARG C 995 -11.93 -3.43 -10.67
CA ARG C 995 -11.99 -2.37 -9.66
C ARG C 995 -12.54 -2.91 -8.35
N LEU C 996 -13.57 -3.76 -8.44
CA LEU C 996 -14.11 -4.35 -7.22
C LEU C 996 -13.13 -5.33 -6.60
N ILE C 997 -12.39 -6.07 -7.40
CA ILE C 997 -11.46 -7.03 -6.85
C ILE C 997 -10.34 -6.36 -6.09
N THR C 998 -9.74 -5.33 -6.66
CA THR C 998 -8.63 -4.72 -5.94
C THR C 998 -9.13 -4.05 -4.68
N GLY C 999 -10.32 -3.47 -4.74
CA GLY C 999 -10.92 -2.80 -3.59
C GLY C 999 -11.25 -3.79 -2.47
N ARG C 1000 -11.88 -4.90 -2.83
CA ARG C 1000 -12.28 -5.89 -1.85
C ARG C 1000 -11.08 -6.66 -1.32
N LEU C 1001 -10.09 -6.89 -2.17
CA LEU C 1001 -8.90 -7.59 -1.72
C LEU C 1001 -8.16 -6.73 -0.72
N GLN C 1002 -8.06 -5.43 -0.97
CA GLN C 1002 -7.39 -4.53 -0.06
C GLN C 1002 -8.15 -4.46 1.27
N SER C 1003 -9.48 -4.47 1.20
CA SER C 1003 -10.29 -4.41 2.41
C SER C 1003 -10.11 -5.67 3.25
N LEU C 1004 -10.04 -6.81 2.57
CA LEU C 1004 -9.84 -8.08 3.25
C LEU C 1004 -8.43 -8.19 3.82
N GLN C 1005 -7.43 -7.70 3.11
CA GLN C 1005 -6.07 -7.73 3.61
C GLN C 1005 -5.94 -6.88 4.86
N THR C 1006 -6.63 -5.74 4.87
CA THR C 1006 -6.62 -4.86 6.02
C THR C 1006 -7.20 -5.58 7.23
N TYR C 1007 -8.33 -6.23 7.01
CA TYR C 1007 -8.99 -7.01 8.06
C TYR C 1007 -8.08 -8.08 8.61
N VAL C 1008 -7.49 -8.88 7.74
CA VAL C 1008 -6.66 -9.98 8.19
C VAL C 1008 -5.46 -9.46 8.96
N THR C 1009 -4.80 -8.42 8.47
CA THR C 1009 -3.64 -7.90 9.16
C THR C 1009 -4.00 -7.45 10.57
N GLN C 1010 -5.12 -6.74 10.70
CA GLN C 1010 -5.50 -6.29 12.03
C GLN C 1010 -5.86 -7.45 12.93
N GLN C 1011 -6.46 -8.51 12.37
CA GLN C 1011 -6.78 -9.67 13.19
C GLN C 1011 -5.53 -10.38 13.68
N LEU C 1012 -4.47 -10.40 12.86
CA LEU C 1012 -3.22 -11.01 13.28
C LEU C 1012 -2.60 -10.25 14.43
N ILE C 1013 -2.69 -8.92 14.37
CA ILE C 1013 -2.15 -8.10 15.43
C ILE C 1013 -2.99 -8.25 16.69
N ARG C 1014 -4.31 -8.21 16.53
CA ARG C 1014 -5.23 -8.36 17.64
C ARG C 1014 -5.03 -9.70 18.30
N ALA C 1015 -4.81 -10.74 17.50
CA ALA C 1015 -4.60 -12.07 18.00
C ALA C 1015 -3.35 -12.15 18.84
N ALA C 1016 -2.32 -11.38 18.46
CA ALA C 1016 -1.09 -11.37 19.23
C ALA C 1016 -1.35 -10.81 20.62
N GLU C 1017 -2.22 -9.80 20.70
CA GLU C 1017 -2.59 -9.22 21.98
C GLU C 1017 -3.31 -10.24 22.84
N ILE C 1018 -4.23 -10.98 22.22
CA ILE C 1018 -4.95 -12.03 22.92
C ILE C 1018 -4.01 -13.14 23.34
N ARG C 1019 -3.07 -13.50 22.48
CA ARG C 1019 -2.13 -14.56 22.81
C ARG C 1019 -1.36 -14.18 24.04
N ALA C 1020 -0.91 -12.93 24.11
CA ALA C 1020 -0.17 -12.44 25.26
C ALA C 1020 -1.02 -12.51 26.52
N SER C 1021 -2.28 -12.15 26.41
CA SER C 1021 -3.19 -12.22 27.55
C SER C 1021 -3.41 -13.66 27.98
N ALA C 1022 -3.58 -14.55 27.01
CA ALA C 1022 -3.78 -15.96 27.29
C ALA C 1022 -2.55 -16.55 27.97
N ASN C 1023 -1.36 -16.12 27.54
CA ASN C 1023 -0.14 -16.62 28.15
C ASN C 1023 -0.02 -16.10 29.57
N LEU C 1024 -0.45 -14.87 29.79
CA LEU C 1024 -0.44 -14.31 31.12
C LEU C 1024 -1.45 -15.03 31.99
N ALA C 1025 -2.63 -15.32 31.44
CA ALA C 1025 -3.66 -16.03 32.18
C ALA C 1025 -3.18 -17.41 32.56
N ALA C 1026 -2.48 -18.07 31.64
CA ALA C 1026 -1.96 -19.39 31.90
C ALA C 1026 -0.92 -19.34 33.00
N THR C 1027 -0.10 -18.28 33.01
CA THR C 1027 0.91 -18.10 34.03
C THR C 1027 0.25 -17.86 35.38
N LYS C 1028 -0.77 -17.00 35.39
CA LYS C 1028 -1.46 -16.70 36.64
C LYS C 1028 -2.11 -17.93 37.22
N MET C 1029 -2.69 -18.76 36.38
CA MET C 1029 -3.33 -19.93 36.93
C MET C 1029 -2.29 -20.89 37.49
N SER C 1030 -1.25 -21.16 36.73
CA SER C 1030 -0.27 -22.11 37.22
C SER C 1030 0.46 -21.63 38.45
N GLU C 1031 0.63 -20.31 38.60
CA GLU C 1031 1.35 -19.80 39.77
C GLU C 1031 0.50 -19.41 40.97
N CYS C 1032 -0.75 -18.96 40.77
CA CYS C 1032 -1.61 -18.47 41.84
C CYS C 1032 -2.74 -19.43 42.20
N VAL C 1033 -3.08 -20.34 41.29
CA VAL C 1033 -4.14 -21.32 41.56
C VAL C 1033 -3.52 -22.65 41.96
N LEU C 1034 -2.53 -23.08 41.20
CA LEU C 1034 -1.82 -24.32 41.46
C LEU C 1034 -0.59 -24.09 42.33
N GLY C 1035 -0.50 -22.92 42.94
CA GLY C 1035 0.61 -22.58 43.82
C GLY C 1035 0.33 -21.31 44.57
N GLN C 1036 1.30 -20.87 45.37
CA GLN C 1036 1.15 -19.62 46.10
C GLN C 1036 2.20 -18.62 45.65
N SER C 1037 1.78 -17.67 44.85
CA SER C 1037 2.69 -16.69 44.29
C SER C 1037 3.32 -15.80 45.35
N LYS C 1038 4.62 -15.54 45.19
CA LYS C 1038 5.33 -14.64 46.08
C LYS C 1038 5.63 -13.33 45.35
N ARG C 1039 5.13 -13.23 44.13
CA ARG C 1039 5.32 -12.07 43.30
C ARG C 1039 4.32 -10.98 43.69
N VAL C 1040 4.82 -9.81 44.04
CA VAL C 1040 3.97 -8.75 44.54
C VAL C 1040 3.05 -8.18 43.48
N ASP C 1041 1.77 -8.09 43.83
CA ASP C 1041 0.70 -7.58 42.99
C ASP C 1041 0.52 -8.38 41.71
N PHE C 1042 1.13 -9.55 41.64
CA PHE C 1042 0.91 -10.40 40.49
C PHE C 1042 -0.52 -10.94 40.47
N CYS C 1043 -1.00 -11.39 41.64
CA CYS C 1043 -2.33 -11.94 41.85
C CYS C 1043 -3.07 -11.15 42.93
N GLY C 1044 -3.18 -9.86 42.71
CA GLY C 1044 -3.92 -8.98 43.60
C GLY C 1044 -3.03 -8.26 44.59
N LYS C 1045 -3.49 -7.11 45.06
CA LYS C 1045 -2.76 -6.34 46.07
C LYS C 1045 -2.95 -7.02 47.42
N GLY C 1046 -1.87 -7.12 48.18
CA GLY C 1046 -1.92 -7.78 49.47
C GLY C 1046 -1.05 -9.02 49.41
N TYR C 1047 -0.94 -9.76 50.49
CA TYR C 1047 -0.09 -10.92 50.43
C TYR C 1047 -0.90 -12.09 49.93
N HIS C 1048 -0.47 -12.70 48.84
CA HIS C 1048 -1.28 -13.74 48.24
C HIS C 1048 -1.43 -14.95 49.11
N LEU C 1049 -2.67 -15.42 49.27
CA LEU C 1049 -2.93 -16.67 49.96
C LEU C 1049 -3.31 -17.74 48.96
N MET C 1050 -4.31 -17.45 48.14
CA MET C 1050 -4.81 -18.45 47.20
C MET C 1050 -5.69 -17.80 46.17
N SER C 1051 -6.04 -18.53 45.12
CA SER C 1051 -6.99 -17.99 44.17
C SER C 1051 -7.84 -19.07 43.58
N PHE C 1052 -8.97 -18.67 43.03
CA PHE C 1052 -9.88 -19.58 42.41
C PHE C 1052 -10.25 -19.10 41.03
N PRO C 1053 -10.11 -19.90 39.98
CA PRO C 1053 -10.48 -19.59 38.64
C PRO C 1053 -11.98 -19.68 38.51
N GLN C 1054 -12.55 -18.91 37.60
CA GLN C 1054 -13.95 -18.99 37.23
C GLN C 1054 -14.03 -18.89 35.71
N SER C 1055 -14.88 -19.69 35.09
CA SER C 1055 -15.08 -19.64 33.65
C SER C 1055 -15.83 -18.38 33.24
N ALA C 1056 -15.50 -17.85 32.08
CA ALA C 1056 -16.20 -16.68 31.54
C ALA C 1056 -16.18 -16.77 30.02
N PRO C 1057 -17.11 -16.13 29.32
CA PRO C 1057 -17.13 -16.08 27.88
C PRO C 1057 -15.82 -15.55 27.35
N HIS C 1058 -15.19 -16.34 26.49
CA HIS C 1058 -13.95 -15.98 25.85
C HIS C 1058 -12.83 -15.56 26.80
N GLY C 1059 -12.85 -16.05 28.05
CA GLY C 1059 -11.81 -15.65 28.98
C GLY C 1059 -11.92 -16.30 30.33
N VAL C 1060 -11.06 -15.85 31.25
CA VAL C 1060 -11.01 -16.41 32.58
C VAL C 1060 -11.05 -15.33 33.63
N VAL C 1061 -11.74 -15.60 34.72
CA VAL C 1061 -11.79 -14.69 35.83
C VAL C 1061 -11.18 -15.30 37.07
N PHE C 1062 -10.27 -14.59 37.70
CA PHE C 1062 -9.64 -15.09 38.89
C PHE C 1062 -10.08 -14.36 40.13
N LEU C 1063 -10.43 -15.11 41.15
CA LEU C 1063 -10.75 -14.52 42.43
C LEU C 1063 -9.53 -14.68 43.31
N HIS C 1064 -8.87 -13.59 43.61
CA HIS C 1064 -7.63 -13.65 44.35
C HIS C 1064 -7.85 -13.33 45.80
N VAL C 1065 -7.48 -14.25 46.66
CA VAL C 1065 -7.67 -14.11 48.09
C VAL C 1065 -6.37 -13.66 48.70
N THR C 1066 -6.37 -12.49 49.30
CA THR C 1066 -5.16 -11.94 49.85
C THR C 1066 -5.29 -11.55 51.31
N TYR C 1067 -4.16 -11.55 52.00
CA TYR C 1067 -4.06 -11.11 53.38
C TYR C 1067 -3.62 -9.67 53.40
N VAL C 1068 -4.48 -8.79 53.88
CA VAL C 1068 -4.15 -7.39 53.90
C VAL C 1068 -4.13 -6.88 55.33
N PRO C 1069 -2.99 -6.41 55.83
CA PRO C 1069 -2.83 -5.88 57.17
C PRO C 1069 -3.86 -4.79 57.38
N ALA C 1070 -4.42 -4.72 58.57
CA ALA C 1070 -5.49 -3.76 58.84
C ALA C 1070 -5.06 -2.76 59.90
N GLN C 1071 -5.60 -2.88 61.10
CA GLN C 1071 -5.29 -1.92 62.16
C GLN C 1071 -3.84 -2.08 62.56
N GLU C 1072 -3.17 -0.96 62.88
CA GLU C 1072 -1.77 -1.02 63.32
C GLU C 1072 -1.47 -0.08 64.45
N LYS C 1073 -0.40 -0.39 65.17
CA LYS C 1073 0.11 0.48 66.22
C LYS C 1073 1.60 0.74 65.97
N ASN C 1074 2.06 1.93 66.41
CA ASN C 1074 3.46 2.33 66.29
C ASN C 1074 4.22 2.04 67.62
N PHE C 1075 5.23 1.18 67.53
CA PHE C 1075 6.03 0.72 68.67
C PHE C 1075 7.45 1.24 68.55
N THR C 1076 8.14 1.35 69.67
CA THR C 1076 9.54 1.76 69.62
C THR C 1076 10.38 0.56 69.29
N THR C 1077 11.35 0.70 68.41
CA THR C 1077 12.16 -0.46 68.05
C THR C 1077 13.64 -0.29 68.25
N ALA C 1078 14.37 -1.37 68.02
CA ALA C 1078 15.82 -1.40 68.13
C ALA C 1078 16.36 -2.56 67.30
N PRO C 1079 17.51 -2.39 66.61
CA PRO C 1079 18.28 -3.39 65.91
C PRO C 1079 18.62 -4.64 66.69
N ALA C 1080 18.90 -4.48 67.97
CA ALA C 1080 19.34 -5.59 68.80
C ALA C 1080 19.16 -5.26 70.27
N ILE C 1081 19.24 -6.30 71.09
CA ILE C 1081 19.23 -6.14 72.53
C ILE C 1081 20.62 -6.37 73.10
N CYS C 1082 21.06 -5.47 73.98
CA CYS C 1082 22.33 -5.59 74.71
C CYS C 1082 22.06 -6.28 76.03
N HIS C 1083 22.67 -7.44 76.23
CA HIS C 1083 22.40 -8.20 77.45
C HIS C 1083 23.62 -8.32 78.35
N ASP C 1084 24.49 -9.28 78.07
CA ASP C 1084 25.72 -9.49 78.86
C ASP C 1084 26.94 -8.91 78.17
N GLY C 1085 26.72 -7.91 77.33
CA GLY C 1085 27.78 -7.32 76.53
C GLY C 1085 27.69 -7.88 75.12
N LYS C 1086 26.84 -8.90 75.00
CA LYS C 1086 26.54 -9.57 73.76
C LYS C 1086 25.41 -8.87 73.04
N ALA C 1087 25.45 -8.86 71.71
CA ALA C 1087 24.38 -8.29 70.92
C ALA C 1087 23.43 -9.38 70.44
N HIS C 1088 22.18 -9.29 70.89
CA HIS C 1088 21.14 -10.27 70.56
C HIS C 1088 20.22 -9.76 69.47
N PHE C 1089 20.14 -10.51 68.38
CA PHE C 1089 19.30 -10.17 67.25
C PHE C 1089 18.12 -11.11 67.25
N PRO C 1090 16.96 -10.73 66.75
CA PRO C 1090 15.79 -11.56 66.71
C PRO C 1090 16.02 -12.69 65.75
N ARG C 1091 15.63 -13.89 66.12
CA ARG C 1091 15.84 -15.04 65.26
C ARG C 1091 14.99 -14.91 64.01
N GLU C 1092 13.75 -14.47 64.22
CA GLU C 1092 12.82 -14.21 63.14
C GLU C 1092 11.73 -13.29 63.67
N GLY C 1093 11.86 -12.00 63.43
CA GLY C 1093 10.93 -11.03 63.98
C GLY C 1093 11.63 -9.73 64.29
N VAL C 1094 10.95 -8.84 64.99
CA VAL C 1094 11.49 -7.54 65.31
C VAL C 1094 11.31 -7.20 66.78
N PHE C 1095 12.31 -6.56 67.39
CA PHE C 1095 12.17 -6.15 68.78
C PHE C 1095 11.38 -4.87 68.89
N VAL C 1096 10.38 -4.87 69.73
CA VAL C 1096 9.55 -3.70 69.94
C VAL C 1096 9.28 -3.39 71.40
N SER C 1097 9.00 -2.14 71.69
CA SER C 1097 8.64 -1.73 73.04
C SER C 1097 7.29 -1.04 73.08
N ASN C 1098 6.53 -1.34 74.13
CA ASN C 1098 5.23 -0.71 74.41
C ASN C 1098 5.37 0.53 75.32
N GLY C 1099 6.62 0.94 75.59
CA GLY C 1099 6.97 2.09 76.43
C GLY C 1099 7.58 1.68 77.77
N THR C 1100 7.32 0.45 78.21
CA THR C 1100 7.93 0.00 79.46
C THR C 1100 8.68 -1.32 79.33
N HIS C 1101 8.24 -2.17 78.40
CA HIS C 1101 8.86 -3.48 78.23
C HIS C 1101 9.14 -3.81 76.78
N TRP C 1102 10.24 -4.53 76.56
CA TRP C 1102 10.63 -5.00 75.25
C TRP C 1102 10.17 -6.42 74.99
N PHE C 1103 9.65 -6.61 73.79
CA PHE C 1103 9.13 -7.88 73.31
C PHE C 1103 9.66 -8.16 71.93
N VAL C 1104 9.63 -9.40 71.51
CA VAL C 1104 9.96 -9.72 70.14
C VAL C 1104 8.72 -10.24 69.45
N THR C 1105 8.45 -9.75 68.26
CA THR C 1105 7.24 -10.18 67.60
C THR C 1105 7.43 -10.44 66.12
N GLN C 1106 6.54 -11.22 65.52
CA GLN C 1106 6.58 -11.43 64.09
C GLN C 1106 6.24 -10.15 63.36
N ARG C 1107 6.90 -9.91 62.26
CA ARG C 1107 6.78 -8.67 61.52
C ARG C 1107 5.39 -8.32 61.00
N ASN C 1108 4.63 -9.33 60.61
CA ASN C 1108 3.34 -9.05 59.97
C ASN C 1108 2.14 -9.19 60.89
N PHE C 1109 2.37 -9.31 62.18
CA PHE C 1109 1.23 -9.44 63.09
C PHE C 1109 1.68 -9.20 64.53
N TYR C 1110 1.06 -8.23 65.19
CA TYR C 1110 1.52 -7.89 66.52
C TYR C 1110 1.09 -8.89 67.57
N GLU C 1111 1.97 -9.84 67.79
CA GLU C 1111 1.81 -10.88 68.79
C GLU C 1111 3.11 -10.99 69.59
N PRO C 1112 3.29 -10.14 70.61
CA PRO C 1112 4.53 -9.96 71.33
C PRO C 1112 4.88 -11.15 72.19
N GLN C 1113 6.15 -11.52 72.17
CA GLN C 1113 6.68 -12.59 72.98
C GLN C 1113 7.75 -12.06 73.91
N ILE C 1114 7.97 -12.75 75.01
CA ILE C 1114 9.06 -12.40 75.88
C ILE C 1114 10.35 -12.67 75.16
N ILE C 1115 11.31 -11.76 75.26
CA ILE C 1115 12.58 -11.97 74.61
C ILE C 1115 13.37 -12.97 75.43
N THR C 1116 13.71 -14.07 74.79
CA THR C 1116 14.41 -15.17 75.45
C THR C 1116 15.54 -15.59 74.56
N THR C 1117 16.40 -16.45 75.08
CA THR C 1117 17.54 -16.96 74.34
C THR C 1117 17.14 -17.88 73.19
N ASP C 1118 15.87 -18.27 73.14
CA ASP C 1118 15.38 -19.12 72.06
C ASP C 1118 14.86 -18.28 70.90
N ASN C 1119 14.52 -17.02 71.18
CA ASN C 1119 13.91 -16.16 70.18
C ASN C 1119 14.95 -15.28 69.53
N THR C 1120 16.19 -15.41 69.96
CA THR C 1120 17.29 -14.57 69.50
C THR C 1120 18.54 -15.37 69.20
N PHE C 1121 19.50 -14.70 68.59
CA PHE C 1121 20.82 -15.27 68.39
C PHE C 1121 21.86 -14.20 68.68
N VAL C 1122 23.07 -14.64 69.02
CA VAL C 1122 24.10 -13.67 69.37
C VAL C 1122 25.18 -13.54 68.32
N SER C 1123 25.49 -12.30 67.98
CA SER C 1123 26.58 -12.05 67.06
C SER C 1123 27.24 -10.72 67.31
N GLY C 1124 28.50 -10.75 67.72
CA GLY C 1124 29.21 -9.52 68.02
C GLY C 1124 28.85 -9.03 69.41
N ASN C 1125 29.50 -7.96 69.83
CA ASN C 1125 29.27 -7.36 71.12
C ASN C 1125 28.36 -6.13 71.02
N CYS C 1126 28.03 -5.51 72.16
CA CYS C 1126 27.11 -4.38 72.22
C CYS C 1126 27.63 -3.09 71.58
N ASP C 1127 28.94 -2.89 71.47
CA ASP C 1127 29.42 -1.62 70.94
C ASP C 1127 29.61 -1.58 69.41
N VAL C 1128 29.18 -2.62 68.71
CA VAL C 1128 29.29 -2.59 67.25
C VAL C 1128 27.96 -2.31 66.54
N VAL C 1129 26.84 -2.38 67.27
CA VAL C 1129 25.52 -2.13 66.69
C VAL C 1129 24.98 -0.74 67.03
N ILE C 1130 24.67 0.02 66.00
CA ILE C 1130 24.16 1.36 66.17
C ILE C 1130 22.70 1.32 66.53
N GLY C 1131 22.35 1.86 67.69
CA GLY C 1131 20.96 1.84 68.12
C GLY C 1131 20.61 0.67 69.02
N ILE C 1132 21.61 -0.09 69.46
CA ILE C 1132 21.34 -1.22 70.35
C ILE C 1132 20.77 -0.71 71.67
N VAL C 1133 19.78 -1.43 72.20
CA VAL C 1133 19.14 -1.02 73.44
C VAL C 1133 19.39 -2.05 74.54
N ASN C 1134 19.61 -1.59 75.78
CA ASN C 1134 19.82 -2.45 76.95
C ASN C 1134 18.49 -3.04 77.45
N ASN C 1135 18.43 -4.37 77.55
CA ASN C 1135 17.26 -5.11 78.06
C ASN C 1135 17.73 -6.43 78.65
N THR C 1136 16.78 -7.20 79.16
CA THR C 1136 17.10 -8.51 79.70
C THR C 1136 16.62 -9.62 78.79
N VAL C 1137 17.54 -10.51 78.43
CA VAL C 1137 17.18 -11.68 77.63
C VAL C 1137 17.01 -12.86 78.56
N TYR C 1138 15.82 -13.43 78.56
CA TYR C 1138 15.50 -14.48 79.50
C TYR C 1138 16.01 -15.85 79.11
N ASP C 1139 16.72 -16.50 80.03
CA ASP C 1139 17.24 -17.84 79.85
C ASP C 1139 16.29 -18.86 80.49
N PRO C 1140 15.56 -19.65 79.68
CA PRO C 1140 14.49 -20.53 80.09
C PRO C 1140 14.93 -21.70 80.94
N LEU C 1141 16.24 -21.94 81.05
CA LEU C 1141 16.69 -23.06 81.85
C LEU C 1141 17.09 -22.66 83.26
N GLN C 1142 17.16 -21.37 83.53
CA GLN C 1142 17.64 -20.97 84.85
C GLN C 1142 16.73 -21.47 85.99
N PRO C 1143 15.38 -21.45 85.85
CA PRO C 1143 14.43 -21.94 86.83
C PRO C 1143 14.50 -23.45 87.01
N GLU C 1144 15.14 -24.15 86.08
CA GLU C 1144 15.19 -25.60 86.13
C GLU C 1144 16.47 -26.09 86.78
N LEU C 1145 17.59 -25.44 86.44
CA LEU C 1145 18.88 -25.87 86.95
C LEU C 1145 19.35 -25.10 88.20
N ASP C 1146 18.98 -23.80 88.30
CA ASP C 1146 19.39 -22.90 89.36
C ASP C 1146 18.18 -22.15 89.89
N ASN D 31 -6.05 67.91 -55.90
CA ASN D 31 -4.69 67.95 -55.37
C ASN D 31 -3.77 67.07 -56.23
N ASP D 32 -2.55 67.58 -56.49
CA ASP D 32 -1.58 66.98 -57.40
C ASP D 32 -0.83 65.82 -56.76
N ASP D 33 -0.68 65.86 -55.43
CA ASP D 33 0.00 64.79 -54.75
C ASP D 33 -0.96 63.65 -54.54
N GLU D 34 -2.23 63.96 -54.32
CA GLU D 34 -3.23 62.90 -54.17
C GLU D 34 -3.39 62.19 -55.51
N LEU D 35 -3.35 62.98 -56.58
CA LEU D 35 -3.46 62.44 -57.92
C LEU D 35 -2.27 61.55 -58.25
N HIS D 36 -1.07 61.99 -57.86
CA HIS D 36 0.13 61.21 -58.10
C HIS D 36 0.08 59.89 -57.35
N MET D 37 -0.40 59.90 -56.10
CA MET D 37 -0.54 58.67 -55.33
C MET D 37 -1.54 57.72 -55.97
N LEU D 38 -2.62 58.28 -56.51
CA LEU D 38 -3.58 57.45 -57.24
C LEU D 38 -2.93 56.84 -58.46
N MET D 39 -2.13 57.65 -59.16
CA MET D 39 -1.46 57.20 -60.37
C MET D 39 -0.56 56.01 -60.11
N THR D 40 0.29 56.10 -59.08
CA THR D 40 1.23 55.01 -58.82
C THR D 40 0.49 53.77 -58.35
N ASP D 41 -0.64 53.96 -57.67
CA ASP D 41 -1.44 52.83 -57.23
C ASP D 41 -2.04 52.11 -58.43
N LEU D 42 -2.54 52.88 -59.39
CA LEU D 42 -3.10 52.31 -60.60
C LEU D 42 -2.03 51.60 -61.40
N VAL D 43 -0.82 52.15 -61.43
CA VAL D 43 0.28 51.50 -62.16
C VAL D 43 0.63 50.16 -61.54
N TYR D 44 0.76 50.12 -60.21
CA TYR D 44 1.07 48.85 -59.57
C TYR D 44 0.05 47.78 -59.90
N GLU D 45 -1.23 48.12 -59.72
CA GLU D 45 -2.26 47.13 -59.96
C GLU D 45 -2.35 46.77 -61.42
N ALA D 46 -2.15 47.74 -62.30
CA ALA D 46 -2.22 47.49 -63.73
C ALA D 46 -1.12 46.53 -64.15
N LEU D 47 0.07 46.67 -63.55
CA LEU D 47 1.16 45.77 -63.86
C LEU D 47 0.91 44.40 -63.23
N HIS D 48 0.32 44.38 -62.06
CA HIS D 48 0.02 43.13 -61.35
C HIS D 48 -0.87 42.23 -62.21
N PHE D 49 -1.85 42.83 -62.88
CA PHE D 49 -2.79 42.10 -63.71
C PHE D 49 -2.40 42.13 -65.20
N ALA D 50 -1.21 42.62 -65.49
CA ALA D 50 -0.76 42.73 -66.87
C ALA D 50 -0.22 41.40 -67.34
N LYS D 51 -1.12 40.49 -67.65
CA LYS D 51 -0.73 39.14 -68.03
C LYS D 51 0.15 39.13 -69.27
N ASP D 52 -0.12 40.03 -70.22
CA ASP D 52 0.66 40.06 -71.45
C ASP D 52 1.70 41.17 -71.45
N GLU D 53 2.52 41.21 -72.50
CA GLU D 53 3.59 42.20 -72.61
C GLU D 53 3.09 43.53 -73.12
N GLU D 54 2.08 43.51 -73.97
CA GLU D 54 1.54 44.74 -74.55
C GLU D 54 0.96 45.60 -73.45
N ILE D 55 0.34 44.96 -72.46
CA ILE D 55 -0.23 45.69 -71.35
C ILE D 55 0.87 46.28 -70.50
N LYS D 56 1.91 45.51 -70.20
CA LYS D 56 2.97 46.06 -69.37
C LYS D 56 3.60 47.27 -70.05
N LYS D 57 3.84 47.18 -71.35
CA LYS D 57 4.46 48.27 -72.08
C LYS D 57 3.60 49.53 -72.07
N ARG D 58 2.28 49.36 -72.25
CA ARG D 58 1.38 50.51 -72.23
C ARG D 58 1.36 51.15 -70.85
N VAL D 59 1.33 50.33 -69.80
CA VAL D 59 1.30 50.85 -68.45
C VAL D 59 2.58 51.58 -68.10
N PHE D 60 3.73 51.03 -68.50
CA PHE D 60 5.00 51.68 -68.21
C PHE D 60 5.10 53.01 -68.96
N GLN D 61 4.61 53.06 -70.20
CA GLN D 61 4.64 54.32 -70.94
C GLN D 61 3.77 55.35 -70.23
N LEU D 62 2.61 54.92 -69.74
CA LEU D 62 1.73 55.83 -69.04
C LEU D 62 2.36 56.30 -67.74
N PHE D 63 3.05 55.39 -67.05
CA PHE D 63 3.76 55.78 -65.84
C PHE D 63 4.78 56.87 -66.14
N GLU D 64 5.60 56.66 -67.19
CA GLU D 64 6.63 57.63 -67.55
C GLU D 64 6.02 59.00 -67.84
N LEU D 65 4.90 59.01 -68.56
CA LEU D 65 4.25 60.27 -68.90
C LEU D 65 3.73 60.97 -67.65
N ALA D 66 3.15 60.19 -66.74
CA ALA D 66 2.65 60.72 -65.48
C ALA D 66 3.79 61.22 -64.61
N ASP D 67 4.91 60.52 -64.64
CA ASP D 67 6.05 60.87 -63.82
C ASP D 67 6.59 62.23 -64.27
N LYS D 68 6.70 62.41 -65.58
CA LYS D 68 7.17 63.68 -66.12
C LYS D 68 6.16 64.80 -65.86
N ALA D 69 4.87 64.51 -66.03
CA ALA D 69 3.85 65.52 -65.79
C ALA D 69 3.87 65.97 -64.35
N TYR D 70 4.05 65.02 -63.44
CA TYR D 70 4.11 65.34 -62.02
C TYR D 70 5.31 66.22 -61.70
N LYS D 71 6.48 65.82 -62.17
CA LYS D 71 7.72 66.53 -61.89
C LYS D 71 7.68 67.97 -62.38
N ASN D 72 7.02 68.19 -63.52
CA ASN D 72 6.94 69.51 -64.11
C ASN D 72 5.67 70.27 -63.70
N ASN D 73 4.93 69.71 -62.74
CA ASN D 73 3.70 70.32 -62.22
C ASN D 73 2.66 70.59 -63.31
N ASP D 74 2.54 69.67 -64.27
CA ASP D 74 1.56 69.79 -65.33
C ASP D 74 0.33 68.99 -64.95
N ARG D 75 -0.65 69.68 -64.37
CA ARG D 75 -1.82 69.02 -63.82
C ARG D 75 -2.66 68.33 -64.87
N GLN D 76 -2.77 68.94 -66.03
CA GLN D 76 -3.64 68.41 -67.06
C GLN D 76 -3.06 67.15 -67.69
N LYS D 77 -1.75 67.12 -67.91
CA LYS D 77 -1.16 65.90 -68.46
C LYS D 77 -1.26 64.78 -67.45
N LEU D 78 -1.06 65.09 -66.17
CA LEU D 78 -1.12 64.07 -65.15
C LEU D 78 -2.52 63.50 -65.04
N GLU D 79 -3.54 64.36 -65.07
CA GLU D 79 -4.92 63.89 -64.97
C GLU D 79 -5.30 63.00 -66.14
N LYS D 80 -4.90 63.38 -67.36
CA LYS D 80 -5.25 62.60 -68.53
C LYS D 80 -4.63 61.20 -68.50
N VAL D 81 -3.37 61.12 -68.07
CA VAL D 81 -2.71 59.83 -67.98
C VAL D 81 -3.38 58.96 -66.92
N VAL D 82 -3.72 59.56 -65.78
CA VAL D 82 -4.39 58.82 -64.73
C VAL D 82 -5.74 58.26 -65.18
N GLU D 83 -6.51 59.06 -65.92
CA GLU D 83 -7.79 58.57 -66.40
C GLU D 83 -7.60 57.37 -67.32
N GLU D 84 -6.59 57.41 -68.18
CA GLU D 84 -6.32 56.28 -69.07
C GLU D 84 -5.91 55.05 -68.26
N LEU D 85 -5.07 55.24 -67.24
CA LEU D 85 -4.66 54.11 -66.38
C LEU D 85 -5.85 53.51 -65.67
N LYS D 86 -6.78 54.34 -65.21
CA LYS D 86 -7.95 53.83 -64.52
C LYS D 86 -8.76 52.93 -65.44
N GLU D 87 -8.99 53.39 -66.67
CA GLU D 87 -9.74 52.58 -67.63
C GLU D 87 -9.02 51.28 -67.94
N LEU D 88 -7.70 51.37 -68.12
CA LEU D 88 -6.88 50.22 -68.44
C LEU D 88 -7.04 49.15 -67.37
N LEU D 89 -6.93 49.57 -66.10
CA LEU D 89 -7.05 48.63 -65.00
C LEU D 89 -8.43 48.03 -64.90
N GLU D 90 -9.48 48.83 -65.11
CA GLU D 90 -10.83 48.28 -65.04
C GLU D 90 -11.01 47.19 -66.09
N ARG D 91 -10.45 47.40 -67.27
CA ARG D 91 -10.51 46.42 -68.33
C ARG D 91 -9.77 45.14 -67.96
N LEU D 92 -8.63 45.27 -67.30
CA LEU D 92 -7.87 44.08 -66.88
C LEU D 92 -8.61 43.31 -65.81
N LEU D 93 -9.24 44.02 -64.87
CA LEU D 93 -9.98 43.40 -63.79
C LEU D 93 -11.26 42.70 -64.25
N SER D 94 -11.99 43.30 -65.21
CA SER D 94 -13.23 42.77 -65.77
C SER D 94 -12.92 41.70 -66.81
N ALA E 27 50.51 20.83 -15.74
CA ALA E 27 50.52 21.09 -14.31
C ALA E 27 49.12 20.97 -13.74
N TYR E 28 48.99 20.19 -12.64
CA TYR E 28 47.71 19.96 -11.94
C TYR E 28 47.86 20.23 -10.47
N THR E 29 46.78 20.68 -9.85
CA THR E 29 46.76 20.88 -8.41
C THR E 29 45.55 20.22 -7.76
N ASN E 30 45.60 20.13 -6.43
CA ASN E 30 44.55 19.54 -5.61
C ASN E 30 43.48 20.56 -5.24
N SER E 31 42.26 20.33 -5.70
CA SER E 31 41.15 21.26 -5.46
C SER E 31 40.61 21.18 -4.03
N PHE E 32 41.04 20.17 -3.29
CA PHE E 32 40.58 19.93 -1.94
C PHE E 32 39.06 19.94 -1.84
N THR E 33 38.54 20.86 -1.03
CA THR E 33 37.11 20.92 -0.79
C THR E 33 36.45 22.17 -1.37
N ARG E 34 37.14 22.82 -2.29
CA ARG E 34 36.62 24.04 -2.91
C ARG E 34 35.75 23.73 -4.12
N GLY E 35 34.89 24.68 -4.49
CA GLY E 35 34.05 24.52 -5.67
C GLY E 35 32.60 24.24 -5.31
N VAL E 36 32.29 24.32 -4.03
CA VAL E 36 30.95 24.15 -3.52
C VAL E 36 30.25 25.50 -3.53
N TYR E 37 29.01 25.50 -3.97
CA TYR E 37 28.22 26.71 -4.08
C TYR E 37 26.82 26.46 -3.59
N TYR E 38 26.11 27.53 -3.27
CA TYR E 38 24.74 27.40 -2.83
C TYR E 38 23.89 27.01 -4.04
N PRO E 39 23.31 25.81 -4.07
CA PRO E 39 22.61 25.23 -5.20
C PRO E 39 21.31 25.96 -5.53
N ASP E 40 20.79 26.69 -4.56
CA ASP E 40 19.53 27.40 -4.75
C ASP E 40 19.46 28.64 -3.87
N LYS E 41 18.27 29.23 -3.81
CA LYS E 41 18.06 30.46 -3.07
C LYS E 41 17.22 30.19 -1.83
N VAL E 42 17.38 29.00 -1.27
CA VAL E 42 16.62 28.63 -0.09
C VAL E 42 17.42 28.69 1.20
N PHE E 43 16.86 29.41 2.17
CA PHE E 43 17.43 29.53 3.49
C PHE E 43 17.21 28.27 4.29
N ARG E 44 18.27 27.77 4.87
CA ARG E 44 18.23 26.58 5.70
C ARG E 44 19.14 26.83 6.87
N SER E 45 18.86 26.24 8.02
CA SER E 45 19.77 26.42 9.13
C SER E 45 19.79 25.22 10.05
N SER E 46 20.93 25.02 10.71
CA SER E 46 21.14 23.94 11.67
C SER E 46 20.68 22.61 11.08
N VAL E 47 21.06 22.36 9.83
CA VAL E 47 20.59 21.17 9.14
C VAL E 47 21.58 20.65 8.13
N LEU E 48 21.59 19.32 7.96
CA LEU E 48 22.38 18.71 6.93
C LEU E 48 21.47 18.37 5.76
N HIS E 49 21.70 19.01 4.63
CA HIS E 49 20.83 18.86 3.48
C HIS E 49 21.50 18.18 2.32
N SER E 50 20.87 17.14 1.80
CA SER E 50 21.44 16.35 0.71
C SER E 50 21.06 16.92 -0.65
N THR E 51 22.07 17.37 -1.37
CA THR E 51 21.89 18.03 -2.66
C THR E 51 22.55 17.29 -3.81
N GLN E 52 21.78 17.06 -4.87
CA GLN E 52 22.34 16.47 -6.07
C GLN E 52 22.41 17.52 -7.15
N ASP E 53 23.63 17.89 -7.54
CA ASP E 53 23.84 18.98 -8.49
C ASP E 53 25.21 18.85 -9.12
N LEU E 54 25.55 19.78 -10.01
CA LEU E 54 26.87 19.74 -10.63
C LEU E 54 27.87 20.48 -9.76
N PHE E 55 28.81 19.74 -9.22
CA PHE E 55 29.80 20.26 -8.29
C PHE E 55 31.18 19.84 -8.69
N LEU E 56 32.20 20.56 -8.25
CA LEU E 56 33.56 20.10 -8.46
C LEU E 56 33.78 18.96 -7.45
N PRO E 57 34.12 17.74 -7.87
CA PRO E 57 34.32 16.60 -7.00
C PRO E 57 35.43 16.89 -6.00
N PHE E 58 35.28 16.39 -4.78
CA PHE E 58 36.32 16.64 -3.79
C PHE E 58 37.63 15.99 -4.15
N PHE E 59 38.70 16.72 -3.91
CA PHE E 59 40.07 16.32 -4.15
C PHE E 59 40.35 15.99 -5.60
N SER E 60 39.53 16.55 -6.49
CA SER E 60 39.73 16.38 -7.91
C SER E 60 40.97 17.14 -8.40
N ASN E 61 41.45 16.75 -9.59
CA ASN E 61 42.55 17.40 -10.29
C ASN E 61 42.04 18.60 -11.11
N VAL E 62 42.66 19.76 -10.93
CA VAL E 62 42.34 20.97 -11.71
C VAL E 62 43.58 21.39 -12.47
N THR E 63 43.40 21.83 -13.70
CA THR E 63 44.54 22.19 -14.52
C THR E 63 45.01 23.58 -14.15
N TRP E 64 46.31 23.70 -13.90
CA TRP E 64 46.91 24.94 -13.46
C TRP E 64 47.63 25.68 -14.58
N PHE E 65 47.13 26.88 -14.90
CA PHE E 65 47.66 27.69 -15.97
C PHE E 65 48.36 28.92 -15.39
N HIS E 66 49.44 29.38 -16.05
CA HIS E 66 50.19 30.57 -15.64
C HIS E 66 49.83 31.77 -16.53
N PRO E 82 44.46 29.93 -24.00
CA PRO E 82 44.11 28.68 -24.64
C PRO E 82 42.59 28.44 -24.59
N VAL E 83 42.08 27.68 -25.58
CA VAL E 83 40.66 27.31 -25.63
C VAL E 83 40.45 26.01 -24.90
N LEU E 84 39.64 26.06 -23.87
CA LEU E 84 39.37 24.91 -23.03
C LEU E 84 37.93 24.49 -23.26
N PRO E 85 37.59 23.21 -23.07
CA PRO E 85 36.24 22.71 -23.15
C PRO E 85 35.43 23.24 -21.99
N PHE E 86 34.12 23.35 -22.15
CA PHE E 86 33.23 23.77 -21.08
C PHE E 86 32.59 22.57 -20.38
N ASN E 87 32.39 21.50 -21.16
CA ASN E 87 31.74 20.29 -20.69
C ASN E 87 30.38 20.58 -20.07
N ASP E 88 30.16 20.18 -18.82
CA ASP E 88 28.87 20.37 -18.16
C ASP E 88 28.87 21.58 -17.25
N GLY E 89 29.96 22.33 -17.28
CA GLY E 89 30.12 23.48 -16.40
C GLY E 89 31.55 23.55 -15.93
N VAL E 90 31.98 24.75 -15.59
CA VAL E 90 33.36 24.99 -15.24
C VAL E 90 33.60 25.60 -13.87
N TYR E 91 34.55 25.01 -13.16
CA TYR E 91 35.03 25.63 -11.95
C TYR E 91 36.25 26.44 -12.33
N PHE E 92 36.22 27.72 -12.06
CA PHE E 92 37.33 28.57 -12.42
C PHE E 92 37.79 29.32 -11.21
N ALA E 93 39.08 29.38 -11.01
CA ALA E 93 39.56 30.17 -9.89
C ALA E 93 40.86 30.80 -10.24
N SER E 94 41.11 31.96 -9.67
CA SER E 94 42.37 32.59 -9.92
C SER E 94 42.94 33.21 -8.68
N THR E 95 44.24 33.36 -8.69
CA THR E 95 44.91 34.02 -7.59
C THR E 95 45.46 35.31 -8.13
N GLU E 96 45.47 36.34 -7.30
CA GLU E 96 45.79 37.65 -7.84
C GLU E 96 46.61 38.56 -6.92
N LYS E 97 47.32 39.48 -7.57
CA LYS E 97 48.04 40.58 -6.93
C LYS E 97 47.69 41.92 -7.58
N SER E 98 47.44 41.91 -8.90
CA SER E 98 47.30 43.16 -9.65
C SER E 98 46.23 43.19 -10.75
N ASN E 99 45.13 42.47 -10.57
CA ASN E 99 44.01 42.49 -11.51
C ASN E 99 44.40 42.24 -12.98
N ILE E 100 45.03 41.09 -13.25
CA ILE E 100 45.47 40.77 -14.60
C ILE E 100 44.36 40.08 -15.40
N ILE E 101 43.64 39.15 -14.77
CA ILE E 101 42.55 38.48 -15.45
C ILE E 101 41.34 39.40 -15.42
N ARG E 102 40.79 39.66 -16.60
CA ARG E 102 39.71 40.63 -16.73
C ARG E 102 38.38 39.99 -17.13
N GLY E 103 38.41 38.86 -17.81
CA GLY E 103 37.14 38.32 -18.29
C GLY E 103 37.23 36.96 -18.94
N TRP E 104 36.10 36.55 -19.52
CA TRP E 104 35.96 35.24 -20.15
C TRP E 104 35.17 35.26 -21.45
N ILE E 105 35.43 34.29 -22.31
CA ILE E 105 34.63 34.08 -23.52
C ILE E 105 34.00 32.70 -23.49
N PHE E 106 32.69 32.62 -23.70
CA PHE E 106 32.03 31.32 -23.76
C PHE E 106 31.27 31.15 -25.08
N GLY E 107 31.30 29.96 -25.65
CA GLY E 107 30.56 29.72 -26.88
C GLY E 107 30.97 28.43 -27.56
N THR E 108 30.84 28.38 -28.88
CA THR E 108 31.16 27.19 -29.66
C THR E 108 32.25 27.51 -30.67
N THR E 109 31.84 28.03 -31.83
CA THR E 109 32.77 28.35 -32.90
C THR E 109 33.69 29.50 -32.55
N LEU E 110 33.14 30.55 -31.92
CA LEU E 110 33.94 31.71 -31.52
C LEU E 110 34.68 32.35 -32.70
N ASP E 111 34.00 32.47 -33.84
CA ASP E 111 34.60 33.06 -35.05
C ASP E 111 33.56 33.79 -35.89
N SER E 112 32.74 34.63 -35.26
CA SER E 112 31.69 35.36 -35.96
C SER E 112 30.77 34.49 -36.82
N LYS E 113 30.44 33.29 -36.33
CA LYS E 113 29.52 32.39 -37.03
C LYS E 113 28.31 32.10 -36.16
N THR E 114 28.57 32.04 -34.86
CA THR E 114 27.57 31.72 -33.86
C THR E 114 27.67 32.72 -32.73
N GLN E 115 26.66 32.78 -31.87
CA GLN E 115 26.72 33.71 -30.76
C GLN E 115 27.64 33.24 -29.66
N SER E 116 28.34 34.19 -29.05
CA SER E 116 29.22 33.90 -27.94
C SER E 116 29.02 34.93 -26.84
N LEU E 117 29.28 34.51 -25.62
CA LEU E 117 29.13 35.31 -24.43
C LEU E 117 30.45 35.87 -23.95
N LEU E 118 30.54 37.18 -23.94
CA LEU E 118 31.74 37.89 -23.55
C LEU E 118 31.50 38.61 -22.23
N ILE E 119 32.25 38.22 -21.21
CA ILE E 119 32.12 38.83 -19.90
C ILE E 119 33.41 39.52 -19.51
N VAL E 120 33.42 40.84 -19.54
CA VAL E 120 34.66 41.57 -19.23
C VAL E 120 34.49 42.69 -18.21
N ASN E 121 35.36 42.73 -17.21
CA ASN E 121 35.30 43.80 -16.23
C ASN E 121 36.34 44.89 -16.50
N ASN E 122 36.01 45.95 -17.26
CA ASN E 122 36.95 47.00 -17.72
C ASN E 122 37.22 48.03 -16.60
N ALA E 123 37.71 47.55 -15.45
CA ALA E 123 38.10 48.24 -14.21
C ALA E 123 36.97 48.29 -13.19
N THR E 124 35.86 48.98 -13.46
CA THR E 124 34.81 49.03 -12.44
C THR E 124 33.45 48.52 -12.88
N ASN E 125 33.25 48.30 -14.18
CA ASN E 125 31.93 47.93 -14.68
C ASN E 125 31.96 46.62 -15.45
N VAL E 126 31.27 45.63 -14.95
CA VAL E 126 31.25 44.36 -15.66
C VAL E 126 30.32 44.44 -16.85
N VAL E 127 30.86 44.20 -18.04
CA VAL E 127 30.07 44.28 -19.27
C VAL E 127 29.86 42.93 -19.91
N ILE E 128 28.61 42.55 -20.06
CA ILE E 128 28.25 41.26 -20.61
C ILE E 128 27.50 41.41 -21.92
N LYS E 129 28.02 40.78 -22.98
CA LYS E 129 27.39 40.81 -24.29
C LYS E 129 27.32 39.43 -24.91
N VAL E 130 26.30 39.18 -25.73
CA VAL E 130 26.21 37.89 -26.43
C VAL E 130 26.24 37.97 -27.97
N CYS E 131 26.90 38.99 -28.50
CA CYS E 131 26.97 39.29 -29.93
C CYS E 131 27.72 38.20 -30.70
N GLU E 132 27.49 38.11 -32.01
CA GLU E 132 28.28 37.15 -32.79
C GLU E 132 29.64 37.78 -33.05
N PHE E 133 30.49 37.64 -32.05
CA PHE E 133 31.78 38.28 -32.02
C PHE E 133 32.82 37.63 -32.91
N GLN E 134 33.64 38.48 -33.49
CA GLN E 134 34.84 38.04 -34.19
C GLN E 134 35.98 38.15 -33.22
N PHE E 135 36.57 37.03 -32.88
CA PHE E 135 37.64 37.04 -31.90
C PHE E 135 39.00 36.88 -32.55
N CYS E 136 40.01 37.36 -31.83
CA CYS E 136 41.39 37.20 -32.22
C CYS E 136 41.80 35.75 -31.98
N ASN E 137 42.89 35.31 -32.58
CA ASN E 137 43.35 33.95 -32.34
C ASN E 137 44.09 33.86 -31.01
N ASP E 138 44.24 35.02 -30.38
CA ASP E 138 44.84 35.15 -29.05
C ASP E 138 44.35 36.45 -28.42
N PRO E 139 43.09 36.52 -27.97
CA PRO E 139 42.42 37.70 -27.44
C PRO E 139 43.12 38.20 -26.20
N PHE E 140 43.21 39.51 -26.04
CA PHE E 140 43.81 40.10 -24.86
C PHE E 140 43.33 41.53 -24.69
N LEU E 141 43.57 42.11 -23.51
CA LEU E 141 43.22 43.50 -23.27
C LEU E 141 44.49 44.36 -23.22
N GLY E 142 44.35 45.62 -23.58
CA GLY E 142 45.49 46.54 -23.52
C GLY E 142 45.60 47.18 -22.14
N VAL E 143 46.59 48.07 -21.99
CA VAL E 143 46.87 48.79 -20.74
C VAL E 143 47.08 50.28 -21.06
N ASN E 165 24.62 39.28 -33.84
CA ASN E 165 23.32 39.56 -33.22
C ASN E 165 23.45 39.83 -31.71
N CYS E 166 23.36 41.10 -31.31
CA CYS E 166 23.52 41.47 -29.89
C CYS E 166 22.18 41.33 -29.16
N THR E 167 21.81 40.07 -28.94
CA THR E 167 20.50 39.71 -28.40
C THR E 167 20.38 39.92 -26.90
N PHE E 168 21.51 40.17 -26.25
CA PHE E 168 21.55 40.42 -24.82
C PHE E 168 22.71 41.31 -24.46
N GLU E 169 22.46 42.25 -23.58
CA GLU E 169 23.51 43.09 -23.04
C GLU E 169 23.16 43.49 -21.62
N TYR E 170 24.16 43.42 -20.76
CA TYR E 170 24.02 43.82 -19.38
C TYR E 170 25.26 44.48 -18.83
N VAL E 171 25.08 45.54 -18.06
CA VAL E 171 26.24 46.17 -17.41
C VAL E 171 25.98 46.35 -15.91
N SER E 172 26.96 45.93 -15.07
CA SER E 172 26.89 46.10 -13.62
C SER E 172 27.32 47.53 -13.26
N PHE E 186 50.55 35.27 -3.75
CA PHE E 186 49.31 35.96 -4.10
C PHE E 186 48.59 36.43 -2.84
N LYS E 187 47.78 37.50 -2.99
CA LYS E 187 47.05 38.15 -1.88
C LYS E 187 45.55 37.87 -1.90
N ASN E 188 45.00 37.59 -3.07
CA ASN E 188 43.56 37.32 -3.15
C ASN E 188 43.23 36.11 -4.00
N LEU E 189 42.18 35.42 -3.59
CA LEU E 189 41.61 34.31 -4.33
C LEU E 189 40.20 34.63 -4.79
N ARG E 190 39.95 34.44 -6.07
CA ARG E 190 38.64 34.69 -6.64
C ARG E 190 38.08 33.42 -7.27
N GLU E 191 37.09 32.81 -6.62
CA GLU E 191 36.52 31.57 -7.13
C GLU E 191 35.24 31.84 -7.89
N PHE E 192 35.06 31.13 -9.01
CA PHE E 192 33.87 31.26 -9.83
C PHE E 192 33.34 29.91 -10.31
N VAL E 193 32.04 29.82 -10.46
CA VAL E 193 31.43 28.67 -11.10
C VAL E 193 30.55 29.10 -12.25
N PHE E 194 30.82 28.55 -13.42
CA PHE E 194 30.06 28.88 -14.61
C PHE E 194 29.29 27.67 -15.11
N LYS E 195 27.97 27.72 -15.05
CA LYS E 195 27.20 26.59 -15.58
C LYS E 195 26.03 27.06 -16.39
N ASN E 196 25.62 26.26 -17.37
CA ASN E 196 24.54 26.64 -18.26
C ASN E 196 23.41 25.62 -18.25
N ILE E 197 22.33 25.94 -17.55
CA ILE E 197 21.21 25.00 -17.42
C ILE E 197 19.91 25.61 -17.89
N ASP E 198 19.27 24.91 -18.83
CA ASP E 198 17.99 25.31 -19.39
C ASP E 198 18.02 26.73 -19.96
N GLY E 199 19.14 27.08 -20.57
CA GLY E 199 19.29 28.39 -21.21
C GLY E 199 19.80 29.48 -20.27
N TYR E 200 19.90 29.19 -18.99
CA TYR E 200 20.36 30.20 -18.05
C TYR E 200 21.83 30.03 -17.73
N PHE E 201 22.60 31.07 -17.95
CA PHE E 201 24.02 31.01 -17.64
C PHE E 201 24.18 31.55 -16.23
N LYS E 202 24.52 30.66 -15.31
CA LYS E 202 24.57 31.00 -13.91
C LYS E 202 25.99 31.16 -13.44
N ILE E 203 26.26 32.30 -12.80
CA ILE E 203 27.60 32.59 -12.31
C ILE E 203 27.57 32.70 -10.80
N TYR E 204 28.40 31.91 -10.14
CA TYR E 204 28.53 31.95 -8.70
C TYR E 204 29.92 32.45 -8.39
N SER E 205 30.11 33.13 -7.27
CA SER E 205 31.46 33.57 -6.94
C SER E 205 31.70 33.79 -5.46
N LYS E 206 32.99 33.78 -5.10
CA LYS E 206 33.44 34.06 -3.74
C LYS E 206 34.83 34.66 -3.73
N HIS E 207 35.00 35.77 -3.02
CA HIS E 207 36.32 36.37 -2.91
C HIS E 207 36.81 36.24 -1.48
N THR E 208 38.08 35.89 -1.33
CA THR E 208 38.69 35.78 -0.02
C THR E 208 40.18 36.10 -0.10
N PRO E 209 40.77 36.73 0.93
CA PRO E 209 42.19 36.99 1.03
C PRO E 209 42.96 35.70 1.25
N ILE E 210 44.14 35.62 0.66
CA ILE E 210 45.04 34.49 0.83
C ILE E 210 46.47 34.95 1.08
N ASN E 211 47.30 34.03 1.53
CA ASN E 211 48.73 34.24 1.67
C ASN E 211 49.46 33.02 1.13
N LEU E 212 49.61 32.94 -0.21
CA LEU E 212 50.10 31.71 -0.87
C LEU E 212 50.66 32.00 -2.26
N ARG E 214 50.91 29.91 -5.80
CA ARG E 214 51.56 28.69 -6.29
C ARG E 214 50.65 27.43 -6.26
N ASP E 215 49.51 27.52 -5.56
CA ASP E 215 48.53 26.43 -5.41
C ASP E 215 47.21 27.00 -4.91
N LEU E 216 46.21 26.15 -4.75
CA LEU E 216 44.98 26.55 -4.11
C LEU E 216 45.10 26.27 -2.63
N PRO E 217 44.62 27.16 -1.76
CA PRO E 217 44.64 27.00 -0.33
C PRO E 217 43.66 25.94 0.09
N GLN E 218 43.95 25.26 1.19
CA GLN E 218 43.02 24.28 1.72
C GLN E 218 42.09 24.97 2.71
N GLY E 219 40.81 24.66 2.61
CA GLY E 219 39.80 25.24 3.48
C GLY E 219 38.44 25.16 2.81
N PHE E 220 37.41 25.68 3.45
CA PHE E 220 36.08 25.61 2.87
C PHE E 220 35.31 26.91 2.92
N SER E 221 34.67 27.22 1.80
CA SER E 221 33.75 28.33 1.68
C SER E 221 32.78 28.00 0.57
N ALA E 222 31.62 28.62 0.57
CA ALA E 222 30.67 28.38 -0.50
C ALA E 222 30.49 29.64 -1.33
N LEU E 223 30.25 29.43 -2.62
CA LEU E 223 30.07 30.51 -3.57
C LEU E 223 28.61 30.92 -3.73
N GLU E 224 28.36 32.22 -3.72
CA GLU E 224 27.00 32.74 -3.82
C GLU E 224 26.70 33.09 -5.26
N PRO E 225 25.46 32.95 -5.72
CA PRO E 225 25.04 33.33 -7.04
C PRO E 225 25.23 34.82 -7.18
N LEU E 226 25.82 35.23 -8.28
CA LEU E 226 26.07 36.64 -8.51
C LEU E 226 25.26 37.15 -9.68
N VAL E 227 25.26 36.36 -10.76
CA VAL E 227 24.60 36.75 -12.00
C VAL E 227 23.81 35.56 -12.56
N ASP E 228 22.66 35.84 -13.16
CA ASP E 228 21.89 34.80 -13.83
C ASP E 228 21.36 35.34 -15.15
N LEU E 229 21.96 34.89 -16.25
CA LEU E 229 21.69 35.47 -17.57
C LEU E 229 20.73 34.63 -18.43
N PRO E 230 19.53 35.15 -18.74
CA PRO E 230 18.46 34.52 -19.51
C PRO E 230 18.76 34.61 -21.00
N ILE E 231 19.82 33.94 -21.42
CA ILE E 231 20.29 34.11 -22.79
C ILE E 231 19.83 33.03 -23.77
N GLY E 232 19.89 31.75 -23.38
CA GLY E 232 19.59 30.69 -24.35
C GLY E 232 20.82 30.34 -25.19
N ILE E 233 22.00 30.62 -24.65
CA ILE E 233 23.26 30.37 -25.36
C ILE E 233 23.75 28.92 -25.27
N ASN E 234 24.24 28.40 -26.43
CA ASN E 234 24.82 27.05 -26.58
C ASN E 234 26.35 27.09 -26.36
N ILE E 235 26.81 26.75 -25.14
CA ILE E 235 28.23 26.84 -24.78
C ILE E 235 28.92 25.49 -24.68
N THR E 236 30.01 25.32 -25.42
CA THR E 236 30.77 24.08 -25.40
C THR E 236 32.26 24.29 -25.11
N ARG E 237 32.77 25.51 -25.34
CA ARG E 237 34.19 25.86 -25.15
C ARG E 237 34.33 27.26 -24.53
N PHE E 238 35.46 27.54 -23.89
CA PHE E 238 35.67 28.88 -23.37
C PHE E 238 37.14 29.31 -23.31
N GLN E 239 37.36 30.62 -23.18
CA GLN E 239 38.70 31.20 -23.05
C GLN E 239 38.78 32.17 -21.88
N THR E 240 39.98 32.34 -21.33
CA THR E 240 40.19 33.30 -20.25
C THR E 240 40.96 34.51 -20.78
N LEU E 241 40.45 35.70 -20.49
CA LEU E 241 41.01 36.96 -20.98
C LEU E 241 41.81 37.72 -19.93
N LEU E 242 43.08 38.03 -20.26
CA LEU E 242 44.01 38.78 -19.42
C LEU E 242 44.24 40.16 -20.02
N ALA E 264 47.82 33.72 -12.77
CA ALA E 264 47.63 32.28 -12.83
C ALA E 264 46.20 31.93 -12.42
N TYR E 265 45.67 30.84 -13.00
CA TYR E 265 44.31 30.36 -12.77
C TYR E 265 44.19 28.85 -12.87
N TYR E 266 43.11 28.33 -12.33
CA TYR E 266 42.86 26.91 -12.26
C TYR E 266 41.54 26.58 -12.92
N VAL E 267 41.50 25.49 -13.67
CA VAL E 267 40.25 25.07 -14.29
C VAL E 267 39.87 23.64 -13.96
N GLY E 268 38.68 23.48 -13.39
CA GLY E 268 38.16 22.17 -13.07
C GLY E 268 36.83 22.00 -13.76
N TYR E 269 36.24 20.83 -13.65
CA TYR E 269 34.94 20.62 -14.28
C TYR E 269 33.94 20.07 -13.32
N LEU E 270 32.70 20.47 -13.50
CA LEU E 270 31.63 20.02 -12.61
C LEU E 270 31.12 18.67 -13.05
N GLN E 271 30.69 17.88 -12.08
CA GLN E 271 30.13 16.56 -12.33
C GLN E 271 28.86 16.38 -11.52
N PRO E 272 27.93 15.52 -11.95
CA PRO E 272 26.73 15.15 -11.22
C PRO E 272 27.12 14.33 -10.01
N ARG E 273 27.19 15.00 -8.86
CA ARG E 273 27.64 14.41 -7.61
C ARG E 273 26.64 14.74 -6.54
N THR E 274 26.56 13.90 -5.51
CA THR E 274 25.69 14.20 -4.40
C THR E 274 26.52 14.63 -3.22
N PHE E 275 26.12 15.74 -2.63
CA PHE E 275 26.77 16.30 -1.45
C PHE E 275 25.86 16.41 -0.26
N LEU E 276 26.42 16.25 0.92
CA LEU E 276 25.68 16.57 2.12
C LEU E 276 26.21 17.91 2.60
N LEU E 277 25.35 18.93 2.55
CA LEU E 277 25.76 20.29 2.87
C LEU E 277 25.36 20.66 4.28
N LYS E 278 26.29 21.19 5.04
CA LYS E 278 26.02 21.58 6.41
C LYS E 278 25.72 23.06 6.51
N TYR E 279 24.46 23.38 6.84
CA TYR E 279 24.02 24.76 6.97
C TYR E 279 24.05 25.19 8.42
N ASN E 280 24.51 26.40 8.66
CA ASN E 280 24.57 26.95 10.01
C ASN E 280 23.40 27.88 10.30
N GLU E 281 23.42 28.45 11.50
CA GLU E 281 22.37 29.33 11.99
C GLU E 281 22.11 30.59 11.16
N ASN E 282 23.14 31.09 10.45
CA ASN E 282 23.06 32.31 9.64
C ASN E 282 22.67 32.03 8.18
N GLY E 283 22.36 30.76 7.82
CA GLY E 283 21.91 30.37 6.48
C GLY E 283 23.04 30.05 5.52
N THR E 284 24.27 30.00 6.03
CA THR E 284 25.41 29.74 5.17
C THR E 284 25.81 28.29 5.21
N ILE E 285 26.62 27.88 4.24
CA ILE E 285 27.14 26.53 4.24
C ILE E 285 28.49 26.58 4.91
N THR E 286 28.59 25.92 6.05
CA THR E 286 29.81 25.95 6.84
C THR E 286 30.75 24.83 6.42
N ASP E 287 30.17 23.72 5.98
CA ASP E 287 31.00 22.61 5.51
C ASP E 287 30.23 21.75 4.52
N ALA E 288 30.88 20.75 3.95
CA ALA E 288 30.24 19.85 3.00
C ALA E 288 31.00 18.54 2.87
N VAL E 289 30.31 17.46 2.55
CA VAL E 289 30.97 16.21 2.22
C VAL E 289 30.49 15.62 0.90
N ASP E 290 31.44 15.23 0.06
CA ASP E 290 31.16 14.61 -1.23
C ASP E 290 30.85 13.13 -1.02
N CYS E 291 29.60 12.73 -1.27
CA CYS E 291 29.07 11.40 -0.93
C CYS E 291 29.74 10.30 -1.74
N ALA E 292 30.42 10.65 -2.82
CA ALA E 292 31.05 9.66 -3.67
C ALA E 292 32.57 9.69 -3.58
N LEU E 293 33.11 10.45 -2.63
CA LEU E 293 34.56 10.55 -2.49
C LEU E 293 35.21 9.26 -1.99
N ASP E 294 34.65 8.68 -0.93
CA ASP E 294 35.20 7.48 -0.32
C ASP E 294 34.10 6.81 0.51
N PRO E 295 34.30 5.58 1.03
CA PRO E 295 33.37 4.84 1.88
C PRO E 295 32.97 5.54 3.19
N LEU E 296 33.79 6.45 3.70
CA LEU E 296 33.40 7.08 4.94
C LEU E 296 32.40 8.17 4.62
N SER E 297 32.64 8.82 3.50
CA SER E 297 31.78 9.87 3.03
C SER E 297 30.43 9.28 2.66
N GLU E 298 30.44 8.07 2.10
CA GLU E 298 29.20 7.40 1.76
C GLU E 298 28.41 7.15 3.04
N THR E 299 29.09 6.75 4.10
CA THR E 299 28.43 6.51 5.38
C THR E 299 27.86 7.79 5.95
N LYS E 300 28.62 8.87 5.91
CA LYS E 300 28.12 10.14 6.43
C LYS E 300 26.83 10.59 5.73
N CYS E 301 26.78 10.44 4.39
CA CYS E 301 25.60 10.81 3.61
C CYS E 301 24.44 9.86 3.89
N THR E 302 24.74 8.57 4.03
CA THR E 302 23.72 7.57 4.32
C THR E 302 23.02 7.84 5.64
N LEU E 303 23.81 8.21 6.63
CA LEU E 303 23.29 8.47 7.96
C LEU E 303 22.79 9.89 8.12
N LYS E 304 22.94 10.71 7.08
CA LYS E 304 22.57 12.11 7.13
C LYS E 304 23.14 12.75 8.39
N SER E 305 24.43 12.49 8.61
CA SER E 305 25.15 12.96 9.78
C SER E 305 26.52 13.38 9.36
N PHE E 306 27.11 14.35 9.97
CA PHE E 306 28.38 14.83 9.49
C PHE E 306 29.52 14.15 10.21
N THR E 307 29.16 13.37 11.22
CA THR E 307 30.11 12.57 12.00
C THR E 307 29.55 11.16 12.06
N VAL E 308 30.41 10.20 12.30
CA VAL E 308 29.97 8.80 12.37
C VAL E 308 30.45 8.14 13.64
N GLU E 309 29.53 7.53 14.36
CA GLU E 309 29.86 6.81 15.57
C GLU E 309 30.38 5.42 15.23
N LYS E 310 31.09 4.80 16.16
CA LYS E 310 31.62 3.46 15.90
C LYS E 310 30.53 2.45 15.57
N GLY E 311 30.77 1.66 14.52
CA GLY E 311 29.81 0.63 14.13
C GLY E 311 29.95 0.20 12.67
N ILE E 312 28.99 -0.61 12.23
CA ILE E 312 28.94 -1.12 10.86
C ILE E 312 27.64 -0.64 10.20
N TYR E 313 27.74 -0.05 9.02
CA TYR E 313 26.55 0.50 8.36
C TYR E 313 26.41 0.06 6.92
N GLN E 314 25.19 -0.26 6.49
CA GLN E 314 24.99 -0.57 5.07
C GLN E 314 24.78 0.74 4.34
N THR E 315 25.59 1.00 3.32
CA THR E 315 25.51 2.29 2.64
C THR E 315 25.03 2.20 1.20
N SER E 316 25.24 1.05 0.58
CA SER E 316 24.85 0.89 -0.81
C SER E 316 24.75 -0.57 -1.14
N ASN E 317 24.17 -0.89 -2.31
CA ASN E 317 24.17 -2.26 -2.75
C ASN E 317 25.08 -2.45 -3.95
N PHE E 318 25.73 -3.60 -3.98
CA PHE E 318 26.63 -4.00 -5.04
C PHE E 318 26.06 -5.12 -5.88
N ARG E 319 26.24 -5.02 -7.19
CA ARG E 319 25.86 -6.13 -8.06
C ARG E 319 26.76 -6.16 -9.27
N VAL E 320 27.08 -7.36 -9.72
CA VAL E 320 27.90 -7.54 -10.90
C VAL E 320 27.07 -7.26 -12.14
N GLN E 321 27.61 -6.44 -13.04
CA GLN E 321 26.93 -6.10 -14.27
C GLN E 321 27.28 -7.10 -15.36
N PRO E 322 26.37 -7.34 -16.31
CA PRO E 322 26.57 -8.14 -17.50
C PRO E 322 27.53 -7.44 -18.44
N THR E 323 28.32 -8.22 -19.17
CA THR E 323 29.27 -7.68 -20.12
C THR E 323 28.87 -7.90 -21.58
N GLU E 324 28.14 -8.97 -21.83
CA GLU E 324 27.80 -9.34 -23.20
C GLU E 324 26.34 -9.73 -23.36
N SER E 325 25.83 -9.63 -24.58
CA SER E 325 24.49 -10.09 -24.91
C SER E 325 24.57 -11.40 -25.67
N ILE E 326 24.06 -12.46 -25.06
CA ILE E 326 24.16 -13.79 -25.63
C ILE E 326 22.81 -14.30 -26.09
N VAL E 327 22.67 -14.42 -27.39
CA VAL E 327 21.41 -14.79 -27.98
C VAL E 327 21.53 -16.08 -28.76
N ARG E 328 20.71 -17.05 -28.43
CA ARG E 328 20.82 -18.34 -29.08
C ARG E 328 19.48 -18.83 -29.62
N PHE E 329 19.52 -19.29 -30.86
CA PHE E 329 18.35 -19.85 -31.54
C PHE E 329 18.74 -21.16 -32.18
N PRO E 330 17.78 -22.06 -32.45
CA PRO E 330 17.97 -23.32 -33.14
C PRO E 330 18.56 -23.06 -34.52
N ASN E 331 19.26 -24.06 -35.08
CA ASN E 331 19.89 -23.96 -36.42
C ASN E 331 18.83 -23.61 -37.48
N ILE E 332 19.18 -22.63 -38.37
CA ILE E 332 18.26 -22.17 -39.41
C ILE E 332 18.00 -23.24 -40.46
N THR E 333 16.72 -23.48 -40.73
CA THR E 333 16.27 -24.48 -41.68
C THR E 333 14.90 -24.10 -42.22
N ASN E 334 14.51 -24.72 -43.32
CA ASN E 334 13.22 -24.48 -43.94
C ASN E 334 13.05 -23.02 -44.33
N LEU E 335 14.05 -22.48 -45.03
CA LEU E 335 13.97 -21.12 -45.53
C LEU E 335 12.83 -21.00 -46.54
N CYS E 336 12.13 -19.85 -46.52
CA CYS E 336 11.03 -19.53 -47.43
C CYS E 336 11.53 -19.48 -48.87
N PRO E 337 10.78 -20.07 -49.81
CA PRO E 337 11.12 -20.23 -51.20
C PRO E 337 11.00 -18.93 -51.99
N PHE E 338 11.79 -17.93 -51.59
CA PHE E 338 11.81 -16.68 -52.34
C PHE E 338 12.56 -16.94 -53.64
N GLY E 339 13.50 -17.88 -53.61
CA GLY E 339 14.27 -18.21 -54.80
C GLY E 339 13.37 -18.69 -55.95
N GLU E 340 12.25 -19.33 -55.62
CA GLU E 340 11.35 -19.85 -56.64
C GLU E 340 10.42 -18.77 -57.18
N VAL E 341 10.53 -17.58 -56.61
CA VAL E 341 9.72 -16.45 -57.01
C VAL E 341 10.59 -15.44 -57.76
N PHE E 342 11.73 -15.09 -57.17
CA PHE E 342 12.65 -14.07 -57.69
C PHE E 342 13.69 -14.58 -58.71
N ASN E 343 14.11 -15.86 -58.60
CA ASN E 343 15.08 -16.50 -59.48
C ASN E 343 14.39 -17.39 -60.53
N ALA E 344 13.07 -17.22 -60.70
CA ALA E 344 12.24 -17.97 -61.62
C ALA E 344 12.62 -17.70 -63.07
N THR E 345 12.51 -18.73 -63.91
CA THR E 345 12.82 -18.59 -65.32
C THR E 345 11.62 -18.09 -66.10
N ARG E 346 10.42 -18.29 -65.56
CA ARG E 346 9.22 -17.82 -66.22
C ARG E 346 8.28 -17.14 -65.25
N PHE E 347 7.78 -16.00 -65.69
CA PHE E 347 6.82 -15.20 -64.94
C PHE E 347 5.48 -15.18 -65.63
N ALA E 348 4.45 -14.93 -64.84
CA ALA E 348 3.10 -14.83 -65.37
C ALA E 348 2.86 -13.49 -66.07
N SER E 349 1.93 -13.52 -67.01
CA SER E 349 1.40 -12.33 -67.61
C SER E 349 0.67 -11.53 -66.55
N VAL E 350 0.74 -10.21 -66.63
CA VAL E 350 0.04 -9.37 -65.65
C VAL E 350 -1.47 -9.55 -65.79
N TYR E 351 -1.88 -9.98 -66.98
CA TYR E 351 -3.29 -10.34 -67.29
C TYR E 351 -3.81 -11.36 -66.29
N ALA E 352 -2.98 -12.31 -65.89
CA ALA E 352 -3.36 -13.36 -64.96
C ALA E 352 -2.20 -13.64 -64.00
N TRP E 353 -1.93 -12.69 -63.13
CA TRP E 353 -0.75 -12.75 -62.28
C TRP E 353 -0.76 -13.97 -61.35
N ASN E 354 0.42 -14.46 -60.99
CA ASN E 354 0.53 -15.70 -60.22
C ASN E 354 0.88 -15.50 -58.75
N ARG E 355 0.05 -16.08 -57.88
CA ARG E 355 0.26 -15.98 -56.44
C ARG E 355 0.89 -17.22 -55.82
N LYS E 356 2.08 -17.04 -55.26
CA LYS E 356 2.78 -18.09 -54.56
C LYS E 356 2.54 -17.97 -53.05
N ARG E 357 2.07 -19.05 -52.42
CA ARG E 357 1.81 -19.01 -50.99
C ARG E 357 3.04 -19.43 -50.20
N ILE E 358 3.49 -18.54 -49.33
CA ILE E 358 4.66 -18.76 -48.50
C ILE E 358 4.25 -18.97 -47.04
N SER E 359 4.55 -20.15 -46.50
CA SER E 359 4.15 -20.51 -45.14
C SER E 359 5.08 -21.55 -44.52
N ASN E 360 5.01 -21.68 -43.20
CA ASN E 360 5.76 -22.70 -42.46
C ASN E 360 7.24 -22.69 -42.82
N CYS E 361 7.88 -21.51 -42.71
CA CYS E 361 9.25 -21.30 -43.16
C CYS E 361 9.91 -20.09 -42.50
N VAL E 362 11.21 -19.97 -42.75
CA VAL E 362 12.01 -18.84 -42.29
C VAL E 362 12.20 -17.82 -43.40
N ALA E 363 11.64 -16.64 -43.23
CA ALA E 363 11.60 -15.63 -44.27
C ALA E 363 12.79 -14.71 -44.22
N ASP E 364 13.77 -14.97 -45.06
CA ASP E 364 14.97 -14.16 -45.09
C ASP E 364 14.78 -13.03 -46.09
N TYR E 365 14.68 -11.80 -45.58
CA TYR E 365 14.44 -10.66 -46.44
C TYR E 365 15.71 -9.86 -46.69
N SER E 366 16.83 -10.34 -46.15
CA SER E 366 18.08 -9.60 -46.30
C SER E 366 18.65 -9.81 -47.68
N VAL E 367 18.34 -10.96 -48.28
CA VAL E 367 18.82 -11.29 -49.60
C VAL E 367 18.06 -10.48 -50.64
N LEU E 368 16.90 -9.98 -50.25
CA LEU E 368 16.10 -9.18 -51.16
C LEU E 368 16.41 -7.69 -50.97
N TYR E 369 16.55 -7.27 -49.72
CA TYR E 369 16.82 -5.87 -49.40
C TYR E 369 18.22 -5.40 -49.79
N ASN E 370 19.23 -6.21 -49.48
CA ASN E 370 20.61 -5.79 -49.71
C ASN E 370 21.14 -6.14 -51.10
N SER E 371 20.28 -6.72 -51.93
CA SER E 371 20.70 -7.06 -53.29
C SER E 371 20.64 -5.85 -54.21
N ALA E 372 21.68 -5.67 -55.01
CA ALA E 372 21.75 -4.56 -55.95
C ALA E 372 21.02 -4.89 -57.26
N SER E 373 20.48 -6.10 -57.35
CA SER E 373 19.81 -6.54 -58.56
C SER E 373 18.44 -5.89 -58.72
N PHE E 374 17.93 -5.30 -57.64
CA PHE E 374 16.59 -4.73 -57.66
C PHE E 374 16.62 -3.22 -57.82
N SER E 375 15.75 -2.70 -58.68
CA SER E 375 15.68 -1.26 -58.88
C SER E 375 14.70 -0.63 -57.91
N THR E 376 13.71 -1.42 -57.51
CA THR E 376 12.68 -0.98 -56.59
C THR E 376 12.57 -1.91 -55.40
N PHE E 377 12.55 -1.32 -54.21
CA PHE E 377 12.30 -2.05 -52.98
C PHE E 377 11.54 -1.12 -52.05
N LYS E 378 10.23 -1.08 -52.21
CA LYS E 378 9.41 -0.14 -51.46
C LYS E 378 8.43 -0.87 -50.54
N CYS E 379 8.53 -0.63 -49.24
CA CYS E 379 7.67 -1.26 -48.24
C CYS E 379 6.63 -0.30 -47.70
N TYR E 380 5.42 -0.82 -47.53
CA TYR E 380 4.28 -0.06 -47.06
C TYR E 380 3.80 -0.57 -45.71
N GLY E 381 3.80 0.33 -44.72
CA GLY E 381 3.34 0.00 -43.37
C GLY E 381 4.41 -0.71 -42.55
N VAL E 382 5.54 -0.98 -43.17
CA VAL E 382 6.62 -1.70 -42.51
C VAL E 382 7.97 -1.23 -42.99
N SER E 383 8.94 -1.16 -42.09
CA SER E 383 10.30 -0.80 -42.47
C SER E 383 10.99 -1.95 -43.21
N PRO E 384 11.65 -1.68 -44.34
CA PRO E 384 12.33 -2.63 -45.20
C PRO E 384 13.51 -3.31 -44.51
N THR E 385 13.97 -2.75 -43.40
CA THR E 385 15.11 -3.31 -42.69
C THR E 385 14.73 -4.02 -41.40
N LYS E 386 13.45 -4.01 -41.05
CA LYS E 386 12.98 -4.64 -39.82
C LYS E 386 12.18 -5.89 -40.13
N LEU E 387 12.15 -6.26 -41.40
CA LEU E 387 11.33 -7.35 -41.89
C LEU E 387 11.69 -8.68 -41.26
N ASN E 388 12.98 -8.88 -40.98
CA ASN E 388 13.46 -10.14 -40.43
C ASN E 388 13.04 -10.34 -38.97
N ASP E 389 12.52 -9.30 -38.34
CA ASP E 389 12.12 -9.39 -36.94
C ASP E 389 10.61 -9.54 -36.80
N LEU E 390 9.91 -9.69 -37.92
CA LEU E 390 8.45 -9.79 -37.89
C LEU E 390 7.95 -11.19 -38.22
N CYS E 391 6.81 -11.59 -37.60
CA CYS E 391 6.14 -12.85 -37.85
C CYS E 391 4.73 -12.64 -38.40
N PHE E 392 4.38 -13.41 -39.40
CA PHE E 392 3.10 -13.33 -40.08
C PHE E 392 2.43 -14.69 -40.21
N THR E 393 1.12 -14.69 -40.39
CA THR E 393 0.40 -15.93 -40.64
C THR E 393 0.80 -16.45 -42.00
N ASN E 394 0.82 -15.55 -42.99
CA ASN E 394 1.20 -15.90 -44.36
C ASN E 394 1.89 -14.76 -45.08
N VAL E 395 2.68 -15.12 -46.08
CA VAL E 395 3.21 -14.16 -47.04
C VAL E 395 2.80 -14.60 -48.44
N TYR E 396 2.23 -13.68 -49.20
CA TYR E 396 1.82 -14.03 -50.55
C TYR E 396 2.65 -13.28 -51.56
N ALA E 397 3.30 -14.02 -52.44
CA ALA E 397 4.15 -13.42 -53.45
C ALA E 397 3.47 -13.39 -54.80
N ASP E 398 3.02 -12.21 -55.21
CA ASP E 398 2.31 -12.04 -56.48
C ASP E 398 3.29 -11.63 -57.57
N SER E 399 3.48 -12.49 -58.56
CA SER E 399 4.47 -12.21 -59.59
C SER E 399 3.88 -12.00 -60.97
N PHE E 400 4.47 -11.04 -61.68
CA PHE E 400 4.06 -10.69 -63.04
C PHE E 400 5.07 -9.82 -63.79
N VAL E 401 4.92 -9.74 -65.11
CA VAL E 401 5.79 -8.86 -65.91
C VAL E 401 5.04 -7.73 -66.60
N ILE E 402 5.54 -6.51 -66.38
CA ILE E 402 5.02 -5.25 -66.93
C ILE E 402 6.15 -4.41 -67.53
N ARG E 403 5.81 -3.28 -68.13
CA ARG E 403 6.82 -2.38 -68.69
C ARG E 403 7.43 -1.46 -67.65
N GLY E 404 8.59 -0.90 -67.94
CA GLY E 404 9.23 0.04 -67.02
C GLY E 404 8.33 1.23 -66.67
N ASP E 405 7.56 1.74 -67.63
CA ASP E 405 6.69 2.89 -67.36
C ASP E 405 5.43 2.50 -66.61
N GLU E 406 5.26 1.21 -66.35
CA GLU E 406 4.11 0.70 -65.63
C GLU E 406 4.48 0.33 -64.20
N VAL E 407 5.77 0.37 -63.87
CA VAL E 407 6.22 -0.06 -62.54
C VAL E 407 5.63 0.84 -61.47
N ARG E 408 5.52 2.12 -61.77
CA ARG E 408 4.97 3.12 -60.86
C ARG E 408 3.51 2.86 -60.49
N GLN E 409 2.81 2.01 -61.26
CA GLN E 409 1.40 1.73 -60.98
C GLN E 409 1.23 0.66 -59.91
N ILE E 410 2.29 -0.06 -59.57
CA ILE E 410 2.12 -1.13 -58.60
C ILE E 410 2.33 -0.57 -57.20
N ALA E 411 1.31 0.08 -56.70
CA ALA E 411 1.34 0.67 -55.38
C ALA E 411 -0.09 1.02 -54.93
N PRO E 412 -0.33 1.07 -53.62
CA PRO E 412 -1.53 1.58 -52.99
C PRO E 412 -1.82 3.01 -53.43
N GLY E 413 -3.08 3.28 -53.74
CA GLY E 413 -3.52 4.60 -54.12
C GLY E 413 -3.27 4.96 -55.59
N GLN E 414 -2.71 4.04 -56.37
CA GLN E 414 -2.41 4.35 -57.76
C GLN E 414 -3.52 3.95 -58.72
N THR E 415 -3.53 4.61 -59.87
CA THR E 415 -4.47 4.35 -60.97
C THR E 415 -3.69 4.14 -62.26
N GLY E 416 -4.38 3.74 -63.32
CA GLY E 416 -3.75 3.47 -64.60
C GLY E 416 -4.23 2.13 -65.13
N LYS E 417 -3.92 1.79 -66.37
CA LYS E 417 -4.48 0.56 -66.92
C LYS E 417 -4.05 -0.70 -66.14
N ILE E 418 -2.88 -0.67 -65.51
CA ILE E 418 -2.48 -1.85 -64.76
C ILE E 418 -3.07 -1.77 -63.36
N ALA E 419 -2.92 -0.63 -62.71
CA ALA E 419 -3.48 -0.48 -61.36
C ALA E 419 -4.99 -0.72 -61.36
N ASP E 420 -5.67 -0.33 -62.44
CA ASP E 420 -7.11 -0.46 -62.50
C ASP E 420 -7.63 -1.79 -63.10
N TYR E 421 -6.96 -2.36 -64.11
CA TYR E 421 -7.48 -3.58 -64.75
C TYR E 421 -6.65 -4.86 -64.60
N ASN E 422 -5.41 -4.77 -64.15
CA ASN E 422 -4.58 -5.97 -64.13
C ASN E 422 -4.11 -6.39 -62.73
N TYR E 423 -3.72 -5.42 -61.92
CA TYR E 423 -3.22 -5.72 -60.57
C TYR E 423 -3.44 -4.57 -59.60
N LYS E 424 -4.39 -4.75 -58.70
CA LYS E 424 -4.75 -3.69 -57.77
C LYS E 424 -4.28 -3.93 -56.33
N LEU E 425 -3.59 -2.95 -55.76
CA LEU E 425 -3.23 -3.00 -54.35
C LEU E 425 -4.10 -2.04 -53.54
N PRO E 426 -4.54 -2.44 -52.34
CA PRO E 426 -5.39 -1.68 -51.43
C PRO E 426 -4.65 -0.50 -50.80
N ASP E 427 -5.42 0.52 -50.43
CA ASP E 427 -4.87 1.71 -49.78
C ASP E 427 -4.23 1.39 -48.42
N ASP E 428 -4.72 0.35 -47.75
CA ASP E 428 -4.20 -0.07 -46.46
C ASP E 428 -3.27 -1.29 -46.58
N PHE E 429 -2.68 -1.48 -47.75
CA PHE E 429 -1.76 -2.58 -48.00
C PHE E 429 -0.57 -2.61 -47.06
N THR E 430 -0.25 -3.79 -46.56
CA THR E 430 0.93 -4.02 -45.76
C THR E 430 1.77 -5.06 -46.48
N GLY E 431 3.01 -4.71 -46.74
CA GLY E 431 3.91 -5.60 -47.48
C GLY E 431 4.94 -4.80 -48.25
N CYS E 432 5.68 -5.48 -49.15
CA CYS E 432 6.76 -4.85 -49.93
C CYS E 432 6.64 -5.14 -51.43
N VAL E 433 6.89 -4.10 -52.22
CA VAL E 433 6.89 -4.20 -53.68
C VAL E 433 8.32 -4.17 -54.21
N ILE E 434 8.70 -5.24 -54.88
CA ILE E 434 10.05 -5.40 -55.39
C ILE E 434 10.04 -5.56 -56.90
N ALA E 435 10.87 -4.79 -57.60
CA ALA E 435 10.90 -4.91 -59.05
C ALA E 435 12.30 -4.75 -59.63
N TRP E 436 12.53 -5.40 -60.76
CA TRP E 436 13.80 -5.30 -61.45
C TRP E 436 13.70 -5.48 -62.96
N ASN E 437 14.67 -4.91 -63.67
CA ASN E 437 14.74 -4.99 -65.12
C ASN E 437 15.07 -6.41 -65.59
N SER E 438 14.32 -6.88 -66.58
CA SER E 438 14.52 -8.20 -67.15
C SER E 438 14.68 -8.12 -68.67
N ASN E 439 15.32 -7.07 -69.16
CA ASN E 439 15.44 -6.84 -70.60
C ASN E 439 16.14 -7.99 -71.32
N ASN E 440 17.09 -8.64 -70.68
CA ASN E 440 17.81 -9.73 -71.34
C ASN E 440 17.18 -11.09 -71.08
N LEU E 441 16.01 -11.09 -70.45
CA LEU E 441 15.34 -12.34 -70.12
C LEU E 441 13.96 -12.45 -70.76
N ASP E 442 13.18 -11.38 -70.69
CA ASP E 442 11.79 -11.37 -71.12
C ASP E 442 11.56 -10.68 -72.47
N SER E 443 12.64 -10.47 -73.21
CA SER E 443 12.56 -9.86 -74.53
C SER E 443 13.03 -10.81 -75.61
N LYS E 444 12.62 -10.56 -76.84
CA LYS E 444 13.04 -11.38 -77.98
C LYS E 444 13.35 -10.47 -79.17
N VAL E 445 14.29 -10.89 -80.01
CA VAL E 445 14.69 -10.06 -81.14
C VAL E 445 13.52 -9.78 -82.08
N GLY E 446 12.68 -10.78 -82.31
CA GLY E 446 11.53 -10.64 -83.18
C GLY E 446 10.26 -10.23 -82.42
N GLY E 447 10.40 -9.93 -81.14
CA GLY E 447 9.28 -9.55 -80.29
C GLY E 447 8.80 -10.70 -79.39
N ASN E 448 8.87 -10.48 -78.09
CA ASN E 448 8.41 -11.46 -77.12
C ASN E 448 7.00 -11.07 -76.71
N TYR E 449 6.03 -11.80 -77.23
CA TYR E 449 4.63 -11.51 -77.04
C TYR E 449 3.99 -12.52 -76.11
N ASN E 450 4.82 -13.25 -75.37
CA ASN E 450 4.31 -14.26 -74.46
C ASN E 450 3.67 -13.62 -73.24
N TYR E 451 4.01 -12.36 -73.01
CA TYR E 451 3.44 -11.62 -71.90
C TYR E 451 2.33 -10.72 -72.41
N LEU E 452 1.20 -10.75 -71.71
CA LEU E 452 0.04 -9.95 -72.08
C LEU E 452 -0.54 -9.16 -70.91
N TYR E 453 -1.24 -8.07 -71.25
CA TYR E 453 -1.98 -7.27 -70.27
C TYR E 453 -3.40 -7.01 -70.76
N ARG E 454 -4.30 -6.78 -69.80
CA ARG E 454 -5.68 -6.48 -70.11
C ARG E 454 -5.82 -4.99 -70.43
N LEU E 455 -6.43 -4.66 -71.58
CA LEU E 455 -6.61 -3.22 -71.90
C LEU E 455 -8.04 -2.73 -71.70
N PHE E 456 -9.03 -3.59 -71.90
CA PHE E 456 -10.40 -3.11 -71.79
C PHE E 456 -11.19 -3.92 -70.78
N ARG E 457 -12.09 -3.27 -70.06
CA ARG E 457 -12.94 -3.95 -69.11
C ARG E 457 -14.15 -3.07 -68.79
N LYS E 458 -15.17 -3.67 -68.20
CA LYS E 458 -16.39 -2.98 -67.84
C LYS E 458 -16.24 -2.13 -66.56
N SER E 459 -15.40 -2.58 -65.64
CA SER E 459 -15.23 -1.92 -64.35
C SER E 459 -13.82 -2.16 -63.81
N ASN E 460 -13.44 -1.46 -62.75
CA ASN E 460 -12.09 -1.62 -62.21
C ASN E 460 -12.00 -2.79 -61.24
N LEU E 461 -10.78 -3.08 -60.78
CA LEU E 461 -10.52 -4.16 -59.84
C LEU E 461 -10.62 -3.79 -58.37
N LYS E 462 -10.96 -4.79 -57.58
CA LYS E 462 -10.88 -4.74 -56.13
C LYS E 462 -9.47 -5.19 -55.76
N PRO E 463 -8.96 -4.87 -54.57
CA PRO E 463 -7.66 -5.29 -54.10
C PRO E 463 -7.49 -6.80 -54.24
N PHE E 464 -6.37 -7.19 -54.86
CA PHE E 464 -6.00 -8.58 -55.06
C PHE E 464 -7.00 -9.43 -55.83
N GLU E 465 -7.87 -8.79 -56.60
CA GLU E 465 -8.81 -9.53 -57.42
C GLU E 465 -8.09 -10.19 -58.61
N ARG E 466 -8.41 -11.48 -58.85
CA ARG E 466 -7.82 -12.20 -59.99
C ARG E 466 -8.87 -13.00 -60.74
N ASP E 467 -9.83 -12.32 -61.34
CA ASP E 467 -10.80 -12.99 -62.18
C ASP E 467 -10.36 -12.89 -63.63
N ILE E 468 -10.06 -14.04 -64.23
CA ILE E 468 -9.57 -14.05 -65.60
C ILE E 468 -10.66 -14.41 -66.58
N SER E 469 -10.72 -13.65 -67.67
CA SER E 469 -11.69 -13.87 -68.73
C SER E 469 -11.15 -13.37 -70.05
N THR E 470 -11.71 -13.90 -71.13
CA THR E 470 -11.33 -13.46 -72.46
C THR E 470 -12.51 -12.87 -73.22
N GLU E 471 -13.59 -12.55 -72.49
CA GLU E 471 -14.81 -12.01 -73.09
C GLU E 471 -14.54 -10.71 -73.85
N ILE E 472 -15.06 -10.62 -75.07
CA ILE E 472 -14.86 -9.45 -75.90
C ILE E 472 -15.54 -8.24 -75.29
N TYR E 473 -14.80 -7.15 -75.21
CA TYR E 473 -15.28 -5.91 -74.66
C TYR E 473 -16.13 -5.15 -75.65
N GLN E 474 -17.32 -4.77 -75.21
CA GLN E 474 -18.22 -4.01 -76.06
C GLN E 474 -17.94 -2.54 -75.87
N ALA E 475 -17.38 -1.92 -76.90
CA ALA E 475 -17.02 -0.52 -76.85
C ALA E 475 -18.19 0.34 -77.31
N GLY E 476 -18.97 -0.22 -78.24
CA GLY E 476 -20.09 0.48 -78.83
C GLY E 476 -21.43 0.14 -78.18
N SER E 477 -22.50 0.36 -78.92
CA SER E 477 -23.86 0.17 -78.42
C SER E 477 -24.45 -1.22 -78.68
N THR E 478 -23.88 -1.98 -79.62
CA THR E 478 -24.47 -3.27 -79.94
C THR E 478 -23.63 -4.40 -79.35
N PRO E 479 -24.24 -5.57 -79.08
CA PRO E 479 -23.59 -6.82 -78.68
C PRO E 479 -22.58 -7.26 -79.73
N CYS E 480 -21.47 -7.88 -79.27
CA CYS E 480 -20.41 -8.38 -80.15
C CYS E 480 -20.67 -9.83 -80.51
N ASN E 481 -21.36 -10.56 -79.64
CA ASN E 481 -21.73 -11.95 -79.87
C ASN E 481 -20.54 -12.85 -80.23
N GLY E 482 -19.41 -12.62 -79.57
CA GLY E 482 -18.23 -13.46 -79.78
C GLY E 482 -17.37 -13.04 -80.97
N VAL E 483 -17.74 -11.97 -81.66
CA VAL E 483 -17.00 -11.55 -82.84
C VAL E 483 -16.38 -10.16 -82.69
N GLU E 484 -15.07 -10.08 -82.94
CA GLU E 484 -14.36 -8.79 -82.90
C GLU E 484 -14.71 -7.97 -84.13
N GLY E 485 -14.55 -6.66 -84.05
CA GLY E 485 -14.88 -5.82 -85.19
C GLY E 485 -15.06 -4.37 -84.78
N PHE E 486 -15.87 -3.63 -85.52
CA PHE E 486 -16.05 -2.23 -85.20
C PHE E 486 -16.67 -2.08 -83.82
N ASN E 487 -15.94 -1.38 -82.95
CA ASN E 487 -16.31 -1.17 -81.54
C ASN E 487 -16.53 -2.47 -80.72
N CYS E 488 -15.79 -3.54 -81.07
CA CYS E 488 -15.75 -4.83 -80.38
C CYS E 488 -14.29 -5.28 -80.30
N TYR E 489 -13.76 -5.31 -79.08
CA TYR E 489 -12.33 -5.60 -78.97
C TYR E 489 -12.05 -6.67 -77.95
N PHE E 490 -11.05 -7.48 -78.23
CA PHE E 490 -10.60 -8.42 -77.23
C PHE E 490 -9.89 -7.62 -76.16
N PRO E 491 -9.88 -8.03 -74.87
CA PRO E 491 -9.22 -7.34 -73.80
C PRO E 491 -7.70 -7.64 -73.87
N LEU E 492 -7.28 -8.32 -74.96
CA LEU E 492 -5.92 -8.81 -75.17
C LEU E 492 -5.03 -7.88 -75.95
N GLN E 493 -3.95 -7.50 -75.32
CA GLN E 493 -2.87 -6.79 -75.97
C GLN E 493 -1.56 -7.35 -75.46
N SER E 494 -0.74 -7.81 -76.36
CA SER E 494 0.54 -8.39 -75.99
C SER E 494 1.54 -7.27 -75.77
N TYR E 495 2.56 -7.53 -74.96
CA TYR E 495 3.65 -6.59 -74.80
C TYR E 495 4.72 -6.85 -75.86
N GLY E 496 5.07 -5.86 -76.62
CA GLY E 496 6.11 -6.05 -77.63
C GLY E 496 7.49 -5.92 -77.02
N PHE E 497 7.90 -6.92 -76.23
CA PHE E 497 9.18 -6.81 -75.56
C PHE E 497 10.34 -7.18 -76.47
N GLN E 498 11.25 -6.23 -76.67
CA GLN E 498 12.41 -6.41 -77.52
C GLN E 498 13.64 -5.88 -76.79
N PRO E 499 14.82 -6.46 -77.03
CA PRO E 499 16.09 -6.10 -76.40
C PRO E 499 16.53 -4.68 -76.77
N THR E 500 15.96 -4.14 -77.84
CA THR E 500 16.30 -2.82 -78.34
C THR E 500 15.37 -1.71 -77.86
N ASN E 501 14.38 -2.05 -77.03
CA ASN E 501 13.44 -1.05 -76.55
C ASN E 501 14.09 -0.04 -75.60
N GLY E 502 13.55 1.18 -75.57
CA GLY E 502 14.01 2.17 -74.61
C GLY E 502 13.57 1.71 -73.24
N VAL E 503 14.10 2.32 -72.19
CA VAL E 503 13.87 1.82 -70.83
C VAL E 503 12.40 1.75 -70.44
N GLY E 504 11.60 2.74 -70.81
CA GLY E 504 10.21 2.74 -70.43
C GLY E 504 9.41 1.60 -71.07
N TYR E 505 9.99 1.01 -72.12
CA TYR E 505 9.33 -0.08 -72.82
C TYR E 505 10.02 -1.42 -72.58
N GLN E 506 11.01 -1.45 -71.69
CA GLN E 506 11.66 -2.70 -71.36
C GLN E 506 10.80 -3.42 -70.33
N PRO E 507 10.83 -4.75 -70.29
CA PRO E 507 10.17 -5.56 -69.31
C PRO E 507 10.81 -5.44 -67.95
N TYR E 508 9.96 -5.46 -66.93
CA TYR E 508 10.34 -5.51 -65.54
C TYR E 508 9.59 -6.62 -64.83
N ARG E 509 10.30 -7.33 -63.99
CA ARG E 509 9.70 -8.37 -63.18
C ARG E 509 9.30 -7.81 -61.84
N VAL E 510 8.05 -7.99 -61.52
CA VAL E 510 7.51 -7.43 -60.30
C VAL E 510 7.00 -8.50 -59.37
N VAL E 511 7.45 -8.45 -58.13
CA VAL E 511 6.99 -9.35 -57.10
C VAL E 511 6.47 -8.56 -55.92
N VAL E 512 5.23 -8.81 -55.54
CA VAL E 512 4.68 -8.12 -54.39
C VAL E 512 4.48 -9.09 -53.26
N LEU E 513 5.09 -8.79 -52.12
CA LEU E 513 4.99 -9.65 -50.96
C LEU E 513 3.97 -9.08 -49.99
N SER E 514 2.78 -9.66 -49.97
CA SER E 514 1.68 -9.21 -49.13
C SER E 514 1.74 -9.93 -47.80
N PHE E 515 1.62 -9.18 -46.71
CA PHE E 515 1.74 -9.78 -45.38
C PHE E 515 0.40 -9.94 -44.69
N GLU E 516 0.08 -11.19 -44.34
CA GLU E 516 -1.16 -11.52 -43.63
C GLU E 516 -0.94 -11.60 -42.14
N LEU E 517 -1.57 -10.70 -41.42
CA LEU E 517 -1.43 -10.64 -39.96
C LEU E 517 -2.80 -10.77 -39.28
N LEU E 518 -3.34 -11.98 -39.27
CA LEU E 518 -4.65 -12.28 -38.70
C LEU E 518 -4.48 -13.09 -37.43
N HIS E 519 -5.50 -13.16 -36.60
CA HIS E 519 -5.39 -13.95 -35.38
C HIS E 519 -5.33 -15.43 -35.73
N ALA E 520 -4.10 -15.93 -35.87
CA ALA E 520 -3.81 -17.30 -36.28
C ALA E 520 -2.37 -17.61 -35.86
N PRO E 521 -1.98 -18.88 -35.66
CA PRO E 521 -0.63 -19.23 -35.29
C PRO E 521 0.30 -18.77 -36.40
N ALA E 522 1.38 -18.09 -36.02
CA ALA E 522 2.31 -17.59 -37.01
C ALA E 522 3.09 -18.72 -37.62
N THR E 523 3.32 -18.65 -38.91
CA THR E 523 4.11 -19.68 -39.55
C THR E 523 5.29 -19.11 -40.34
N VAL E 524 5.27 -17.80 -40.58
CA VAL E 524 6.36 -17.19 -41.32
C VAL E 524 7.11 -16.18 -40.45
N CYS E 525 8.36 -16.50 -40.05
CA CYS E 525 9.20 -15.66 -39.18
C CYS E 525 10.57 -15.52 -39.81
N GLY E 526 11.27 -14.43 -39.54
CA GLY E 526 12.59 -14.27 -40.13
C GLY E 526 13.67 -15.10 -39.44
N PRO E 527 14.91 -15.05 -39.94
CA PRO E 527 16.07 -15.81 -39.51
C PRO E 527 16.64 -15.26 -38.22
N LYS E 528 15.94 -15.45 -37.12
CA LYS E 528 16.44 -14.93 -35.86
C LYS E 528 17.88 -15.41 -35.74
N LYS E 529 18.80 -14.48 -35.53
CA LYS E 529 20.21 -14.83 -35.54
C LYS E 529 20.82 -14.90 -34.15
N SER E 530 21.64 -15.93 -33.97
CA SER E 530 22.38 -16.17 -32.74
C SER E 530 23.73 -15.46 -32.69
N THR E 531 24.29 -15.44 -31.49
CA THR E 531 25.62 -14.94 -31.18
C THR E 531 26.43 -16.09 -30.60
N ASN E 532 27.71 -15.85 -30.32
CA ASN E 532 28.54 -16.88 -29.72
C ASN E 532 28.10 -17.14 -28.29
N LEU E 533 28.38 -18.34 -27.80
CA LEU E 533 28.04 -18.73 -26.43
C LEU E 533 29.18 -18.39 -25.48
N VAL E 534 28.86 -17.65 -24.43
CA VAL E 534 29.84 -17.22 -23.46
C VAL E 534 29.55 -17.76 -22.08
N LYS E 535 30.57 -18.38 -21.49
CA LYS E 535 30.43 -18.97 -20.16
C LYS E 535 31.28 -18.29 -19.09
N ASN E 536 30.85 -18.51 -17.85
CA ASN E 536 31.52 -18.10 -16.62
C ASN E 536 31.64 -16.59 -16.38
N LYS E 537 30.71 -15.82 -16.92
CA LYS E 537 30.63 -14.39 -16.65
C LYS E 537 29.17 -13.96 -16.76
N CYS E 538 28.78 -12.84 -16.17
CA CYS E 538 27.45 -12.28 -16.29
C CYS E 538 27.13 -11.84 -17.70
N VAL E 539 26.04 -12.31 -18.23
CA VAL E 539 25.56 -11.93 -19.54
C VAL E 539 24.07 -11.66 -19.53
N ASN E 540 23.62 -10.94 -20.53
CA ASN E 540 22.20 -10.77 -20.78
C ASN E 540 21.85 -11.84 -21.79
N PHE E 541 21.04 -12.81 -21.42
CA PHE E 541 20.82 -13.92 -22.33
C PHE E 541 19.40 -14.02 -22.88
N ASN E 542 19.31 -14.65 -24.04
CA ASN E 542 18.05 -14.99 -24.69
C ASN E 542 18.16 -16.34 -25.38
N PHE E 543 17.56 -17.37 -24.79
CA PHE E 543 17.61 -18.70 -25.38
C PHE E 543 16.27 -19.07 -25.99
N ASN E 544 16.16 -18.90 -27.28
CA ASN E 544 14.93 -19.20 -27.99
C ASN E 544 13.71 -18.55 -27.33
N GLY E 545 13.85 -17.30 -26.91
CA GLY E 545 12.75 -16.57 -26.29
C GLY E 545 12.82 -16.54 -24.75
N LEU E 546 13.64 -17.39 -24.14
CA LEU E 546 13.76 -17.36 -22.68
C LEU E 546 14.82 -16.35 -22.30
N THR E 547 14.43 -15.32 -21.55
CA THR E 547 15.38 -14.27 -21.25
C THR E 547 15.66 -14.09 -19.78
N GLY E 548 16.78 -13.45 -19.50
CA GLY E 548 17.18 -13.11 -18.14
C GLY E 548 18.62 -12.64 -18.08
N THR E 549 19.09 -12.32 -16.88
CA THR E 549 20.46 -11.87 -16.68
C THR E 549 21.11 -12.79 -15.66
N GLY E 550 22.30 -13.27 -15.97
CA GLY E 550 22.98 -14.17 -15.05
C GLY E 550 24.21 -14.79 -15.66
N VAL E 551 24.76 -15.77 -14.96
CA VAL E 551 25.98 -16.41 -15.37
C VAL E 551 25.67 -17.79 -15.92
N LEU E 552 26.19 -18.07 -17.11
CA LEU E 552 25.96 -19.35 -17.76
C LEU E 552 27.12 -20.30 -17.52
N THR E 553 26.86 -21.46 -16.95
CA THR E 553 27.92 -22.43 -16.72
C THR E 553 27.46 -23.81 -17.18
N GLU E 554 28.38 -24.66 -17.57
CA GLU E 554 27.98 -26.02 -17.93
C GLU E 554 27.71 -26.80 -16.66
N SER E 555 26.83 -27.79 -16.73
CA SER E 555 26.55 -28.57 -15.53
C SER E 555 26.24 -30.03 -15.78
N ASN E 556 26.39 -30.83 -14.74
CA ASN E 556 26.08 -32.25 -14.77
C ASN E 556 24.61 -32.48 -14.45
N LYS E 557 23.75 -31.94 -15.30
CA LYS E 557 22.32 -32.06 -15.10
C LYS E 557 21.74 -32.73 -16.33
N LYS E 558 20.73 -33.57 -16.13
CA LYS E 558 20.17 -34.31 -17.24
C LYS E 558 18.72 -34.01 -17.47
N PHE E 559 18.41 -33.57 -18.68
CA PHE E 559 17.07 -33.25 -19.10
C PHE E 559 16.54 -34.35 -20.00
N LEU E 560 15.24 -34.48 -20.08
CA LEU E 560 14.65 -35.40 -21.02
C LEU E 560 14.79 -34.77 -22.40
N PRO E 561 14.80 -35.54 -23.49
CA PRO E 561 14.98 -35.11 -24.88
C PRO E 561 14.03 -34.01 -25.36
N PHE E 562 12.90 -33.83 -24.69
CA PHE E 562 11.92 -32.82 -25.12
C PHE E 562 11.88 -31.61 -24.21
N GLN E 563 12.69 -31.59 -23.15
CA GLN E 563 12.67 -30.49 -22.21
C GLN E 563 13.68 -29.41 -22.61
N GLN E 564 13.20 -28.17 -22.71
CA GLN E 564 14.03 -27.07 -23.17
C GLN E 564 14.72 -26.33 -22.03
N PHE E 565 14.07 -26.25 -20.88
CA PHE E 565 14.69 -25.53 -19.78
C PHE E 565 14.27 -26.12 -18.45
N GLY E 566 15.04 -25.84 -17.41
CA GLY E 566 14.75 -26.31 -16.08
C GLY E 566 14.13 -25.22 -15.22
N ARG E 567 13.33 -25.64 -14.27
CA ARG E 567 12.71 -24.71 -13.35
C ARG E 567 12.69 -25.26 -11.92
N ASP E 568 12.97 -24.39 -10.96
CA ASP E 568 13.04 -24.76 -9.55
C ASP E 568 11.67 -24.77 -8.88
N ILE E 569 11.67 -25.13 -7.60
CA ILE E 569 10.48 -25.19 -6.74
C ILE E 569 9.83 -23.83 -6.56
N ALA E 570 10.62 -22.78 -6.77
CA ALA E 570 10.21 -21.40 -6.64
C ALA E 570 9.82 -20.79 -7.98
N ASP E 571 9.63 -21.62 -8.99
CA ASP E 571 9.29 -21.18 -10.34
C ASP E 571 10.34 -20.24 -10.92
N THR E 572 11.59 -20.55 -10.61
CA THR E 572 12.73 -19.78 -11.09
C THR E 572 13.55 -20.63 -12.04
N THR E 573 13.84 -20.12 -13.24
CA THR E 573 14.62 -20.87 -14.21
C THR E 573 16.04 -21.03 -13.70
N ASP E 574 16.56 -22.25 -13.73
CA ASP E 574 17.92 -22.44 -13.23
C ASP E 574 18.81 -23.21 -14.20
N ALA E 575 18.30 -23.51 -15.37
CA ALA E 575 19.09 -24.23 -16.35
C ALA E 575 18.42 -24.13 -17.70
N VAL E 576 19.22 -24.10 -18.77
CA VAL E 576 18.68 -24.10 -20.11
C VAL E 576 19.42 -25.03 -21.05
N ARG E 577 18.69 -25.70 -21.92
CA ARG E 577 19.28 -26.50 -22.98
C ARG E 577 19.60 -25.57 -24.14
N ASP E 578 20.86 -25.51 -24.55
CA ASP E 578 21.23 -24.62 -25.64
C ASP E 578 20.57 -25.09 -26.94
N PRO E 579 19.88 -24.22 -27.68
CA PRO E 579 19.22 -24.48 -28.95
C PRO E 579 20.09 -25.07 -30.06
N GLN E 580 21.42 -24.86 -30.04
CA GLN E 580 22.27 -25.38 -31.12
C GLN E 580 23.08 -26.57 -30.66
N THR E 581 23.55 -26.51 -29.41
CA THR E 581 24.31 -27.60 -28.86
C THR E 581 23.47 -28.25 -27.79
N LEU E 582 23.19 -29.53 -27.93
CA LEU E 582 22.27 -30.14 -27.01
C LEU E 582 22.95 -30.55 -25.70
N GLU E 583 23.27 -29.52 -24.91
CA GLU E 583 23.94 -29.62 -23.62
C GLU E 583 23.22 -28.72 -22.64
N ILE E 584 23.36 -29.02 -21.35
CA ILE E 584 22.67 -28.23 -20.34
C ILE E 584 23.59 -27.28 -19.60
N LEU E 585 23.17 -26.02 -19.57
CA LEU E 585 23.88 -24.98 -18.86
C LEU E 585 23.09 -24.54 -17.64
N ASP E 586 23.73 -24.50 -16.48
CA ASP E 586 23.07 -23.98 -15.29
C ASP E 586 23.09 -22.47 -15.33
N ILE E 587 22.14 -21.85 -14.67
CA ILE E 587 22.14 -20.42 -14.56
C ILE E 587 22.21 -20.00 -13.11
N THR E 588 23.18 -19.16 -12.79
CA THR E 588 23.28 -18.65 -11.44
C THR E 588 23.07 -17.15 -11.57
N PRO E 589 22.57 -16.47 -10.54
CA PRO E 589 22.37 -15.05 -10.52
C PRO E 589 23.73 -14.37 -10.47
N CYS E 590 23.78 -13.12 -10.96
CA CYS E 590 24.97 -12.29 -10.82
C CYS E 590 25.12 -11.91 -9.36
N SER E 591 26.31 -12.10 -8.83
CA SER E 591 26.49 -11.89 -7.41
C SER E 591 26.14 -10.48 -7.01
N PHE E 592 25.47 -10.37 -5.88
CA PHE E 592 25.06 -9.10 -5.34
C PHE E 592 24.95 -9.18 -3.84
N GLY E 593 24.92 -8.04 -3.20
CA GLY E 593 24.73 -7.97 -1.76
C GLY E 593 24.94 -6.55 -1.27
N GLY E 594 24.67 -6.33 0.00
CA GLY E 594 24.87 -5.00 0.56
C GLY E 594 26.33 -4.72 0.74
N VAL E 595 26.70 -3.45 0.74
CA VAL E 595 28.05 -3.04 1.02
C VAL E 595 28.03 -2.25 2.29
N SER E 596 28.77 -2.74 3.29
CA SER E 596 28.76 -2.13 4.58
C SER E 596 30.09 -1.53 4.96
N VAL E 597 30.03 -0.42 5.65
CA VAL E 597 31.19 0.30 6.10
C VAL E 597 31.46 0.08 7.57
N ILE E 598 32.67 -0.39 7.86
CA ILE E 598 33.10 -0.68 9.21
C ILE E 598 34.05 0.40 9.70
N THR E 599 33.67 1.09 10.75
CA THR E 599 34.48 2.18 11.24
C THR E 599 34.51 2.27 12.76
N PRO E 600 35.65 2.68 13.36
CA PRO E 600 35.80 3.02 14.76
C PRO E 600 35.09 4.32 15.09
N GLY E 601 34.67 5.03 14.06
CA GLY E 601 34.01 6.30 14.23
C GLY E 601 34.97 7.44 13.94
N THR E 602 34.40 8.57 13.55
CA THR E 602 35.21 9.76 13.21
C THR E 602 35.87 10.40 14.45
N ASN E 603 35.43 9.98 15.65
CA ASN E 603 35.94 10.39 16.95
C ASN E 603 37.33 9.78 17.23
N THR E 604 37.65 8.63 16.58
CA THR E 604 38.88 7.88 16.80
C THR E 604 39.82 7.92 15.61
N SER E 605 39.29 7.64 14.42
CA SER E 605 40.16 7.62 13.25
C SER E 605 39.40 7.72 11.93
N ASN E 606 39.95 8.49 11.01
CA ASN E 606 39.38 8.55 9.67
C ASN E 606 39.93 7.39 8.85
N GLN E 607 39.49 6.20 9.19
CA GLN E 607 39.93 4.97 8.54
C GLN E 607 38.78 3.99 8.48
N VAL E 608 38.64 3.37 7.32
CA VAL E 608 37.53 2.46 7.08
C VAL E 608 37.88 1.13 6.44
N ALA E 609 37.17 0.08 6.88
CA ALA E 609 37.21 -1.22 6.23
C ALA E 609 35.86 -1.42 5.55
N VAL E 610 35.83 -2.04 4.39
CA VAL E 610 34.57 -2.23 3.69
C VAL E 610 34.22 -3.69 3.47
N LEU E 611 33.02 -4.05 3.85
CA LEU E 611 32.52 -5.40 3.70
C LEU E 611 31.55 -5.54 2.55
N TYR E 612 31.86 -6.42 1.62
CA TYR E 612 30.94 -6.71 0.53
C TYR E 612 30.23 -7.99 0.88
N GLN E 613 28.95 -7.88 1.20
CA GLN E 613 28.23 -9.02 1.73
C GLN E 613 27.94 -10.08 0.70
N ASP E 614 28.08 -11.33 1.11
CA ASP E 614 27.68 -12.48 0.32
C ASP E 614 28.28 -12.54 -1.07
N VAL E 615 29.52 -12.10 -1.24
CA VAL E 615 30.18 -12.16 -2.54
C VAL E 615 31.58 -12.71 -2.43
N ASN E 616 32.15 -13.14 -3.57
CA ASN E 616 33.52 -13.58 -3.72
C ASN E 616 34.47 -12.40 -3.88
N CYS E 617 35.66 -12.45 -3.30
CA CYS E 617 36.68 -11.44 -3.42
C CYS E 617 37.25 -11.36 -4.85
N THR E 618 37.02 -12.43 -5.62
CA THR E 618 37.47 -12.47 -7.00
C THR E 618 36.50 -11.74 -7.92
N GLU E 619 35.32 -11.40 -7.39
CA GLU E 619 34.30 -10.70 -8.15
C GLU E 619 34.24 -9.19 -7.84
N VAL E 620 34.57 -8.81 -6.59
CA VAL E 620 34.59 -7.43 -6.12
C VAL E 620 35.72 -6.66 -6.82
N ASN E 641 44.47 -5.04 2.29
CA ASN E 641 44.28 -6.38 2.84
C ASN E 641 42.91 -6.94 2.42
N VAL E 642 42.88 -8.11 1.77
CA VAL E 642 41.63 -8.73 1.33
C VAL E 642 41.40 -10.05 2.06
N PHE E 643 40.35 -10.09 2.85
CA PHE E 643 40.01 -11.24 3.67
C PHE E 643 38.68 -11.84 3.32
N GLN E 644 38.69 -13.08 2.83
CA GLN E 644 37.45 -13.72 2.46
C GLN E 644 36.87 -14.46 3.64
N THR E 645 35.65 -14.11 4.02
CA THR E 645 34.97 -14.78 5.10
C THR E 645 33.57 -15.17 4.68
N ARG E 646 32.82 -15.75 5.61
CA ARG E 646 31.46 -16.22 5.33
C ARG E 646 30.48 -15.08 5.17
N ALA E 647 30.68 -14.02 5.94
CA ALA E 647 29.80 -12.86 5.88
C ALA E 647 29.90 -12.17 4.53
N GLY E 648 31.10 -12.18 3.94
CA GLY E 648 31.36 -11.51 2.68
C GLY E 648 32.86 -11.30 2.50
N CYS E 649 33.23 -10.42 1.56
CA CYS E 649 34.63 -10.08 1.28
C CYS E 649 34.97 -8.81 2.04
N LEU E 650 35.87 -8.92 2.99
CA LEU E 650 36.23 -7.78 3.83
C LEU E 650 37.53 -7.17 3.35
N ILE E 651 37.48 -5.91 2.96
CA ILE E 651 38.65 -5.25 2.41
C ILE E 651 39.12 -4.06 3.23
N GLY E 652 40.39 -4.07 3.60
CA GLY E 652 41.01 -2.99 4.38
C GLY E 652 41.30 -3.38 5.83
N ALA E 653 40.66 -4.45 6.29
CA ALA E 653 40.91 -4.93 7.65
C ALA E 653 41.98 -6.02 7.63
N GLU E 654 42.83 -6.02 8.64
CA GLU E 654 43.86 -7.05 8.74
C GLU E 654 43.40 -8.20 9.63
N HIS E 655 43.31 -9.40 9.06
CA HIS E 655 42.91 -10.54 9.86
C HIS E 655 44.03 -11.02 10.75
N VAL E 656 43.69 -11.30 12.01
CA VAL E 656 44.66 -11.80 12.99
C VAL E 656 44.14 -13.06 13.67
N ASN E 657 45.06 -13.84 14.29
CA ASN E 657 44.72 -15.08 14.98
C ASN E 657 44.43 -14.87 16.49
N ASN E 658 44.44 -13.62 16.95
CA ASN E 658 44.16 -13.23 18.33
C ASN E 658 42.69 -12.90 18.50
N SER E 659 42.01 -13.60 19.39
CA SER E 659 40.60 -13.34 19.62
C SER E 659 40.45 -12.21 20.63
N TYR E 660 39.41 -11.42 20.47
CA TYR E 660 39.09 -10.34 21.38
C TYR E 660 37.60 -10.34 21.62
N GLU E 661 37.15 -9.76 22.72
CA GLU E 661 35.72 -9.63 22.90
C GLU E 661 35.22 -8.81 21.72
N CYS E 662 33.99 -9.08 21.25
CA CYS E 662 33.44 -8.45 20.05
C CYS E 662 33.19 -6.96 20.28
N ASP E 663 33.57 -6.17 19.29
CA ASP E 663 33.35 -4.74 19.29
C ASP E 663 32.38 -4.40 18.16
N ILE E 664 32.86 -4.37 16.91
CA ILE E 664 31.96 -4.16 15.80
C ILE E 664 31.67 -5.50 15.13
N PRO E 665 30.47 -6.08 15.26
CA PRO E 665 30.14 -7.38 14.74
C PRO E 665 30.06 -7.36 13.22
N ILE E 666 30.57 -8.40 12.59
CA ILE E 666 30.45 -8.57 11.15
C ILE E 666 29.49 -9.69 10.80
N GLY E 667 29.68 -10.83 11.43
CA GLY E 667 28.84 -11.99 11.17
C GLY E 667 29.64 -13.26 11.10
N ALA E 668 28.99 -14.39 11.33
CA ALA E 668 29.60 -15.70 11.26
C ALA E 668 30.80 -15.82 12.20
N GLY E 669 30.70 -15.22 13.38
CA GLY E 669 31.76 -15.32 14.39
C GLY E 669 32.85 -14.29 14.24
N ILE E 670 32.80 -13.49 13.18
CA ILE E 670 33.83 -12.49 12.94
C ILE E 670 33.38 -11.10 13.40
N CYS E 671 34.29 -10.41 14.11
CA CYS E 671 34.14 -9.03 14.59
C CYS E 671 35.36 -8.22 14.18
N ALA E 672 35.22 -6.90 14.18
CA ALA E 672 36.33 -6.02 13.87
C ALA E 672 36.51 -4.96 14.94
N SER E 673 37.74 -4.47 15.04
CA SER E 673 38.06 -3.41 15.99
C SER E 673 39.23 -2.59 15.51
N TYR E 674 39.44 -1.44 16.15
CA TYR E 674 40.56 -0.59 15.80
C TYR E 674 41.65 -0.70 16.86
N GLN E 675 42.81 -1.17 16.44
CA GLN E 675 43.92 -1.35 17.36
C GLN E 675 44.94 -0.26 17.19
N THR E 676 45.62 0.08 18.31
CA THR E 676 46.68 1.08 18.33
C THR E 676 47.90 0.50 19.06
N GLN E 690 48.69 2.10 13.37
CA GLN E 690 47.33 1.88 13.85
C GLN E 690 46.50 1.34 12.67
N SER E 691 45.53 0.44 12.96
CA SER E 691 44.69 -0.18 11.91
C SER E 691 43.42 -0.85 12.40
N ILE E 692 42.56 -1.19 11.44
CA ILE E 692 41.36 -1.98 11.68
C ILE E 692 41.71 -3.46 11.48
N ILE E 693 41.33 -4.30 12.43
CA ILE E 693 41.60 -5.73 12.34
C ILE E 693 40.33 -6.54 12.33
N ALA E 694 40.46 -7.76 11.84
CA ALA E 694 39.37 -8.72 11.84
C ALA E 694 39.79 -9.94 12.65
N TYR E 695 38.86 -10.48 13.42
CA TYR E 695 39.18 -11.64 14.24
C TYR E 695 37.94 -12.45 14.58
N THR E 696 38.15 -13.69 15.00
CA THR E 696 37.06 -14.48 15.53
C THR E 696 36.86 -14.04 16.95
N MET E 697 35.62 -13.71 17.31
CA MET E 697 35.34 -13.15 18.61
C MET E 697 35.51 -14.12 19.75
N SER E 698 35.95 -13.60 20.88
CA SER E 698 36.04 -14.34 22.11
C SER E 698 34.69 -14.28 22.79
N LEU E 699 34.32 -15.35 23.48
CA LEU E 699 33.03 -15.34 24.15
C LEU E 699 33.18 -14.96 25.61
N GLY E 700 34.40 -14.71 26.04
CA GLY E 700 34.68 -14.39 27.43
C GLY E 700 35.97 -15.04 27.86
N ALA E 701 36.49 -14.61 29.01
CA ALA E 701 37.72 -15.15 29.56
C ALA E 701 37.51 -16.59 30.01
N GLU E 702 38.54 -17.41 29.86
CA GLU E 702 38.46 -18.78 30.34
C GLU E 702 38.61 -18.80 31.85
N ASN E 703 37.74 -19.53 32.53
CA ASN E 703 37.83 -19.63 33.97
C ASN E 703 37.42 -20.99 34.50
N SER E 704 38.38 -21.81 34.86
CA SER E 704 38.08 -23.13 35.41
C SER E 704 38.02 -23.02 36.93
N VAL E 705 36.90 -23.39 37.50
CA VAL E 705 36.75 -23.34 38.94
C VAL E 705 37.41 -24.56 39.54
N ALA E 706 38.02 -24.41 40.69
CA ALA E 706 38.72 -25.51 41.32
C ALA E 706 37.75 -26.47 41.98
N TYR E 707 37.04 -27.21 41.15
CA TYR E 707 36.06 -28.17 41.64
C TYR E 707 36.73 -29.35 42.30
N SER E 708 36.21 -29.72 43.45
CA SER E 708 36.63 -30.91 44.18
C SER E 708 35.45 -31.35 45.02
N ASN E 709 35.34 -32.65 45.27
CA ASN E 709 34.21 -33.25 45.99
C ASN E 709 34.08 -32.78 47.45
N ASN E 710 35.14 -32.17 48.00
CA ASN E 710 35.18 -31.64 49.36
C ASN E 710 35.62 -30.18 49.42
N SER E 711 35.46 -29.42 48.34
CA SER E 711 35.91 -28.02 48.39
C SER E 711 34.81 -27.03 48.09
N ILE E 712 34.63 -26.06 48.98
CA ILE E 712 33.61 -25.04 48.81
C ILE E 712 34.21 -23.65 48.92
N ALA E 713 33.76 -22.72 48.08
CA ALA E 713 34.22 -21.35 48.23
C ALA E 713 33.12 -20.50 48.85
N ILE E 714 33.47 -19.78 49.90
CA ILE E 714 32.53 -18.92 50.59
C ILE E 714 33.07 -17.50 50.61
N PRO E 715 32.29 -16.50 50.21
CA PRO E 715 32.67 -15.11 50.19
C PRO E 715 32.89 -14.62 51.59
N THR E 716 33.94 -13.85 51.78
CA THR E 716 34.31 -13.23 53.05
C THR E 716 33.93 -11.74 53.11
N ASN E 717 33.68 -11.14 51.95
CA ASN E 717 33.30 -9.74 51.79
C ASN E 717 32.28 -9.64 50.66
N PHE E 718 31.68 -8.46 50.48
CA PHE E 718 30.68 -8.19 49.45
C PHE E 718 30.67 -6.73 49.08
N THR E 719 30.07 -6.44 47.94
CA THR E 719 29.85 -5.08 47.55
C THR E 719 28.40 -4.82 47.22
N ILE E 720 28.02 -3.55 47.28
CA ILE E 720 26.69 -3.13 46.89
C ILE E 720 26.79 -2.50 45.52
N SER E 721 26.14 -3.13 44.57
CA SER E 721 26.21 -2.69 43.20
C SER E 721 24.90 -2.09 42.77
N VAL E 722 24.96 -0.91 42.15
CA VAL E 722 23.73 -0.33 41.65
C VAL E 722 23.81 -0.25 40.15
N THR E 723 22.87 -0.89 39.49
CA THR E 723 22.86 -0.88 38.03
C THR E 723 21.65 -0.14 37.53
N THR E 724 21.72 0.34 36.30
CA THR E 724 20.61 1.10 35.76
C THR E 724 19.94 0.37 34.62
N GLU E 725 18.64 0.20 34.73
CA GLU E 725 17.87 -0.41 33.67
C GLU E 725 16.92 0.59 33.05
N ILE E 726 17.01 0.72 31.74
CA ILE E 726 16.17 1.68 31.04
C ILE E 726 15.13 0.98 30.17
N LEU E 727 13.84 1.27 30.45
CA LEU E 727 12.76 0.68 29.67
C LEU E 727 11.81 1.76 29.14
N PRO E 728 11.38 1.68 27.88
CA PRO E 728 10.36 2.53 27.31
C PRO E 728 9.03 2.13 27.88
N VAL E 729 8.15 3.10 28.04
CA VAL E 729 6.80 2.84 28.52
C VAL E 729 5.77 3.23 27.49
N SER E 730 6.02 4.32 26.78
CA SER E 730 5.05 4.82 25.85
C SER E 730 5.70 5.43 24.63
N MET E 731 4.95 5.49 23.55
CA MET E 731 5.39 6.11 22.31
C MET E 731 4.63 7.39 22.07
N THR E 732 5.05 8.16 21.08
CA THR E 732 4.40 9.42 20.81
C THR E 732 2.93 9.21 20.53
N LYS E 733 2.10 9.97 21.23
CA LYS E 733 0.66 9.87 21.12
C LYS E 733 0.18 10.69 19.92
N THR E 734 0.51 10.19 18.74
CA THR E 734 0.25 10.89 17.49
C THR E 734 -0.89 10.28 16.71
N SER E 735 -1.57 11.12 15.95
CA SER E 735 -2.64 10.68 15.08
C SER E 735 -2.74 11.58 13.86
N VAL E 736 -3.32 11.06 12.79
CA VAL E 736 -3.50 11.82 11.58
C VAL E 736 -4.91 11.66 11.04
N ASP E 737 -5.49 12.77 10.60
CA ASP E 737 -6.80 12.74 9.97
C ASP E 737 -6.63 12.46 8.49
N CYS E 738 -7.00 11.24 8.06
CA CYS E 738 -6.79 10.75 6.70
C CYS E 738 -7.48 11.60 5.65
N THR E 739 -8.55 12.30 6.03
CA THR E 739 -9.30 13.05 5.03
C THR E 739 -8.63 14.36 4.70
N MET E 740 -7.63 14.73 5.51
CA MET E 740 -6.87 15.94 5.26
C MET E 740 -5.53 15.54 4.65
N TYR E 741 -4.96 14.46 5.16
CA TYR E 741 -3.69 13.95 4.67
C TYR E 741 -3.79 13.46 3.23
N ILE E 742 -4.76 12.64 2.94
CA ILE E 742 -4.89 12.09 1.58
C ILE E 742 -5.24 13.19 0.56
N CYS E 743 -6.22 14.04 0.92
CA CYS E 743 -6.77 15.10 0.04
C CYS E 743 -6.16 16.45 0.31
N GLY E 744 -6.86 17.26 1.12
CA GLY E 744 -6.49 18.66 1.36
C GLY E 744 -7.66 19.53 0.92
N ASP E 745 -7.39 20.73 0.46
CA ASP E 745 -8.46 21.62 0.09
C ASP E 745 -9.02 21.29 -1.30
N SER E 746 -9.77 20.19 -1.34
CA SER E 746 -10.29 19.66 -2.59
C SER E 746 -11.58 18.92 -2.38
N THR E 747 -12.65 19.40 -3.03
CA THR E 747 -13.92 18.76 -2.87
C THR E 747 -14.00 17.59 -3.84
N GLU E 748 -13.23 17.66 -4.92
CA GLU E 748 -13.19 16.56 -5.86
C GLU E 748 -12.56 15.31 -5.23
N CYS E 749 -11.47 15.48 -4.46
CA CYS E 749 -10.80 14.38 -3.76
C CYS E 749 -11.69 13.79 -2.68
N SER E 750 -12.23 14.65 -1.83
CA SER E 750 -12.99 14.13 -0.70
C SER E 750 -14.23 13.38 -1.15
N ASN E 751 -14.78 13.73 -2.32
CA ASN E 751 -15.93 12.99 -2.83
C ASN E 751 -15.48 11.65 -3.42
N LEU E 752 -14.38 11.63 -4.16
CA LEU E 752 -13.90 10.38 -4.74
C LEU E 752 -13.39 9.43 -3.67
N LEU E 753 -12.90 9.99 -2.58
CA LEU E 753 -12.40 9.20 -1.46
C LEU E 753 -13.50 8.34 -0.84
N LEU E 754 -14.77 8.73 -1.06
CA LEU E 754 -15.89 8.00 -0.48
C LEU E 754 -16.10 6.69 -1.19
N GLN E 755 -15.53 6.56 -2.39
CA GLN E 755 -15.69 5.38 -3.22
C GLN E 755 -14.95 4.22 -2.61
N TYR E 756 -14.05 4.51 -1.68
CA TYR E 756 -13.22 3.49 -1.10
C TYR E 756 -13.82 2.92 0.18
N GLY E 757 -14.98 3.42 0.56
CA GLY E 757 -15.63 2.92 1.75
C GLY E 757 -14.98 3.44 3.01
N SER E 758 -15.15 2.71 4.09
CA SER E 758 -14.74 3.14 5.41
C SER E 758 -13.30 2.81 5.74
N PHE E 759 -12.38 3.21 4.87
CA PHE E 759 -10.97 3.05 5.19
C PHE E 759 -10.52 4.07 6.22
N CYS E 760 -10.97 5.33 6.08
CA CYS E 760 -10.69 6.40 7.01
C CYS E 760 -11.25 6.15 8.39
N THR E 761 -12.41 5.54 8.45
CA THR E 761 -12.98 5.27 9.74
C THR E 761 -12.07 4.33 10.51
N GLN E 762 -11.66 3.23 9.88
CA GLN E 762 -10.82 2.27 10.59
C GLN E 762 -9.36 2.72 10.76
N LEU E 763 -8.86 3.59 9.89
CA LEU E 763 -7.49 4.10 10.08
C LEU E 763 -7.45 5.10 11.22
N ASN E 764 -8.43 6.00 11.25
CA ASN E 764 -8.46 7.00 12.31
C ASN E 764 -8.71 6.29 13.64
N ARG E 765 -9.51 5.22 13.60
CA ARG E 765 -9.83 4.45 14.78
C ARG E 765 -8.61 3.71 15.32
N ALA E 766 -7.83 3.10 14.44
CA ALA E 766 -6.65 2.35 14.89
C ALA E 766 -5.66 3.28 15.58
N LEU E 767 -5.48 4.48 15.04
CA LEU E 767 -4.54 5.41 15.65
C LEU E 767 -5.07 5.92 16.97
N THR E 768 -6.39 6.12 17.06
CA THR E 768 -6.99 6.53 18.31
C THR E 768 -6.78 5.46 19.36
N GLY E 769 -6.97 4.20 18.98
CA GLY E 769 -6.80 3.09 19.90
C GLY E 769 -5.38 3.05 20.46
N ILE E 770 -4.39 3.35 19.61
CA ILE E 770 -3.02 3.37 20.07
C ILE E 770 -2.85 4.48 21.09
N ALA E 771 -3.36 5.66 20.78
CA ALA E 771 -3.22 6.80 21.69
C ALA E 771 -3.80 6.49 23.06
N VAL E 772 -4.95 5.82 23.10
CA VAL E 772 -5.57 5.47 24.37
C VAL E 772 -4.67 4.51 25.12
N GLU E 773 -4.15 3.52 24.40
CA GLU E 773 -3.26 2.54 24.96
C GLU E 773 -2.03 3.18 25.59
N GLN E 774 -1.51 4.25 24.99
CA GLN E 774 -0.30 4.86 25.51
C GLN E 774 -0.54 5.48 26.89
N ASP E 775 -1.74 6.01 27.12
CA ASP E 775 -2.01 6.55 28.44
C ASP E 775 -2.22 5.41 29.42
N LYS E 776 -2.82 4.33 28.95
CA LYS E 776 -3.00 3.17 29.80
C LYS E 776 -1.64 2.64 30.23
N ASN E 777 -0.69 2.57 29.29
CA ASN E 777 0.63 2.05 29.59
C ASN E 777 1.31 2.86 30.67
N THR E 778 1.20 4.18 30.58
CA THR E 778 1.83 5.03 31.56
C THR E 778 1.23 4.82 32.93
N GLN E 779 -0.10 4.73 33.00
CA GLN E 779 -0.72 4.53 34.30
C GLN E 779 -0.39 3.18 34.91
N GLU E 780 -0.35 2.13 34.08
CA GLU E 780 -0.05 0.80 34.60
C GLU E 780 1.34 0.73 35.21
N VAL E 781 2.28 1.47 34.63
CA VAL E 781 3.63 1.47 35.15
C VAL E 781 3.78 2.36 36.36
N PHE E 782 3.30 3.60 36.30
CA PHE E 782 3.60 4.54 37.37
C PHE E 782 2.55 4.66 38.47
N ALA E 783 1.28 4.53 38.13
CA ALA E 783 0.23 4.75 39.12
C ALA E 783 -0.06 3.46 39.88
N GLN E 784 0.95 2.96 40.57
CA GLN E 784 0.82 1.73 41.33
C GLN E 784 0.60 2.01 42.80
N VAL E 785 0.60 3.28 43.13
CA VAL E 785 0.41 3.70 44.49
C VAL E 785 -0.82 4.60 44.54
N LYS E 786 -1.69 4.35 45.50
CA LYS E 786 -2.93 5.12 45.58
C LYS E 786 -2.75 6.42 46.34
N GLN E 787 -1.77 6.45 47.23
CA GLN E 787 -1.52 7.63 48.03
C GLN E 787 -0.20 8.26 47.64
N ILE E 788 -0.08 9.55 47.90
CA ILE E 788 1.17 10.21 47.62
C ILE E 788 1.95 10.35 48.91
N TYR E 789 3.10 9.68 48.95
CA TYR E 789 3.90 9.67 50.15
C TYR E 789 5.01 10.71 50.05
N LYS E 790 5.43 11.21 51.19
CA LYS E 790 6.52 12.15 51.27
C LYS E 790 7.57 11.68 52.26
N THR E 791 8.81 12.04 52.01
CA THR E 791 9.88 11.77 52.97
C THR E 791 9.78 12.81 54.07
N PRO E 792 10.36 12.57 55.24
CA PRO E 792 10.44 13.49 56.34
C PRO E 792 11.36 14.67 56.00
N PRO E 793 11.17 15.83 56.67
CA PRO E 793 12.04 16.99 56.66
C PRO E 793 13.50 16.65 56.98
N ILE E 794 13.71 15.69 57.88
CA ILE E 794 15.06 15.30 58.24
C ILE E 794 15.40 13.96 57.63
N LYS E 795 16.34 13.98 56.69
CA LYS E 795 16.69 12.79 55.94
C LYS E 795 17.70 11.93 56.68
N ASP E 796 17.28 11.36 57.81
CA ASP E 796 18.16 10.48 58.57
C ASP E 796 17.79 9.04 58.32
N PHE E 797 18.53 8.39 57.45
CA PHE E 797 18.23 7.03 57.05
C PHE E 797 19.34 6.10 57.48
N GLY E 798 20.08 6.50 58.49
CA GLY E 798 21.14 5.65 59.03
C GLY E 798 22.44 5.70 58.22
N GLY E 799 22.66 6.81 57.51
CA GLY E 799 23.87 6.96 56.72
C GLY E 799 23.62 6.77 55.23
N PHE E 800 22.44 6.30 54.89
CA PHE E 800 22.10 6.11 53.49
C PHE E 800 21.59 7.42 52.90
N ASN E 801 22.30 7.92 51.89
CA ASN E 801 22.06 9.19 51.22
C ASN E 801 21.28 8.99 49.91
N PHE E 802 20.03 9.43 49.85
CA PHE E 802 19.15 9.27 48.69
C PHE E 802 18.93 10.58 47.96
N SER E 803 19.74 11.58 48.25
CA SER E 803 19.51 12.91 47.69
C SER E 803 19.60 12.98 46.17
N GLN E 804 20.25 12.00 45.54
CA GLN E 804 20.38 12.02 44.10
C GLN E 804 19.20 11.36 43.41
N ILE E 805 18.35 10.69 44.18
CA ILE E 805 17.18 10.03 43.60
C ILE E 805 15.88 10.69 44.08
N LEU E 806 15.95 11.42 45.19
CA LEU E 806 14.82 12.18 45.71
C LEU E 806 14.69 13.48 44.94
N PRO E 807 13.48 14.03 44.80
CA PRO E 807 13.21 15.28 44.11
C PRO E 807 13.88 16.44 44.81
N ASP E 808 14.38 17.38 44.02
CA ASP E 808 15.06 18.57 44.51
C ASP E 808 14.11 19.78 44.57
N PRO E 809 13.73 20.26 45.77
CA PRO E 809 12.81 21.37 46.01
C PRO E 809 13.31 22.70 45.46
N SER E 810 14.59 22.78 45.13
CA SER E 810 15.19 24.03 44.66
C SER E 810 15.12 24.20 43.15
N LYS E 811 14.60 23.20 42.44
CA LYS E 811 14.55 23.29 40.98
C LYS E 811 13.15 23.67 40.48
N SER E 813 11.35 22.27 38.36
CA SER E 813 10.50 21.09 38.35
C SER E 813 10.98 20.20 39.47
N LYS E 814 10.06 19.53 40.14
CA LYS E 814 10.43 18.72 41.29
C LYS E 814 10.97 17.35 40.89
N ARG E 815 12.16 17.37 40.31
CA ARG E 815 12.83 16.16 39.86
C ARG E 815 14.14 15.97 40.59
N SER E 816 14.58 14.73 40.66
CA SER E 816 15.86 14.42 41.28
C SER E 816 16.99 14.76 40.34
N PRO E 817 18.21 14.96 40.82
CA PRO E 817 19.42 15.14 40.05
C PRO E 817 19.61 14.06 38.98
N ILE E 818 19.32 12.80 39.30
CA ILE E 818 19.45 11.76 38.28
C ILE E 818 18.38 11.90 37.22
N GLU E 819 17.16 12.16 37.63
CA GLU E 819 16.10 12.33 36.65
C GLU E 819 16.42 13.48 35.72
N ASP E 820 17.00 14.56 36.24
CA ASP E 820 17.36 15.68 35.37
C ASP E 820 18.32 15.22 34.29
N LEU E 821 19.25 14.32 34.61
CA LEU E 821 20.15 13.81 33.60
C LEU E 821 19.38 12.97 32.59
N LEU E 822 18.43 12.19 33.08
CA LEU E 822 17.69 11.29 32.19
C LEU E 822 16.89 12.11 31.19
N PHE E 823 16.36 13.24 31.63
CA PHE E 823 15.60 14.12 30.74
C PHE E 823 16.49 14.93 29.82
N ASN E 824 17.61 15.42 30.34
CA ASN E 824 18.49 16.28 29.53
C ASN E 824 19.18 15.52 28.40
N LYS E 825 19.39 14.23 28.57
CA LYS E 825 20.06 13.44 27.56
C LYS E 825 19.14 12.91 26.47
N VAL E 826 17.84 13.20 26.53
CA VAL E 826 16.94 12.69 25.51
C VAL E 826 16.31 13.82 24.70
N THR E 827 16.43 13.74 23.36
CA THR E 827 15.92 14.75 22.43
C THR E 827 14.91 14.11 21.49
N ASN E 856 -0.63 19.24 7.30
CA ASN E 856 -0.83 18.01 6.50
C ASN E 856 -1.86 17.05 7.14
N GLY E 857 -2.57 17.50 8.20
CA GLY E 857 -3.59 16.70 8.91
C GLY E 857 -3.00 15.91 10.06
N LEU E 858 -1.73 16.15 10.33
CA LEU E 858 -1.01 15.45 11.38
C LEU E 858 -0.94 16.27 12.65
N THR E 859 -1.35 15.66 13.76
CA THR E 859 -1.30 16.32 15.05
C THR E 859 -0.72 15.40 16.11
N VAL E 860 -0.28 15.99 17.21
CA VAL E 860 0.20 15.21 18.35
C VAL E 860 -0.56 15.61 19.59
N LEU E 861 -1.06 14.62 20.31
CA LEU E 861 -1.82 14.89 21.51
C LEU E 861 -0.90 14.76 22.72
N PRO E 862 -1.11 15.54 23.77
CA PRO E 862 -0.38 15.43 25.00
C PRO E 862 -0.85 14.20 25.74
N PRO E 863 -0.01 13.62 26.58
CA PRO E 863 -0.29 12.53 27.48
C PRO E 863 -1.18 13.05 28.58
N LEU E 864 -1.93 12.17 29.21
CA LEU E 864 -2.73 12.57 30.35
C LEU E 864 -1.85 12.95 31.52
N LEU E 865 -0.80 12.16 31.76
CA LEU E 865 0.10 12.43 32.85
C LEU E 865 1.34 13.12 32.35
N THR E 866 1.53 14.36 32.77
CA THR E 866 2.67 15.16 32.32
C THR E 866 3.90 14.81 33.14
N ASP E 867 5.07 15.25 32.69
CA ASP E 867 6.31 14.93 33.39
C ASP E 867 6.25 15.38 34.84
N GLU E 868 5.61 16.51 35.09
CA GLU E 868 5.49 17.06 36.43
C GLU E 868 4.67 16.13 37.34
N MET E 869 3.75 15.36 36.75
CA MET E 869 2.90 14.44 37.48
C MET E 869 3.59 13.10 37.66
N ILE E 870 4.31 12.66 36.63
CA ILE E 870 5.01 11.38 36.73
C ILE E 870 6.01 11.47 37.85
N ALA E 871 6.67 12.62 37.95
CA ALA E 871 7.65 12.86 38.99
C ALA E 871 7.03 12.68 40.38
N GLN E 872 5.74 12.92 40.52
CA GLN E 872 5.08 12.80 41.81
C GLN E 872 4.77 11.36 42.10
N TYR E 873 4.55 10.56 41.05
CA TYR E 873 4.32 9.15 41.27
C TYR E 873 5.61 8.49 41.65
N THR E 874 6.70 8.85 40.97
CA THR E 874 7.97 8.24 41.30
C THR E 874 8.42 8.73 42.66
N SER E 875 8.11 9.97 42.99
CA SER E 875 8.43 10.50 44.30
C SER E 875 7.67 9.75 45.39
N ALA E 876 6.38 9.49 45.18
CA ALA E 876 5.58 8.76 46.14
C ALA E 876 6.08 7.34 46.33
N LEU E 877 6.45 6.69 45.23
CA LEU E 877 6.93 5.33 45.31
C LEU E 877 8.26 5.27 46.03
N LEU E 878 9.09 6.25 45.75
CA LEU E 878 10.39 6.35 46.36
C LEU E 878 10.29 6.68 47.85
N ALA E 879 9.42 7.62 48.20
CA ALA E 879 9.22 7.95 49.59
C ALA E 879 8.67 6.75 50.32
N GLY E 880 7.80 6.01 49.65
CA GLY E 880 7.20 4.82 50.21
C GLY E 880 8.23 3.75 50.51
N THR E 881 9.06 3.42 49.52
CA THR E 881 10.03 2.36 49.72
C THR E 881 11.07 2.75 50.76
N ILE E 882 11.38 4.03 50.87
CA ILE E 882 12.34 4.46 51.86
C ILE E 882 11.78 4.48 53.28
N THR E 883 10.58 5.01 53.47
CA THR E 883 10.05 5.14 54.83
C THR E 883 9.23 3.96 55.33
N SER E 884 8.70 3.12 54.44
CA SER E 884 7.91 1.98 54.90
C SER E 884 8.40 0.64 54.34
N GLY E 885 9.03 0.67 53.19
CA GLY E 885 9.51 -0.57 52.58
C GLY E 885 8.45 -1.14 51.66
N TRP E 886 8.27 -2.45 51.67
CA TRP E 886 7.33 -3.06 50.75
C TRP E 886 5.91 -3.07 51.30
N THR E 887 5.74 -2.60 52.51
CA THR E 887 4.45 -2.67 53.16
C THR E 887 3.38 -1.85 52.47
N PHE E 888 3.76 -0.74 51.84
CA PHE E 888 2.78 0.13 51.20
C PHE E 888 2.23 -0.53 49.95
N GLY E 889 2.89 -1.58 49.47
CA GLY E 889 2.46 -2.29 48.29
C GLY E 889 1.53 -3.45 48.63
N ALA E 890 1.23 -3.62 49.92
CA ALA E 890 0.36 -4.71 50.35
C ALA E 890 -0.86 -4.16 51.09
N GLY E 891 -0.62 -3.23 52.00
CA GLY E 891 -1.69 -2.65 52.81
C GLY E 891 -1.38 -1.18 53.01
N PRO E 892 -1.51 -0.65 54.22
CA PRO E 892 -1.20 0.72 54.58
C PRO E 892 0.31 0.85 54.63
N ALA E 893 0.82 2.06 54.47
CA ALA E 893 2.24 2.22 54.68
C ALA E 893 2.53 2.08 56.17
N LEU E 894 3.55 1.34 56.50
CA LEU E 894 3.96 1.13 57.88
C LEU E 894 5.37 1.61 58.07
N GLN E 895 5.57 2.62 58.89
CA GLN E 895 6.90 3.18 59.05
C GLN E 895 7.87 2.16 59.61
N ILE E 896 9.10 2.20 59.11
CA ILE E 896 10.19 1.36 59.60
C ILE E 896 11.48 2.17 59.51
N PRO E 897 12.44 2.06 60.44
CA PRO E 897 13.74 2.67 60.32
C PRO E 897 14.38 2.17 59.05
N PHE E 898 15.02 3.05 58.29
CA PHE E 898 15.58 2.57 57.04
C PHE E 898 16.57 1.40 57.20
N PRO E 899 17.60 1.45 58.05
CA PRO E 899 18.55 0.38 58.19
C PRO E 899 17.89 -0.90 58.68
N MET E 900 16.75 -0.79 59.34
CA MET E 900 16.06 -1.98 59.77
C MET E 900 15.37 -2.60 58.58
N GLN E 901 14.93 -1.76 57.66
CA GLN E 901 14.33 -2.26 56.44
C GLN E 901 15.37 -3.07 55.69
N MET E 902 16.58 -2.53 55.65
CA MET E 902 17.66 -3.20 54.95
C MET E 902 17.96 -4.53 55.59
N ALA E 903 17.86 -4.61 56.90
CA ALA E 903 18.11 -5.85 57.61
C ALA E 903 17.20 -6.94 57.11
N TYR E 904 15.95 -6.58 56.78
CA TYR E 904 15.01 -7.57 56.30
C TYR E 904 15.34 -7.96 54.88
N ARG E 905 15.87 -7.01 54.12
CA ARG E 905 16.25 -7.25 52.73
C ARG E 905 17.49 -8.13 52.65
N PHE E 906 18.43 -7.97 53.58
CA PHE E 906 19.60 -8.82 53.65
C PHE E 906 19.21 -10.22 54.05
N ASN E 907 18.29 -10.32 54.99
CA ASN E 907 17.85 -11.62 55.46
C ASN E 907 16.90 -12.25 54.46
N GLY E 908 16.60 -11.51 53.39
CA GLY E 908 15.74 -11.99 52.34
C GLY E 908 16.55 -12.57 51.19
N ILE E 909 17.87 -12.48 51.29
CA ILE E 909 18.75 -13.02 50.25
C ILE E 909 19.69 -14.04 50.85
N GLY E 910 19.38 -14.51 52.05
CA GLY E 910 20.19 -15.51 52.71
C GLY E 910 21.41 -14.97 53.44
N VAL E 911 21.38 -13.71 53.84
CA VAL E 911 22.49 -13.13 54.59
C VAL E 911 21.96 -12.66 55.93
N THR E 912 22.46 -13.24 57.00
CA THR E 912 21.92 -12.96 58.31
C THR E 912 21.97 -11.47 58.60
N GLN E 913 20.90 -10.95 59.17
CA GLN E 913 20.70 -9.53 59.43
C GLN E 913 21.80 -8.87 60.26
N ASN E 914 22.55 -9.64 61.03
CA ASN E 914 23.58 -9.05 61.85
C ASN E 914 24.70 -8.52 60.99
N VAL E 915 24.80 -9.03 59.75
CA VAL E 915 25.88 -8.62 58.87
C VAL E 915 25.68 -7.16 58.53
N LEU E 916 24.44 -6.77 58.25
CA LEU E 916 24.15 -5.38 57.96
C LEU E 916 24.50 -4.49 59.11
N TYR E 917 24.03 -4.83 60.28
CA TYR E 917 24.23 -3.92 61.39
C TYR E 917 25.70 -3.76 61.73
N GLU E 918 26.44 -4.85 61.73
CA GLU E 918 27.85 -4.79 62.07
C GLU E 918 28.62 -3.97 61.03
N ASN E 919 28.18 -4.08 59.77
CA ASN E 919 28.80 -3.37 58.66
C ASN E 919 27.96 -2.22 58.16
N GLN E 920 27.06 -1.68 58.98
CA GLN E 920 26.17 -0.63 58.49
C GLN E 920 26.89 0.56 57.89
N LYS E 921 28.01 0.98 58.46
CA LYS E 921 28.70 2.14 57.93
C LYS E 921 29.32 1.82 56.57
N LEU E 922 29.83 0.61 56.43
CA LEU E 922 30.43 0.19 55.17
C LEU E 922 29.38 0.11 54.08
N ILE E 923 28.25 -0.47 54.41
CA ILE E 923 27.18 -0.67 53.46
C ILE E 923 26.63 0.67 53.01
N ALA E 924 26.38 1.55 53.97
CA ALA E 924 25.88 2.87 53.61
C ALA E 924 26.88 3.62 52.74
N ASN E 925 28.17 3.49 53.04
CA ASN E 925 29.17 4.19 52.24
C ASN E 925 29.26 3.62 50.83
N GLN E 926 29.17 2.31 50.70
CA GLN E 926 29.23 1.72 49.37
C GLN E 926 27.99 2.10 48.59
N PHE E 927 26.85 2.13 49.26
CA PHE E 927 25.61 2.51 48.62
C PHE E 927 25.71 3.91 48.07
N ASN E 928 26.18 4.84 48.91
CA ASN E 928 26.25 6.23 48.52
C ASN E 928 27.17 6.40 47.34
N SER E 929 28.27 5.64 47.31
CA SER E 929 29.20 5.72 46.20
C SER E 929 28.59 5.15 44.95
N ALA E 930 27.87 4.04 45.09
CA ALA E 930 27.23 3.37 43.97
C ALA E 930 26.22 4.26 43.28
N ILE E 931 25.52 5.09 44.05
CA ILE E 931 24.55 6.02 43.47
C ILE E 931 25.28 7.14 42.73
N GLY E 932 26.32 7.69 43.33
CA GLY E 932 27.07 8.75 42.67
C GLY E 932 27.59 8.29 41.31
N LYS E 933 27.98 7.02 41.23
CA LYS E 933 28.46 6.44 39.98
C LYS E 933 27.40 6.37 38.90
N ILE E 934 26.13 6.45 39.28
CA ILE E 934 25.04 6.38 38.31
C ILE E 934 25.04 7.67 37.54
N GLN E 935 25.21 8.78 38.25
CA GLN E 935 25.25 10.06 37.57
C GLN E 935 26.44 10.13 36.64
N ASP E 936 27.57 9.58 37.08
CA ASP E 936 28.77 9.62 36.26
C ASP E 936 28.63 8.72 35.05
N SER E 937 28.01 7.57 35.22
CA SER E 937 27.82 6.64 34.11
C SER E 937 26.91 7.24 33.05
N LEU E 938 25.79 7.80 33.48
CA LEU E 938 24.84 8.38 32.53
C LEU E 938 25.40 9.60 31.84
N SER E 939 26.17 10.42 32.56
CA SER E 939 26.76 11.62 32.00
C SER E 939 27.90 11.30 31.03
N SER E 940 28.79 10.40 31.45
CA SER E 940 29.96 10.00 30.68
C SER E 940 29.60 9.22 29.42
N THR E 941 28.61 8.33 29.54
CA THR E 941 28.19 7.50 28.43
C THR E 941 26.70 7.72 28.15
N PRO E 942 26.32 8.82 27.49
CA PRO E 942 24.94 9.23 27.26
C PRO E 942 24.21 8.20 26.40
N SER E 943 24.99 7.43 25.64
CA SER E 943 24.46 6.39 24.77
C SER E 943 23.89 5.23 25.56
N ALA E 944 24.16 5.21 26.86
CA ALA E 944 23.64 4.17 27.73
C ALA E 944 22.13 4.27 27.74
N LEU E 945 21.62 5.51 27.70
CA LEU E 945 20.19 5.72 27.67
C LEU E 945 19.81 5.76 26.21
N GLY E 946 19.93 4.62 25.56
CA GLY E 946 19.70 4.57 24.13
C GLY E 946 18.36 3.99 23.76
N LYS E 947 17.75 3.26 24.67
CA LYS E 947 16.53 2.56 24.33
C LYS E 947 15.37 3.55 24.16
N LEU E 948 15.37 4.60 24.98
CA LEU E 948 14.34 5.62 24.89
C LEU E 948 14.62 6.53 23.72
N GLN E 949 15.88 6.80 23.45
CA GLN E 949 16.17 7.66 22.33
C GLN E 949 15.81 6.97 21.03
N ASP E 950 16.02 5.66 20.96
CA ASP E 950 15.70 4.92 19.75
C ASP E 950 14.21 4.90 19.46
N VAL E 951 13.37 4.76 20.49
CA VAL E 951 11.93 4.77 20.23
C VAL E 951 11.47 6.16 19.81
N VAL E 952 12.07 7.20 20.38
CA VAL E 952 11.71 8.56 19.99
C VAL E 952 12.09 8.82 18.53
N ASN E 953 13.30 8.42 18.15
CA ASN E 953 13.76 8.61 16.78
C ASN E 953 13.02 7.74 15.79
N GLN E 954 12.66 6.53 16.20
CA GLN E 954 12.01 5.62 15.29
C GLN E 954 10.61 6.08 14.94
N ASN E 955 9.88 6.62 15.91
CA ASN E 955 8.55 7.12 15.63
C ASN E 955 8.61 8.44 14.88
N ALA E 956 9.60 9.26 15.20
CA ALA E 956 9.74 10.53 14.51
C ALA E 956 10.04 10.28 13.05
N GLN E 957 10.88 9.28 12.78
CA GLN E 957 11.25 8.95 11.43
C GLN E 957 10.07 8.41 10.65
N ALA E 958 9.25 7.56 11.27
CA ALA E 958 8.09 7.02 10.60
C ALA E 958 7.13 8.12 10.19
N LEU E 959 6.99 9.11 11.06
CA LEU E 959 6.12 10.24 10.79
C LEU E 959 6.66 11.07 9.64
N ASN E 960 7.97 11.33 9.65
CA ASN E 960 8.58 12.11 8.58
C ASN E 960 8.46 11.38 7.25
N THR E 961 8.56 10.05 7.30
CA THR E 961 8.43 9.24 6.11
C THR E 961 7.04 9.41 5.53
N LEU E 962 6.03 9.39 6.39
CA LEU E 962 4.65 9.53 5.94
C LEU E 962 4.42 10.86 5.21
N VAL E 963 4.86 11.96 5.80
CA VAL E 963 4.58 13.25 5.16
C VAL E 963 5.36 13.44 3.85
N LYS E 964 6.52 12.83 3.75
CA LYS E 964 7.30 12.92 2.52
C LYS E 964 6.64 12.18 1.36
N GLN E 965 5.69 11.31 1.64
CA GLN E 965 5.04 10.56 0.59
C GLN E 965 4.02 11.42 -0.14
N LEU E 966 3.73 12.59 0.42
CA LEU E 966 2.80 13.50 -0.22
C LEU E 966 3.45 14.12 -1.44
N SER E 967 4.78 14.02 -1.52
CA SER E 967 5.53 14.58 -2.63
C SER E 967 5.65 13.60 -3.78
N SER E 968 5.18 12.37 -3.59
CA SER E 968 5.25 11.36 -4.62
C SER E 968 4.02 11.47 -5.51
N ASN E 969 4.13 11.04 -6.76
CA ASN E 969 2.96 11.11 -7.62
C ASN E 969 2.31 9.75 -7.84
N PHE E 970 3.01 8.68 -7.51
CA PHE E 970 2.43 7.33 -7.62
C PHE E 970 1.89 7.04 -9.01
N GLY E 971 2.53 7.58 -10.05
CA GLY E 971 2.13 7.35 -11.42
C GLY E 971 1.26 8.48 -11.96
N ALA E 972 0.84 9.37 -11.09
CA ALA E 972 0.01 10.50 -11.48
C ALA E 972 0.84 11.52 -12.24
N ILE E 973 0.17 12.34 -13.03
CA ILE E 973 0.78 13.42 -13.79
C ILE E 973 1.48 14.43 -12.89
N SER E 974 1.04 14.53 -11.65
CA SER E 974 1.62 15.47 -10.70
C SER E 974 1.43 14.99 -9.27
N SER E 975 2.38 15.38 -8.42
CA SER E 975 2.31 15.11 -6.99
C SER E 975 1.43 16.13 -6.29
N VAL E 976 1.08 17.18 -7.01
CA VAL E 976 0.29 18.27 -6.48
C VAL E 976 -1.14 18.15 -6.96
N LEU E 977 -2.07 18.04 -6.02
CA LEU E 977 -3.45 17.81 -6.35
C LEU E 977 -4.03 18.93 -7.22
N ASN E 978 -3.62 20.15 -6.93
CA ASN E 978 -4.12 21.31 -7.66
C ASN E 978 -3.66 21.33 -9.11
N ASP E 979 -2.54 20.68 -9.41
CA ASP E 979 -1.99 20.71 -10.77
C ASP E 979 -2.64 19.62 -11.61
N ILE E 980 -3.55 18.88 -11.00
CA ILE E 980 -4.31 17.89 -11.73
C ILE E 980 -5.66 18.49 -12.03
N LEU E 981 -6.27 19.03 -10.98
CA LEU E 981 -7.60 19.58 -11.08
C LEU E 981 -7.68 20.80 -11.99
N SER E 982 -6.66 21.65 -11.95
CA SER E 982 -6.67 22.86 -12.76
C SER E 982 -6.20 22.65 -14.20
N ARG E 983 -5.56 21.52 -14.49
CA ARG E 983 -5.02 21.34 -15.83
C ARG E 983 -5.78 20.33 -16.66
N LEU E 984 -6.41 19.36 -16.03
CA LEU E 984 -7.09 18.33 -16.78
C LEU E 984 -8.59 18.46 -16.72
N ASP E 985 -9.26 18.16 -17.83
CA ASP E 985 -10.71 18.14 -17.84
C ASP E 985 -11.17 17.10 -16.84
N PRO E 986 -12.29 17.32 -16.13
CA PRO E 986 -12.83 16.46 -15.10
C PRO E 986 -12.64 14.94 -15.34
N PRO E 987 -13.08 14.31 -16.46
CA PRO E 987 -12.95 12.87 -16.66
C PRO E 987 -11.50 12.40 -16.66
N GLU E 988 -10.57 13.31 -16.97
CA GLU E 988 -9.15 12.96 -16.99
C GLU E 988 -8.57 13.20 -15.61
N ALA E 989 -9.03 14.27 -14.96
CA ALA E 989 -8.58 14.63 -13.64
C ALA E 989 -8.94 13.52 -12.67
N GLU E 990 -10.09 12.89 -12.90
CA GLU E 990 -10.60 11.81 -12.08
C GLU E 990 -9.70 10.57 -12.12
N VAL E 991 -8.89 10.44 -13.15
CA VAL E 991 -8.00 9.30 -13.22
C VAL E 991 -6.73 9.59 -12.45
N GLN E 992 -6.16 10.76 -12.68
CA GLN E 992 -4.90 11.10 -12.04
C GLN E 992 -5.06 11.25 -10.54
N ILE E 993 -6.21 11.75 -10.13
CA ILE E 993 -6.52 11.94 -8.72
C ILE E 993 -6.68 10.60 -8.04
N ASP E 994 -7.20 9.59 -8.74
CA ASP E 994 -7.34 8.28 -8.13
C ASP E 994 -5.98 7.67 -7.90
N ARG E 995 -5.03 7.97 -8.78
CA ARG E 995 -3.68 7.48 -8.56
C ARG E 995 -3.09 8.08 -7.30
N LEU E 996 -3.32 9.38 -7.07
CA LEU E 996 -2.81 9.98 -5.84
C LEU E 996 -3.54 9.45 -4.62
N ILE E 997 -4.86 9.25 -4.73
CA ILE E 997 -5.61 8.76 -3.58
C ILE E 997 -5.18 7.36 -3.22
N THR E 998 -5.03 6.50 -4.21
CA THR E 998 -4.63 5.13 -3.94
C THR E 998 -3.25 5.11 -3.31
N GLY E 999 -2.33 5.90 -3.87
CA GLY E 999 -0.96 5.95 -3.36
C GLY E 999 -0.89 6.48 -1.95
N ARG E 1000 -1.60 7.57 -1.68
CA ARG E 1000 -1.58 8.18 -0.36
C ARG E 1000 -2.33 7.34 0.66
N LEU E 1001 -3.41 6.68 0.23
CA LEU E 1001 -4.15 5.81 1.12
C LEU E 1001 -3.30 4.62 1.49
N GLN E 1002 -2.62 4.04 0.50
CA GLN E 1002 -1.75 2.91 0.74
C GLN E 1002 -0.60 3.29 1.65
N SER E 1003 -0.08 4.49 1.47
CA SER E 1003 1.01 4.99 2.31
C SER E 1003 0.55 5.13 3.74
N LEU E 1004 -0.64 5.67 3.93
CA LEU E 1004 -1.18 5.84 5.26
C LEU E 1004 -1.49 4.50 5.92
N GLN E 1005 -2.01 3.54 5.16
CA GLN E 1005 -2.29 2.23 5.71
C GLN E 1005 -1.01 1.57 6.18
N THR E 1006 0.08 1.77 5.43
CA THR E 1006 1.36 1.22 5.80
C THR E 1006 1.83 1.82 7.10
N TYR E 1007 1.72 3.14 7.21
CA TYR E 1007 2.09 3.85 8.42
C TYR E 1007 1.35 3.33 9.62
N VAL E 1008 0.03 3.23 9.50
CA VAL E 1008 -0.78 2.81 10.63
C VAL E 1008 -0.43 1.39 11.04
N THR E 1009 -0.23 0.51 10.07
CA THR E 1009 0.12 -0.87 10.40
C THR E 1009 1.43 -0.93 11.15
N GLN E 1010 2.43 -0.17 10.71
CA GLN E 1010 3.72 -0.17 11.38
C GLN E 1010 3.62 0.42 12.78
N GLN E 1011 2.79 1.44 12.95
CA GLN E 1011 2.59 2.06 14.26
C GLN E 1011 1.89 1.10 15.19
N LEU E 1012 0.97 0.32 14.63
CA LEU E 1012 0.15 -0.60 15.38
C LEU E 1012 0.99 -1.77 15.87
N ILE E 1013 1.89 -2.26 15.02
CA ILE E 1013 2.80 -3.32 15.43
C ILE E 1013 3.78 -2.78 16.45
N ARG E 1014 4.33 -1.60 16.20
CA ARG E 1014 5.25 -0.99 17.13
C ARG E 1014 4.59 -0.76 18.48
N ALA E 1015 3.33 -0.34 18.48
CA ALA E 1015 2.62 -0.11 19.71
C ALA E 1015 2.56 -1.38 20.54
N ALA E 1016 2.43 -2.53 19.88
CA ALA E 1016 2.42 -3.80 20.59
C ALA E 1016 3.75 -4.05 21.28
N GLU E 1017 4.84 -3.65 20.63
CA GLU E 1017 6.16 -3.81 21.21
C GLU E 1017 6.29 -2.94 22.46
N ILE E 1018 5.75 -1.74 22.37
CA ILE E 1018 5.78 -0.81 23.49
C ILE E 1018 4.92 -1.34 24.60
N ARG E 1019 3.77 -1.90 24.28
CA ARG E 1019 2.91 -2.49 25.28
C ARG E 1019 3.66 -3.55 26.06
N ALA E 1020 4.37 -4.42 25.35
CA ALA E 1020 5.12 -5.46 26.02
C ALA E 1020 6.15 -4.88 26.96
N SER E 1021 6.83 -3.81 26.54
CA SER E 1021 7.82 -3.18 27.39
C SER E 1021 7.16 -2.55 28.59
N ALA E 1022 6.03 -1.88 28.39
CA ALA E 1022 5.30 -1.26 29.47
C ALA E 1022 4.85 -2.30 30.48
N ASN E 1023 4.43 -3.47 29.99
CA ASN E 1023 4.00 -4.53 30.89
C ASN E 1023 5.16 -5.05 31.70
N LEU E 1024 6.34 -5.11 31.09
CA LEU E 1024 7.50 -5.55 31.80
C LEU E 1024 7.90 -4.53 32.85
N ALA E 1025 7.84 -3.26 32.47
CA ALA E 1025 8.19 -2.18 33.38
C ALA E 1025 7.24 -2.15 34.55
N ALA E 1026 5.95 -2.39 34.29
CA ALA E 1026 4.96 -2.40 35.34
C ALA E 1026 5.22 -3.56 36.28
N THR E 1027 5.62 -4.69 35.72
CA THR E 1027 5.92 -5.87 36.51
C THR E 1027 7.15 -5.63 37.37
N LYS E 1028 8.20 -5.06 36.78
CA LYS E 1028 9.40 -4.81 37.57
C LYS E 1028 9.14 -3.82 38.67
N MET E 1029 8.32 -2.82 38.42
CA MET E 1029 8.08 -1.89 39.50
C MET E 1029 7.31 -2.58 40.62
N SER E 1030 6.25 -3.29 40.28
CA SER E 1030 5.46 -3.90 41.34
C SER E 1030 6.22 -5.00 42.07
N GLU E 1031 7.15 -5.67 41.40
CA GLU E 1031 7.89 -6.74 42.06
C GLU E 1031 9.22 -6.35 42.70
N CYS E 1032 9.91 -5.32 42.18
CA CYS E 1032 11.26 -4.94 42.62
C CYS E 1032 11.28 -3.61 43.38
N VAL E 1033 10.26 -2.77 43.20
CA VAL E 1033 10.19 -1.49 43.91
C VAL E 1033 9.24 -1.64 45.08
N LEU E 1034 8.10 -2.26 44.82
CA LEU E 1034 7.08 -2.48 45.83
C LEU E 1034 7.30 -3.77 46.59
N GLY E 1035 8.43 -4.43 46.32
CA GLY E 1035 8.75 -5.69 46.95
C GLY E 1035 10.18 -6.10 46.68
N GLN E 1036 10.56 -7.27 47.14
CA GLN E 1036 11.91 -7.79 46.93
C GLN E 1036 11.87 -9.05 46.09
N SER E 1037 12.37 -8.95 44.87
CA SER E 1037 12.31 -10.05 43.92
C SER E 1037 13.25 -11.19 44.29
N LYS E 1038 12.79 -12.41 44.06
CA LYS E 1038 13.58 -13.62 44.26
C LYS E 1038 13.98 -14.21 42.91
N ARG E 1039 13.71 -13.47 41.85
CA ARG E 1039 13.95 -13.92 40.50
C ARG E 1039 15.34 -13.48 40.03
N VAL E 1040 16.15 -14.45 39.64
CA VAL E 1040 17.52 -14.16 39.25
C VAL E 1040 17.60 -13.35 37.97
N ASP E 1041 18.39 -12.29 38.01
CA ASP E 1041 18.63 -11.37 36.91
C ASP E 1041 17.38 -10.68 36.42
N PHE E 1042 16.31 -10.75 37.19
CA PHE E 1042 15.11 -10.03 36.83
C PHE E 1042 15.31 -8.52 36.99
N CYS E 1043 15.96 -8.12 38.10
CA CYS E 1043 16.22 -6.72 38.44
C CYS E 1043 17.69 -6.52 38.82
N GLY E 1044 18.56 -6.74 37.83
CA GLY E 1044 19.99 -6.55 38.00
C GLY E 1044 20.70 -7.84 38.33
N LYS E 1045 22.01 -7.87 38.08
CA LYS E 1045 22.83 -9.02 38.39
C LYS E 1045 23.14 -8.98 39.87
N GLY E 1046 23.09 -10.13 40.53
CA GLY E 1046 23.38 -10.19 41.96
C GLY E 1046 22.11 -10.48 42.73
N TYR E 1047 22.19 -10.41 44.05
CA TYR E 1047 21.05 -10.75 44.86
C TYR E 1047 20.24 -9.49 45.14
N HIS E 1048 19.03 -9.43 44.64
CA HIS E 1048 18.25 -8.21 44.73
C HIS E 1048 17.97 -7.78 46.16
N LEU E 1049 18.25 -6.52 46.46
CA LEU E 1049 17.90 -5.96 47.76
C LEU E 1049 16.70 -5.05 47.60
N MET E 1050 16.80 -4.09 46.68
CA MET E 1050 15.72 -3.13 46.45
C MET E 1050 15.94 -2.35 45.17
N SER E 1051 14.97 -1.55 44.77
CA SER E 1051 15.17 -0.69 43.62
C SER E 1051 14.44 0.62 43.76
N PHE E 1052 14.86 1.58 42.96
CA PHE E 1052 14.22 2.88 42.97
C PHE E 1052 13.85 3.29 41.55
N PRO E 1053 12.61 3.66 41.29
CA PRO E 1053 12.13 4.11 40.01
C PRO E 1053 12.62 5.53 39.81
N GLN E 1054 12.84 5.90 38.57
CA GLN E 1054 13.14 7.27 38.19
C GLN E 1054 12.32 7.62 36.96
N SER E 1055 11.81 8.84 36.92
CA SER E 1055 11.08 9.29 35.75
C SER E 1055 12.02 9.51 34.59
N ALA E 1056 11.55 9.22 33.40
CA ALA E 1056 12.33 9.45 32.20
C ALA E 1056 11.33 9.77 31.08
N PRO E 1057 11.72 10.52 30.07
CA PRO E 1057 10.86 10.89 28.98
C PRO E 1057 10.46 9.66 28.21
N HIS E 1058 9.15 9.44 28.11
CA HIS E 1058 8.58 8.29 27.42
C HIS E 1058 9.01 6.95 28.00
N GLY E 1059 9.43 6.92 29.27
CA GLY E 1059 9.85 5.66 29.85
C GLY E 1059 10.20 5.75 31.31
N VAL E 1060 10.72 4.65 31.84
CA VAL E 1060 11.07 4.57 33.24
C VAL E 1060 12.46 4.00 33.39
N VAL E 1061 13.18 4.51 34.37
CA VAL E 1061 14.49 4.00 34.67
C VAL E 1061 14.55 3.46 36.07
N PHE E 1062 15.08 2.25 36.20
CA PHE E 1062 15.17 1.65 37.53
C PHE E 1062 16.60 1.56 37.99
N LEU E 1063 16.83 1.95 39.22
CA LEU E 1063 18.13 1.77 39.83
C LEU E 1063 18.05 0.56 40.72
N HIS E 1064 18.72 -0.50 40.33
CA HIS E 1064 18.62 -1.76 41.03
C HIS E 1064 19.77 -1.95 41.99
N VAL E 1065 19.46 -2.09 43.25
CA VAL E 1065 20.46 -2.23 44.29
C VAL E 1065 20.61 -3.70 44.60
N THR E 1066 21.80 -4.24 44.34
CA THR E 1066 22.01 -5.66 44.52
C THR E 1066 23.21 -5.96 45.40
N TYR E 1067 23.14 -7.10 46.06
CA TYR E 1067 24.22 -7.61 46.87
C TYR E 1067 25.06 -8.56 46.04
N VAL E 1068 26.34 -8.25 45.91
CA VAL E 1068 27.23 -9.08 45.12
C VAL E 1068 28.41 -9.54 45.97
N PRO E 1069 28.59 -10.85 46.15
CA PRO E 1069 29.70 -11.42 46.90
C PRO E 1069 31.00 -10.95 46.28
N ALA E 1070 31.99 -10.69 47.12
CA ALA E 1070 33.29 -10.20 46.64
C ALA E 1070 34.40 -11.15 47.02
N GLN E 1071 35.37 -10.70 47.80
CA GLN E 1071 36.47 -11.58 48.16
C GLN E 1071 35.97 -12.89 48.70
N GLU E 1072 36.60 -13.99 48.30
CA GLU E 1072 36.22 -15.34 48.73
C GLU E 1072 37.43 -16.22 48.96
N LYS E 1073 37.25 -17.29 49.73
CA LYS E 1073 38.29 -18.28 50.01
C LYS E 1073 37.77 -19.70 49.86
N ASN E 1074 38.64 -20.69 49.59
CA ASN E 1074 38.25 -22.10 49.64
C ASN E 1074 38.38 -22.65 51.06
N PHE E 1075 37.43 -23.49 51.45
CA PHE E 1075 37.38 -24.22 52.70
C PHE E 1075 37.11 -25.68 52.40
N THR E 1076 37.53 -26.56 53.30
CA THR E 1076 37.21 -27.97 53.14
C THR E 1076 35.83 -28.19 53.70
N THR E 1077 34.99 -28.90 52.99
CA THR E 1077 33.63 -29.08 53.48
C THR E 1077 33.22 -30.52 53.66
N ALA E 1078 32.10 -30.69 54.35
CA ALA E 1078 31.54 -32.02 54.57
C ALA E 1078 30.02 -31.90 54.64
N PRO E 1079 29.27 -32.87 54.09
CA PRO E 1079 27.83 -32.94 54.09
C PRO E 1079 27.24 -33.17 55.46
N ALA E 1080 28.02 -33.71 56.35
CA ALA E 1080 27.56 -34.01 57.69
C ALA E 1080 28.74 -34.22 58.60
N ILE E 1081 28.49 -34.08 59.88
CA ILE E 1081 29.47 -34.39 60.91
C ILE E 1081 29.01 -35.53 61.79
N CYS E 1082 29.92 -36.47 62.05
CA CYS E 1082 29.67 -37.65 62.90
C CYS E 1082 30.11 -37.33 64.32
N HIS E 1083 29.15 -37.50 65.24
CA HIS E 1083 29.43 -37.26 66.65
C HIS E 1083 29.39 -38.60 67.38
N ASP E 1084 28.39 -38.83 68.22
CA ASP E 1084 28.31 -40.10 68.94
C ASP E 1084 27.57 -41.14 68.10
N GLY E 1085 28.11 -41.43 66.93
CA GLY E 1085 27.54 -42.41 66.01
C GLY E 1085 26.35 -41.88 65.22
N LYS E 1086 26.03 -40.60 65.44
CA LYS E 1086 24.91 -39.94 64.79
C LYS E 1086 25.39 -38.94 63.75
N ALA E 1087 24.60 -38.78 62.69
CA ALA E 1087 24.93 -37.82 61.64
C ALA E 1087 24.25 -36.48 61.87
N HIS E 1088 25.08 -35.45 61.97
CA HIS E 1088 24.63 -34.07 62.21
C HIS E 1088 24.71 -33.25 60.93
N PHE E 1089 23.61 -32.61 60.58
CA PHE E 1089 23.52 -31.79 59.37
C PHE E 1089 23.31 -30.34 59.77
N PRO E 1090 23.86 -29.37 59.06
CA PRO E 1090 23.76 -27.97 59.42
C PRO E 1090 22.31 -27.57 59.39
N ARG E 1091 21.87 -26.82 60.39
CA ARG E 1091 20.47 -26.42 60.41
C ARG E 1091 20.19 -25.41 59.31
N GLU E 1092 21.12 -24.48 59.13
CA GLU E 1092 21.04 -23.49 58.08
C GLU E 1092 22.44 -22.96 57.83
N GLY E 1093 23.14 -23.57 56.89
CA GLY E 1093 24.53 -23.21 56.63
C GLY E 1093 25.29 -24.41 56.12
N VAL E 1094 26.61 -24.28 56.05
CA VAL E 1094 27.46 -25.35 55.56
C VAL E 1094 28.60 -25.62 56.52
N PHE E 1095 28.95 -26.89 56.71
CA PHE E 1095 30.08 -27.20 57.58
C PHE E 1095 31.37 -27.07 56.82
N VAL E 1096 32.26 -26.23 57.32
CA VAL E 1096 33.55 -26.01 56.67
C VAL E 1096 34.72 -26.05 57.62
N SER E 1097 35.88 -26.34 57.09
CA SER E 1097 37.10 -26.36 57.86
C SER E 1097 38.13 -25.39 57.32
N ASN E 1098 38.83 -24.72 58.24
CA ASN E 1098 39.94 -23.81 57.92
C ASN E 1098 41.29 -24.54 57.85
N GLY E 1099 41.26 -25.89 57.96
CA GLY E 1099 42.42 -26.77 57.92
C GLY E 1099 42.66 -27.45 59.26
N THR E 1100 42.19 -26.86 60.36
CA THR E 1100 42.36 -27.50 61.65
C THR E 1100 41.06 -27.62 62.45
N HIS E 1101 40.14 -26.69 62.24
CA HIS E 1101 38.89 -26.67 62.99
C HIS E 1101 37.67 -26.57 62.09
N TRP E 1102 36.61 -27.28 62.47
CA TRP E 1102 35.35 -27.24 61.76
C TRP E 1102 34.38 -26.24 62.35
N PHE E 1103 33.73 -25.50 61.48
CA PHE E 1103 32.77 -24.47 61.83
C PHE E 1103 31.53 -24.59 60.99
N VAL E 1104 30.44 -24.03 61.46
CA VAL E 1104 29.24 -23.95 60.65
C VAL E 1104 29.10 -22.52 60.18
N THR E 1105 28.97 -22.34 58.89
CA THR E 1105 28.99 -21.00 58.30
C THR E 1105 27.78 -20.73 57.44
N GLN E 1106 27.21 -19.54 57.56
CA GLN E 1106 26.10 -19.20 56.68
C GLN E 1106 26.59 -19.25 55.24
N ARG E 1107 25.76 -19.77 54.36
CA ARG E 1107 26.15 -20.03 52.99
C ARG E 1107 26.63 -18.82 52.17
N ASN E 1108 26.08 -17.65 52.41
CA ASN E 1108 26.42 -16.51 51.56
C ASN E 1108 27.39 -15.51 52.18
N PHE E 1109 28.03 -15.86 53.29
CA PHE E 1109 28.96 -14.94 53.93
C PHE E 1109 29.83 -15.66 54.96
N TYR E 1110 31.14 -15.50 54.87
CA TYR E 1110 32.01 -16.26 55.76
C TYR E 1110 32.06 -15.69 57.14
N GLU E 1111 31.13 -16.16 57.95
CA GLU E 1111 31.03 -15.78 59.33
C GLU E 1111 30.86 -17.05 60.16
N PRO E 1112 31.96 -17.77 60.44
CA PRO E 1112 32.00 -19.10 61.00
C PRO E 1112 31.59 -19.10 62.46
N GLN E 1113 30.91 -20.15 62.87
CA GLN E 1113 30.51 -20.33 64.24
C GLN E 1113 30.87 -21.72 64.75
N ILE E 1114 31.00 -21.84 66.05
CA ILE E 1114 31.25 -23.13 66.67
C ILE E 1114 30.05 -24.03 66.41
N ILE E 1115 30.32 -25.27 66.08
CA ILE E 1115 29.25 -26.21 65.80
C ILE E 1115 28.70 -26.71 67.11
N THR E 1116 27.43 -26.41 67.34
CA THR E 1116 26.76 -26.78 68.57
C THR E 1116 25.50 -27.51 68.20
N THR E 1117 24.83 -28.10 69.17
CA THR E 1117 23.57 -28.83 68.93
C THR E 1117 22.43 -27.89 68.52
N ASP E 1118 22.65 -26.59 68.63
CA ASP E 1118 21.65 -25.62 68.23
C ASP E 1118 21.76 -25.29 66.74
N ASN E 1119 22.96 -25.46 66.20
CA ASN E 1119 23.26 -25.10 64.82
C ASN E 1119 23.14 -26.29 63.90
N THR E 1120 22.72 -27.42 64.44
CA THR E 1120 22.67 -28.65 63.68
C THR E 1120 21.53 -29.55 64.09
N PHE E 1121 21.10 -30.43 63.20
CA PHE E 1121 20.07 -31.39 63.56
C PHE E 1121 20.55 -32.79 63.26
N VAL E 1122 19.99 -33.76 63.96
CA VAL E 1122 20.42 -35.12 63.79
C VAL E 1122 19.46 -35.98 63.00
N SER E 1123 20.00 -36.68 62.02
CA SER E 1123 19.19 -37.59 61.23
C SER E 1123 19.97 -38.80 60.74
N GLY E 1124 19.65 -39.97 61.26
CA GLY E 1124 20.32 -41.18 60.84
C GLY E 1124 21.68 -41.34 61.51
N ASN E 1125 22.34 -42.44 61.22
CA ASN E 1125 23.65 -42.72 61.81
C ASN E 1125 24.78 -42.35 60.83
N CYS E 1126 26.03 -42.54 61.28
CA CYS E 1126 27.24 -42.16 60.53
C CYS E 1126 27.61 -43.10 59.38
N ASP E 1127 26.87 -44.20 59.21
CA ASP E 1127 27.23 -45.19 58.19
C ASP E 1127 26.49 -45.03 56.86
N VAL E 1128 25.69 -43.98 56.73
CA VAL E 1128 24.91 -43.78 55.51
C VAL E 1128 25.43 -42.64 54.63
N VAL E 1129 25.79 -41.52 55.24
CA VAL E 1129 26.19 -40.34 54.49
C VAL E 1129 27.59 -40.49 53.90
N ILE E 1130 27.70 -40.17 52.62
CA ILE E 1130 28.98 -40.27 51.93
C ILE E 1130 29.79 -39.01 52.15
N GLY E 1131 30.99 -39.16 52.71
CA GLY E 1131 31.83 -37.99 52.95
C GLY E 1131 31.66 -37.38 54.34
N ILE E 1132 30.99 -38.10 55.25
CA ILE E 1132 30.80 -37.62 56.61
C ILE E 1132 32.15 -37.57 57.31
N VAL E 1133 32.37 -36.54 58.11
CA VAL E 1133 33.65 -36.42 58.82
C VAL E 1133 33.44 -36.44 60.32
N ASN E 1134 34.50 -36.80 61.07
CA ASN E 1134 34.50 -36.85 62.53
C ASN E 1134 34.84 -35.50 63.16
N ASN E 1135 33.98 -35.02 64.07
CA ASN E 1135 34.19 -33.78 64.81
C ASN E 1135 33.49 -33.86 66.14
N THR E 1136 33.59 -32.80 66.94
CA THR E 1136 32.90 -32.76 68.21
C THR E 1136 31.82 -31.70 68.16
N VAL E 1137 30.59 -32.10 68.43
CA VAL E 1137 29.49 -31.17 68.47
C VAL E 1137 29.27 -30.69 69.89
N TYR E 1138 29.33 -29.39 70.07
CA TYR E 1138 29.21 -28.77 71.39
C TYR E 1138 27.78 -28.74 71.90
N ASP E 1139 27.62 -29.08 73.17
CA ASP E 1139 26.31 -29.02 73.79
C ASP E 1139 26.33 -28.01 74.94
N PRO E 1140 25.76 -26.81 74.76
CA PRO E 1140 25.75 -25.69 75.69
C PRO E 1140 25.24 -26.06 77.07
N LEU E 1141 24.45 -27.12 77.16
CA LEU E 1141 23.94 -27.56 78.45
C LEU E 1141 25.01 -28.18 79.31
N GLN E 1142 25.90 -28.95 78.68
CA GLN E 1142 26.87 -29.71 79.45
C GLN E 1142 27.64 -28.90 80.51
N PRO E 1143 28.32 -27.78 80.18
CA PRO E 1143 29.09 -26.99 81.12
C PRO E 1143 28.22 -26.30 82.17
N GLU E 1144 26.92 -26.26 81.93
CA GLU E 1144 25.97 -25.62 82.84
C GLU E 1144 25.19 -26.63 83.71
N LEU E 1145 25.40 -27.94 83.51
CA LEU E 1145 24.62 -29.02 84.12
C LEU E 1145 25.33 -29.56 85.36
N ASN F 31 10.44 2.59 -83.57
CA ASN F 31 10.17 1.17 -83.35
C ASN F 31 8.64 0.94 -83.26
N ASP F 32 8.16 -0.10 -83.95
CA ASP F 32 6.73 -0.43 -84.08
C ASP F 32 6.13 -0.97 -82.78
N ASP F 33 6.93 -1.65 -81.97
CA ASP F 33 6.43 -2.21 -80.74
C ASP F 33 6.41 -1.16 -79.64
N GLU F 34 7.41 -0.28 -79.65
CA GLU F 34 7.41 0.80 -78.67
C GLU F 34 6.27 1.75 -78.99
N LEU F 35 6.03 1.95 -80.29
CA LEU F 35 4.96 2.81 -80.78
C LEU F 35 3.60 2.21 -80.44
N HIS F 36 3.44 0.90 -80.60
CA HIS F 36 2.19 0.22 -80.24
C HIS F 36 1.91 0.35 -78.75
N MET F 37 2.93 0.21 -77.91
CA MET F 37 2.75 0.39 -76.48
C MET F 37 2.36 1.82 -76.13
N LEU F 38 2.95 2.79 -76.82
CA LEU F 38 2.57 4.18 -76.61
C LEU F 38 1.11 4.37 -77.00
N MET F 39 0.73 3.76 -78.11
CA MET F 39 -0.62 3.85 -78.62
C MET F 39 -1.65 3.38 -77.61
N THR F 40 -1.43 2.20 -77.02
CA THR F 40 -2.41 1.67 -76.09
C THR F 40 -2.50 2.52 -74.83
N ASP F 41 -1.39 3.10 -74.39
CA ASP F 41 -1.44 3.98 -73.23
C ASP F 41 -2.24 5.23 -73.55
N LEU F 42 -2.08 5.77 -74.76
CA LEU F 42 -2.83 6.95 -75.15
C LEU F 42 -4.32 6.61 -75.22
N VAL F 43 -4.64 5.41 -75.69
CA VAL F 43 -6.03 4.98 -75.76
C VAL F 43 -6.63 4.85 -74.37
N TYR F 44 -5.91 4.24 -73.44
CA TYR F 44 -6.45 4.07 -72.11
C TYR F 44 -6.74 5.41 -71.47
N GLU F 45 -5.77 6.31 -71.52
CA GLU F 45 -5.91 7.59 -70.86
C GLU F 45 -6.97 8.43 -71.55
N ALA F 46 -7.04 8.35 -72.88
CA ALA F 46 -8.02 9.11 -73.61
C ALA F 46 -9.42 8.64 -73.28
N LEU F 47 -9.61 7.32 -73.09
CA LEU F 47 -10.91 6.80 -72.69
C LEU F 47 -11.21 7.19 -71.25
N HIS F 48 -10.18 7.19 -70.41
CA HIS F 48 -10.32 7.51 -68.99
C HIS F 48 -10.90 8.92 -68.82
N PHE F 49 -10.42 9.85 -69.64
CA PHE F 49 -10.86 11.24 -69.57
C PHE F 49 -11.93 11.56 -70.62
N ALA F 50 -12.48 10.52 -71.25
CA ALA F 50 -13.50 10.71 -72.27
C ALA F 50 -14.84 10.92 -71.62
N LYS F 51 -15.07 12.13 -71.16
CA LYS F 51 -16.30 12.44 -70.43
C LYS F 51 -17.54 12.16 -71.27
N ASP F 52 -17.48 12.46 -72.57
CA ASP F 52 -18.63 12.26 -73.42
C ASP F 52 -18.50 11.00 -74.29
N GLU F 53 -19.56 10.69 -75.04
CA GLU F 53 -19.57 9.51 -75.89
C GLU F 53 -18.84 9.73 -77.19
N GLU F 54 -18.86 10.96 -77.69
CA GLU F 54 -18.20 11.28 -78.95
C GLU F 54 -16.71 11.06 -78.83
N ILE F 55 -16.16 11.37 -77.66
CA ILE F 55 -14.75 11.19 -77.42
C ILE F 55 -14.45 9.70 -77.33
N LYS F 56 -15.26 8.95 -76.59
CA LYS F 56 -14.99 7.53 -76.49
C LYS F 56 -14.99 6.89 -77.87
N LYS F 57 -15.96 7.25 -78.70
CA LYS F 57 -16.06 6.67 -80.02
C LYS F 57 -14.84 7.01 -80.88
N ARG F 58 -14.38 8.25 -80.83
CA ARG F 58 -13.22 8.61 -81.64
C ARG F 58 -11.98 7.87 -81.17
N VAL F 59 -11.82 7.75 -79.86
CA VAL F 59 -10.66 7.06 -79.32
C VAL F 59 -10.68 5.59 -79.70
N PHE F 60 -11.85 4.96 -79.63
CA PHE F 60 -11.98 3.56 -80.01
C PHE F 60 -11.68 3.37 -81.49
N GLN F 61 -12.13 4.30 -82.33
CA GLN F 61 -11.85 4.21 -83.76
C GLN F 61 -10.36 4.30 -84.02
N LEU F 62 -9.68 5.19 -83.30
CA LEU F 62 -8.24 5.33 -83.43
C LEU F 62 -7.54 4.06 -82.95
N PHE F 63 -8.03 3.45 -81.88
CA PHE F 63 -7.47 2.20 -81.44
C PHE F 63 -7.57 1.16 -82.55
N GLU F 64 -8.75 1.02 -83.15
CA GLU F 64 -8.95 0.04 -84.20
C GLU F 64 -8.00 0.27 -85.37
N LEU F 65 -7.82 1.52 -85.77
CA LEU F 65 -6.94 1.83 -86.89
C LEU F 65 -5.50 1.47 -86.56
N ALA F 66 -5.08 1.78 -85.34
CA ALA F 66 -3.73 1.44 -84.89
C ALA F 66 -3.54 -0.06 -84.79
N ASP F 67 -4.59 -0.76 -84.38
CA ASP F 67 -4.50 -2.20 -84.19
C ASP F 67 -4.31 -2.87 -85.55
N LYS F 68 -5.05 -2.40 -86.55
CA LYS F 68 -4.91 -2.94 -87.89
C LYS F 68 -3.56 -2.58 -88.49
N ALA F 69 -3.10 -1.34 -88.29
CA ALA F 69 -1.81 -0.92 -88.82
C ALA F 69 -0.70 -1.75 -88.21
N TYR F 70 -0.80 -2.03 -86.92
CA TYR F 70 0.20 -2.83 -86.23
C TYR F 70 0.25 -4.25 -86.78
N LYS F 71 -0.91 -4.89 -86.88
CA LYS F 71 -0.98 -6.28 -87.33
C LYS F 71 -0.44 -6.45 -88.74
N ASN F 72 -0.66 -5.45 -89.59
CA ASN F 72 -0.21 -5.51 -90.98
C ASN F 72 1.17 -4.88 -91.20
N ASN F 73 1.85 -4.54 -90.10
CA ASN F 73 3.18 -3.95 -90.16
C ASN F 73 3.24 -2.67 -91.00
N ASP F 74 2.20 -1.85 -90.90
CA ASP F 74 2.15 -0.58 -91.62
C ASP F 74 2.60 0.55 -90.69
N ARG F 75 3.87 0.91 -90.79
CA ARG F 75 4.46 1.86 -89.85
C ARG F 75 3.87 3.25 -89.97
N GLN F 76 3.57 3.65 -91.19
CA GLN F 76 3.09 5.01 -91.41
C GLN F 76 1.68 5.19 -90.88
N LYS F 77 0.83 4.19 -91.07
CA LYS F 77 -0.52 4.29 -90.54
C LYS F 77 -0.49 4.25 -89.02
N LEU F 78 0.40 3.44 -88.46
CA LEU F 78 0.46 3.33 -87.01
C LEU F 78 0.93 4.66 -86.40
N GLU F 79 1.93 5.30 -87.02
CA GLU F 79 2.41 6.58 -86.51
C GLU F 79 1.35 7.67 -86.62
N LYS F 80 0.61 7.69 -87.74
CA LYS F 80 -0.42 8.69 -87.94
C LYS F 80 -1.49 8.61 -86.88
N VAL F 81 -1.96 7.40 -86.59
CA VAL F 81 -3.00 7.21 -85.60
C VAL F 81 -2.52 7.61 -84.21
N VAL F 82 -1.28 7.25 -83.87
CA VAL F 82 -0.73 7.60 -82.58
C VAL F 82 -0.64 9.11 -82.39
N GLU F 83 -0.21 9.84 -83.43
CA GLU F 83 -0.14 11.29 -83.33
C GLU F 83 -1.53 11.88 -83.09
N GLU F 84 -2.54 11.33 -83.76
CA GLU F 84 -3.91 11.80 -83.58
C GLU F 84 -4.41 11.53 -82.17
N LEU F 85 -4.06 10.35 -81.63
CA LEU F 85 -4.43 10.03 -80.24
C LEU F 85 -3.74 10.97 -79.27
N LYS F 86 -2.48 11.30 -79.52
CA LYS F 86 -1.76 12.20 -78.65
C LYS F 86 -2.43 13.56 -78.58
N GLU F 87 -2.81 14.10 -79.74
CA GLU F 87 -3.46 15.40 -79.77
C GLU F 87 -4.81 15.35 -79.06
N LEU F 88 -5.54 14.26 -79.26
CA LEU F 88 -6.85 14.09 -78.63
C LEU F 88 -6.70 14.11 -77.12
N LEU F 89 -5.73 13.36 -76.60
CA LEU F 89 -5.54 13.30 -75.16
C LEU F 89 -5.12 14.64 -74.59
N GLU F 90 -4.24 15.37 -75.29
CA GLU F 90 -3.81 16.66 -74.78
C GLU F 90 -5.00 17.61 -74.63
N ARG F 91 -5.95 17.52 -75.57
CA ARG F 91 -7.16 18.34 -75.52
C ARG F 91 -8.04 17.97 -74.32
N LEU F 92 -8.06 16.69 -73.97
CA LEU F 92 -8.87 16.24 -72.84
C LEU F 92 -8.23 16.63 -71.51
N LEU F 93 -6.90 16.56 -71.45
CA LEU F 93 -6.16 16.86 -70.23
C LEU F 93 -6.08 18.37 -69.91
N SER F 94 -5.93 19.22 -70.95
CA SER F 94 -5.78 20.67 -70.79
C SER F 94 -7.17 21.34 -70.88
#